data_5T4Y
#
_entry.id   5T4Y
#
_cell.length_a   110.826
_cell.length_b   152.085
_cell.length_c   253.005
_cell.angle_alpha   90.00
_cell.angle_beta   90.00
_cell.angle_gamma   90.00
#
_symmetry.space_group_name_H-M   'P 21 21 21'
#
loop_
_entity.id
_entity.type
_entity.pdbx_description
1 polymer 'SusD homolog'
2 polymer 'SusC homolog'
3 non-polymer 'MAGNESIUM ION'
#
loop_
_entity_poly.entity_id
_entity_poly.type
_entity_poly.pdbx_seq_one_letter_code
_entity_poly.pdbx_strand_id
1 'polypeptide(L)'
;MKKIIYIATIGITLLTTSCDDFLDRQVPQGIVTGDQIASPEYVDNLVISAYAIWATGDDINSSFSLWNYDVRSDDCYKGG
SGTEDGGVFNALEISKGINTTDWNINDIWKRLYQCITRANTALQSLDQMDEKTYPLKNQRIAEMRFLRGHAHFMLKQLFK
KIVIVNDENMEPDAYNELSNTTYTNDEQWQKIADDFQFAYDNLPEVQIEKGRPAQAAAAAYLAKTYLYKAYRQDGADNAL
TGINEEDLKQVVKYTDPLIMAKGGYGLETDYSMNFLPQYENGAESVWAIQYSINDGTYNGNLNWGMGLTTPQILGCCDFH
KPSQNLVNAFKTDSQGKPLFSTYDNENYEVATDNVDPRLFHTVGMPGFPYKYNEGYIIQKNDDWSRSKGLYGYYVSLKEN
VDPDCDCLKKGSYWASSLNHIVIRYADVLLMRAEALIQLNDGRITDAISLINEVRSRAAGSTMLIFNYKEDYGVNFKVTP
YDLKAYAQDEAMKMLKWERRVEFGMESSRFFDLVRWGEAKDVINAYYVTEASRCSIYKNAGFTENKNEYLPVPFEQISAS
NGNYTQNFGWHHHHHH
;
A,B
2 'polypeptide(L)'
;MPGIMKNKKLLCSVCFLFAFMSALWGQNITVKGNVTSKTDGQPIIGASVVETTATTNGTITDFDGNFTLSVPVNSTLKIT
YIGYKPVTVKAAAIVNVLLEEDTQMVDEVVVTGYTTQRKADLTGAVSVVKVDEIQKQGENNPVKALQGRVPGMNITADGN
PSGSATVRIRGIGTLNNNDPLYIIDGVPTKAGMHELNGNDIESIQVLKDAASASIYGSRAANGVIIITTKQGKKGQIKIN
FDASVSASMYQSKMNVLNTEQYGRAMWQAYVNDGENPNGNALGYAYNWGYNADGNPVLYGMTLSKYLDSKNTMPVADTDW
FDEITRTGVIQQYNLSVSNGSEKGSSFFSLGYYKNLGVIKDTDFDRFSARMNSDYKLIDDILTIGQHFTLNRTSEVQAPG
GIIETALDIPSAIPVYASDGSWGGPVGGWPDRRNPRAVLEYNKDNRYTYWRMFGDAYVNLTPFKGFNLRSTFGLDYANKQ
ARYFTYPYQEGTQTNNGKSAVEAKQEHWTKWMWNAIATYQLEVGKHRGDVMIGMELNREDDSHFSGYKEDFSILTPDYMW
PDAGSGTAQAYGAGEGYSLVSFFGKMNYSYADRYLLSLTLRRDGSSRFGKNHRYATFPSVSLGWRITQENFMKELTWLDD
LKLRASWGQTGNQEISNLARYTIYAPNYGTTDSFGGQSYGTAYDITGSNGGGVLPSGFKRNQIGNDNIKWETTTQTNVGI
DFSLFKQSLYGSLEYYYKKATDILTEMAGVGVLGEGGSRWINSGAMKNQGFEFNLGYRNKTAFGLTYDLNGNISTYRNEI
LELPETVAANGKFGGNGVKSVVGHTYGAQVGYIADGIFKSQDEVDNHATQEGAAVGRIRYRDIDHNGVIDERDQNWIYDP
TPSFSYGLNIYLEYKNFDLTMFWQGVQGVDIISDVKKKSDFWSASNVGFLNKGTRLLNAWSPTNPNSDIPALTRSDTNNE
QRVSTYFVENGSFLKLRNIQLGYTVPAVISKKMRMDRLRFYCSAQNLLTIKSKNFTGEDPENPNFSYPIPVNITFGLNIG
F
;
D,C
#
loop_
_chem_comp.id
_chem_comp.type
_chem_comp.name
_chem_comp.formula
MG non-polymer 'MAGNESIUM ION' 'Mg 2'
#
# COMPACT_ATOMS: atom_id res chain seq x y z
N CYS A 19 -27.89 -27.61 -0.15
CA CYS A 19 -26.45 -27.71 0.12
C CYS A 19 -25.70 -28.23 -1.09
N ASP A 20 -26.05 -27.65 -2.23
CA ASP A 20 -25.22 -27.60 -3.42
C ASP A 20 -24.94 -26.17 -3.85
N ASP A 21 -25.78 -25.23 -3.41
CA ASP A 21 -25.46 -23.81 -3.51
C ASP A 21 -24.24 -23.48 -2.67
N PHE A 22 -24.16 -24.11 -1.49
CA PHE A 22 -23.12 -23.83 -0.49
C PHE A 22 -21.72 -23.96 -1.06
N LEU A 23 -21.48 -25.02 -1.83
CA LEU A 23 -20.13 -25.23 -2.33
C LEU A 23 -19.80 -24.30 -3.49
N ASP A 24 -20.82 -23.69 -4.09
CA ASP A 24 -20.64 -22.91 -5.30
C ASP A 24 -20.56 -21.40 -5.00
N ARG A 25 -20.71 -21.01 -3.74
CA ARG A 25 -20.74 -19.59 -3.40
C ARG A 25 -19.36 -18.95 -3.48
N GLN A 26 -18.30 -19.67 -3.16
CA GLN A 26 -17.00 -19.03 -3.17
C GLN A 26 -16.44 -19.01 -4.59
N VAL A 27 -16.02 -17.83 -5.04
CA VAL A 27 -15.41 -17.64 -6.37
C VAL A 27 -13.94 -17.31 -6.23
N PRO A 28 -13.14 -17.46 -7.29
CA PRO A 28 -11.72 -17.12 -7.19
C PRO A 28 -11.57 -15.62 -7.05
N GLN A 29 -10.55 -15.21 -6.31
CA GLN A 29 -10.38 -13.81 -5.93
C GLN A 29 -9.18 -13.19 -6.66
N GLY A 30 -9.37 -11.99 -7.20
CA GLY A 30 -8.24 -11.24 -7.71
C GLY A 30 -7.65 -11.74 -9.02
N ILE A 31 -8.40 -12.55 -9.77
CA ILE A 31 -7.95 -13.11 -11.03
C ILE A 31 -9.10 -13.10 -12.01
N VAL A 32 -8.76 -13.39 -13.29
CA VAL A 32 -9.69 -13.66 -14.38
C VAL A 32 -9.64 -15.16 -14.69
N THR A 33 -10.80 -15.80 -14.82
CA THR A 33 -10.85 -17.22 -15.15
C THR A 33 -10.74 -17.41 -16.66
N GLY A 34 -10.26 -18.60 -17.05
CA GLY A 34 -9.89 -18.83 -18.44
C GLY A 34 -11.01 -18.58 -19.42
N ASP A 35 -12.23 -18.92 -19.05
CA ASP A 35 -13.35 -18.73 -19.96
C ASP A 35 -13.52 -17.27 -20.38
N GLN A 36 -13.09 -16.31 -19.55
CA GLN A 36 -13.30 -14.91 -19.87
C GLN A 36 -12.09 -14.20 -20.51
N ILE A 37 -10.91 -14.82 -20.57
CA ILE A 37 -9.76 -14.19 -21.21
C ILE A 37 -10.04 -13.88 -22.67
N ALA A 38 -10.85 -14.72 -23.32
CA ALA A 38 -11.13 -14.54 -24.73
C ALA A 38 -11.99 -13.30 -24.97
N SER A 39 -12.33 -12.58 -23.91
CA SER A 39 -13.26 -11.46 -24.03
C SER A 39 -12.61 -10.29 -24.78
N PRO A 40 -13.41 -9.54 -25.55
CA PRO A 40 -12.84 -8.46 -26.38
C PRO A 40 -12.12 -7.38 -25.59
N GLU A 41 -12.61 -7.02 -24.41
CA GLU A 41 -12.03 -5.86 -23.75
C GLU A 41 -10.68 -6.20 -23.13
N TYR A 42 -10.35 -7.48 -23.00
CA TYR A 42 -9.05 -7.86 -22.47
C TYR A 42 -8.02 -8.08 -23.58
N VAL A 43 -8.42 -7.98 -24.85
CA VAL A 43 -7.53 -8.34 -25.96
C VAL A 43 -6.27 -7.50 -25.94
N ASP A 44 -6.42 -6.17 -25.97
CA ASP A 44 -5.26 -5.30 -25.94
C ASP A 44 -4.44 -5.52 -24.66
N ASN A 45 -5.07 -5.99 -23.59
CA ASN A 45 -4.33 -6.45 -22.42
C ASN A 45 -3.37 -7.59 -22.79
N LEU A 46 -3.90 -8.65 -23.42
CA LEU A 46 -3.05 -9.77 -23.79
C LEU A 46 -1.91 -9.28 -24.64
N VAL A 47 -2.23 -8.48 -25.67
CA VAL A 47 -1.24 -7.95 -26.60
C VAL A 47 -0.07 -7.31 -25.84
N ILE A 48 -0.37 -6.32 -24.99
CA ILE A 48 0.70 -5.70 -24.21
C ILE A 48 1.43 -6.73 -23.36
N SER A 49 0.70 -7.70 -22.80
CA SER A 49 1.38 -8.65 -21.94
C SER A 49 2.38 -9.48 -22.72
N ALA A 50 2.04 -9.81 -23.98
CA ALA A 50 2.99 -10.47 -24.87
C ALA A 50 4.26 -9.65 -25.06
N TYR A 51 4.13 -8.32 -25.08
CA TYR A 51 5.33 -7.51 -25.19
C TYR A 51 6.16 -7.59 -23.92
N ALA A 52 5.50 -7.52 -22.77
CA ALA A 52 6.19 -7.28 -21.51
C ALA A 52 7.24 -8.34 -21.23
N ILE A 53 6.84 -9.60 -21.35
CA ILE A 53 7.64 -10.76 -20.96
C ILE A 53 9.05 -10.73 -21.55
N TRP A 54 9.25 -9.96 -22.64
CA TRP A 54 10.58 -9.77 -23.20
C TRP A 54 11.47 -8.91 -22.31
N ALA A 55 10.87 -8.16 -21.39
CA ALA A 55 11.60 -7.42 -20.40
C ALA A 55 11.60 -8.09 -19.03
N THR A 56 10.61 -8.94 -18.79
CA THR A 56 10.41 -9.52 -17.48
C THR A 56 10.53 -11.02 -17.45
N GLY A 57 10.66 -11.67 -18.61
CA GLY A 57 10.74 -13.12 -18.61
C GLY A 57 12.12 -13.70 -18.43
N ASP A 58 13.16 -12.88 -18.37
CA ASP A 58 14.53 -13.40 -18.38
C ASP A 58 15.17 -13.27 -16.99
N ASP A 59 16.33 -13.89 -16.89
CA ASP A 59 17.05 -14.12 -15.66
C ASP A 59 18.47 -13.64 -15.89
N ILE A 60 19.18 -13.28 -14.82
CA ILE A 60 20.61 -12.97 -14.99
C ILE A 60 21.37 -14.09 -15.68
N ASN A 61 20.89 -15.33 -15.57
CA ASN A 61 21.55 -16.48 -16.15
C ASN A 61 20.93 -16.89 -17.47
N SER A 62 20.04 -16.08 -18.03
CA SER A 62 19.41 -16.41 -19.31
CA SER A 62 19.45 -16.40 -19.33
C SER A 62 18.78 -15.19 -19.96
N SER A 63 19.58 -14.17 -20.25
CA SER A 63 19.04 -12.96 -20.86
C SER A 63 18.60 -13.26 -22.29
N PHE A 64 17.60 -12.50 -22.74
CA PHE A 64 17.07 -12.58 -24.10
C PHE A 64 17.97 -11.86 -25.10
N SER A 65 19.11 -11.37 -24.64
CA SER A 65 20.20 -10.97 -25.51
C SER A 65 21.12 -12.14 -25.86
N LEU A 66 20.83 -13.32 -25.32
CA LEU A 66 21.65 -14.52 -25.50
C LEU A 66 23.13 -14.29 -25.17
N TRP A 67 23.47 -13.18 -24.49
CA TRP A 67 24.88 -12.86 -24.32
C TRP A 67 25.64 -13.97 -23.60
N ASN A 68 24.95 -14.77 -22.80
CA ASN A 68 25.60 -15.87 -22.12
C ASN A 68 26.16 -16.87 -23.13
N TYR A 69 25.34 -17.27 -24.09
CA TYR A 69 25.77 -18.18 -25.15
C TYR A 69 26.52 -17.45 -26.29
N ASP A 70 27.20 -16.36 -25.98
CA ASP A 70 28.15 -15.75 -26.89
C ASP A 70 29.55 -15.78 -26.31
N VAL A 71 29.72 -16.34 -25.11
CA VAL A 71 31.05 -16.58 -24.56
C VAL A 71 31.61 -17.80 -25.29
N ARG A 72 30.80 -18.39 -26.16
CA ARG A 72 31.30 -19.44 -27.04
C ARG A 72 32.26 -18.87 -28.09
N SER A 73 31.96 -17.68 -28.60
CA SER A 73 32.69 -17.10 -29.72
C SER A 73 33.99 -16.47 -29.24
N ASP A 74 34.76 -15.98 -30.23
CA ASP A 74 36.05 -15.32 -30.00
C ASP A 74 35.92 -13.88 -29.49
N ASP A 75 34.71 -13.38 -29.24
CA ASP A 75 34.54 -12.00 -28.81
C ASP A 75 34.86 -11.80 -27.32
N CYS A 76 34.53 -12.76 -26.47
CA CYS A 76 34.42 -12.45 -25.05
C CYS A 76 34.79 -13.65 -24.19
N TYR A 77 34.95 -13.38 -22.90
CA TYR A 77 35.13 -14.38 -21.86
C TYR A 77 33.91 -14.45 -20.97
N LYS A 78 33.87 -15.48 -20.13
CA LYS A 78 32.83 -15.57 -19.11
C LYS A 78 33.05 -14.54 -18.01
N GLY A 79 34.30 -14.40 -17.57
CA GLY A 79 34.57 -13.55 -16.42
C GLY A 79 34.13 -14.18 -15.10
N GLY A 80 33.92 -13.32 -14.12
CA GLY A 80 33.58 -13.77 -12.79
C GLY A 80 34.76 -13.85 -11.83
N SER A 81 34.50 -14.52 -10.71
CA SER A 81 35.55 -14.79 -9.73
C SER A 81 36.60 -15.73 -10.30
N GLY A 82 36.22 -16.56 -11.25
CA GLY A 82 37.10 -17.58 -11.77
C GLY A 82 36.29 -18.62 -12.49
N THR A 83 37.00 -19.65 -12.95
CA THR A 83 36.35 -20.72 -13.72
C THR A 83 35.26 -21.44 -12.93
N GLU A 84 35.34 -21.44 -11.58
CA GLU A 84 34.34 -22.17 -10.81
C GLU A 84 33.05 -21.36 -10.67
N ASP A 85 33.16 -20.03 -10.66
CA ASP A 85 32.02 -19.11 -10.58
C ASP A 85 31.18 -19.18 -11.83
N GLY A 86 30.19 -20.07 -11.86
CA GLY A 86 29.39 -20.21 -13.05
C GLY A 86 29.96 -21.27 -13.94
N GLY A 87 30.11 -22.47 -13.38
CA GLY A 87 30.73 -23.58 -14.08
C GLY A 87 30.14 -23.83 -15.44
N VAL A 88 28.81 -24.04 -15.51
CA VAL A 88 28.17 -24.55 -16.71
C VAL A 88 28.43 -23.66 -17.93
N PHE A 89 28.79 -22.39 -17.69
CA PHE A 89 29.09 -21.44 -18.76
C PHE A 89 30.58 -21.43 -19.15
N ASN A 90 31.48 -21.66 -18.21
CA ASN A 90 32.86 -21.95 -18.58
C ASN A 90 32.92 -23.18 -19.47
N ALA A 91 32.07 -24.15 -19.19
CA ALA A 91 31.97 -25.33 -20.04
C ALA A 91 31.50 -24.98 -21.45
N LEU A 92 30.67 -23.96 -21.61
CA LEU A 92 30.30 -23.51 -22.95
C LEU A 92 31.37 -22.64 -23.59
N GLU A 93 32.23 -22.00 -22.78
CA GLU A 93 33.24 -21.12 -23.35
C GLU A 93 34.37 -21.91 -24.00
N ILE A 94 34.59 -23.14 -23.56
CA ILE A 94 35.69 -23.94 -24.07
C ILE A 94 35.22 -25.13 -24.88
N SER A 95 33.91 -25.28 -25.07
CA SER A 95 33.27 -26.39 -25.78
C SER A 95 33.40 -27.74 -25.09
N LYS A 96 33.92 -27.81 -23.86
CA LYS A 96 34.07 -29.06 -23.14
C LYS A 96 33.23 -29.06 -21.86
N GLY A 97 32.70 -30.23 -21.49
CA GLY A 97 31.96 -30.37 -20.27
C GLY A 97 30.47 -30.13 -20.39
N ILE A 98 30.01 -29.76 -21.58
CA ILE A 98 28.60 -29.43 -21.83
C ILE A 98 27.78 -30.72 -21.78
N ASN A 99 26.92 -30.83 -20.77
CA ASN A 99 26.07 -31.98 -20.51
C ASN A 99 24.67 -31.73 -21.04
N THR A 100 24.05 -32.79 -21.53
CA THR A 100 22.71 -32.63 -22.06
C THR A 100 21.69 -32.32 -20.97
N THR A 101 22.10 -32.35 -19.70
CA THR A 101 21.22 -32.13 -18.56
C THR A 101 21.39 -30.78 -17.90
N ASP A 102 22.10 -29.85 -18.53
CA ASP A 102 22.51 -28.65 -17.82
C ASP A 102 21.35 -27.67 -17.70
N TRP A 103 21.23 -27.06 -16.51
CA TRP A 103 20.08 -26.23 -16.21
C TRP A 103 20.05 -24.94 -17.01
N ASN A 104 21.21 -24.37 -17.35
CA ASN A 104 21.24 -23.11 -18.07
C ASN A 104 20.72 -23.30 -19.48
N ILE A 105 20.82 -24.52 -20.01
CA ILE A 105 20.25 -24.84 -21.31
C ILE A 105 18.77 -25.20 -21.18
N ASN A 106 18.39 -25.95 -20.14
CA ASN A 106 16.97 -26.22 -19.99
C ASN A 106 16.20 -24.94 -19.71
N ASP A 107 16.87 -23.99 -19.06
CA ASP A 107 16.21 -22.74 -18.71
C ASP A 107 15.91 -21.93 -19.98
N ILE A 108 16.92 -21.62 -20.78
CA ILE A 108 16.73 -20.73 -21.93
C ILE A 108 15.68 -21.31 -22.90
N TRP A 109 15.66 -22.64 -23.06
CA TRP A 109 14.63 -23.31 -23.85
C TRP A 109 13.23 -22.96 -23.36
N LYS A 110 12.95 -23.30 -22.10
CA LYS A 110 11.65 -23.06 -21.50
C LYS A 110 11.27 -21.59 -21.57
N ARG A 111 12.19 -20.71 -21.15
CA ARG A 111 11.87 -19.29 -21.05
C ARG A 111 11.38 -18.75 -22.39
N LEU A 112 12.14 -19.03 -23.47
CA LEU A 112 11.73 -18.53 -24.77
C LEU A 112 10.37 -19.08 -25.19
N TYR A 113 10.10 -20.34 -24.88
CA TYR A 113 8.80 -20.88 -25.26
C TYR A 113 7.69 -20.21 -24.46
N GLN A 114 8.00 -19.72 -23.26
CA GLN A 114 7.03 -18.96 -22.46
C GLN A 114 6.64 -17.66 -23.14
N CYS A 115 7.59 -17.01 -23.83
CA CYS A 115 7.27 -15.85 -24.65
C CYS A 115 6.24 -16.19 -25.71
N ILE A 116 6.29 -17.42 -26.22
CA ILE A 116 5.40 -17.81 -27.30
C ILE A 116 3.98 -18.06 -26.79
N THR A 117 3.83 -18.51 -25.53
CA THR A 117 2.52 -18.62 -24.89
C THR A 117 1.76 -17.31 -25.00
N ARG A 118 2.44 -16.20 -24.74
CA ARG A 118 1.73 -14.95 -24.64
C ARG A 118 1.29 -14.48 -26.01
N ALA A 119 2.19 -14.58 -26.99
CA ALA A 119 1.79 -14.28 -28.36
C ALA A 119 0.67 -15.20 -28.82
N ASN A 120 0.74 -16.47 -28.47
CA ASN A 120 -0.30 -17.41 -28.88
C ASN A 120 -1.63 -17.13 -28.20
N THR A 121 -1.60 -16.80 -26.90
CA THR A 121 -2.85 -16.45 -26.24
C THR A 121 -3.45 -15.21 -26.88
N ALA A 122 -2.63 -14.21 -27.14
CA ALA A 122 -3.14 -12.99 -27.76
C ALA A 122 -3.75 -13.29 -29.13
N LEU A 123 -3.04 -14.08 -29.94
CA LEU A 123 -3.58 -14.42 -31.26
C LEU A 123 -4.86 -15.21 -31.15
N GLN A 124 -5.02 -16.01 -30.08
CA GLN A 124 -6.26 -16.76 -29.93
C GLN A 124 -7.46 -15.81 -29.78
N SER A 125 -7.29 -14.74 -28.99
CA SER A 125 -8.29 -13.69 -28.90
C SER A 125 -8.44 -12.97 -30.22
N LEU A 126 -7.30 -12.57 -30.81
CA LEU A 126 -7.31 -11.76 -32.03
C LEU A 126 -8.04 -12.48 -33.16
N ASP A 127 -7.81 -13.78 -33.30
CA ASP A 127 -8.43 -14.55 -34.37
C ASP A 127 -9.94 -14.45 -34.35
N GLN A 128 -10.52 -14.12 -33.18
CA GLN A 128 -11.96 -14.12 -33.01
C GLN A 128 -12.58 -12.74 -33.04
N MET A 129 -11.76 -11.69 -32.89
CA MET A 129 -12.30 -10.32 -32.95
C MET A 129 -13.04 -10.09 -34.24
N ASP A 130 -13.99 -9.17 -34.22
CA ASP A 130 -14.78 -8.84 -35.41
C ASP A 130 -14.31 -7.48 -35.92
N GLU A 131 -13.73 -7.47 -37.13
CA GLU A 131 -13.00 -6.31 -37.66
C GLU A 131 -13.88 -5.09 -37.90
N LYS A 132 -15.21 -5.19 -37.73
CA LYS A 132 -16.04 -4.00 -37.87
C LYS A 132 -15.67 -3.03 -36.76
N THR A 133 -15.78 -3.48 -35.50
CA THR A 133 -15.53 -2.58 -34.37
C THR A 133 -14.04 -2.48 -34.03
N TYR A 134 -13.34 -3.62 -33.99
CA TYR A 134 -11.89 -3.65 -33.74
C TYR A 134 -11.10 -3.59 -35.04
N PRO A 135 -10.84 -2.38 -35.58
CA PRO A 135 -10.35 -2.30 -36.95
C PRO A 135 -8.87 -2.59 -37.08
N LEU A 136 -8.10 -2.44 -35.99
CA LEU A 136 -6.69 -2.82 -35.96
C LEU A 136 -6.48 -4.33 -35.87
N LYS A 137 -7.50 -5.15 -36.14
CA LYS A 137 -7.41 -6.58 -35.88
C LYS A 137 -6.19 -7.19 -36.57
N ASN A 138 -6.04 -6.96 -37.87
CA ASN A 138 -4.90 -7.53 -38.59
C ASN A 138 -3.61 -6.88 -38.14
N GLN A 139 -3.65 -5.58 -37.85
CA GLN A 139 -2.43 -4.90 -37.47
C GLN A 139 -1.89 -5.45 -36.15
N ARG A 140 -2.79 -5.83 -35.23
CA ARG A 140 -2.34 -6.42 -33.97
C ARG A 140 -1.89 -7.87 -34.15
N ILE A 141 -2.68 -8.67 -34.86
CA ILE A 141 -2.26 -10.02 -35.22
C ILE A 141 -0.80 -10.02 -35.65
N ALA A 142 -0.41 -9.01 -36.43
CA ALA A 142 0.95 -8.97 -36.96
C ALA A 142 1.98 -8.87 -35.85
N GLU A 143 1.84 -7.88 -34.97
CA GLU A 143 2.80 -7.70 -33.89
C GLU A 143 2.99 -9.01 -33.15
N MET A 144 1.91 -9.74 -32.93
CA MET A 144 2.00 -10.99 -32.22
C MET A 144 2.77 -12.02 -33.05
N ARG A 145 2.38 -12.19 -34.32
CA ARG A 145 3.14 -13.07 -35.19
C ARG A 145 4.56 -12.57 -35.35
N PHE A 146 4.76 -11.24 -35.31
CA PHE A 146 6.12 -10.72 -35.34
C PHE A 146 6.86 -11.10 -34.06
N LEU A 147 6.15 -11.09 -32.93
CA LEU A 147 6.80 -11.44 -31.69
C LEU A 147 7.07 -12.94 -31.63
N ARG A 148 6.14 -13.75 -32.14
CA ARG A 148 6.32 -15.21 -32.16
C ARG A 148 7.57 -15.60 -32.94
N GLY A 149 7.84 -14.91 -34.04
CA GLY A 149 9.05 -15.18 -34.79
C GLY A 149 10.31 -14.84 -34.02
N HIS A 150 10.26 -13.76 -33.24
CA HIS A 150 11.45 -13.36 -32.49
C HIS A 150 11.93 -14.47 -31.58
N ALA A 151 11.01 -15.30 -31.09
CA ALA A 151 11.40 -16.41 -30.22
C ALA A 151 11.97 -17.55 -31.04
N HIS A 152 11.14 -18.14 -31.90
CA HIS A 152 11.53 -19.25 -32.77
C HIS A 152 12.87 -18.96 -33.41
N PHE A 153 13.10 -17.70 -33.78
CA PHE A 153 14.36 -17.34 -34.38
C PHE A 153 15.51 -17.62 -33.43
N MET A 154 15.44 -17.09 -32.20
CA MET A 154 16.50 -17.33 -31.23
C MET A 154 16.55 -18.80 -30.85
N LEU A 155 15.40 -19.46 -30.77
CA LEU A 155 15.40 -20.88 -30.46
C LEU A 155 16.15 -21.64 -31.54
N LYS A 156 15.95 -21.26 -32.80
CA LYS A 156 16.63 -21.93 -33.91
C LYS A 156 18.14 -21.76 -33.79
N GLN A 157 18.60 -20.51 -33.70
CA GLN A 157 20.04 -20.23 -33.56
C GLN A 157 20.67 -20.99 -32.41
N LEU A 158 19.92 -21.17 -31.33
CA LEU A 158 20.49 -21.86 -30.19
C LEU A 158 20.48 -23.37 -30.37
N PHE A 159 19.42 -23.91 -30.97
CA PHE A 159 19.18 -25.35 -30.97
C PHE A 159 19.06 -25.99 -32.36
N LYS A 160 18.67 -25.24 -33.39
CA LYS A 160 18.46 -25.73 -34.76
C LYS A 160 17.23 -26.64 -34.86
N LYS A 161 17.18 -27.70 -34.05
CA LYS A 161 16.06 -28.65 -34.04
C LYS A 161 15.03 -28.20 -33.01
N ILE A 162 14.07 -27.39 -33.46
CA ILE A 162 13.10 -26.74 -32.57
C ILE A 162 11.69 -27.18 -32.92
N VAL A 163 10.83 -27.19 -31.90
CA VAL A 163 9.40 -27.36 -32.11
C VAL A 163 8.85 -26.09 -32.73
N ILE A 164 7.91 -26.22 -33.66
CA ILE A 164 7.33 -25.07 -34.33
C ILE A 164 5.94 -24.86 -33.73
N VAL A 165 5.80 -23.86 -32.87
CA VAL A 165 4.56 -23.60 -32.16
C VAL A 165 3.88 -22.45 -32.88
N ASN A 166 2.86 -22.76 -33.68
CA ASN A 166 2.12 -21.73 -34.38
C ASN A 166 0.65 -22.03 -34.57
N ASP A 167 0.11 -23.10 -34.01
CA ASP A 167 -1.33 -23.29 -34.03
C ASP A 167 -1.82 -22.80 -32.68
N GLU A 168 -2.18 -21.52 -32.63
CA GLU A 168 -2.61 -20.90 -31.38
C GLU A 168 -3.96 -21.41 -30.91
N ASN A 169 -4.59 -22.32 -31.66
CA ASN A 169 -5.82 -22.96 -31.23
C ASN A 169 -5.58 -24.37 -30.72
N MET A 170 -4.33 -24.78 -30.63
CA MET A 170 -4.00 -26.01 -29.96
C MET A 170 -4.51 -25.99 -28.52
N GLU A 171 -5.30 -27.00 -28.17
CA GLU A 171 -5.63 -27.24 -26.78
C GLU A 171 -4.37 -27.73 -26.05
N PRO A 172 -4.31 -27.57 -24.74
CA PRO A 172 -3.02 -27.84 -24.07
C PRO A 172 -2.58 -29.30 -24.12
N ASP A 173 -3.49 -30.27 -24.08
CA ASP A 173 -3.02 -31.65 -24.03
C ASP A 173 -2.45 -32.13 -25.36
N ALA A 174 -2.80 -31.47 -26.46
CA ALA A 174 -2.21 -31.80 -27.75
C ALA A 174 -0.72 -31.46 -27.82
N TYR A 175 -0.20 -30.70 -26.87
CA TYR A 175 1.19 -30.25 -26.88
C TYR A 175 2.17 -31.38 -26.55
N ASN A 176 1.68 -32.49 -26.00
CA ASN A 176 2.51 -33.66 -25.72
C ASN A 176 2.83 -34.46 -26.96
N GLU A 177 2.17 -34.15 -28.08
CA GLU A 177 2.27 -34.86 -29.35
C GLU A 177 3.08 -34.10 -30.39
N LEU A 178 3.77 -33.03 -29.98
CA LEU A 178 4.50 -32.20 -30.92
C LEU A 178 5.89 -32.78 -31.13
N SER A 179 6.49 -32.42 -32.26
CA SER A 179 7.82 -32.94 -32.60
C SER A 179 8.65 -31.81 -33.16
N ASN A 180 9.95 -31.85 -32.87
CA ASN A 180 10.92 -30.96 -33.49
C ASN A 180 11.57 -31.59 -34.71
N THR A 181 10.91 -32.57 -35.30
CA THR A 181 11.27 -33.15 -36.59
C THR A 181 10.04 -33.29 -37.48
N THR A 182 8.90 -32.72 -37.06
CA THR A 182 7.74 -32.61 -37.92
C THR A 182 8.07 -31.81 -39.16
N TYR A 183 9.05 -30.93 -39.05
CA TYR A 183 9.48 -30.09 -40.16
C TYR A 183 10.97 -30.29 -40.40
N THR A 184 11.30 -30.46 -41.69
CA THR A 184 12.68 -30.45 -42.15
C THR A 184 13.33 -29.10 -41.86
N ASN A 185 14.63 -29.13 -41.59
CA ASN A 185 15.38 -27.95 -41.18
C ASN A 185 15.01 -26.71 -41.98
N ASP A 186 14.88 -26.86 -43.30
CA ASP A 186 14.54 -25.71 -44.11
C ASP A 186 13.06 -25.34 -44.02
N GLU A 187 12.18 -26.31 -43.81
CA GLU A 187 10.79 -25.96 -43.52
C GLU A 187 10.69 -25.14 -42.24
N GLN A 188 11.59 -25.38 -41.29
CA GLN A 188 11.55 -24.68 -40.01
C GLN A 188 11.94 -23.21 -40.18
N TRP A 189 13.11 -22.95 -40.75
CA TRP A 189 13.43 -21.59 -41.17
C TRP A 189 12.27 -20.97 -41.91
N GLN A 190 11.59 -21.77 -42.74
CA GLN A 190 10.46 -21.26 -43.50
C GLN A 190 9.32 -20.86 -42.58
N LYS A 191 8.96 -21.74 -41.64
CA LYS A 191 7.89 -21.41 -40.72
C LYS A 191 8.22 -20.16 -39.91
N ILE A 192 9.51 -19.95 -39.59
CA ILE A 192 9.90 -18.70 -38.95
C ILE A 192 9.65 -17.54 -39.90
N ALA A 193 10.07 -17.67 -41.16
CA ALA A 193 9.86 -16.57 -42.10
C ALA A 193 8.39 -16.27 -42.32
N ASP A 194 7.54 -17.31 -42.37
CA ASP A 194 6.13 -17.12 -42.68
C ASP A 194 5.45 -16.11 -41.76
N ASP A 195 5.89 -16.05 -40.50
CA ASP A 195 5.34 -15.08 -39.57
C ASP A 195 5.77 -13.66 -39.92
N PHE A 196 7.07 -13.41 -40.01
CA PHE A 196 7.55 -12.10 -40.45
C PHE A 196 6.95 -11.73 -41.79
N GLN A 197 6.75 -12.72 -42.66
CA GLN A 197 6.07 -12.46 -43.92
C GLN A 197 4.69 -11.86 -43.67
N PHE A 198 3.95 -12.46 -42.73
CA PHE A 198 2.65 -11.93 -42.38
C PHE A 198 2.76 -10.54 -41.80
N ALA A 199 3.74 -10.33 -40.92
CA ALA A 199 3.88 -9.04 -40.26
C ALA A 199 4.26 -7.92 -41.22
N TYR A 200 5.07 -8.23 -42.25
CA TYR A 200 5.35 -7.25 -43.30
C TYR A 200 4.07 -6.82 -44.00
N ASP A 201 3.27 -7.80 -44.44
CA ASP A 201 2.08 -7.53 -45.23
C ASP A 201 0.97 -6.81 -44.47
N ASN A 202 1.08 -6.67 -43.15
CA ASN A 202 -0.02 -6.13 -42.36
C ASN A 202 0.37 -5.05 -41.38
N LEU A 203 1.66 -4.90 -41.03
CA LEU A 203 2.06 -3.85 -40.10
C LEU A 203 2.02 -2.47 -40.78
N PRO A 204 1.74 -1.41 -40.02
CA PRO A 204 1.77 -0.07 -40.61
C PRO A 204 3.21 0.38 -40.81
N GLU A 205 3.34 1.42 -41.64
CA GLU A 205 4.68 1.91 -41.97
C GLU A 205 5.31 2.66 -40.80
N VAL A 206 4.50 3.38 -40.01
CA VAL A 206 4.97 4.08 -38.82
C VAL A 206 4.18 3.63 -37.60
N GLN A 207 4.91 3.33 -36.52
CA GLN A 207 4.33 3.10 -35.20
C GLN A 207 4.63 4.29 -34.29
N ILE A 208 3.57 4.98 -33.87
CA ILE A 208 3.71 6.10 -32.94
C ILE A 208 4.23 5.63 -31.60
N GLU A 209 3.98 4.37 -31.26
CA GLU A 209 4.43 3.78 -30.00
C GLU A 209 5.68 2.96 -30.29
N LYS A 210 6.85 3.60 -30.10
CA LYS A 210 8.15 3.03 -30.50
C LYS A 210 8.36 1.56 -30.10
N GLY A 211 7.67 1.07 -29.06
CA GLY A 211 7.83 -0.32 -28.68
C GLY A 211 7.25 -1.32 -29.66
N ARG A 212 6.30 -0.90 -30.49
CA ARG A 212 5.76 -1.78 -31.51
C ARG A 212 6.68 -1.82 -32.74
N PRO A 213 6.75 -2.97 -33.40
CA PRO A 213 7.51 -3.05 -34.64
C PRO A 213 6.75 -2.37 -35.76
N ALA A 214 7.51 -1.84 -36.71
CA ALA A 214 6.98 -1.23 -37.93
C ALA A 214 7.17 -2.18 -39.09
N GLN A 215 6.57 -1.82 -40.23
CA GLN A 215 6.75 -2.64 -41.42
C GLN A 215 8.22 -2.74 -41.80
N ALA A 216 9.01 -1.72 -41.48
CA ALA A 216 10.43 -1.78 -41.77
C ALA A 216 11.11 -2.91 -41.00
N ALA A 217 10.75 -3.10 -39.71
CA ALA A 217 11.43 -4.12 -38.90
C ALA A 217 11.05 -5.54 -39.32
N ALA A 218 9.77 -5.79 -39.62
CA ALA A 218 9.36 -7.12 -40.08
C ALA A 218 10.00 -7.48 -41.41
N ALA A 219 10.27 -6.49 -42.26
CA ALA A 219 11.07 -6.75 -43.44
C ALA A 219 12.50 -7.11 -43.04
N ALA A 220 13.09 -6.33 -42.13
CA ALA A 220 14.48 -6.57 -41.76
C ALA A 220 14.66 -7.86 -40.99
N TYR A 221 13.59 -8.38 -40.38
CA TYR A 221 13.64 -9.67 -39.70
C TYR A 221 13.28 -10.80 -40.64
N LEU A 222 12.36 -10.55 -41.57
CA LEU A 222 12.14 -11.46 -42.68
C LEU A 222 13.43 -11.66 -43.47
N ALA A 223 14.22 -10.58 -43.62
CA ALA A 223 15.55 -10.68 -44.21
C ALA A 223 16.46 -11.56 -43.36
N LYS A 224 16.78 -11.13 -42.12
CA LYS A 224 17.70 -11.92 -41.29
C LYS A 224 17.34 -13.40 -41.28
N THR A 225 16.05 -13.72 -41.42
CA THR A 225 15.64 -15.13 -41.43
C THR A 225 16.06 -15.82 -42.71
N TYR A 226 15.74 -15.23 -43.87
CA TYR A 226 16.08 -15.88 -45.13
C TYR A 226 17.59 -16.00 -45.32
N LEU A 227 18.37 -15.15 -44.68
CA LEU A 227 19.82 -15.26 -44.75
C LEU A 227 20.38 -16.37 -43.86
N TYR A 228 19.77 -16.60 -42.69
CA TYR A 228 20.16 -17.76 -41.90
C TYR A 228 19.72 -19.06 -42.57
N LYS A 229 18.65 -18.99 -43.37
CA LYS A 229 18.12 -20.13 -44.10
C LYS A 229 18.99 -20.47 -45.32
N ALA A 230 19.49 -19.43 -45.99
CA ALA A 230 20.28 -19.61 -47.21
C ALA A 230 21.44 -20.58 -47.01
N TYR A 231 22.14 -20.47 -45.89
CA TYR A 231 23.29 -21.32 -45.61
C TYR A 231 22.81 -22.70 -45.20
N ARG A 232 22.44 -23.48 -46.23
CA ARG A 232 21.72 -24.72 -46.05
C ARG A 232 22.52 -25.74 -45.25
N GLN A 233 21.83 -26.48 -44.38
CA GLN A 233 22.41 -27.64 -43.68
C GLN A 233 21.46 -28.82 -43.86
N ASP A 234 21.27 -29.23 -45.11
CA ASP A 234 20.23 -30.18 -45.48
C ASP A 234 20.64 -31.65 -45.30
N GLY A 235 21.87 -31.93 -44.87
CA GLY A 235 22.26 -33.26 -44.45
C GLY A 235 21.91 -33.52 -42.99
N ALA A 236 22.30 -34.69 -42.51
CA ALA A 236 21.97 -35.06 -41.14
C ALA A 236 22.86 -34.34 -40.11
N ASP A 237 23.86 -33.64 -40.57
CA ASP A 237 24.86 -32.99 -39.72
C ASP A 237 24.74 -31.47 -39.87
N ASN A 238 25.56 -30.74 -39.10
CA ASN A 238 25.48 -29.30 -39.06
C ASN A 238 26.43 -28.61 -40.06
N ALA A 239 26.76 -29.27 -41.17
CA ALA A 239 27.68 -28.72 -42.15
C ALA A 239 26.95 -28.13 -43.35
N LEU A 240 27.56 -27.11 -43.96
CA LEU A 240 27.01 -26.46 -45.14
C LEU A 240 26.77 -27.45 -46.29
N THR A 241 25.60 -27.35 -46.93
CA THR A 241 25.33 -28.16 -48.11
C THR A 241 24.97 -27.24 -49.28
N GLY A 242 25.81 -26.25 -49.55
CA GLY A 242 25.50 -25.24 -50.55
C GLY A 242 25.06 -23.95 -49.89
N ILE A 243 24.58 -23.04 -50.73
CA ILE A 243 24.10 -21.72 -50.32
C ILE A 243 23.00 -21.31 -51.31
N ASN A 244 21.74 -21.35 -50.87
CA ASN A 244 20.61 -21.22 -51.78
C ASN A 244 20.49 -19.81 -52.37
N GLU A 245 20.33 -19.72 -53.70
CA GLU A 245 20.16 -18.43 -54.36
C GLU A 245 18.76 -17.84 -54.16
N GLU A 246 17.71 -18.63 -54.40
CA GLU A 246 16.35 -18.12 -54.17
C GLU A 246 16.18 -17.57 -52.75
N ASP A 247 16.89 -18.15 -51.78
CA ASP A 247 16.86 -17.61 -50.43
C ASP A 247 17.60 -16.28 -50.35
N LEU A 248 18.84 -16.23 -50.84
CA LEU A 248 19.60 -14.98 -50.82
C LEU A 248 18.86 -13.86 -51.56
N LYS A 249 18.12 -14.21 -52.62
CA LYS A 249 17.38 -13.23 -53.40
C LYS A 249 16.25 -12.57 -52.61
N GLN A 250 15.70 -13.28 -51.62
CA GLN A 250 14.66 -12.69 -50.78
C GLN A 250 15.25 -11.66 -49.79
N VAL A 251 16.41 -11.97 -49.22
CA VAL A 251 17.11 -11.02 -48.36
C VAL A 251 17.30 -9.68 -49.06
N VAL A 252 17.58 -9.70 -50.36
CA VAL A 252 17.74 -8.44 -51.07
C VAL A 252 16.41 -7.73 -51.19
N LYS A 253 15.34 -8.47 -51.47
CA LYS A 253 14.02 -7.87 -51.63
C LYS A 253 13.62 -7.07 -50.41
N TYR A 254 13.89 -7.61 -49.23
CA TYR A 254 13.36 -7.06 -48.00
C TYR A 254 14.41 -6.29 -47.20
N THR A 255 15.60 -6.03 -47.76
CA THR A 255 16.48 -4.97 -47.27
C THR A 255 16.52 -3.78 -48.20
N ASP A 256 15.75 -3.83 -49.29
CA ASP A 256 15.44 -2.71 -50.18
C ASP A 256 15.43 -1.42 -49.37
N PRO A 257 16.26 -0.44 -49.74
CA PRO A 257 16.25 0.85 -49.00
C PRO A 257 15.01 1.67 -49.25
N LEU A 258 14.22 1.37 -50.28
CA LEU A 258 12.96 2.08 -50.50
C LEU A 258 11.95 1.73 -49.41
N ILE A 259 12.08 0.55 -48.80
CA ILE A 259 11.24 0.17 -47.66
C ILE A 259 11.64 0.93 -46.40
N MET A 260 12.93 0.89 -46.07
CA MET A 260 13.42 1.56 -44.87
C MET A 260 13.07 3.05 -44.86
N ALA A 261 13.16 3.71 -46.01
CA ALA A 261 12.89 5.15 -46.06
C ALA A 261 11.45 5.47 -45.68
N LYS A 262 10.50 4.56 -45.97
CA LYS A 262 9.11 4.79 -45.55
C LYS A 262 8.94 4.84 -44.03
N GLY A 263 10.00 4.56 -43.28
CA GLY A 263 9.91 4.56 -41.83
C GLY A 263 10.85 5.56 -41.19
N GLY A 264 11.69 6.18 -42.01
CA GLY A 264 12.69 7.10 -41.50
C GLY A 264 13.90 6.44 -40.89
N TYR A 265 14.06 5.13 -41.08
CA TYR A 265 15.13 4.38 -40.45
C TYR A 265 16.45 4.53 -41.21
N GLY A 266 17.50 4.91 -40.50
CA GLY A 266 18.82 4.94 -41.07
C GLY A 266 19.85 4.82 -40.00
N LEU A 267 21.09 5.13 -40.35
CA LEU A 267 22.17 5.20 -39.38
C LEU A 267 22.11 6.49 -38.59
N GLU A 268 22.76 6.46 -37.42
CA GLU A 268 22.93 7.64 -36.59
C GLU A 268 24.26 8.31 -36.91
N THR A 269 24.27 9.63 -36.78
CA THR A 269 25.44 10.49 -36.91
C THR A 269 26.68 9.92 -36.21
N ASP A 270 26.48 9.24 -35.09
CA ASP A 270 27.60 8.75 -34.31
C ASP A 270 27.29 7.36 -33.79
N TYR A 271 28.31 6.50 -33.78
CA TYR A 271 28.13 5.09 -33.40
C TYR A 271 27.62 4.97 -31.98
N SER A 272 28.19 5.75 -31.06
CA SER A 272 27.85 5.64 -29.64
C SER A 272 26.39 6.00 -29.32
N MET A 273 25.62 6.57 -30.25
CA MET A 273 24.25 6.95 -29.97
C MET A 273 23.29 5.76 -29.90
N ASN A 274 23.73 4.55 -30.18
CA ASN A 274 22.82 3.40 -30.08
C ASN A 274 22.78 2.83 -28.67
N PHE A 275 23.91 2.82 -27.99
CA PHE A 275 24.03 2.20 -26.68
C PHE A 275 24.01 3.27 -25.61
N LEU A 276 23.18 4.30 -25.79
CA LEU A 276 23.08 5.44 -24.85
C LEU A 276 21.63 5.86 -24.57
N PRO A 277 21.32 6.12 -23.30
CA PRO A 277 19.94 6.47 -22.93
C PRO A 277 19.45 7.77 -23.53
N GLN A 278 20.27 8.82 -23.52
CA GLN A 278 19.87 10.11 -24.08
C GLN A 278 19.37 9.97 -25.51
N TYR A 279 19.90 9.00 -26.25
CA TYR A 279 19.48 8.75 -27.61
C TYR A 279 18.75 7.41 -27.71
N GLU A 280 17.82 7.13 -26.82
CA GLU A 280 16.96 5.98 -27.06
C GLU A 280 16.04 6.27 -28.23
N ASN A 281 15.91 5.30 -29.14
CA ASN A 281 14.78 5.25 -30.05
C ASN A 281 14.91 6.21 -31.21
N GLY A 282 16.12 6.36 -31.72
CA GLY A 282 16.38 7.18 -32.88
C GLY A 282 16.13 6.46 -34.19
N ALA A 283 16.80 6.92 -35.25
CA ALA A 283 16.57 6.35 -36.56
C ALA A 283 17.16 4.96 -36.76
N GLU A 284 18.15 4.56 -35.95
CA GLU A 284 18.75 3.23 -36.09
C GLU A 284 18.08 2.16 -35.24
N SER A 285 17.39 2.53 -34.14
CA SER A 285 16.61 1.60 -33.32
C SER A 285 15.42 1.11 -34.13
N VAL A 286 15.71 0.16 -35.03
CA VAL A 286 14.69 -0.41 -35.89
C VAL A 286 13.65 -1.15 -35.07
N TRP A 287 14.08 -1.87 -34.02
CA TRP A 287 13.15 -2.42 -33.04
C TRP A 287 13.88 -2.74 -31.73
N ALA A 288 13.28 -2.35 -30.60
CA ALA A 288 13.94 -2.50 -29.31
C ALA A 288 12.97 -2.88 -28.19
N ILE A 289 13.49 -3.70 -27.27
CA ILE A 289 12.82 -3.95 -26.01
C ILE A 289 12.90 -2.67 -25.20
N GLN A 290 11.75 -2.21 -24.68
CA GLN A 290 11.65 -0.89 -24.05
C GLN A 290 11.73 -1.00 -22.53
N TYR A 291 12.95 -1.20 -22.07
CA TYR A 291 13.24 -1.12 -20.64
C TYR A 291 12.99 0.30 -20.15
N SER A 292 12.14 0.41 -19.12
CA SER A 292 11.64 1.67 -18.58
C SER A 292 11.81 1.69 -17.07
N ILE A 293 11.89 2.89 -16.48
CA ILE A 293 11.93 2.99 -15.02
C ILE A 293 11.07 4.14 -14.55
N ASN A 294 10.87 4.17 -13.24
CA ASN A 294 9.90 5.07 -12.63
C ASN A 294 8.52 4.78 -13.20
N ASP A 295 8.21 3.49 -13.34
CA ASP A 295 7.00 3.04 -14.00
C ASP A 295 6.08 2.26 -13.07
N GLY A 296 6.34 2.31 -11.77
CA GLY A 296 5.41 1.76 -10.81
C GLY A 296 5.49 0.29 -10.59
N THR A 297 6.48 -0.39 -11.17
CA THR A 297 6.81 -1.76 -10.85
C THR A 297 7.63 -1.75 -9.56
N TYR A 298 8.09 -2.92 -9.12
CA TYR A 298 8.78 -2.98 -7.83
C TYR A 298 10.03 -2.10 -7.81
N ASN A 299 10.91 -2.28 -8.79
CA ASN A 299 12.14 -1.50 -8.89
C ASN A 299 12.33 -0.91 -10.30
N GLY A 300 11.32 -0.96 -11.12
CA GLY A 300 11.50 -0.59 -12.49
C GLY A 300 11.51 -1.82 -13.35
N ASN A 301 11.06 -1.66 -14.59
CA ASN A 301 11.19 -2.67 -15.63
C ASN A 301 12.59 -2.61 -16.26
N LEU A 302 13.60 -2.66 -15.41
CA LEU A 302 14.96 -2.52 -15.93
C LEU A 302 15.39 -3.77 -16.69
N ASN A 303 16.55 -3.66 -17.33
CA ASN A 303 17.16 -4.81 -18.02
C ASN A 303 17.96 -5.64 -17.01
N TRP A 304 17.21 -6.40 -16.21
CA TRP A 304 17.83 -7.17 -15.13
C TRP A 304 18.72 -8.27 -15.68
N GLY A 305 18.45 -8.72 -16.91
CA GLY A 305 19.20 -9.84 -17.48
C GLY A 305 20.71 -9.60 -17.57
N MET A 306 21.12 -8.36 -17.85
CA MET A 306 22.56 -8.11 -17.83
C MET A 306 23.11 -7.80 -16.46
N GLY A 307 22.52 -8.30 -15.39
CA GLY A 307 22.95 -7.88 -14.06
C GLY A 307 24.36 -8.30 -13.71
N LEU A 308 24.88 -9.36 -14.37
CA LEU A 308 26.24 -9.84 -14.10
C LEU A 308 27.31 -9.14 -14.91
N THR A 309 26.93 -8.40 -15.96
CA THR A 309 27.85 -7.79 -16.92
C THR A 309 28.35 -6.42 -16.47
N THR A 310 27.69 -5.81 -15.48
CA THR A 310 28.20 -4.61 -14.83
C THR A 310 29.61 -4.87 -14.29
N PRO A 311 30.44 -3.85 -14.20
CA PRO A 311 31.82 -4.08 -13.78
C PRO A 311 31.96 -4.06 -12.27
N GLN A 312 33.07 -4.60 -11.80
CA GLN A 312 33.33 -4.82 -10.38
C GLN A 312 33.39 -3.53 -9.56
N ILE A 313 33.31 -2.35 -10.19
CA ILE A 313 33.29 -1.13 -9.37
C ILE A 313 31.98 -0.99 -8.65
N LEU A 314 30.88 -1.45 -9.25
CA LEU A 314 29.58 -1.49 -8.61
C LEU A 314 29.46 -2.61 -7.57
N GLY A 315 30.55 -3.27 -7.23
CA GLY A 315 30.53 -4.37 -6.29
C GLY A 315 30.44 -5.74 -6.93
N CYS A 316 30.09 -5.83 -8.20
CA CYS A 316 29.76 -7.09 -8.84
C CYS A 316 29.30 -6.79 -10.24
N CYS A 317 29.55 -7.69 -11.20
CA CYS A 317 30.16 -9.01 -11.04
C CYS A 317 31.31 -9.31 -11.99
N ASP A 318 31.45 -8.50 -13.05
CA ASP A 318 32.55 -8.57 -14.01
C ASP A 318 32.45 -9.75 -14.98
N PHE A 319 31.27 -10.03 -15.49
CA PHE A 319 31.08 -11.00 -16.55
C PHE A 319 31.02 -10.29 -17.89
N HIS A 320 31.07 -11.08 -18.96
CA HIS A 320 31.00 -10.59 -20.35
C HIS A 320 32.19 -9.68 -20.65
N LYS A 321 33.38 -10.14 -20.25
CA LYS A 321 34.65 -9.47 -20.49
C LYS A 321 35.05 -9.58 -21.97
N PRO A 322 35.31 -8.48 -22.67
CA PRO A 322 35.77 -8.59 -24.06
C PRO A 322 37.09 -9.33 -24.16
N SER A 323 37.23 -10.11 -25.23
CA SER A 323 38.45 -10.85 -25.53
C SER A 323 39.50 -9.97 -26.17
N GLN A 324 40.76 -10.28 -25.89
CA GLN A 324 41.87 -9.61 -26.56
C GLN A 324 41.77 -9.74 -28.07
N ASN A 325 41.38 -10.92 -28.56
CA ASN A 325 41.24 -11.11 -30.00
C ASN A 325 40.14 -10.23 -30.59
N LEU A 326 39.16 -9.82 -29.79
CA LEU A 326 38.25 -8.79 -30.31
C LEU A 326 38.92 -7.43 -30.28
N VAL A 327 39.50 -7.08 -29.13
CA VAL A 327 40.27 -5.85 -28.99
C VAL A 327 41.22 -5.65 -30.18
N ASN A 328 42.07 -6.63 -30.44
CA ASN A 328 43.08 -6.48 -31.48
C ASN A 328 42.47 -6.37 -32.87
N ALA A 329 41.26 -6.89 -33.07
CA ALA A 329 40.63 -6.82 -34.37
C ALA A 329 40.07 -5.44 -34.66
N PHE A 330 40.30 -4.48 -33.78
CA PHE A 330 40.01 -3.10 -34.06
C PHE A 330 41.24 -2.34 -34.55
N LYS A 331 42.41 -2.96 -34.50
CA LYS A 331 43.60 -2.41 -35.15
C LYS A 331 43.36 -2.22 -36.64
N THR A 332 44.04 -1.22 -37.21
CA THR A 332 44.05 -1.00 -38.65
C THR A 332 45.47 -0.70 -39.10
N ASP A 333 45.69 -0.89 -40.41
CA ASP A 333 46.95 -0.59 -41.06
C ASP A 333 47.10 0.93 -41.24
N SER A 334 48.12 1.35 -42.01
CA SER A 334 48.34 2.76 -42.29
C SER A 334 47.27 3.34 -43.20
N GLN A 335 46.85 2.57 -44.22
CA GLN A 335 45.84 3.09 -45.13
C GLN A 335 44.46 3.19 -44.51
N GLY A 336 44.22 2.56 -43.37
CA GLY A 336 42.95 2.66 -42.69
C GLY A 336 42.05 1.43 -42.73
N LYS A 337 42.58 0.27 -43.12
CA LYS A 337 41.85 -0.98 -43.33
C LYS A 337 42.21 -2.01 -42.24
N PRO A 338 41.39 -3.04 -42.08
CA PRO A 338 41.74 -4.10 -41.12
C PRO A 338 43.07 -4.75 -41.47
N LEU A 339 43.71 -5.32 -40.46
CA LEU A 339 44.91 -6.14 -40.67
C LEU A 339 44.51 -7.60 -40.75
N PHE A 340 43.90 -7.94 -41.90
CA PHE A 340 43.15 -9.20 -42.06
C PHE A 340 43.97 -10.40 -41.62
N SER A 341 45.28 -10.37 -41.85
CA SER A 341 46.12 -11.53 -41.68
C SER A 341 47.15 -11.39 -40.57
N THR A 342 47.32 -10.19 -40.00
CA THR A 342 48.32 -9.96 -38.96
C THR A 342 47.79 -9.23 -37.73
N TYR A 343 46.46 -9.09 -37.58
CA TYR A 343 45.92 -8.26 -36.51
C TYR A 343 46.20 -8.84 -35.12
N ASP A 344 46.29 -10.16 -34.99
CA ASP A 344 46.33 -10.79 -33.69
C ASP A 344 47.76 -11.08 -33.22
N ASN A 345 48.76 -10.95 -34.10
CA ASN A 345 50.10 -11.38 -33.76
C ASN A 345 50.74 -10.51 -32.69
N GLU A 346 50.34 -9.25 -32.59
CA GLU A 346 50.89 -8.32 -31.61
C GLU A 346 49.72 -7.64 -30.92
N ASN A 347 49.72 -7.64 -29.58
CA ASN A 347 48.65 -6.95 -28.86
C ASN A 347 48.60 -5.50 -29.27
N TYR A 348 47.39 -4.94 -29.26
CA TYR A 348 47.21 -3.55 -29.60
C TYR A 348 48.00 -2.67 -28.63
N GLU A 349 48.77 -1.75 -29.19
CA GLU A 349 49.58 -0.81 -28.44
C GLU A 349 49.13 0.58 -28.83
N VAL A 350 48.71 1.36 -27.84
CA VAL A 350 47.93 2.56 -28.13
C VAL A 350 48.78 3.62 -28.80
N ALA A 351 50.05 3.76 -28.37
CA ALA A 351 50.88 4.87 -28.83
C ALA A 351 51.23 4.77 -30.32
N THR A 352 51.25 3.57 -30.89
CA THR A 352 51.78 3.36 -32.22
C THR A 352 50.73 2.93 -33.24
N ASP A 353 49.91 1.92 -32.93
CA ASP A 353 48.97 1.40 -33.92
C ASP A 353 47.87 2.39 -34.26
N ASN A 354 47.33 2.25 -35.47
CA ASN A 354 46.08 2.90 -35.86
C ASN A 354 44.91 2.02 -35.44
N VAL A 355 43.81 2.64 -35.00
CA VAL A 355 42.71 1.90 -34.39
C VAL A 355 41.36 2.41 -34.89
N ASP A 356 40.40 1.47 -35.01
CA ASP A 356 39.01 1.79 -35.35
C ASP A 356 38.33 2.43 -34.15
N PRO A 357 37.79 3.69 -34.28
CA PRO A 357 37.01 4.30 -33.19
C PRO A 357 36.05 3.33 -32.50
N ARG A 358 35.39 2.47 -33.27
CA ARG A 358 34.37 1.56 -32.74
C ARG A 358 34.90 0.72 -31.60
N LEU A 359 36.23 0.68 -31.41
CA LEU A 359 36.78 0.01 -30.23
C LEU A 359 36.27 0.70 -28.98
N PHE A 360 36.32 2.03 -28.96
CA PHE A 360 36.04 2.79 -27.74
C PHE A 360 34.55 2.91 -27.43
N HIS A 361 33.71 2.32 -28.26
CA HIS A 361 32.31 2.14 -27.93
C HIS A 361 31.96 0.69 -27.63
N THR A 362 32.88 -0.24 -27.88
CA THR A 362 32.64 -1.64 -27.59
C THR A 362 33.35 -2.10 -26.32
N VAL A 363 34.62 -1.72 -26.12
CA VAL A 363 35.49 -2.32 -25.11
C VAL A 363 36.07 -1.25 -24.22
N GLY A 364 35.67 -1.24 -22.96
CA GLY A 364 36.29 -0.32 -22.02
C GLY A 364 37.62 -0.86 -21.53
N MET A 365 38.71 -0.19 -21.86
CA MET A 365 40.03 -0.70 -21.56
C MET A 365 40.74 0.09 -20.45
N PRO A 366 41.74 -0.48 -19.79
CA PRO A 366 42.40 0.22 -18.68
C PRO A 366 43.10 1.50 -19.14
N GLY A 367 43.23 2.44 -18.19
CA GLY A 367 43.76 3.75 -18.49
C GLY A 367 42.82 4.66 -19.25
N PHE A 368 41.68 4.17 -19.67
CA PHE A 368 40.69 4.96 -20.37
C PHE A 368 39.42 5.12 -19.50
N PRO A 369 38.54 6.05 -19.84
CA PRO A 369 37.33 6.23 -19.04
C PRO A 369 36.37 5.08 -19.25
N TYR A 370 35.59 4.80 -18.20
CA TYR A 370 34.50 3.85 -18.29
C TYR A 370 33.25 4.57 -18.78
N LYS A 371 32.74 4.17 -19.95
CA LYS A 371 31.57 4.76 -20.58
C LYS A 371 31.55 6.29 -20.42
N TYR A 372 32.58 6.92 -20.97
CA TYR A 372 32.59 8.35 -21.23
C TYR A 372 32.62 9.22 -19.97
N ASN A 373 32.49 8.64 -18.79
CA ASN A 373 32.68 9.40 -17.56
C ASN A 373 34.17 9.41 -17.27
N GLU A 374 34.83 10.55 -17.51
CA GLU A 374 36.27 10.62 -17.31
C GLU A 374 36.67 10.66 -15.83
N GLY A 375 35.72 10.63 -14.90
CA GLY A 375 36.07 10.53 -13.51
C GLY A 375 36.24 9.12 -13.02
N TYR A 376 35.82 8.12 -13.81
CA TYR A 376 36.04 6.70 -13.52
C TYR A 376 37.00 6.15 -14.58
N ILE A 377 38.26 5.97 -14.21
CA ILE A 377 39.28 5.45 -15.11
C ILE A 377 39.49 3.97 -14.83
N ILE A 378 39.14 3.12 -15.80
CA ILE A 378 39.40 1.68 -15.72
C ILE A 378 40.87 1.41 -15.38
N GLN A 379 41.09 0.43 -14.50
CA GLN A 379 42.44 0.10 -14.01
C GLN A 379 42.66 -1.42 -13.99
N LYS A 380 43.82 -1.82 -13.52
CA LYS A 380 44.17 -3.22 -13.30
C LYS A 380 44.30 -3.52 -11.80
N ASN A 381 43.16 -3.59 -11.12
CA ASN A 381 43.15 -3.85 -9.69
C ASN A 381 41.85 -4.54 -9.30
N ASP A 382 41.78 -4.88 -8.01
CA ASP A 382 40.58 -5.51 -7.47
C ASP A 382 39.35 -4.67 -7.74
N ASP A 383 39.53 -3.39 -8.06
CA ASP A 383 38.37 -2.53 -8.28
C ASP A 383 37.68 -2.85 -9.60
N TRP A 384 38.44 -3.31 -10.61
CA TRP A 384 37.83 -3.48 -11.92
C TRP A 384 37.77 -4.92 -12.42
N SER A 385 38.73 -5.78 -12.05
CA SER A 385 38.70 -7.20 -12.38
C SER A 385 38.41 -8.06 -11.14
N ARG A 386 37.27 -8.76 -11.15
CA ARG A 386 36.89 -9.57 -10.00
C ARG A 386 37.80 -10.79 -9.84
N SER A 387 38.56 -11.15 -10.88
CA SER A 387 39.34 -12.38 -10.90
C SER A 387 40.85 -12.13 -10.84
N LYS A 388 41.31 -10.94 -10.45
CA LYS A 388 42.74 -10.63 -10.42
C LYS A 388 43.41 -11.05 -11.72
N GLY A 389 42.75 -10.79 -12.85
CA GLY A 389 43.38 -10.86 -14.15
C GLY A 389 42.99 -12.05 -15.02
N LEU A 390 42.74 -13.22 -14.41
CA LEU A 390 42.58 -14.46 -15.17
C LEU A 390 41.63 -14.31 -16.35
N TYR A 391 40.68 -13.38 -16.29
CA TYR A 391 39.81 -13.08 -17.44
C TYR A 391 40.08 -11.71 -18.03
N GLY A 392 41.18 -11.08 -17.68
CA GLY A 392 41.56 -9.84 -18.32
C GLY A 392 41.03 -8.64 -17.59
N TYR A 393 41.17 -7.48 -18.22
CA TYR A 393 40.80 -6.21 -17.60
C TYR A 393 39.91 -5.36 -18.51
N TYR A 394 39.18 -5.99 -19.41
CA TYR A 394 38.29 -5.28 -20.30
C TYR A 394 36.84 -5.35 -19.80
N VAL A 395 36.13 -4.24 -19.97
CA VAL A 395 34.73 -4.13 -19.60
C VAL A 395 33.92 -4.07 -20.88
N SER A 396 32.77 -4.74 -20.89
CA SER A 396 31.83 -4.45 -21.97
C SER A 396 31.28 -3.05 -21.77
N LEU A 397 30.98 -2.36 -22.86
CA LEU A 397 30.43 -1.03 -22.74
C LEU A 397 29.02 -0.90 -23.30
N LYS A 398 28.60 -1.82 -24.17
CA LYS A 398 27.43 -1.54 -24.99
C LYS A 398 26.16 -1.71 -24.20
N GLU A 399 26.16 -2.58 -23.19
CA GLU A 399 25.00 -2.79 -22.34
C GLU A 399 25.08 -2.01 -21.03
N ASN A 400 26.29 -1.72 -20.53
CA ASN A 400 26.48 -0.93 -19.32
C ASN A 400 26.20 0.55 -19.60
N VAL A 401 26.06 1.36 -18.54
CA VAL A 401 25.82 2.79 -18.70
C VAL A 401 26.63 3.59 -17.69
N ASP A 402 26.61 4.89 -17.90
CA ASP A 402 27.28 5.85 -17.05
C ASP A 402 27.01 5.53 -15.60
N PRO A 403 28.03 5.27 -14.79
CA PRO A 403 27.78 5.00 -13.36
C PRO A 403 26.88 6.04 -12.71
N ASP A 404 26.99 7.30 -13.14
CA ASP A 404 26.27 8.40 -12.52
C ASP A 404 24.92 8.64 -13.16
N CYS A 405 24.41 7.70 -13.93
CA CYS A 405 23.15 7.90 -14.64
C CYS A 405 21.95 7.86 -13.69
N ASP A 406 20.95 8.71 -13.97
CA ASP A 406 19.66 8.67 -13.31
CA ASP A 406 19.69 8.62 -13.25
C ASP A 406 18.78 7.56 -13.86
N CYS A 407 19.38 6.53 -14.43
CA CYS A 407 18.67 5.46 -15.10
C CYS A 407 19.14 4.11 -14.62
N LEU A 408 19.93 4.08 -13.54
CA LEU A 408 20.60 2.88 -13.07
C LEU A 408 20.22 2.66 -11.62
N LYS A 409 19.62 1.49 -11.34
CA LYS A 409 19.20 1.11 -9.99
C LYS A 409 19.93 -0.17 -9.58
N LYS A 410 19.79 -0.52 -8.30
CA LYS A 410 20.29 -1.76 -7.71
C LYS A 410 19.09 -2.53 -7.19
N GLY A 411 18.72 -3.59 -7.88
CA GLY A 411 17.83 -4.56 -7.31
C GLY A 411 18.69 -5.69 -6.78
N SER A 412 18.38 -6.92 -7.18
CA SER A 412 19.18 -8.06 -6.77
C SER A 412 20.63 -7.87 -7.23
N TYR A 413 20.78 -7.57 -8.51
CA TYR A 413 22.00 -7.07 -9.11
C TYR A 413 21.71 -5.66 -9.65
N TRP A 414 22.66 -5.08 -10.38
CA TRP A 414 22.44 -3.75 -10.93
C TRP A 414 21.87 -3.87 -12.33
N ALA A 415 21.10 -2.85 -12.73
CA ALA A 415 20.49 -2.84 -14.06
C ALA A 415 20.09 -1.42 -14.41
N SER A 416 19.73 -1.21 -15.69
CA SER A 416 19.38 0.12 -16.19
C SER A 416 18.21 0.02 -17.16
N SER A 417 17.70 1.19 -17.53
CA SER A 417 16.62 1.38 -18.49
C SER A 417 17.08 1.46 -19.95
N LEU A 418 18.35 1.12 -20.22
CA LEU A 418 18.94 1.28 -21.53
C LEU A 418 18.32 0.28 -22.50
N ASN A 419 17.76 0.78 -23.60
CA ASN A 419 17.02 -0.14 -24.46
C ASN A 419 17.98 -1.17 -25.07
N HIS A 420 17.46 -2.36 -25.33
CA HIS A 420 18.19 -3.38 -26.09
C HIS A 420 17.67 -3.33 -27.52
N ILE A 421 18.56 -3.05 -28.47
CA ILE A 421 18.20 -3.03 -29.87
C ILE A 421 18.40 -4.40 -30.45
N VAL A 422 17.32 -4.98 -30.95
CA VAL A 422 17.41 -6.33 -31.53
C VAL A 422 17.87 -6.25 -32.97
N ILE A 423 17.45 -5.20 -33.70
CA ILE A 423 17.88 -4.95 -35.08
C ILE A 423 18.32 -3.51 -35.20
N ARG A 424 19.63 -3.28 -35.32
CA ARG A 424 20.10 -1.97 -35.71
C ARG A 424 20.02 -1.82 -37.22
N TYR A 425 20.14 -0.58 -37.72
CA TYR A 425 20.13 -0.42 -39.16
C TYR A 425 21.46 -0.81 -39.81
N ALA A 426 22.57 -0.68 -39.08
CA ALA A 426 23.84 -1.20 -39.61
C ALA A 426 23.73 -2.68 -39.97
N ASP A 427 22.91 -3.43 -39.24
CA ASP A 427 22.63 -4.83 -39.55
C ASP A 427 21.61 -4.98 -40.66
N VAL A 428 20.91 -3.91 -41.05
CA VAL A 428 20.08 -3.99 -42.24
C VAL A 428 20.92 -3.85 -43.51
N LEU A 429 22.03 -3.10 -43.45
CA LEU A 429 22.90 -2.92 -44.61
C LEU A 429 23.85 -4.11 -44.79
N LEU A 430 24.52 -4.53 -43.71
CA LEU A 430 25.51 -5.58 -43.85
C LEU A 430 24.88 -6.91 -44.26
N MET A 431 23.66 -7.19 -43.81
CA MET A 431 22.92 -8.33 -44.36
C MET A 431 22.68 -8.15 -45.85
N ARG A 432 22.45 -6.91 -46.29
CA ARG A 432 22.22 -6.68 -47.71
C ARG A 432 23.51 -6.83 -48.51
N ALA A 433 24.65 -6.46 -47.92
CA ALA A 433 25.91 -6.62 -48.62
C ALA A 433 26.33 -8.09 -48.66
N GLU A 434 26.14 -8.81 -47.54
CA GLU A 434 26.46 -10.24 -47.53
C GLU A 434 25.67 -11.00 -48.59
N ALA A 435 24.38 -10.69 -48.76
CA ALA A 435 23.58 -11.43 -49.74
C ALA A 435 24.08 -11.16 -51.15
N LEU A 436 24.36 -9.88 -51.47
CA LEU A 436 24.85 -9.54 -52.80
C LEU A 436 26.23 -10.13 -53.06
N ILE A 437 27.07 -10.26 -52.04
CA ILE A 437 28.39 -10.84 -52.24
C ILE A 437 28.29 -12.34 -52.45
N GLN A 438 27.38 -13.02 -51.74
CA GLN A 438 27.22 -14.46 -51.95
C GLN A 438 26.32 -14.79 -53.13
N LEU A 439 25.60 -13.81 -53.68
CA LEU A 439 24.90 -14.00 -54.95
C LEU A 439 25.84 -13.90 -56.15
N ASN A 440 26.88 -13.06 -56.02
CA ASN A 440 27.86 -12.74 -57.05
C ASN A 440 27.21 -12.64 -58.42
N ASP A 441 26.69 -11.47 -58.78
CA ASP A 441 25.95 -11.29 -60.01
C ASP A 441 26.13 -9.86 -60.52
N GLY A 442 27.33 -9.32 -60.33
CA GLY A 442 27.69 -8.04 -60.88
C GLY A 442 27.48 -6.87 -59.97
N ARG A 443 26.46 -6.91 -59.11
CA ARG A 443 26.22 -5.88 -58.11
C ARG A 443 27.03 -6.12 -56.83
N ILE A 444 28.12 -6.90 -56.90
CA ILE A 444 29.06 -6.96 -55.80
C ILE A 444 29.67 -5.59 -55.53
N THR A 445 29.77 -4.75 -56.57
CA THR A 445 30.27 -3.39 -56.37
C THR A 445 29.24 -2.54 -55.62
N ASP A 446 27.94 -2.84 -55.80
CA ASP A 446 26.93 -2.23 -54.93
C ASP A 446 27.15 -2.62 -53.48
N ALA A 447 27.44 -3.91 -53.24
CA ALA A 447 27.57 -4.42 -51.88
C ALA A 447 28.81 -3.89 -51.16
N ILE A 448 29.79 -3.36 -51.88
CA ILE A 448 30.88 -2.71 -51.17
C ILE A 448 30.46 -1.30 -50.75
N SER A 449 29.61 -0.64 -51.53
CA SER A 449 29.15 0.69 -51.13
C SER A 449 28.19 0.64 -49.95
N LEU A 450 27.71 -0.55 -49.59
CA LEU A 450 27.00 -0.74 -48.33
C LEU A 450 27.97 -0.86 -47.16
N ILE A 451 29.03 -1.66 -47.33
CA ILE A 451 30.10 -1.72 -46.34
C ILE A 451 30.72 -0.35 -46.15
N ASN A 452 30.81 0.44 -47.23
CA ASN A 452 31.28 1.82 -47.09
C ASN A 452 30.36 2.64 -46.19
N GLU A 453 29.04 2.55 -46.38
CA GLU A 453 28.13 3.35 -45.56
C GLU A 453 28.37 3.10 -44.08
N VAL A 454 28.48 1.82 -43.69
CA VAL A 454 28.75 1.48 -42.30
C VAL A 454 30.15 1.94 -41.91
N ARG A 455 31.14 1.61 -42.73
CA ARG A 455 32.53 1.95 -42.40
C ARG A 455 32.75 3.46 -42.36
N SER A 456 32.09 4.20 -43.27
CA SER A 456 32.30 5.63 -43.30
C SER A 456 31.71 6.28 -42.05
N ARG A 457 30.53 5.83 -41.62
CA ARG A 457 29.94 6.34 -40.38
C ARG A 457 30.89 6.16 -39.21
N ALA A 458 31.49 4.98 -39.07
CA ALA A 458 32.34 4.71 -37.92
C ALA A 458 33.59 5.57 -37.92
N ALA A 459 34.02 6.03 -39.09
CA ALA A 459 35.22 6.84 -39.16
C ALA A 459 35.06 8.16 -38.43
N GLY A 460 33.83 8.68 -38.33
CA GLY A 460 33.56 9.99 -37.77
C GLY A 460 32.87 9.97 -36.42
N SER A 461 32.64 8.76 -35.91
CA SER A 461 31.99 8.58 -34.62
C SER A 461 33.01 8.89 -33.52
N THR A 462 33.32 10.18 -33.38
CA THR A 462 34.28 10.62 -32.38
C THR A 462 33.76 11.81 -31.59
N MET A 463 32.47 12.07 -31.65
CA MET A 463 31.80 12.78 -30.58
C MET A 463 31.98 11.97 -29.30
N LEU A 464 32.27 12.67 -28.20
CA LEU A 464 32.55 12.08 -26.88
C LEU A 464 33.96 11.51 -26.75
N ILE A 465 34.62 11.18 -27.86
CA ILE A 465 35.98 10.67 -27.75
C ILE A 465 36.94 11.38 -28.71
N PHE A 466 36.58 12.57 -29.18
CA PHE A 466 37.54 13.35 -29.97
C PHE A 466 38.81 13.59 -29.15
N ASN A 467 38.64 14.01 -27.89
CA ASN A 467 39.74 14.43 -27.03
C ASN A 467 40.82 13.36 -26.85
N TYR A 468 40.54 12.10 -27.23
CA TYR A 468 41.45 11.02 -26.84
C TYR A 468 42.76 11.08 -27.60
N LYS A 469 42.77 11.71 -28.78
CA LYS A 469 44.01 11.88 -29.55
C LYS A 469 45.06 12.61 -28.72
N GLU A 470 44.73 13.79 -28.19
CA GLU A 470 45.74 14.55 -27.46
C GLU A 470 45.90 14.07 -26.01
N ASP A 471 44.86 13.46 -25.44
CA ASP A 471 44.93 13.10 -24.02
C ASP A 471 45.55 11.71 -23.80
N TYR A 472 45.16 10.72 -24.61
CA TYR A 472 45.64 9.37 -24.41
C TYR A 472 46.49 8.88 -25.57
N GLY A 473 46.62 9.66 -26.64
CA GLY A 473 47.53 9.30 -27.71
C GLY A 473 46.97 8.37 -28.75
N VAL A 474 45.70 8.43 -29.03
CA VAL A 474 45.03 7.46 -29.89
C VAL A 474 45.11 7.94 -31.34
N ASN A 475 45.18 7.00 -32.27
CA ASN A 475 45.29 7.31 -33.68
C ASN A 475 44.13 6.69 -34.43
N PHE A 476 43.08 7.48 -34.69
CA PHE A 476 41.94 6.98 -35.45
C PHE A 476 42.21 7.03 -36.96
N LYS A 477 42.18 5.87 -37.60
CA LYS A 477 42.18 5.83 -39.05
C LYS A 477 41.25 4.70 -39.47
N VAL A 478 40.15 5.07 -40.13
CA VAL A 478 39.22 4.12 -40.74
C VAL A 478 38.78 4.72 -42.07
N THR A 479 38.88 3.93 -43.13
CA THR A 479 38.78 4.37 -44.52
C THR A 479 37.82 3.49 -45.31
N PRO A 480 37.00 4.07 -46.21
CA PRO A 480 36.14 3.23 -47.05
C PRO A 480 36.93 2.56 -48.15
N TYR A 481 36.44 1.41 -48.60
CA TYR A 481 37.19 0.65 -49.61
C TYR A 481 37.01 1.28 -50.98
N ASP A 482 37.97 1.01 -51.87
CA ASP A 482 37.88 1.54 -53.22
C ASP A 482 36.77 0.82 -53.99
N LEU A 483 35.95 1.57 -54.72
CA LEU A 483 34.84 1.03 -55.51
C LEU A 483 35.35 0.44 -56.83
N LYS A 484 36.08 -0.66 -56.71
CA LYS A 484 36.71 -1.31 -57.85
C LYS A 484 36.20 -2.76 -57.98
N ALA A 485 36.92 -3.60 -58.72
CA ALA A 485 36.56 -5.01 -58.83
C ALA A 485 37.20 -5.77 -57.67
N TYR A 486 36.39 -6.58 -56.99
CA TYR A 486 36.83 -7.47 -55.92
C TYR A 486 36.35 -8.88 -56.19
N ALA A 487 37.22 -9.85 -55.94
CA ALA A 487 36.80 -11.24 -56.01
C ALA A 487 35.66 -11.50 -55.03
N GLN A 488 34.90 -12.57 -55.28
CA GLN A 488 33.83 -12.90 -54.35
C GLN A 488 34.41 -13.21 -52.98
N ASP A 489 35.30 -14.19 -52.90
CA ASP A 489 35.84 -14.59 -51.60
C ASP A 489 36.63 -13.48 -50.91
N GLU A 490 36.84 -12.33 -51.57
CA GLU A 490 37.46 -11.18 -50.93
C GLU A 490 36.45 -10.19 -50.39
N ALA A 491 35.34 -9.97 -51.11
CA ALA A 491 34.24 -9.21 -50.52
C ALA A 491 33.58 -9.97 -49.36
N MET A 492 33.74 -11.30 -49.31
CA MET A 492 33.34 -12.06 -48.14
C MET A 492 34.35 -11.94 -47.00
N LYS A 493 35.58 -11.55 -47.29
CA LYS A 493 36.51 -11.22 -46.21
C LYS A 493 36.21 -9.84 -45.64
N MET A 494 36.10 -8.83 -46.51
CA MET A 494 35.74 -7.48 -46.07
C MET A 494 34.40 -7.44 -45.34
N LEU A 495 33.47 -8.32 -45.69
CA LEU A 495 32.15 -8.28 -45.06
C LEU A 495 32.17 -8.92 -43.68
N LYS A 496 32.87 -10.05 -43.53
CA LYS A 496 32.98 -10.67 -42.21
C LYS A 496 33.67 -9.73 -41.23
N TRP A 497 34.50 -8.82 -41.73
CA TRP A 497 35.22 -7.94 -40.81
C TRP A 497 34.38 -6.75 -40.37
N GLU A 498 33.57 -6.20 -41.27
CA GLU A 498 32.71 -5.09 -40.87
C GLU A 498 31.73 -5.55 -39.79
N ARG A 499 31.18 -6.75 -39.96
CA ARG A 499 30.36 -7.33 -38.92
C ARG A 499 31.15 -7.48 -37.62
N ARG A 500 32.43 -7.83 -37.71
CA ARG A 500 33.20 -8.09 -36.51
C ARG A 500 33.40 -6.82 -35.69
N VAL A 501 33.73 -5.70 -36.35
CA VAL A 501 34.00 -4.45 -35.63
C VAL A 501 32.78 -3.56 -35.50
N GLU A 502 31.68 -3.87 -36.20
CA GLU A 502 30.43 -3.19 -35.93
C GLU A 502 29.68 -3.81 -34.75
N PHE A 503 29.68 -5.13 -34.64
CA PHE A 503 28.73 -5.80 -33.77
C PHE A 503 29.35 -6.46 -32.55
N GLY A 504 30.53 -6.03 -32.12
CA GLY A 504 31.18 -6.66 -30.98
C GLY A 504 30.29 -6.75 -29.77
N MET A 505 30.47 -7.80 -28.97
CA MET A 505 29.74 -8.00 -27.72
C MET A 505 28.22 -7.96 -27.88
N GLU A 506 27.72 -7.70 -29.09
CA GLU A 506 26.29 -7.69 -29.35
C GLU A 506 25.75 -9.07 -29.68
N SER A 507 26.43 -10.12 -29.25
CA SER A 507 25.91 -11.49 -29.16
C SER A 507 25.55 -12.08 -30.51
N SER A 508 26.01 -11.45 -31.60
CA SER A 508 25.79 -11.94 -32.95
C SER A 508 26.93 -12.80 -33.47
N ARG A 509 28.11 -12.70 -32.85
CA ARG A 509 29.36 -13.26 -33.37
C ARG A 509 29.27 -14.75 -33.68
N PHE A 510 29.35 -15.60 -32.65
CA PHE A 510 29.31 -17.05 -32.83
C PHE A 510 28.20 -17.48 -33.78
N PHE A 511 27.01 -16.88 -33.62
CA PHE A 511 25.85 -17.29 -34.42
C PHE A 511 26.11 -17.05 -35.90
N ASP A 512 26.92 -16.03 -36.23
CA ASP A 512 27.39 -15.83 -37.60
C ASP A 512 28.23 -17.02 -38.05
N LEU A 513 29.27 -17.32 -37.27
CA LEU A 513 30.24 -18.34 -37.63
C LEU A 513 29.54 -19.62 -38.05
N VAL A 514 28.62 -20.10 -37.21
CA VAL A 514 27.88 -21.32 -37.49
C VAL A 514 27.12 -21.19 -38.80
N ARG A 515 26.51 -20.04 -39.02
CA ARG A 515 25.83 -19.82 -40.29
C ARG A 515 26.80 -20.00 -41.44
N TRP A 516 27.95 -19.33 -41.36
CA TRP A 516 29.03 -19.48 -42.31
C TRP A 516 29.60 -20.89 -42.35
N GLY A 517 29.29 -21.75 -41.38
CA GLY A 517 29.82 -23.08 -41.45
C GLY A 517 31.30 -23.19 -41.20
N GLU A 518 31.95 -22.08 -40.83
CA GLU A 518 33.32 -22.11 -40.33
C GLU A 518 33.36 -22.06 -38.81
N ALA A 519 32.32 -22.60 -38.17
CA ALA A 519 32.29 -22.70 -36.71
C ALA A 519 33.55 -23.38 -36.19
N LYS A 520 33.75 -24.64 -36.57
CA LYS A 520 34.87 -25.42 -36.07
C LYS A 520 36.19 -24.66 -36.23
N ASP A 521 36.44 -24.10 -37.41
CA ASP A 521 37.76 -23.60 -37.75
C ASP A 521 38.14 -22.37 -36.92
N VAL A 522 37.26 -21.37 -36.88
CA VAL A 522 37.63 -20.08 -36.34
C VAL A 522 37.73 -20.12 -34.81
N ILE A 523 36.91 -20.94 -34.16
CA ILE A 523 36.94 -21.00 -32.71
C ILE A 523 38.20 -21.73 -32.25
N ASN A 524 38.45 -22.94 -32.78
CA ASN A 524 39.64 -23.69 -32.41
C ASN A 524 40.91 -22.89 -32.65
N ALA A 525 41.00 -22.21 -33.78
CA ALA A 525 42.17 -21.37 -34.05
C ALA A 525 42.19 -20.14 -33.15
N TYR A 526 41.02 -19.65 -32.75
CA TYR A 526 41.00 -18.63 -31.70
C TYR A 526 41.31 -19.24 -30.34
N TYR A 527 40.87 -20.47 -30.10
CA TYR A 527 41.26 -21.16 -28.87
C TYR A 527 42.77 -21.22 -28.72
N VAL A 528 43.49 -21.51 -29.81
CA VAL A 528 44.94 -21.68 -29.74
C VAL A 528 45.63 -20.34 -29.48
N THR A 529 45.44 -19.38 -30.38
CA THR A 529 46.12 -18.10 -30.28
C THR A 529 45.79 -17.38 -28.98
N GLU A 530 44.58 -17.56 -28.45
CA GLU A 530 44.16 -16.88 -27.23
C GLU A 530 44.63 -17.56 -25.96
N ALA A 531 44.94 -18.86 -25.99
CA ALA A 531 45.27 -19.59 -24.76
C ALA A 531 46.60 -19.16 -24.13
N SER A 532 47.52 -18.57 -24.89
CA SER A 532 48.72 -18.03 -24.25
C SER A 532 48.42 -16.78 -23.43
N ARG A 533 47.21 -16.23 -23.56
CA ARG A 533 46.82 -15.02 -22.86
C ARG A 533 45.80 -15.25 -21.76
N CYS A 534 45.02 -16.35 -21.82
CA CYS A 534 43.92 -16.60 -20.89
C CYS A 534 43.86 -18.10 -20.62
N SER A 535 44.38 -18.51 -19.46
CA SER A 535 44.66 -19.92 -19.22
C SER A 535 43.41 -20.78 -19.20
N ILE A 536 42.21 -20.20 -19.16
CA ILE A 536 41.02 -21.03 -19.10
C ILE A 536 40.80 -21.74 -20.43
N TYR A 537 41.21 -21.11 -21.53
CA TYR A 537 41.04 -21.63 -22.88
C TYR A 537 42.05 -22.72 -23.22
N LYS A 538 42.96 -23.03 -22.30
CA LYS A 538 44.15 -23.82 -22.60
C LYS A 538 43.81 -25.26 -23.04
N ASN A 539 42.71 -25.81 -22.56
CA ASN A 539 42.31 -27.17 -22.92
C ASN A 539 40.99 -27.19 -23.69
N ALA A 540 40.62 -26.09 -24.33
CA ALA A 540 39.36 -26.00 -25.06
C ALA A 540 39.42 -26.91 -26.29
N GLY A 541 38.33 -26.91 -27.06
CA GLY A 541 38.27 -27.72 -28.25
C GLY A 541 36.86 -27.94 -28.76
N PHE A 542 36.61 -27.46 -29.98
CA PHE A 542 35.30 -27.51 -30.61
C PHE A 542 35.18 -28.78 -31.46
N THR A 543 34.10 -29.54 -31.27
CA THR A 543 33.87 -30.77 -32.03
C THR A 543 32.99 -30.46 -33.24
N GLU A 544 33.51 -30.71 -34.43
CA GLU A 544 32.78 -30.39 -35.66
C GLU A 544 31.56 -31.28 -35.81
N ASN A 545 30.48 -30.69 -36.29
CA ASN A 545 29.20 -31.36 -36.43
C ASN A 545 28.78 -31.98 -35.11
N LYS A 546 28.73 -31.10 -34.09
CA LYS A 546 28.20 -31.42 -32.77
C LYS A 546 27.93 -30.16 -31.96
N ASN A 547 28.87 -29.21 -32.00
CA ASN A 547 28.86 -28.02 -31.15
C ASN A 547 28.33 -26.77 -31.84
N GLU A 548 28.01 -26.81 -33.13
CA GLU A 548 27.41 -25.65 -33.76
C GLU A 548 26.09 -25.27 -33.10
N TYR A 549 25.46 -26.21 -32.42
CA TYR A 549 24.25 -25.90 -31.68
C TYR A 549 24.34 -26.49 -30.28
N LEU A 550 23.42 -26.08 -29.42
CA LEU A 550 23.24 -26.66 -28.11
C LEU A 550 22.46 -27.98 -28.24
N PRO A 551 22.63 -28.91 -27.31
CA PRO A 551 21.75 -30.07 -27.31
C PRO A 551 20.32 -29.62 -27.01
N VAL A 552 19.35 -30.34 -27.57
CA VAL A 552 18.00 -30.19 -27.02
C VAL A 552 18.08 -30.58 -25.55
N PRO A 553 17.45 -29.87 -24.61
CA PRO A 553 17.69 -30.17 -23.19
C PRO A 553 17.13 -31.54 -22.83
N PHE A 554 17.92 -32.28 -22.05
CA PHE A 554 17.53 -33.63 -21.64
C PHE A 554 16.09 -33.64 -21.19
N GLU A 555 15.76 -32.80 -20.21
CA GLU A 555 14.44 -32.79 -19.59
C GLU A 555 13.34 -32.50 -20.59
N GLN A 556 13.66 -31.86 -21.71
CA GLN A 556 12.61 -31.62 -22.70
C GLN A 556 12.40 -32.83 -23.58
N ILE A 557 13.50 -33.45 -24.06
CA ILE A 557 13.42 -34.76 -24.72
C ILE A 557 12.63 -35.75 -23.87
N SER A 558 13.00 -35.84 -22.60
CA SER A 558 12.52 -36.91 -21.75
C SER A 558 11.01 -36.82 -21.58
N ALA A 559 10.45 -35.61 -21.54
CA ALA A 559 9.03 -35.42 -21.28
C ALA A 559 8.16 -35.65 -22.52
N SER A 560 8.74 -35.57 -23.71
CA SER A 560 8.02 -35.89 -24.93
C SER A 560 7.65 -37.37 -25.02
N ASN A 561 8.25 -38.21 -24.18
CA ASN A 561 8.07 -39.66 -24.25
C ASN A 561 8.42 -40.19 -25.64
N GLY A 562 9.49 -39.64 -26.22
CA GLY A 562 10.06 -40.13 -27.44
C GLY A 562 9.67 -39.41 -28.70
N ASN A 563 8.96 -38.30 -28.60
CA ASN A 563 8.60 -37.55 -29.79
C ASN A 563 9.70 -36.61 -30.25
N TYR A 564 10.62 -36.24 -29.36
CA TYR A 564 11.67 -35.27 -29.67
C TYR A 564 12.93 -36.00 -30.13
N THR A 565 13.64 -35.39 -31.06
CA THR A 565 14.89 -35.89 -31.59
C THR A 565 16.05 -35.07 -31.08
N GLN A 566 17.15 -35.75 -30.77
CA GLN A 566 18.37 -35.06 -30.39
C GLN A 566 19.04 -34.41 -31.62
N ASN A 567 20.03 -33.55 -31.36
CA ASN A 567 20.89 -32.98 -32.38
C ASN A 567 22.00 -33.96 -32.74
N PHE A 568 22.65 -33.70 -33.87
CA PHE A 568 23.72 -34.58 -34.29
C PHE A 568 24.93 -34.35 -33.41
N GLY A 569 25.56 -35.45 -32.98
CA GLY A 569 26.77 -35.41 -32.17
C GLY A 569 26.59 -35.58 -30.68
N TRP A 570 25.35 -35.74 -30.19
CA TRP A 570 25.07 -35.82 -28.75
C TRP A 570 24.45 -37.14 -28.28
N GLY B 235 -18.17 -29.39 43.22
CA GLY B 235 -18.17 -30.75 43.74
C GLY B 235 -16.80 -31.25 44.14
N GLN B 236 -15.99 -31.62 43.15
CA GLN B 236 -14.58 -31.97 43.34
C GLN B 236 -13.75 -31.04 42.48
N ILE B 237 -12.75 -30.41 43.08
CA ILE B 237 -11.92 -29.42 42.42
C ILE B 237 -10.51 -29.95 42.28
N LYS B 238 -10.03 -30.04 41.03
CA LYS B 238 -8.66 -30.46 40.77
C LYS B 238 -7.84 -29.28 40.26
N ILE B 239 -6.61 -29.15 40.77
CA ILE B 239 -5.67 -28.10 40.38
C ILE B 239 -4.36 -28.74 39.95
N ASN B 240 -3.87 -28.38 38.77
CA ASN B 240 -2.59 -28.92 38.28
C ASN B 240 -1.68 -27.79 37.84
N PHE B 241 -0.47 -27.75 38.41
CA PHE B 241 0.56 -26.82 37.99
C PHE B 241 1.75 -27.56 37.41
N ASP B 242 2.30 -27.04 36.32
CA ASP B 242 3.47 -27.60 35.67
C ASP B 242 4.39 -26.47 35.26
N ALA B 243 5.71 -26.68 35.40
CA ALA B 243 6.69 -25.72 34.91
C ALA B 243 7.99 -26.41 34.50
N SER B 244 8.67 -25.83 33.50
CA SER B 244 9.87 -26.37 32.84
C SER B 244 10.86 -25.26 32.51
N VAL B 245 12.15 -25.54 32.63
CA VAL B 245 13.13 -24.84 31.81
C VAL B 245 13.88 -25.86 30.99
N SER B 246 14.34 -25.42 29.82
CA SER B 246 14.97 -26.35 28.91
C SER B 246 16.06 -25.58 28.14
N ALA B 247 17.31 -26.00 28.30
CA ALA B 247 18.39 -25.47 27.47
C ALA B 247 18.53 -26.33 26.24
N SER B 248 19.03 -25.73 25.15
CA SER B 248 18.79 -26.28 23.82
C SER B 248 19.95 -25.93 22.90
N MET B 249 20.78 -26.91 22.53
CA MET B 249 22.12 -26.69 21.99
C MET B 249 22.32 -27.51 20.70
N TYR B 250 22.86 -26.87 19.65
CA TYR B 250 23.34 -27.61 18.47
C TYR B 250 24.56 -28.38 18.89
N GLN B 251 24.57 -29.70 18.67
CA GLN B 251 25.66 -30.52 19.21
C GLN B 251 26.66 -30.97 18.13
N SER B 252 26.35 -30.72 16.88
CA SER B 252 27.18 -31.13 15.75
C SER B 252 26.77 -30.28 14.58
N LYS B 253 27.60 -30.27 13.54
CA LYS B 253 27.30 -29.58 12.30
C LYS B 253 28.32 -30.03 11.28
N MET B 254 28.00 -29.87 10.00
CA MET B 254 29.03 -30.04 8.98
C MET B 254 30.20 -29.15 9.28
N ASN B 255 31.38 -29.74 9.40
CA ASN B 255 32.56 -28.93 9.58
C ASN B 255 32.96 -28.36 8.23
N VAL B 256 33.43 -27.11 8.24
CA VAL B 256 33.79 -26.39 7.03
C VAL B 256 35.25 -25.94 7.14
N LEU B 257 35.81 -25.48 6.02
CA LEU B 257 37.21 -25.07 6.01
C LEU B 257 37.51 -23.94 6.98
N ASN B 258 38.55 -24.16 7.80
CA ASN B 258 39.38 -23.12 8.38
C ASN B 258 39.78 -22.12 7.31
N THR B 259 40.12 -20.89 7.71
CA THR B 259 40.69 -20.01 6.70
C THR B 259 42.07 -20.51 6.31
N GLU B 260 42.76 -21.20 7.23
CA GLU B 260 43.98 -21.94 6.91
C GLU B 260 43.75 -22.99 5.81
N GLN B 261 42.77 -23.87 6.00
CA GLN B 261 42.53 -24.95 5.05
C GLN B 261 41.87 -24.48 3.78
N TYR B 262 41.15 -23.35 3.82
CA TYR B 262 40.56 -22.81 2.60
C TYR B 262 41.60 -22.54 1.55
N GLY B 263 42.81 -22.17 1.97
CA GLY B 263 43.90 -21.94 1.04
C GLY B 263 44.58 -23.22 0.60
N ARG B 264 44.77 -24.14 1.55
CA ARG B 264 45.26 -25.47 1.19
C ARG B 264 44.36 -26.10 0.13
N ALA B 265 43.05 -25.96 0.29
CA ALA B 265 42.15 -26.57 -0.66
C ALA B 265 42.31 -25.94 -2.03
N MET B 266 42.47 -24.62 -2.08
CA MET B 266 42.59 -23.94 -3.38
C MET B 266 43.92 -24.28 -4.06
N TRP B 267 45.04 -24.07 -3.37
CA TRP B 267 46.34 -24.48 -3.89
C TRP B 267 46.28 -25.88 -4.48
N GLN B 268 45.72 -26.83 -3.73
CA GLN B 268 45.61 -28.20 -4.24
C GLN B 268 44.77 -28.24 -5.50
N ALA B 269 43.68 -27.47 -5.56
CA ALA B 269 42.87 -27.46 -6.77
C ALA B 269 43.65 -26.87 -7.93
N TYR B 270 44.34 -25.76 -7.71
CA TYR B 270 45.06 -25.07 -8.77
C TYR B 270 46.15 -25.96 -9.36
N VAL B 271 46.97 -26.57 -8.50
CA VAL B 271 48.12 -27.35 -8.98
C VAL B 271 47.67 -28.67 -9.57
N ASN B 272 46.58 -29.25 -9.09
CA ASN B 272 45.99 -30.43 -9.73
C ASN B 272 45.60 -30.13 -11.17
N ASP B 273 45.23 -28.89 -11.45
CA ASP B 273 44.82 -28.48 -12.78
C ASP B 273 45.96 -27.81 -13.54
N GLY B 274 47.12 -27.63 -12.92
CA GLY B 274 48.29 -27.22 -13.66
C GLY B 274 48.28 -25.77 -14.08
N GLU B 275 47.65 -24.90 -13.30
CA GLU B 275 47.88 -23.48 -13.43
C GLU B 275 48.48 -22.98 -12.13
N ASN B 276 49.17 -21.84 -12.21
CA ASN B 276 49.96 -21.35 -11.09
C ASN B 276 49.07 -21.06 -9.89
N PRO B 277 49.26 -21.75 -8.76
CA PRO B 277 48.40 -21.50 -7.60
C PRO B 277 48.50 -20.09 -7.10
N ASN B 278 49.46 -19.30 -7.57
CA ASN B 278 49.64 -17.99 -7.01
C ASN B 278 48.86 -16.92 -7.73
N GLY B 279 48.13 -17.29 -8.79
CA GLY B 279 47.31 -16.34 -9.51
C GLY B 279 45.84 -16.42 -9.13
N ASN B 280 45.58 -16.76 -7.86
CA ASN B 280 44.23 -16.82 -7.35
C ASN B 280 43.67 -15.43 -7.12
N ALA B 281 42.34 -15.32 -7.16
CA ALA B 281 41.69 -14.03 -6.97
C ALA B 281 41.63 -13.60 -5.52
N LEU B 282 41.94 -14.48 -4.57
CA LEU B 282 41.85 -14.13 -3.17
C LEU B 282 43.20 -14.01 -2.49
N GLY B 283 44.29 -14.43 -3.18
CA GLY B 283 45.66 -14.55 -2.66
C GLY B 283 46.03 -14.11 -1.26
N TYR B 284 46.50 -14.98 -0.35
CA TYR B 284 46.82 -16.41 -0.46
C TYR B 284 47.98 -16.55 -1.39
N ALA B 285 49.15 -16.37 -0.80
CA ALA B 285 50.44 -16.55 -1.45
C ALA B 285 51.11 -17.79 -0.87
N TYR B 286 51.60 -18.66 -1.75
CA TYR B 286 52.14 -19.94 -1.34
C TYR B 286 53.60 -20.06 -1.76
N ASN B 287 54.42 -20.66 -0.90
CA ASN B 287 55.70 -21.19 -1.35
C ASN B 287 55.54 -22.71 -1.37
N TRP B 288 55.29 -23.25 -2.56
CA TRP B 288 55.19 -24.67 -2.76
C TRP B 288 56.44 -25.15 -3.51
N GLY B 289 56.30 -26.21 -4.29
CA GLY B 289 57.42 -26.78 -5.00
C GLY B 289 57.15 -28.24 -5.28
N TYR B 290 58.21 -28.95 -5.63
CA TYR B 290 58.04 -30.36 -5.90
C TYR B 290 58.96 -31.18 -5.01
N ASN B 291 58.48 -32.37 -4.67
CA ASN B 291 59.31 -33.42 -4.10
C ASN B 291 60.08 -34.15 -5.20
N ALA B 292 61.21 -34.75 -4.82
CA ALA B 292 61.96 -35.55 -5.78
C ALA B 292 61.11 -36.74 -6.18
N ASP B 293 60.08 -36.49 -6.98
CA ASP B 293 59.03 -37.43 -7.35
C ASP B 293 58.16 -36.80 -8.42
N GLY B 294 58.37 -35.49 -8.61
CA GLY B 294 57.64 -34.70 -9.57
C GLY B 294 56.41 -34.04 -9.02
N ASN B 295 55.85 -34.59 -7.94
CA ASN B 295 54.59 -34.11 -7.41
C ASN B 295 54.74 -32.76 -6.74
N PRO B 296 53.63 -32.02 -6.59
CA PRO B 296 53.66 -30.75 -5.87
C PRO B 296 53.47 -30.96 -4.37
N VAL B 297 54.14 -30.10 -3.62
CA VAL B 297 54.16 -30.14 -2.16
C VAL B 297 53.95 -28.72 -1.64
N LEU B 298 52.97 -28.54 -0.75
CA LEU B 298 52.76 -27.23 -0.14
C LEU B 298 53.64 -27.08 1.11
N TYR B 299 54.46 -26.03 1.12
CA TYR B 299 55.33 -25.74 2.25
C TYR B 299 54.76 -24.70 3.20
N GLY B 300 53.88 -23.81 2.72
CA GLY B 300 53.43 -22.74 3.57
C GLY B 300 52.55 -21.69 2.91
N MET B 301 51.74 -21.02 3.72
CA MET B 301 50.74 -20.07 3.27
C MET B 301 50.89 -18.72 3.97
N THR B 302 50.54 -17.65 3.25
CA THR B 302 50.55 -16.32 3.85
C THR B 302 49.41 -15.51 3.27
N LEU B 303 48.64 -14.88 4.16
CA LEU B 303 47.60 -13.91 3.82
C LEU B 303 47.89 -12.60 4.55
N SER B 304 47.57 -11.50 3.90
CA SER B 304 48.17 -10.22 4.26
C SER B 304 47.23 -9.39 5.12
N LYS B 305 46.87 -9.93 6.28
CA LYS B 305 46.22 -9.12 7.31
C LYS B 305 44.88 -8.47 6.91
N TYR B 306 44.81 -7.78 5.77
CA TYR B 306 43.55 -7.29 5.26
C TYR B 306 43.24 -7.94 3.92
N LEU B 307 41.96 -8.01 3.58
CA LEU B 307 41.59 -8.75 2.39
C LEU B 307 41.68 -7.93 1.11
N ASP B 308 41.90 -6.60 1.21
CA ASP B 308 41.97 -5.69 0.07
C ASP B 308 43.21 -4.80 0.16
N SER B 309 43.46 -4.07 -0.92
CA SER B 309 44.57 -3.12 -0.94
C SER B 309 44.16 -1.77 -0.40
N LYS B 310 43.32 -1.75 0.62
CA LYS B 310 42.80 -0.50 1.16
C LYS B 310 42.60 -0.64 2.65
N ASN B 311 42.53 -1.89 3.12
CA ASN B 311 42.54 -2.25 4.53
C ASN B 311 41.22 -1.90 5.21
N THR B 312 40.12 -2.21 4.54
CA THR B 312 38.81 -2.04 5.13
C THR B 312 38.31 -3.31 5.78
N MET B 313 38.77 -4.46 5.30
CA MET B 313 38.31 -5.77 5.72
C MET B 313 39.45 -6.61 6.25
N PRO B 314 39.69 -6.65 7.56
CA PRO B 314 40.78 -7.48 8.12
C PRO B 314 40.54 -8.97 7.90
N VAL B 315 41.62 -9.74 7.95
CA VAL B 315 41.50 -11.19 7.79
C VAL B 315 41.03 -11.77 9.11
N ALA B 316 40.11 -12.73 9.04
CA ALA B 316 39.66 -13.41 10.24
C ALA B 316 39.68 -14.90 9.95
N ASP B 317 39.37 -15.70 11.00
CA ASP B 317 39.09 -17.14 10.87
C ASP B 317 37.75 -17.39 11.56
N THR B 318 36.68 -16.94 10.92
CA THR B 318 35.38 -16.91 11.58
C THR B 318 34.76 -18.31 11.69
N ASP B 319 34.22 -18.64 12.86
CA ASP B 319 33.33 -19.80 12.96
C ASP B 319 31.90 -19.31 12.75
N TRP B 320 31.53 -19.21 11.48
CA TRP B 320 30.26 -18.60 11.14
C TRP B 320 29.08 -19.35 11.73
N PHE B 321 29.22 -20.64 12.07
CA PHE B 321 28.15 -21.32 12.78
C PHE B 321 28.09 -20.87 14.23
N ASP B 322 29.22 -20.94 14.94
CA ASP B 322 29.24 -20.49 16.32
C ASP B 322 28.90 -19.02 16.43
N GLU B 323 29.00 -18.29 15.33
CA GLU B 323 28.75 -16.87 15.36
C GLU B 323 27.26 -16.57 15.27
N ILE B 324 26.47 -17.40 14.60
CA ILE B 324 25.04 -17.09 14.53
C ILE B 324 24.22 -18.10 15.33
N THR B 325 24.79 -18.59 16.44
CA THR B 325 24.23 -19.68 17.21
C THR B 325 24.43 -19.44 18.69
N ARG B 326 23.39 -19.74 19.45
CA ARG B 326 23.26 -19.53 20.88
C ARG B 326 23.04 -20.88 21.50
N THR B 327 23.13 -20.92 22.83
CA THR B 327 22.40 -21.94 23.56
C THR B 327 20.98 -21.44 23.60
N GLY B 328 20.05 -22.24 23.09
CA GLY B 328 18.63 -21.90 23.22
C GLY B 328 18.10 -22.16 24.62
N VAL B 329 17.11 -21.38 25.02
CA VAL B 329 16.54 -21.55 26.35
C VAL B 329 15.02 -21.43 26.29
N ILE B 330 14.35 -22.39 26.92
CA ILE B 330 12.91 -22.52 26.89
C ILE B 330 12.41 -22.51 28.32
N GLN B 331 11.40 -21.72 28.59
CA GLN B 331 10.73 -21.81 29.87
C GLN B 331 9.25 -21.82 29.57
N GLN B 332 8.50 -22.58 30.37
CA GLN B 332 7.06 -22.63 30.21
C GLN B 332 6.43 -23.00 31.53
N TYR B 333 5.26 -22.42 31.81
CA TYR B 333 4.45 -22.87 32.92
C TYR B 333 3.00 -23.04 32.47
N ASN B 334 2.27 -23.87 33.24
CA ASN B 334 0.83 -24.03 32.99
C ASN B 334 0.04 -24.39 34.24
N LEU B 335 -0.99 -23.60 34.53
CA LEU B 335 -1.88 -23.80 35.67
C LEU B 335 -3.30 -24.11 35.18
N SER B 336 -3.87 -25.22 35.63
CA SER B 336 -5.22 -25.55 35.19
C SER B 336 -6.04 -26.06 36.36
N VAL B 337 -7.35 -25.74 36.31
CA VAL B 337 -8.27 -25.95 37.43
C VAL B 337 -9.63 -26.33 36.88
N SER B 338 -10.16 -27.46 37.34
CA SER B 338 -11.48 -27.94 36.93
C SER B 338 -12.40 -28.14 38.13
N ASN B 339 -13.70 -28.00 37.87
CA ASN B 339 -14.74 -28.07 38.90
C ASN B 339 -15.88 -28.88 38.32
N GLY B 340 -16.13 -30.04 38.91
CA GLY B 340 -17.22 -30.87 38.45
C GLY B 340 -18.26 -31.09 39.51
N SER B 341 -19.30 -30.26 39.54
CA SER B 341 -20.51 -30.66 40.22
C SER B 341 -21.30 -31.54 39.27
N GLU B 342 -22.47 -31.98 39.70
CA GLU B 342 -23.39 -32.64 38.80
C GLU B 342 -24.64 -31.77 38.73
N LYS B 343 -24.92 -31.31 37.52
CA LYS B 343 -25.54 -30.04 37.20
C LYS B 343 -24.71 -29.50 36.03
N GLY B 344 -23.40 -29.62 36.15
CA GLY B 344 -22.51 -29.13 35.10
C GLY B 344 -21.09 -29.06 35.62
N SER B 345 -20.19 -28.71 34.73
CA SER B 345 -18.78 -28.75 35.10
C SER B 345 -17.98 -27.82 34.21
N SER B 346 -17.13 -27.01 34.82
CA SER B 346 -16.33 -26.02 34.10
C SER B 346 -14.84 -26.34 34.25
N PHE B 347 -14.04 -25.62 33.46
CA PHE B 347 -12.59 -25.82 33.39
C PHE B 347 -11.95 -24.52 32.96
N PHE B 348 -10.70 -24.34 33.39
CA PHE B 348 -10.01 -23.06 33.20
C PHE B 348 -8.53 -23.33 33.22
N SER B 349 -7.79 -22.62 32.37
CA SER B 349 -6.41 -22.98 32.14
C SER B 349 -5.67 -21.76 31.60
N LEU B 350 -4.54 -21.43 32.21
CA LEU B 350 -3.67 -20.36 31.76
C LEU B 350 -2.29 -20.94 31.50
N GLY B 351 -1.61 -20.48 30.47
CA GLY B 351 -0.21 -20.87 30.45
C GLY B 351 0.63 -20.03 29.52
N TYR B 352 1.95 -20.21 29.63
CA TYR B 352 2.88 -19.32 28.97
C TYR B 352 4.11 -20.10 28.54
N TYR B 353 4.58 -19.85 27.33
CA TYR B 353 5.75 -20.53 26.77
C TYR B 353 6.61 -19.45 26.14
N LYS B 354 7.91 -19.50 26.40
CA LYS B 354 8.85 -18.54 25.87
C LYS B 354 10.09 -19.28 25.49
N ASN B 355 10.74 -18.80 24.42
CA ASN B 355 11.75 -19.57 23.72
C ASN B 355 12.72 -18.62 23.06
N LEU B 356 13.91 -18.50 23.65
CA LEU B 356 15.07 -17.93 22.96
C LEU B 356 15.59 -18.91 21.94
N GLY B 357 15.45 -18.55 20.67
CA GLY B 357 15.82 -19.46 19.61
C GLY B 357 17.28 -19.88 19.70
N VAL B 358 17.58 -21.03 19.11
CA VAL B 358 18.96 -21.41 19.04
C VAL B 358 19.69 -20.55 17.97
N ILE B 359 18.96 -19.91 17.06
CA ILE B 359 19.52 -18.87 16.20
C ILE B 359 19.53 -17.55 16.95
N LYS B 360 20.65 -16.81 16.89
CA LYS B 360 20.70 -15.49 17.53
C LYS B 360 19.68 -14.53 16.93
N ASP B 361 19.34 -13.50 17.71
CA ASP B 361 18.37 -12.44 17.32
C ASP B 361 17.03 -12.99 16.85
N THR B 362 16.54 -14.02 17.57
CA THR B 362 15.28 -14.70 17.30
C THR B 362 14.67 -15.13 18.64
N ASP B 363 13.34 -15.21 18.69
CA ASP B 363 12.62 -15.52 19.92
C ASP B 363 11.19 -15.89 19.57
N PHE B 364 10.48 -16.39 20.56
CA PHE B 364 9.10 -16.82 20.37
C PHE B 364 8.41 -16.93 21.72
N ASP B 365 7.16 -16.46 21.78
CA ASP B 365 6.37 -16.64 22.99
C ASP B 365 4.92 -16.85 22.64
N ARG B 366 4.19 -17.47 23.60
CA ARG B 366 2.79 -17.86 23.47
C ARG B 366 2.10 -17.85 24.84
N PHE B 367 0.92 -17.22 24.90
CA PHE B 367 0.00 -17.25 26.04
C PHE B 367 -1.25 -18.01 25.62
N SER B 368 -1.69 -18.97 26.44
CA SER B 368 -2.95 -19.66 26.19
C SER B 368 -3.91 -19.43 27.35
N ALA B 369 -5.19 -19.35 27.01
CA ALA B 369 -6.24 -19.49 28.01
C ALA B 369 -7.29 -20.44 27.47
N ARG B 370 -7.71 -21.39 28.29
CA ARG B 370 -8.80 -22.28 27.93
C ARG B 370 -9.90 -22.16 28.97
N MET B 371 -11.14 -22.11 28.50
CA MET B 371 -12.34 -21.94 29.34
C MET B 371 -13.45 -22.81 28.74
N ASN B 372 -13.61 -24.02 29.28
CA ASN B 372 -14.65 -24.98 28.88
C ASN B 372 -15.72 -25.15 29.96
N SER B 373 -16.94 -25.46 29.54
CA SER B 373 -17.98 -25.70 30.52
C SER B 373 -19.20 -26.36 29.90
N ASP B 374 -19.99 -27.00 30.75
CA ASP B 374 -21.28 -27.52 30.34
C ASP B 374 -22.29 -27.33 31.47
N TYR B 375 -23.57 -27.48 31.11
CA TYR B 375 -24.70 -27.32 32.02
C TYR B 375 -25.75 -28.39 31.74
N LYS B 376 -26.33 -28.92 32.81
CA LYS B 376 -27.41 -29.90 32.72
C LYS B 376 -28.72 -29.19 33.00
N LEU B 377 -29.42 -28.82 31.93
CA LEU B 377 -30.63 -28.00 32.03
C LEU B 377 -31.83 -28.81 32.51
N ILE B 378 -31.86 -30.10 32.17
CA ILE B 378 -32.95 -31.00 32.53
C ILE B 378 -32.31 -32.36 32.75
N ASP B 379 -32.46 -32.90 33.96
CA ASP B 379 -31.40 -33.67 34.61
C ASP B 379 -30.82 -34.80 33.76
N ASP B 380 -31.60 -35.37 32.86
CA ASP B 380 -30.99 -36.34 31.97
C ASP B 380 -31.55 -36.20 30.55
N ILE B 381 -31.70 -34.96 30.09
CA ILE B 381 -32.44 -34.73 28.87
C ILE B 381 -31.81 -33.63 28.01
N LEU B 382 -31.45 -32.49 28.62
CA LEU B 382 -30.85 -31.38 27.88
C LEU B 382 -29.51 -30.96 28.49
N THR B 383 -28.40 -31.36 27.89
CA THR B 383 -27.13 -30.72 28.22
C THR B 383 -26.84 -29.64 27.19
N ILE B 384 -26.20 -28.56 27.64
CA ILE B 384 -25.70 -27.50 26.76
C ILE B 384 -24.27 -27.16 27.19
N GLY B 385 -23.40 -26.89 26.22
CA GLY B 385 -21.99 -26.70 26.56
C GLY B 385 -21.23 -25.93 25.51
N GLN B 386 -20.00 -25.56 25.89
CA GLN B 386 -19.08 -24.70 25.16
C GLN B 386 -17.62 -25.06 25.45
N HIS B 387 -16.78 -25.03 24.40
CA HIS B 387 -15.33 -25.13 24.57
C HIS B 387 -14.69 -23.86 24.04
N PHE B 388 -13.67 -23.37 24.71
CA PHE B 388 -13.03 -22.17 24.20
C PHE B 388 -11.56 -22.12 24.54
N THR B 389 -10.80 -21.61 23.60
CA THR B 389 -9.34 -21.57 23.67
C THR B 389 -8.89 -20.26 23.04
N LEU B 390 -7.95 -19.56 23.67
CA LEU B 390 -7.52 -18.25 23.19
C LEU B 390 -6.01 -18.17 23.24
N ASN B 391 -5.37 -17.92 22.10
CA ASN B 391 -3.92 -17.95 22.01
C ASN B 391 -3.39 -16.63 21.51
N ARG B 392 -2.19 -16.26 21.98
CA ARG B 392 -1.49 -15.11 21.42
C ARG B 392 -0.01 -15.44 21.27
N THR B 393 0.47 -15.38 20.04
CA THR B 393 1.83 -15.72 19.70
C THR B 393 2.58 -14.48 19.24
N SER B 394 3.87 -14.45 19.52
CA SER B 394 4.76 -13.41 19.03
C SER B 394 6.13 -14.02 18.80
N GLU B 395 6.65 -13.88 17.58
CA GLU B 395 7.91 -14.45 17.18
C GLU B 395 8.63 -13.48 16.25
N VAL B 396 9.97 -13.49 16.34
CA VAL B 396 10.85 -13.04 15.28
C VAL B 396 11.47 -14.31 14.68
N GLN B 397 11.11 -14.63 13.44
CA GLN B 397 11.60 -15.85 12.79
C GLN B 397 13.01 -15.70 12.24
N ALA B 398 13.75 -16.80 12.18
CA ALA B 398 15.03 -16.75 11.50
C ALA B 398 14.81 -16.66 10.00
N PRO B 399 15.66 -15.92 9.27
CA PRO B 399 15.52 -15.85 7.81
C PRO B 399 15.70 -17.20 7.11
N GLY B 400 14.98 -17.35 6.00
CA GLY B 400 15.23 -18.41 5.03
C GLY B 400 16.65 -18.94 5.00
N GLY B 401 16.82 -20.17 5.46
CA GLY B 401 18.11 -20.85 5.49
C GLY B 401 19.34 -20.02 5.76
N ILE B 402 19.48 -19.45 6.95
CA ILE B 402 20.73 -18.76 7.25
C ILE B 402 21.81 -19.72 7.66
N ILE B 403 21.49 -20.76 8.42
CA ILE B 403 22.56 -21.70 8.79
C ILE B 403 23.24 -22.22 7.53
N GLU B 404 22.43 -22.61 6.55
CA GLU B 404 22.94 -22.95 5.24
C GLU B 404 23.82 -21.83 4.69
N THR B 405 23.45 -20.59 4.89
CA THR B 405 24.23 -19.51 4.32
C THR B 405 25.41 -19.14 5.21
N ALA B 406 25.46 -19.66 6.44
CA ALA B 406 26.61 -19.46 7.31
C ALA B 406 27.70 -20.44 6.97
N LEU B 407 27.32 -21.59 6.46
CA LEU B 407 28.30 -22.62 6.20
C LEU B 407 29.03 -22.39 4.88
N ASP B 408 28.48 -21.58 3.97
CA ASP B 408 29.27 -21.29 2.79
C ASP B 408 29.58 -19.80 2.64
N ILE B 409 30.11 -19.19 3.69
CA ILE B 409 30.69 -17.84 3.63
C ILE B 409 32.09 -18.02 4.20
N PRO B 410 33.12 -17.95 3.37
CA PRO B 410 34.47 -18.32 3.82
C PRO B 410 34.88 -17.67 5.13
N SER B 411 35.59 -18.43 5.95
CA SER B 411 36.05 -17.97 7.24
C SER B 411 37.03 -16.83 7.13
N ALA B 412 37.49 -16.51 5.93
CA ALA B 412 38.43 -15.41 5.78
C ALA B 412 37.76 -14.04 5.97
N ILE B 413 36.50 -13.92 5.57
CA ILE B 413 35.64 -12.77 5.86
C ILE B 413 35.62 -12.57 7.37
N PRO B 414 35.61 -11.35 7.85
CA PRO B 414 35.49 -11.13 9.30
C PRO B 414 34.06 -10.93 9.74
N VAL B 415 33.81 -10.77 11.04
CA VAL B 415 32.46 -10.39 11.42
C VAL B 415 32.30 -8.89 11.32
N TYR B 416 33.24 -8.16 11.90
CA TYR B 416 33.27 -6.72 11.84
C TYR B 416 34.38 -6.27 10.90
N ALA B 417 34.12 -5.18 10.17
CA ALA B 417 35.13 -4.53 9.36
C ALA B 417 36.11 -3.80 10.29
N SER B 418 37.00 -2.99 9.71
CA SER B 418 38.09 -2.36 10.47
C SER B 418 37.68 -1.10 11.23
N ASP B 419 36.65 -0.38 10.75
CA ASP B 419 36.01 0.64 11.59
C ASP B 419 35.20 0.01 12.73
N GLY B 420 34.26 -0.85 12.40
CA GLY B 420 33.48 -1.53 13.42
C GLY B 420 32.14 -1.85 12.82
N SER B 421 32.06 -1.48 11.53
CA SER B 421 30.96 -1.75 10.63
C SER B 421 30.67 -3.24 10.61
N TRP B 422 29.63 -3.65 9.88
CA TRP B 422 29.47 -5.08 9.61
C TRP B 422 30.43 -5.49 8.52
N GLY B 423 31.35 -6.41 8.84
CA GLY B 423 32.22 -6.96 7.82
C GLY B 423 31.49 -7.68 6.69
N GLY B 424 32.26 -8.06 5.69
CA GLY B 424 31.67 -8.68 4.52
C GLY B 424 32.69 -8.87 3.43
N PRO B 425 32.25 -9.50 2.34
CA PRO B 425 33.18 -9.87 1.28
C PRO B 425 33.79 -8.62 0.67
N VAL B 426 34.90 -8.82 -0.03
CA VAL B 426 35.51 -7.74 -0.79
C VAL B 426 36.18 -8.39 -1.98
N GLY B 427 36.10 -7.73 -3.14
CA GLY B 427 36.79 -8.23 -4.34
C GLY B 427 36.09 -9.43 -4.97
N GLY B 428 36.85 -10.48 -5.22
CA GLY B 428 36.32 -11.71 -5.80
C GLY B 428 35.86 -12.79 -4.83
N TRP B 429 35.84 -12.53 -3.52
CA TRP B 429 35.21 -13.47 -2.59
C TRP B 429 33.72 -13.57 -2.93
N PRO B 430 33.08 -14.69 -2.54
CA PRO B 430 31.72 -14.97 -3.02
C PRO B 430 30.69 -13.94 -2.56
N ASP B 431 29.77 -13.61 -3.49
CA ASP B 431 28.69 -12.65 -3.27
C ASP B 431 27.68 -13.18 -2.25
N ARG B 432 28.17 -13.40 -1.03
CA ARG B 432 27.38 -13.84 0.11
C ARG B 432 27.49 -12.78 1.18
N ARG B 433 26.36 -12.39 1.76
CA ARG B 433 26.32 -11.35 2.79
C ARG B 433 26.58 -11.88 4.19
N ASN B 434 27.10 -11.00 5.06
CA ASN B 434 27.41 -11.38 6.45
C ASN B 434 26.15 -11.87 7.14
N PRO B 435 26.09 -13.12 7.64
CA PRO B 435 24.82 -13.60 8.21
C PRO B 435 24.52 -13.07 9.59
N ARG B 436 25.55 -12.91 10.43
CA ARG B 436 25.38 -12.26 11.72
C ARG B 436 24.74 -10.88 11.54
N ALA B 437 25.13 -10.17 10.48
CA ALA B 437 24.53 -8.88 10.17
C ALA B 437 23.09 -9.04 9.67
N VAL B 438 22.86 -9.96 8.74
CA VAL B 438 21.50 -10.30 8.32
C VAL B 438 20.57 -10.46 9.52
N LEU B 439 21.03 -11.21 10.52
CA LEU B 439 20.21 -11.44 11.71
C LEU B 439 19.88 -10.12 12.41
N GLU B 440 20.88 -9.28 12.67
CA GLU B 440 20.61 -7.97 13.26
C GLU B 440 19.60 -7.19 12.44
N TYR B 441 19.85 -7.04 11.14
CA TYR B 441 18.93 -6.29 10.30
C TYR B 441 17.52 -6.87 10.30
N ASN B 442 17.32 -8.04 10.92
CA ASN B 442 16.06 -8.75 10.94
C ASN B 442 15.35 -8.68 12.28
N LYS B 443 16.09 -8.35 13.35
CA LYS B 443 15.66 -8.54 14.73
C LYS B 443 14.37 -7.80 15.10
N ASP B 444 13.97 -6.78 14.36
CA ASP B 444 12.75 -6.06 14.67
C ASP B 444 11.55 -6.54 13.85
N ASN B 445 11.71 -7.60 13.06
CA ASN B 445 10.61 -8.13 12.24
C ASN B 445 9.79 -9.14 13.04
N ARG B 446 8.79 -8.65 13.78
CA ARG B 446 8.09 -9.50 14.72
C ARG B 446 6.62 -9.53 14.37
N TYR B 447 6.05 -10.72 14.32
CA TYR B 447 4.61 -10.81 14.09
C TYR B 447 3.86 -10.99 15.42
N THR B 448 2.55 -10.79 15.34
CA THR B 448 1.68 -10.95 16.50
C THR B 448 0.41 -11.61 16.02
N TYR B 449 0.11 -12.75 16.66
CA TYR B 449 -0.84 -13.73 16.17
C TYR B 449 -1.82 -14.03 17.29
N TRP B 450 -3.12 -13.81 17.02
CA TRP B 450 -4.21 -14.15 17.94
C TRP B 450 -5.13 -15.18 17.31
N ARG B 451 -5.51 -16.21 18.08
CA ARG B 451 -6.36 -17.28 17.59
C ARG B 451 -7.43 -17.64 18.63
N MET B 452 -8.72 -17.55 18.22
CA MET B 452 -9.88 -17.93 19.04
C MET B 452 -10.48 -19.16 18.40
N PHE B 453 -10.69 -20.21 19.19
CA PHE B 453 -11.35 -21.38 18.62
C PHE B 453 -12.08 -22.15 19.69
N GLY B 454 -13.29 -22.56 19.34
CA GLY B 454 -14.10 -23.33 20.25
C GLY B 454 -15.37 -23.77 19.57
N ASP B 455 -16.37 -24.05 20.39
CA ASP B 455 -17.67 -24.48 19.89
C ASP B 455 -18.72 -24.31 20.99
N ALA B 456 -19.98 -24.29 20.57
CA ALA B 456 -21.07 -24.46 21.49
C ALA B 456 -21.85 -25.70 21.04
N TYR B 457 -22.56 -26.34 21.97
CA TYR B 457 -23.34 -27.50 21.58
C TYR B 457 -24.55 -27.65 22.49
N VAL B 458 -25.61 -28.19 21.91
CA VAL B 458 -26.77 -28.67 22.62
C VAL B 458 -26.87 -30.18 22.40
N ASN B 459 -27.10 -30.93 23.47
CA ASN B 459 -27.38 -32.35 23.37
C ASN B 459 -28.75 -32.62 24.00
N LEU B 460 -29.68 -33.11 23.19
CA LEU B 460 -31.03 -33.39 23.62
C LEU B 460 -31.31 -34.89 23.54
N THR B 461 -31.73 -35.49 24.67
CA THR B 461 -32.02 -36.92 24.77
C THR B 461 -33.53 -37.10 24.86
N PRO B 462 -34.24 -37.17 23.71
CA PRO B 462 -35.71 -37.23 23.74
C PRO B 462 -36.29 -38.43 24.45
N PHE B 463 -35.62 -39.58 24.48
CA PHE B 463 -36.04 -40.63 25.42
C PHE B 463 -34.87 -41.50 25.85
N LYS B 464 -34.95 -42.80 25.59
CA LYS B 464 -34.02 -43.74 26.19
C LYS B 464 -33.14 -44.35 25.11
N GLY B 465 -31.86 -43.93 25.11
CA GLY B 465 -30.87 -44.44 24.19
C GLY B 465 -30.88 -43.80 22.83
N PHE B 466 -31.71 -42.79 22.61
CA PHE B 466 -31.71 -41.99 21.39
C PHE B 466 -31.44 -40.55 21.77
N ASN B 467 -30.33 -40.00 21.29
CA ASN B 467 -30.17 -38.57 21.42
C ASN B 467 -29.59 -37.98 20.15
N LEU B 468 -29.99 -36.73 19.92
CA LEU B 468 -29.57 -35.90 18.81
C LEU B 468 -28.84 -34.68 19.37
N ARG B 469 -27.92 -34.14 18.59
CA ARG B 469 -27.06 -33.09 19.13
C ARG B 469 -26.41 -32.35 17.98
N SER B 470 -26.58 -31.03 17.94
CA SER B 470 -25.74 -30.24 17.04
C SER B 470 -24.67 -29.49 17.83
N THR B 471 -23.54 -29.25 17.18
CA THR B 471 -22.54 -28.34 17.71
C THR B 471 -22.20 -27.34 16.61
N PHE B 472 -21.64 -26.20 16.99
CA PHE B 472 -21.19 -25.19 16.04
C PHE B 472 -19.85 -24.67 16.52
N GLY B 473 -18.93 -24.42 15.61
CA GLY B 473 -17.58 -24.03 16.00
C GLY B 473 -16.97 -23.01 15.06
N LEU B 474 -16.15 -22.12 15.63
CA LEU B 474 -15.32 -21.21 14.83
C LEU B 474 -13.87 -21.27 15.29
N ASP B 475 -13.01 -20.77 14.41
CA ASP B 475 -11.56 -20.82 14.56
C ASP B 475 -11.05 -19.63 13.76
N TYR B 476 -10.87 -18.52 14.45
CA TYR B 476 -10.44 -17.27 13.83
C TYR B 476 -9.03 -16.95 14.25
N ALA B 477 -8.14 -16.75 13.26
CA ALA B 477 -6.78 -16.30 13.54
C ALA B 477 -6.45 -15.07 12.71
N ASN B 478 -5.35 -14.45 13.10
CA ASN B 478 -4.99 -13.10 12.72
C ASN B 478 -3.51 -12.87 12.97
N LYS B 479 -2.76 -12.53 11.91
CA LYS B 479 -1.33 -12.31 12.01
C LYS B 479 -1.04 -10.93 11.46
N GLN B 480 -0.38 -10.11 12.28
CA GLN B 480 0.07 -8.81 11.81
C GLN B 480 1.55 -8.65 12.11
N ALA B 481 2.27 -8.04 11.18
CA ALA B 481 3.69 -7.79 11.39
C ALA B 481 4.13 -6.66 10.47
N ARG B 482 5.27 -6.06 10.82
CA ARG B 482 5.98 -5.11 9.98
C ARG B 482 7.38 -5.63 9.78
N TYR B 483 7.82 -5.67 8.52
CA TYR B 483 9.17 -6.05 8.15
C TYR B 483 9.94 -4.81 7.72
N PHE B 484 11.17 -4.66 8.20
CA PHE B 484 11.98 -3.48 7.94
C PHE B 484 13.12 -3.78 6.96
N THR B 485 13.21 -3.00 5.88
CA THR B 485 14.44 -2.93 5.10
C THR B 485 15.22 -1.70 5.55
N TYR B 486 16.44 -1.93 6.04
CA TYR B 486 17.45 -0.97 6.44
C TYR B 486 18.58 -1.03 5.45
N PRO B 487 19.28 0.07 5.21
CA PRO B 487 20.29 0.09 4.17
C PRO B 487 21.63 -0.45 4.65
N TYR B 488 22.26 -1.25 3.82
CA TYR B 488 23.51 -1.92 4.16
C TYR B 488 24.52 -1.76 3.03
N GLN B 489 25.78 -1.57 3.42
CA GLN B 489 26.84 -1.58 2.44
C GLN B 489 28.07 -2.16 3.15
N GLU B 490 28.10 -3.49 3.21
CA GLU B 490 29.17 -4.27 3.80
C GLU B 490 29.98 -4.88 2.67
N GLY B 491 31.27 -4.54 2.60
CA GLY B 491 32.06 -4.91 1.44
C GLY B 491 31.35 -4.56 0.16
N THR B 492 31.21 -5.55 -0.73
CA THR B 492 30.56 -5.40 -2.03
C THR B 492 29.05 -5.62 -1.97
N GLN B 493 28.49 -5.85 -0.78
CA GLN B 493 27.07 -6.10 -0.59
C GLN B 493 26.41 -4.75 -0.38
N THR B 494 25.76 -4.21 -1.40
CA THR B 494 25.08 -2.95 -1.24
C THR B 494 23.61 -3.14 -1.57
N ASN B 495 22.87 -2.09 -1.31
CA ASN B 495 21.45 -2.11 -1.09
C ASN B 495 21.03 -0.87 -1.88
N ASN B 496 22.08 -0.27 -2.44
CA ASN B 496 22.47 1.11 -2.19
C ASN B 496 21.39 1.97 -1.60
N GLY B 497 21.47 2.04 -0.27
CA GLY B 497 20.69 2.99 0.52
C GLY B 497 19.19 2.78 0.52
N LYS B 498 18.74 1.53 0.55
CA LYS B 498 17.31 1.28 0.51
C LYS B 498 16.72 1.19 1.91
N SER B 499 15.72 1.99 2.19
CA SER B 499 14.91 1.80 3.38
C SER B 499 13.48 1.55 2.96
N ALA B 500 12.85 0.53 3.53
CA ALA B 500 11.44 0.35 3.25
C ALA B 500 10.75 -0.19 4.49
N VAL B 501 9.41 -0.17 4.44
CA VAL B 501 8.61 -0.88 5.44
C VAL B 501 7.46 -1.59 4.73
N GLU B 502 7.14 -2.77 5.24
CA GLU B 502 5.97 -3.51 4.81
C GLU B 502 5.18 -3.85 6.06
N ALA B 503 3.91 -3.45 6.07
CA ALA B 503 2.98 -3.80 7.14
C ALA B 503 1.98 -4.78 6.54
N LYS B 504 2.04 -6.03 6.96
CA LYS B 504 1.15 -7.01 6.36
C LYS B 504 0.22 -7.58 7.42
N GLN B 505 -0.92 -8.04 6.93
CA GLN B 505 -2.00 -8.58 7.72
C GLN B 505 -2.47 -9.88 7.09
N GLU B 506 -2.71 -10.89 7.92
CA GLU B 506 -3.35 -12.11 7.45
C GLU B 506 -4.53 -12.43 8.35
N HIS B 507 -5.53 -13.13 7.78
CA HIS B 507 -6.82 -13.39 8.44
C HIS B 507 -7.34 -14.77 8.01
N TRP B 508 -7.40 -15.72 8.92
CA TRP B 508 -8.02 -17.02 8.64
C TRP B 508 -9.30 -17.22 9.45
N THR B 509 -10.40 -17.56 8.79
CA THR B 509 -11.70 -17.70 9.46
C THR B 509 -12.38 -19.00 9.03
N LYS B 510 -12.30 -20.03 9.88
CA LYS B 510 -12.95 -21.31 9.61
C LYS B 510 -14.15 -21.43 10.54
N TRP B 511 -15.30 -21.78 9.99
CA TRP B 511 -16.40 -22.19 10.83
C TRP B 511 -16.93 -23.54 10.37
N MET B 512 -17.65 -24.21 11.29
CA MET B 512 -18.11 -25.58 11.08
C MET B 512 -19.40 -25.79 11.87
N TRP B 513 -20.21 -26.71 11.37
CA TRP B 513 -21.49 -27.00 11.98
C TRP B 513 -21.85 -28.43 11.66
N ASN B 514 -22.11 -29.25 12.69
CA ASN B 514 -22.70 -30.57 12.50
C ASN B 514 -23.98 -30.73 13.31
N ALA B 515 -24.76 -31.74 12.94
CA ALA B 515 -25.90 -32.20 13.70
C ALA B 515 -25.91 -33.72 13.61
N ILE B 516 -26.05 -34.40 14.75
CA ILE B 516 -25.90 -35.86 14.81
C ILE B 516 -26.96 -36.47 15.71
N ALA B 517 -27.70 -37.47 15.19
CA ALA B 517 -28.61 -38.29 16.01
C ALA B 517 -28.09 -39.71 16.12
N THR B 518 -28.13 -40.27 17.33
CA THR B 518 -27.72 -41.64 17.59
C THR B 518 -28.81 -42.39 18.33
N TYR B 519 -29.11 -43.61 17.89
CA TYR B 519 -29.95 -44.54 18.62
C TYR B 519 -29.17 -45.81 18.94
N GLN B 520 -29.29 -46.27 20.18
CA GLN B 520 -28.65 -47.50 20.61
C GLN B 520 -29.62 -48.33 21.42
N LEU B 521 -29.51 -49.64 21.28
CA LEU B 521 -30.37 -50.58 21.98
C LEU B 521 -29.49 -51.55 22.76
N GLU B 522 -30.15 -52.40 23.55
CA GLU B 522 -29.45 -53.37 24.40
C GLU B 522 -30.43 -54.45 24.84
N VAL B 523 -30.50 -55.56 24.09
CA VAL B 523 -31.51 -56.60 24.31
C VAL B 523 -30.84 -57.93 24.69
N GLY B 524 -30.58 -58.10 25.98
CA GLY B 524 -29.78 -59.22 26.47
C GLY B 524 -28.50 -59.43 25.68
N LYS B 525 -28.46 -60.51 24.91
CA LYS B 525 -27.31 -60.90 24.07
C LYS B 525 -27.30 -60.15 22.74
N HIS B 526 -27.66 -58.88 22.76
CA HIS B 526 -27.83 -58.08 21.56
C HIS B 526 -27.43 -56.64 21.87
N ARG B 527 -26.62 -56.06 21.01
CA ARG B 527 -26.18 -54.69 21.21
C ARG B 527 -26.15 -54.00 19.86
N GLY B 528 -26.57 -52.75 19.83
CA GLY B 528 -26.55 -52.00 18.59
C GLY B 528 -26.38 -50.51 18.76
N ASP B 529 -25.51 -49.90 17.94
CA ASP B 529 -25.47 -48.46 17.73
C ASP B 529 -25.83 -48.18 16.29
N VAL B 530 -26.65 -47.16 16.07
CA VAL B 530 -26.79 -46.56 14.75
C VAL B 530 -26.73 -45.05 14.90
N MET B 531 -26.07 -44.40 13.95
CA MET B 531 -25.82 -42.96 14.04
C MET B 531 -26.01 -42.30 12.67
N ILE B 532 -26.47 -41.07 12.68
CA ILE B 532 -26.69 -40.44 11.39
C ILE B 532 -26.45 -38.94 11.52
N GLY B 533 -25.83 -38.34 10.51
CA GLY B 533 -25.45 -36.95 10.67
C GLY B 533 -24.75 -36.31 9.48
N MET B 534 -24.50 -35.02 9.65
CA MET B 534 -23.94 -34.20 8.59
C MET B 534 -23.11 -33.10 9.23
N GLU B 535 -22.22 -32.51 8.43
CA GLU B 535 -21.33 -31.48 8.95
C GLU B 535 -20.89 -30.60 7.79
N LEU B 536 -21.05 -29.28 7.95
CA LEU B 536 -20.55 -28.30 7.01
C LEU B 536 -19.25 -27.69 7.51
N ASN B 537 -18.31 -27.48 6.62
CA ASN B 537 -17.18 -26.62 6.95
C ASN B 537 -17.08 -25.50 5.93
N ARG B 538 -16.33 -24.47 6.31
CA ARG B 538 -16.12 -23.30 5.47
C ARG B 538 -14.94 -22.52 6.02
N GLU B 539 -13.87 -22.39 5.22
CA GLU B 539 -12.75 -21.52 5.52
C GLU B 539 -12.73 -20.42 4.48
N ASP B 540 -12.54 -19.19 4.95
CA ASP B 540 -12.27 -18.01 4.13
C ASP B 540 -11.01 -17.38 4.71
N ASP B 541 -9.88 -17.53 4.05
CA ASP B 541 -8.78 -16.70 4.46
C ASP B 541 -8.44 -15.66 3.38
N SER B 542 -7.51 -14.78 3.73
CA SER B 542 -7.38 -13.47 3.08
C SER B 542 -6.23 -12.67 3.71
N HIS B 543 -5.55 -11.83 2.92
CA HIS B 543 -4.33 -11.18 3.38
C HIS B 543 -4.09 -9.95 2.50
N PHE B 544 -3.35 -8.98 3.04
CA PHE B 544 -3.00 -7.76 2.31
C PHE B 544 -1.87 -7.05 3.02
N SER B 545 -1.38 -5.99 2.41
CA SER B 545 -0.07 -5.47 2.81
C SER B 545 0.13 -4.08 2.24
N GLY B 546 0.92 -3.30 2.92
CA GLY B 546 1.18 -1.94 2.48
C GLY B 546 2.67 -1.70 2.53
N TYR B 547 3.25 -1.21 1.43
CA TYR B 547 4.69 -1.09 1.30
C TYR B 547 5.09 0.35 1.02
N LYS B 548 6.10 0.84 1.73
CA LYS B 548 6.59 2.20 1.50
C LYS B 548 8.10 2.20 1.67
N GLU B 549 8.78 2.91 0.76
CA GLU B 549 10.23 3.06 0.80
C GLU B 549 10.62 4.45 1.23
N ASP B 550 11.84 4.56 1.75
CA ASP B 550 12.55 5.80 2.08
C ASP B 550 12.05 6.47 3.35
N PHE B 551 12.87 6.41 4.40
CA PHE B 551 12.53 6.88 5.74
C PHE B 551 13.67 7.68 6.32
N SER B 552 13.35 8.89 6.84
CA SER B 552 14.35 9.80 7.37
C SER B 552 14.91 9.40 8.73
N ILE B 553 14.33 8.39 9.39
CA ILE B 553 14.81 7.86 10.68
C ILE B 553 14.71 6.35 10.61
N LEU B 554 15.77 5.64 10.97
CA LEU B 554 15.82 4.19 10.72
C LEU B 554 15.63 3.47 12.05
N THR B 555 14.38 3.40 12.47
CA THR B 555 14.03 2.87 13.77
C THR B 555 12.59 2.42 13.60
N PRO B 556 12.16 1.37 14.30
CA PRO B 556 10.80 0.88 14.07
C PRO B 556 9.76 1.80 14.63
N ASP B 557 10.17 2.82 15.39
CA ASP B 557 9.24 3.81 15.89
C ASP B 557 8.89 4.81 14.82
N TYR B 558 9.79 5.05 13.87
CA TYR B 558 9.49 6.00 12.82
C TYR B 558 8.98 5.31 11.56
N MET B 559 9.48 4.11 11.27
CA MET B 559 9.18 3.47 10.00
C MET B 559 7.77 2.90 10.04
N TRP B 560 6.83 3.78 9.85
CA TRP B 560 5.47 3.47 9.56
C TRP B 560 5.13 3.99 8.19
N PRO B 561 4.22 3.36 7.45
CA PRO B 561 3.92 3.86 6.10
C PRO B 561 3.62 5.35 6.01
N ASP B 562 3.10 5.99 7.07
CA ASP B 562 2.78 7.41 6.95
C ASP B 562 4.03 8.26 6.78
N ALA B 563 5.13 7.86 7.39
CA ALA B 563 6.33 8.66 7.39
C ALA B 563 7.22 8.36 6.21
N GLY B 564 6.79 7.51 5.30
CA GLY B 564 7.61 7.23 4.14
C GLY B 564 7.53 8.36 3.14
N SER B 565 8.66 8.61 2.49
CA SER B 565 8.72 9.60 1.44
C SER B 565 8.61 8.97 0.06
N GLY B 566 9.41 7.94 -0.22
CA GLY B 566 9.48 7.36 -1.52
C GLY B 566 8.26 6.63 -2.05
N THR B 567 8.48 5.67 -2.94
CA THR B 567 7.37 5.03 -3.63
C THR B 567 6.76 3.93 -2.79
N ALA B 568 5.63 3.42 -3.26
CA ALA B 568 4.78 2.57 -2.43
C ALA B 568 4.15 1.46 -3.26
N GLN B 569 3.82 0.37 -2.58
CA GLN B 569 3.10 -0.73 -3.20
C GLN B 569 2.04 -1.22 -2.23
N ALA B 570 1.01 -1.82 -2.81
CA ALA B 570 -0.08 -2.44 -2.09
C ALA B 570 -0.28 -3.84 -2.62
N TYR B 571 -0.39 -4.79 -1.73
CA TYR B 571 -0.53 -6.18 -2.07
C TYR B 571 -1.69 -6.77 -1.27
N GLY B 572 -2.32 -7.82 -1.83
CA GLY B 572 -3.28 -8.65 -1.10
C GLY B 572 -4.27 -9.44 -1.95
N ALA B 573 -4.61 -10.67 -1.55
CA ALA B 573 -5.71 -11.39 -2.18
C ALA B 573 -6.36 -12.25 -1.11
N GLY B 574 -7.28 -13.12 -1.52
CA GLY B 574 -7.90 -14.05 -0.58
C GLY B 574 -8.42 -15.28 -1.29
N GLU B 575 -8.70 -16.33 -0.50
CA GLU B 575 -9.18 -17.57 -1.07
C GLU B 575 -10.05 -18.27 -0.04
N GLY B 576 -10.66 -19.39 -0.44
CA GLY B 576 -11.48 -20.15 0.49
C GLY B 576 -12.11 -21.38 -0.16
N TYR B 577 -12.66 -22.25 0.69
CA TYR B 577 -13.38 -23.42 0.24
C TYR B 577 -14.41 -23.83 1.31
N SER B 578 -15.28 -24.78 0.94
CA SER B 578 -16.34 -25.27 1.81
C SER B 578 -16.54 -26.77 1.58
N LEU B 579 -16.62 -27.55 2.66
CA LEU B 579 -16.86 -28.99 2.55
C LEU B 579 -18.17 -29.37 3.22
N VAL B 580 -18.86 -30.34 2.63
CA VAL B 580 -20.15 -30.81 3.11
C VAL B 580 -20.10 -32.33 3.18
N SER B 581 -20.65 -32.90 4.25
CA SER B 581 -20.44 -34.31 4.53
C SER B 581 -21.67 -34.90 5.20
N PHE B 582 -22.11 -36.08 4.74
CA PHE B 582 -23.23 -36.81 5.33
C PHE B 582 -22.75 -38.21 5.70
N PHE B 583 -23.22 -38.75 6.82
CA PHE B 583 -22.61 -40.00 7.27
C PHE B 583 -23.51 -40.83 8.16
N GLY B 584 -23.13 -42.10 8.31
CA GLY B 584 -23.81 -43.06 9.16
C GLY B 584 -22.85 -44.15 9.58
N LYS B 585 -23.17 -44.78 10.73
CA LYS B 585 -22.36 -45.86 11.26
C LYS B 585 -23.27 -46.96 11.79
N MET B 586 -22.87 -48.21 11.57
CA MET B 586 -23.58 -49.37 12.09
C MET B 586 -22.70 -50.11 13.08
N ASN B 587 -23.26 -50.46 14.22
CA ASN B 587 -22.53 -51.19 15.23
C ASN B 587 -23.43 -52.28 15.75
N TYR B 588 -22.94 -53.51 15.77
CA TYR B 588 -23.76 -54.60 16.27
C TYR B 588 -22.84 -55.63 16.89
N SER B 589 -23.28 -56.22 17.99
CA SER B 589 -22.53 -57.28 18.65
C SER B 589 -23.49 -58.33 19.19
N TYR B 590 -23.09 -59.60 19.06
CA TYR B 590 -23.80 -60.75 19.60
C TYR B 590 -23.13 -61.18 20.89
N ALA B 591 -23.87 -61.09 21.99
CA ALA B 591 -23.33 -61.27 23.33
C ALA B 591 -22.20 -60.29 23.52
N ASP B 592 -20.97 -60.81 23.54
CA ASP B 592 -19.79 -59.95 23.44
C ASP B 592 -18.69 -60.65 22.65
N ARG B 593 -19.07 -61.49 21.70
CA ARG B 593 -18.13 -62.34 20.99
C ARG B 593 -17.89 -61.90 19.56
N TYR B 594 -18.95 -61.68 18.80
CA TYR B 594 -18.85 -61.39 17.38
C TYR B 594 -19.42 -60.01 17.13
N LEU B 595 -18.57 -59.10 16.67
CA LEU B 595 -18.87 -57.69 16.51
C LEU B 595 -18.86 -57.33 15.03
N LEU B 596 -19.73 -56.39 14.63
CA LEU B 596 -19.79 -55.94 13.25
C LEU B 596 -20.00 -54.44 13.22
N SER B 597 -19.41 -53.77 12.22
CA SER B 597 -19.47 -52.31 12.11
C SER B 597 -19.38 -51.85 10.66
N LEU B 598 -20.40 -51.14 10.18
CA LEU B 598 -20.42 -50.59 8.84
C LEU B 598 -20.48 -49.06 8.91
N THR B 599 -19.76 -48.38 8.00
CA THR B 599 -19.82 -46.91 7.89
C THR B 599 -19.99 -46.52 6.43
N LEU B 600 -20.74 -45.44 6.21
CA LEU B 600 -21.00 -44.90 4.87
C LEU B 600 -21.08 -43.39 4.93
N ARG B 601 -20.26 -42.71 4.12
CA ARG B 601 -20.27 -41.25 4.06
C ARG B 601 -20.29 -40.79 2.61
N ARG B 602 -20.92 -39.63 2.37
CA ARG B 602 -20.83 -38.93 1.09
C ARG B 602 -20.32 -37.51 1.35
N ASP B 603 -19.11 -37.22 0.86
CA ASP B 603 -18.42 -35.95 1.07
C ASP B 603 -18.37 -35.15 -0.23
N GLY B 604 -18.55 -33.85 -0.12
CA GLY B 604 -18.44 -32.97 -1.27
C GLY B 604 -17.51 -31.81 -0.96
N SER B 605 -16.79 -31.37 -2.00
CA SER B 605 -15.79 -30.34 -1.86
C SER B 605 -15.96 -29.24 -2.90
N SER B 606 -15.94 -28.01 -2.43
CA SER B 606 -15.71 -26.80 -3.21
C SER B 606 -14.67 -27.02 -4.33
N ARG B 607 -13.61 -27.78 -4.03
CA ARG B 607 -12.47 -27.85 -4.96
C ARG B 607 -12.81 -28.44 -6.32
N PHE B 608 -14.00 -28.95 -6.57
CA PHE B 608 -14.19 -29.71 -7.80
C PHE B 608 -15.25 -29.08 -8.68
N GLY B 609 -15.63 -29.79 -9.76
CA GLY B 609 -16.62 -29.35 -10.72
C GLY B 609 -18.01 -29.36 -10.12
N LYS B 610 -18.96 -30.03 -10.74
CA LYS B 610 -19.94 -30.76 -9.94
C LYS B 610 -20.22 -32.12 -10.52
N ASN B 611 -19.70 -32.41 -11.71
CA ASN B 611 -19.59 -33.77 -12.20
C ASN B 611 -18.89 -34.67 -11.22
N HIS B 612 -18.01 -34.11 -10.37
CA HIS B 612 -17.30 -34.91 -9.39
C HIS B 612 -17.28 -34.31 -7.99
N ARG B 613 -18.13 -33.32 -7.68
CA ARG B 613 -18.11 -32.70 -6.35
C ARG B 613 -18.11 -33.76 -5.26
N TYR B 614 -19.15 -34.58 -5.24
CA TYR B 614 -19.35 -35.55 -4.17
C TYR B 614 -18.82 -36.92 -4.56
N ALA B 615 -18.62 -37.73 -3.54
CA ALA B 615 -17.96 -39.01 -3.65
C ALA B 615 -18.25 -39.82 -2.39
N THR B 616 -18.71 -41.06 -2.56
CA THR B 616 -19.20 -41.84 -1.44
C THR B 616 -18.16 -42.85 -0.99
N PHE B 617 -17.99 -42.96 0.32
CA PHE B 617 -17.00 -43.86 0.89
C PHE B 617 -17.64 -44.86 1.85
N PRO B 618 -17.53 -46.17 1.58
CA PRO B 618 -18.05 -47.18 2.50
C PRO B 618 -16.96 -47.89 3.28
N SER B 619 -17.31 -48.44 4.44
CA SER B 619 -16.36 -49.20 5.23
C SER B 619 -17.09 -50.29 6.02
N VAL B 620 -16.47 -51.46 6.13
CA VAL B 620 -17.02 -52.53 6.96
C VAL B 620 -15.88 -53.19 7.73
N SER B 621 -16.10 -53.37 9.02
CA SER B 621 -15.11 -54.01 9.88
C SER B 621 -15.84 -54.97 10.79
N LEU B 622 -15.16 -56.05 11.16
CA LEU B 622 -15.80 -57.04 12.02
C LEU B 622 -14.73 -57.84 12.75
N GLY B 623 -14.99 -58.11 14.04
CA GLY B 623 -14.08 -58.84 14.89
C GLY B 623 -14.73 -60.07 15.49
N TRP B 624 -13.92 -60.82 16.24
CA TRP B 624 -14.38 -62.04 16.89
C TRP B 624 -13.55 -62.22 18.17
N ARG B 625 -14.13 -61.81 19.31
CA ARG B 625 -13.50 -62.02 20.61
C ARG B 625 -13.45 -63.52 20.93
N ILE B 626 -12.33 -64.15 20.56
CA ILE B 626 -12.25 -65.60 20.61
C ILE B 626 -12.27 -66.11 22.06
N THR B 627 -11.54 -65.45 22.97
CA THR B 627 -11.52 -65.89 24.37
C THR B 627 -12.89 -65.89 25.03
N GLN B 628 -13.91 -65.29 24.40
CA GLN B 628 -15.29 -65.41 24.85
C GLN B 628 -15.99 -66.65 24.31
N GLU B 629 -15.40 -67.30 23.30
CA GLU B 629 -15.93 -68.60 22.89
C GLU B 629 -15.76 -69.57 24.06
N ASN B 630 -16.82 -70.31 24.37
CA ASN B 630 -16.75 -71.10 25.58
C ASN B 630 -15.83 -72.31 25.42
N PHE B 631 -15.58 -72.77 24.18
CA PHE B 631 -14.62 -73.85 23.98
C PHE B 631 -13.20 -73.41 24.33
N MET B 632 -12.92 -72.11 24.23
CA MET B 632 -11.61 -71.58 24.59
C MET B 632 -11.42 -71.65 26.10
N LYS B 633 -12.05 -70.70 26.79
CA LYS B 633 -12.20 -70.62 28.25
C LYS B 633 -11.24 -71.43 29.10
N GLU B 634 -11.10 -72.74 28.83
CA GLU B 634 -10.31 -73.61 29.69
C GLU B 634 -8.86 -73.15 29.85
N LEU B 635 -8.33 -72.43 28.85
CA LEU B 635 -6.93 -72.03 28.88
C LEU B 635 -6.63 -71.17 30.10
N THR B 636 -7.29 -70.01 30.20
CA THR B 636 -7.49 -69.15 31.37
C THR B 636 -6.26 -68.27 31.54
N TRP B 637 -5.08 -68.72 31.10
CA TRP B 637 -3.94 -67.80 31.06
C TRP B 637 -4.09 -66.81 29.91
N LEU B 638 -4.79 -67.23 28.86
CA LEU B 638 -4.97 -66.41 27.66
C LEU B 638 -6.07 -65.41 28.00
N ASP B 639 -5.68 -64.18 28.31
CA ASP B 639 -6.63 -63.19 28.83
C ASP B 639 -7.59 -62.70 27.76
N ASP B 640 -7.10 -62.44 26.54
CA ASP B 640 -7.96 -61.92 25.49
C ASP B 640 -7.34 -62.26 24.14
N LEU B 641 -8.21 -62.35 23.11
CA LEU B 641 -7.80 -62.73 21.75
C LEU B 641 -8.94 -62.41 20.78
N LYS B 642 -8.80 -61.32 20.03
CA LYS B 642 -9.73 -60.95 18.95
C LYS B 642 -9.08 -61.22 17.59
N LEU B 643 -9.92 -61.28 16.57
CA LEU B 643 -9.50 -61.45 15.18
C LEU B 643 -10.24 -60.41 14.35
N ARG B 644 -9.61 -59.27 14.09
CA ARG B 644 -10.22 -58.13 13.41
C ARG B 644 -10.05 -58.28 11.90
N ALA B 645 -10.97 -57.64 11.17
CA ALA B 645 -10.84 -57.55 9.71
C ALA B 645 -11.65 -56.35 9.23
N SER B 646 -10.98 -55.40 8.60
CA SER B 646 -11.62 -54.18 8.12
C SER B 646 -11.43 -54.02 6.62
N TRP B 647 -12.36 -53.31 6.00
CA TRP B 647 -12.20 -52.86 4.62
C TRP B 647 -12.98 -51.56 4.44
N GLY B 648 -12.30 -50.54 3.94
CA GLY B 648 -12.99 -49.28 3.73
C GLY B 648 -12.26 -48.38 2.75
N GLN B 649 -12.95 -47.34 2.34
CA GLN B 649 -12.40 -46.36 1.44
C GLN B 649 -12.44 -45.00 2.12
N THR B 650 -11.54 -44.13 1.71
CA THR B 650 -11.48 -42.79 2.27
C THR B 650 -10.98 -41.87 1.16
N GLY B 651 -11.44 -40.63 1.20
CA GLY B 651 -11.12 -39.68 0.16
C GLY B 651 -9.98 -38.74 0.51
N ASN B 652 -9.46 -38.06 -0.51
CA ASN B 652 -8.54 -36.95 -0.32
C ASN B 652 -8.86 -35.89 -1.36
N GLN B 653 -9.23 -34.69 -0.89
CA GLN B 653 -9.38 -33.52 -1.73
C GLN B 653 -8.47 -32.39 -1.27
N GLU B 654 -7.37 -32.72 -0.58
CA GLU B 654 -6.44 -31.71 -0.10
C GLU B 654 -5.52 -31.28 -1.24
N ILE B 655 -6.03 -30.34 -2.05
CA ILE B 655 -5.38 -29.76 -3.21
C ILE B 655 -5.67 -28.27 -3.21
N SER B 656 -5.07 -27.55 -4.14
CA SER B 656 -5.22 -26.11 -4.20
C SER B 656 -6.67 -25.71 -4.36
N ASN B 657 -7.03 -24.58 -3.75
CA ASN B 657 -8.41 -24.11 -3.77
C ASN B 657 -8.87 -23.78 -5.17
N LEU B 658 -7.95 -23.36 -6.04
CA LEU B 658 -8.26 -23.13 -7.44
C LEU B 658 -7.53 -24.17 -8.27
N ALA B 659 -7.99 -25.41 -8.18
CA ALA B 659 -7.29 -26.43 -8.96
C ALA B 659 -7.86 -26.52 -10.34
N ARG B 660 -9.18 -26.46 -10.43
CA ARG B 660 -9.89 -26.76 -11.65
C ARG B 660 -9.83 -25.64 -12.67
N TYR B 661 -9.36 -24.46 -12.28
CA TYR B 661 -9.44 -23.27 -13.12
C TYR B 661 -8.18 -23.06 -13.96
N THR B 662 -8.38 -22.62 -15.21
CA THR B 662 -7.36 -21.86 -15.91
C THR B 662 -7.28 -20.47 -15.27
N ILE B 663 -6.19 -20.18 -14.58
CA ILE B 663 -6.04 -18.95 -13.82
C ILE B 663 -5.23 -17.97 -14.66
N TYR B 664 -5.77 -16.76 -14.87
CA TYR B 664 -5.05 -15.64 -15.45
C TYR B 664 -5.00 -14.52 -14.43
N ALA B 665 -3.82 -14.19 -13.97
CA ALA B 665 -3.49 -13.09 -13.06
C ALA B 665 -3.12 -11.84 -13.82
N PRO B 666 -3.50 -10.67 -13.36
CA PRO B 666 -3.03 -9.45 -14.03
C PRO B 666 -1.64 -9.02 -13.64
N ASN B 667 -0.94 -9.81 -12.82
CA ASN B 667 0.39 -9.52 -12.28
C ASN B 667 1.09 -8.38 -13.00
N TYR B 668 0.96 -7.15 -12.52
CA TYR B 668 1.60 -6.02 -13.19
C TYR B 668 3.10 -5.98 -12.94
N GLY B 669 3.55 -6.48 -11.79
CA GLY B 669 4.98 -6.59 -11.58
C GLY B 669 5.42 -5.75 -10.42
N THR B 670 4.57 -5.73 -9.40
CA THR B 670 4.70 -4.85 -8.25
C THR B 670 5.49 -5.48 -7.13
N THR B 671 6.31 -6.48 -7.44
CA THR B 671 6.69 -7.42 -6.41
C THR B 671 8.12 -7.90 -6.60
N ASP B 672 8.80 -8.18 -5.48
CA ASP B 672 10.22 -8.48 -5.57
C ASP B 672 10.45 -9.75 -6.37
N SER B 673 11.68 -9.90 -6.85
CA SER B 673 12.13 -11.06 -7.62
C SER B 673 13.59 -11.31 -7.27
N PHE B 674 14.26 -12.08 -8.11
CA PHE B 674 15.70 -12.24 -7.99
C PHE B 674 16.31 -12.44 -9.36
N GLY B 675 17.25 -11.56 -9.70
CA GLY B 675 17.93 -11.57 -10.99
C GLY B 675 16.99 -11.50 -12.18
N GLY B 676 15.88 -10.77 -12.04
CA GLY B 676 14.85 -10.68 -13.06
C GLY B 676 13.63 -11.51 -12.72
N GLN B 677 13.01 -12.13 -13.72
CA GLN B 677 11.78 -12.92 -13.58
C GLN B 677 10.67 -12.17 -12.85
N SER B 678 10.44 -10.92 -13.23
CA SER B 678 9.18 -10.30 -12.88
C SER B 678 8.01 -11.14 -13.42
N TYR B 679 8.03 -11.47 -14.70
CA TYR B 679 6.85 -12.03 -15.36
C TYR B 679 5.68 -11.07 -15.24
N GLY B 680 5.91 -9.86 -15.68
CA GLY B 680 5.13 -8.73 -15.21
C GLY B 680 4.02 -8.15 -16.07
N THR B 681 3.90 -8.54 -17.33
CA THR B 681 2.76 -8.10 -18.14
C THR B 681 2.57 -6.58 -18.21
N ALA B 682 3.60 -5.77 -17.90
CA ALA B 682 3.48 -4.33 -18.03
C ALA B 682 4.72 -3.79 -18.72
N TYR B 683 4.51 -2.99 -19.76
CA TYR B 683 5.55 -2.67 -20.74
C TYR B 683 5.42 -1.21 -21.17
N ASP B 684 6.57 -0.58 -21.41
CA ASP B 684 6.61 0.79 -21.93
C ASP B 684 6.41 0.74 -23.45
N ILE B 685 5.17 0.46 -23.85
CA ILE B 685 4.81 0.48 -25.27
C ILE B 685 5.19 1.76 -25.99
N THR B 686 5.07 2.91 -25.35
CA THR B 686 5.33 4.11 -26.11
C THR B 686 6.82 4.39 -26.33
N GLY B 687 7.71 3.77 -25.55
CA GLY B 687 9.13 4.05 -25.69
C GLY B 687 9.57 5.31 -25.00
N SER B 688 8.73 5.83 -24.08
CA SER B 688 8.91 7.05 -23.31
C SER B 688 9.92 6.90 -22.18
N ASN B 689 10.39 5.67 -21.93
CA ASN B 689 11.17 5.23 -20.77
C ASN B 689 10.39 5.25 -19.46
N GLY B 690 9.11 5.61 -19.51
CA GLY B 690 8.34 5.51 -18.29
C GLY B 690 7.96 6.82 -17.64
N GLY B 691 8.24 6.93 -16.34
CA GLY B 691 7.75 8.05 -15.54
C GLY B 691 6.25 8.09 -15.38
N GLY B 692 5.59 6.96 -15.33
CA GLY B 692 4.15 6.97 -15.40
C GLY B 692 3.60 5.59 -15.17
N VAL B 693 2.34 5.42 -15.52
CA VAL B 693 1.68 4.14 -15.36
C VAL B 693 1.75 3.43 -16.71
N LEU B 694 2.33 2.22 -16.71
CA LEU B 694 2.42 1.49 -17.97
C LEU B 694 1.13 0.74 -18.24
N PRO B 695 0.88 0.38 -19.49
CA PRO B 695 -0.28 -0.47 -19.76
C PRO B 695 0.04 -1.89 -19.32
N SER B 696 -0.95 -2.53 -18.74
CA SER B 696 -0.75 -3.80 -18.07
C SER B 696 -1.45 -4.89 -18.84
N GLY B 697 -1.12 -6.13 -18.50
CA GLY B 697 -1.80 -7.25 -19.11
C GLY B 697 -2.35 -8.30 -18.17
N PHE B 698 -2.69 -9.44 -18.75
CA PHE B 698 -3.01 -10.65 -18.02
C PHE B 698 -1.97 -11.73 -18.33
N LYS B 699 -1.87 -12.71 -17.45
CA LYS B 699 -0.84 -13.72 -17.58
C LYS B 699 -1.38 -15.01 -16.99
N ARG B 700 -1.09 -16.14 -17.63
CA ARG B 700 -1.60 -17.43 -17.16
C ARG B 700 -0.76 -17.97 -16.02
N ASN B 701 -1.42 -18.33 -14.91
CA ASN B 701 -0.75 -19.01 -13.81
C ASN B 701 -0.97 -20.51 -13.81
N GLN B 702 -2.00 -21.01 -14.49
CA GLN B 702 -2.35 -22.41 -14.35
C GLN B 702 -3.33 -22.78 -15.45
N ILE B 703 -3.25 -24.04 -15.89
CA ILE B 703 -4.30 -24.60 -16.74
C ILE B 703 -5.25 -25.38 -15.85
N GLY B 704 -6.52 -25.38 -16.25
CA GLY B 704 -7.53 -26.02 -15.47
C GLY B 704 -7.61 -27.50 -15.74
N ASN B 705 -8.59 -28.12 -15.12
CA ASN B 705 -8.84 -29.53 -15.32
C ASN B 705 -10.28 -29.78 -14.93
N ASP B 706 -11.21 -29.43 -15.80
CA ASP B 706 -12.63 -29.55 -15.48
C ASP B 706 -13.14 -30.99 -15.57
N ASN B 707 -12.28 -31.94 -15.22
CA ASN B 707 -12.70 -33.31 -15.02
C ASN B 707 -11.79 -33.90 -13.95
N ILE B 708 -11.60 -33.16 -12.86
CA ILE B 708 -10.68 -33.55 -11.79
C ILE B 708 -11.52 -34.12 -10.67
N LYS B 709 -11.08 -35.22 -10.09
CA LYS B 709 -11.89 -35.97 -9.13
C LYS B 709 -11.10 -36.34 -7.90
N TRP B 710 -11.83 -36.87 -6.91
CA TRP B 710 -11.27 -37.28 -5.63
C TRP B 710 -10.18 -38.33 -5.81
N GLU B 711 -9.19 -38.28 -4.92
CA GLU B 711 -8.22 -39.37 -4.76
C GLU B 711 -8.81 -40.36 -3.76
N THR B 712 -9.36 -41.46 -4.25
CA THR B 712 -9.89 -42.51 -3.38
C THR B 712 -8.78 -43.49 -2.97
N THR B 713 -8.73 -43.79 -1.67
CA THR B 713 -7.77 -44.74 -1.13
C THR B 713 -8.52 -45.92 -0.53
N THR B 714 -8.28 -47.11 -1.07
CA THR B 714 -8.91 -48.34 -0.59
C THR B 714 -7.94 -49.09 0.33
N GLN B 715 -8.43 -49.47 1.52
CA GLN B 715 -7.59 -49.97 2.60
C GLN B 715 -8.23 -51.18 3.27
N THR B 716 -7.40 -52.14 3.62
CA THR B 716 -7.90 -53.44 4.08
C THR B 716 -7.00 -53.97 5.19
N ASN B 717 -7.55 -54.02 6.41
CA ASN B 717 -6.81 -54.39 7.62
C ASN B 717 -7.28 -55.74 8.12
N VAL B 718 -6.35 -56.48 8.69
CA VAL B 718 -6.68 -57.70 9.43
C VAL B 718 -5.60 -57.92 10.48
N GLY B 719 -6.02 -58.18 11.72
CA GLY B 719 -5.12 -58.20 12.84
C GLY B 719 -5.60 -59.17 13.89
N ILE B 720 -4.74 -59.42 14.88
CA ILE B 720 -5.07 -60.28 16.02
C ILE B 720 -4.58 -59.57 17.28
N ASP B 721 -5.53 -59.13 18.13
CA ASP B 721 -5.22 -58.59 19.44
C ASP B 721 -5.14 -59.72 20.45
N PHE B 722 -4.15 -59.66 21.34
CA PHE B 722 -3.96 -60.69 22.36
C PHE B 722 -3.55 -60.04 23.68
N SER B 723 -4.01 -60.62 24.77
CA SER B 723 -3.50 -60.27 26.10
C SER B 723 -3.33 -61.57 26.87
N LEU B 724 -2.25 -61.67 27.64
CA LEU B 724 -2.01 -62.91 28.37
C LEU B 724 -1.74 -62.66 29.86
N PHE B 725 -1.45 -63.74 30.57
CA PHE B 725 -1.14 -63.81 32.00
C PHE B 725 -1.64 -62.62 32.79
N LYS B 726 -2.92 -62.63 33.18
CA LYS B 726 -3.49 -61.59 34.04
C LYS B 726 -3.16 -60.20 33.48
N GLN B 727 -3.32 -60.05 32.16
CA GLN B 727 -3.03 -58.81 31.42
C GLN B 727 -1.60 -58.33 31.66
N SER B 728 -0.65 -59.26 31.75
CA SER B 728 0.77 -58.88 31.84
C SER B 728 1.50 -58.94 30.51
N LEU B 729 0.97 -59.67 29.53
CA LEU B 729 1.57 -59.74 28.19
C LEU B 729 0.48 -59.41 27.16
N TYR B 730 0.53 -58.19 26.63
CA TYR B 730 -0.48 -57.66 25.74
C TYR B 730 0.17 -57.31 24.41
N GLY B 731 -0.61 -57.32 23.33
CA GLY B 731 -0.06 -56.93 22.05
C GLY B 731 -1.01 -57.20 20.92
N SER B 732 -0.47 -57.05 19.71
CA SER B 732 -1.25 -57.06 18.48
C SER B 732 -0.36 -57.52 17.34
N LEU B 733 -0.99 -58.00 16.29
CA LEU B 733 -0.33 -58.20 15.01
C LEU B 733 -1.36 -57.95 13.92
N GLU B 734 -1.11 -56.96 13.07
CA GLU B 734 -2.00 -56.67 11.96
C GLU B 734 -1.20 -56.55 10.69
N TYR B 735 -1.94 -56.49 9.59
CA TYR B 735 -1.39 -56.40 8.23
C TYR B 735 -2.29 -55.51 7.40
N TYR B 736 -1.71 -54.58 6.65
CA TYR B 736 -2.48 -53.63 5.87
C TYR B 736 -2.17 -53.79 4.39
N TYR B 737 -3.14 -53.38 3.56
CA TYR B 737 -2.95 -53.21 2.11
C TYR B 737 -3.73 -51.98 1.69
N LYS B 738 -3.01 -50.89 1.43
CA LYS B 738 -3.57 -49.61 1.00
C LYS B 738 -3.39 -49.48 -0.51
N LYS B 739 -4.47 -49.15 -1.22
CA LYS B 739 -4.42 -48.99 -2.67
C LYS B 739 -5.15 -47.70 -3.02
N ALA B 740 -4.39 -46.71 -3.50
CA ALA B 740 -4.90 -45.38 -3.82
C ALA B 740 -5.17 -45.27 -5.32
N THR B 741 -6.25 -44.57 -5.67
CA THR B 741 -6.78 -44.47 -7.03
C THR B 741 -6.97 -43.02 -7.43
N ASP B 742 -6.52 -42.67 -8.64
CA ASP B 742 -6.66 -41.30 -9.14
C ASP B 742 -5.94 -40.32 -8.22
N ILE B 743 -4.67 -40.63 -7.95
CA ILE B 743 -3.85 -39.82 -7.09
C ILE B 743 -3.89 -38.37 -7.54
N LEU B 744 -4.12 -37.46 -6.61
CA LEU B 744 -4.10 -36.04 -6.89
C LEU B 744 -2.69 -35.51 -6.76
N THR B 745 -2.16 -34.91 -7.83
CA THR B 745 -0.95 -34.12 -7.75
C THR B 745 -1.03 -32.95 -8.71
N GLU B 746 -0.19 -31.96 -8.43
CA GLU B 746 0.04 -30.81 -9.29
C GLU B 746 1.14 -31.16 -10.27
N MET B 747 0.86 -31.06 -11.55
CA MET B 747 1.75 -31.58 -12.59
C MET B 747 2.35 -30.44 -13.41
N ALA B 748 3.62 -30.15 -13.17
CA ALA B 748 4.40 -29.31 -14.06
C ALA B 748 4.17 -29.71 -15.51
N GLY B 749 3.81 -28.71 -16.34
CA GLY B 749 3.50 -28.97 -17.73
C GLY B 749 4.72 -28.98 -18.64
N VAL B 750 4.54 -29.60 -19.81
CA VAL B 750 5.64 -29.78 -20.76
C VAL B 750 6.20 -28.40 -21.17
N GLY B 751 7.46 -28.41 -21.63
CA GLY B 751 8.17 -27.15 -21.80
C GLY B 751 7.59 -26.23 -22.85
N VAL B 752 7.25 -26.76 -24.03
CA VAL B 752 6.77 -25.92 -25.10
C VAL B 752 5.39 -25.33 -24.82
N LEU B 753 4.70 -25.82 -23.80
CA LEU B 753 3.40 -25.27 -23.45
C LEU B 753 3.58 -23.87 -22.86
N GLY B 754 4.75 -23.61 -22.30
CA GLY B 754 5.13 -22.27 -21.90
C GLY B 754 4.63 -21.90 -20.53
N GLU B 755 3.98 -20.74 -20.45
CA GLU B 755 3.74 -20.04 -19.20
C GLU B 755 2.54 -20.63 -18.47
N GLY B 756 2.74 -21.07 -17.23
CA GLY B 756 1.66 -21.64 -16.46
C GLY B 756 1.13 -22.94 -17.01
N GLY B 757 2.02 -23.81 -17.48
CA GLY B 757 1.61 -25.10 -18.00
C GLY B 757 1.26 -26.13 -16.96
N SER B 758 1.62 -25.88 -15.71
CA SER B 758 1.20 -26.74 -14.62
C SER B 758 -0.32 -26.82 -14.56
N ARG B 759 -0.81 -28.01 -14.21
CA ARG B 759 -2.21 -28.22 -13.86
C ARG B 759 -2.30 -29.24 -12.72
N TRP B 760 -3.49 -29.35 -12.13
CA TRP B 760 -3.78 -30.39 -11.15
C TRP B 760 -4.47 -31.53 -11.89
N ILE B 761 -3.87 -32.73 -11.83
CA ILE B 761 -4.42 -33.91 -12.48
C ILE B 761 -4.49 -35.06 -11.50
N ASN B 762 -5.23 -36.09 -11.90
CA ASN B 762 -5.13 -37.40 -11.28
C ASN B 762 -4.21 -38.24 -12.15
N SER B 763 -3.22 -38.89 -11.53
CA SER B 763 -2.27 -39.72 -12.25
C SER B 763 -2.14 -41.07 -11.52
N GLY B 764 -3.17 -41.89 -11.67
CA GLY B 764 -3.03 -43.32 -11.46
C GLY B 764 -2.94 -43.72 -9.99
N ALA B 765 -2.34 -44.89 -9.78
CA ALA B 765 -2.51 -45.65 -8.54
C ALA B 765 -1.18 -46.07 -7.93
N MET B 766 -1.24 -46.32 -6.63
CA MET B 766 -0.07 -46.70 -5.88
C MET B 766 -0.47 -47.72 -4.82
N LYS B 767 0.45 -48.62 -4.51
CA LYS B 767 0.21 -49.72 -3.60
C LYS B 767 1.14 -49.63 -2.39
N ASN B 768 0.58 -49.90 -1.22
CA ASN B 768 1.35 -49.84 0.00
C ASN B 768 0.81 -50.93 0.92
N GLN B 769 1.69 -51.72 1.50
CA GLN B 769 1.24 -52.87 2.27
C GLN B 769 2.38 -53.35 3.17
N GLY B 770 2.01 -53.97 4.29
CA GLY B 770 3.00 -54.43 5.23
C GLY B 770 2.36 -54.95 6.51
N PHE B 771 3.24 -55.17 7.50
CA PHE B 771 2.85 -55.75 8.78
C PHE B 771 3.31 -54.87 9.94
N GLU B 772 2.60 -54.99 11.04
CA GLU B 772 2.90 -54.26 12.27
C GLU B 772 2.92 -55.27 13.41
N PHE B 773 3.77 -55.05 14.41
CA PHE B 773 3.79 -55.92 15.58
C PHE B 773 3.94 -55.08 16.83
N ASN B 774 3.09 -55.31 17.82
CA ASN B 774 3.18 -54.68 19.14
C ASN B 774 3.22 -55.71 20.25
N LEU B 775 4.10 -55.47 21.23
CA LEU B 775 4.32 -56.43 22.29
C LEU B 775 4.72 -55.67 23.55
N GLY B 776 3.89 -55.78 24.59
CA GLY B 776 4.20 -55.20 25.87
C GLY B 776 4.30 -56.25 26.96
N TYR B 777 5.20 -56.02 27.91
CA TYR B 777 5.40 -56.90 29.06
C TYR B 777 5.53 -56.03 30.29
N ARG B 778 4.49 -56.01 31.12
CA ARG B 778 4.45 -55.17 32.33
C ARG B 778 4.32 -56.08 33.55
N ASN B 779 5.25 -55.96 34.49
CA ASN B 779 5.20 -56.85 35.65
C ASN B 779 5.66 -56.09 36.91
N LYS B 780 6.25 -56.78 37.91
CA LYS B 780 6.81 -56.10 39.09
C LYS B 780 7.57 -57.05 39.99
N THR B 781 8.90 -56.92 40.04
CA THR B 781 9.71 -57.98 40.66
C THR B 781 9.59 -57.95 42.19
N ALA B 782 10.10 -59.03 42.81
CA ALA B 782 10.09 -59.18 44.26
C ALA B 782 10.64 -57.96 44.97
N PHE B 783 11.78 -57.45 44.50
CA PHE B 783 12.37 -56.30 45.19
C PHE B 783 11.74 -54.98 44.73
N GLY B 784 10.44 -54.99 44.42
CA GLY B 784 9.68 -53.76 44.22
C GLY B 784 10.07 -52.82 43.09
N LEU B 785 10.15 -53.34 41.87
CA LEU B 785 10.52 -52.60 40.67
C LEU B 785 9.44 -52.79 39.61
N THR B 786 8.56 -51.80 39.44
CA THR B 786 7.57 -51.86 38.38
C THR B 786 8.25 -51.65 37.03
N TYR B 787 7.93 -52.50 36.06
CA TYR B 787 8.43 -52.30 34.71
C TYR B 787 7.35 -52.60 33.68
N ASP B 788 7.39 -51.82 32.61
CA ASP B 788 6.39 -51.84 31.54
C ASP B 788 7.15 -51.57 30.26
N LEU B 789 7.38 -52.60 29.46
CA LEU B 789 8.01 -52.43 28.16
C LEU B 789 6.96 -52.54 27.08
N ASN B 790 7.19 -51.86 25.95
CA ASN B 790 6.18 -51.81 24.92
C ASN B 790 6.89 -51.38 23.63
N GLY B 791 7.31 -52.36 22.86
CA GLY B 791 7.99 -52.10 21.61
C GLY B 791 7.05 -52.26 20.44
N ASN B 792 7.56 -51.83 19.29
CA ASN B 792 6.84 -51.91 18.02
C ASN B 792 7.82 -52.26 16.92
N ILE B 793 7.36 -53.05 15.95
CA ILE B 793 8.16 -53.30 14.77
C ILE B 793 7.23 -53.40 13.56
N SER B 794 7.70 -52.82 12.45
CA SER B 794 6.90 -52.55 11.25
C SER B 794 7.72 -52.90 10.03
N THR B 795 7.03 -52.97 8.89
CA THR B 795 7.65 -53.22 7.58
C THR B 795 6.63 -52.99 6.47
N TYR B 796 7.07 -52.46 5.33
CA TYR B 796 6.12 -52.19 4.27
C TYR B 796 6.84 -52.11 2.93
N ARG B 797 6.14 -52.55 1.89
CA ARG B 797 6.62 -52.45 0.52
C ARG B 797 5.66 -51.53 -0.23
N ASN B 798 6.23 -50.66 -1.06
CA ASN B 798 5.47 -49.67 -1.81
C ASN B 798 5.63 -49.95 -3.29
N GLU B 799 4.56 -49.81 -4.07
CA GLU B 799 4.62 -50.11 -5.50
C GLU B 799 3.77 -49.14 -6.29
N ILE B 800 4.38 -48.46 -7.25
CA ILE B 800 3.65 -47.60 -8.18
C ILE B 800 3.01 -48.51 -9.23
N LEU B 801 1.69 -48.42 -9.38
CA LEU B 801 0.99 -49.33 -10.30
C LEU B 801 0.81 -48.76 -11.70
N GLU B 802 -0.11 -47.82 -11.91
CA GLU B 802 -0.26 -47.21 -13.22
C GLU B 802 0.04 -45.71 -13.14
N LEU B 803 0.20 -45.10 -14.32
CA LEU B 803 0.70 -43.75 -14.52
C LEU B 803 0.45 -43.36 -15.96
N PRO B 804 0.05 -42.11 -16.25
CA PRO B 804 0.01 -41.67 -17.65
C PRO B 804 1.43 -41.60 -18.21
N GLU B 805 1.56 -41.98 -19.49
CA GLU B 805 2.89 -42.10 -20.08
C GLU B 805 3.68 -40.81 -19.91
N THR B 806 3.06 -39.67 -20.20
CA THR B 806 3.69 -38.38 -19.94
C THR B 806 4.20 -38.30 -18.51
N VAL B 807 3.39 -38.79 -17.56
CA VAL B 807 3.75 -38.64 -16.15
C VAL B 807 4.88 -39.59 -15.79
N ALA B 808 4.85 -40.80 -16.34
CA ALA B 808 5.97 -41.72 -16.15
C ALA B 808 7.20 -41.25 -16.91
N ALA B 809 7.00 -40.58 -18.05
CA ALA B 809 8.11 -40.06 -18.86
C ALA B 809 8.92 -38.99 -18.13
N ASN B 810 8.26 -38.11 -17.38
CA ASN B 810 8.92 -36.95 -16.80
C ASN B 810 9.32 -37.14 -15.33
N GLY B 811 9.51 -38.39 -14.91
CA GLY B 811 10.24 -38.72 -13.70
C GLY B 811 9.87 -38.04 -12.39
N LYS B 812 8.60 -37.63 -12.26
CA LYS B 812 8.15 -36.96 -11.04
C LYS B 812 7.86 -37.96 -9.91
N PHE B 813 7.44 -39.17 -10.23
CA PHE B 813 7.19 -40.15 -9.19
C PHE B 813 8.33 -41.13 -8.76
N GLY B 814 9.38 -41.40 -9.54
CA GLY B 814 9.66 -40.87 -10.85
C GLY B 814 11.10 -41.16 -11.21
N GLY B 815 11.33 -41.90 -12.29
CA GLY B 815 12.63 -42.47 -12.58
C GLY B 815 13.60 -41.58 -13.30
N ASN B 816 13.55 -40.27 -13.03
CA ASN B 816 14.45 -39.24 -13.57
C ASN B 816 14.30 -39.03 -15.06
N GLY B 817 13.22 -39.53 -15.64
CA GLY B 817 13.02 -39.44 -17.08
C GLY B 817 13.83 -40.40 -17.92
N VAL B 818 14.69 -41.21 -17.29
CA VAL B 818 15.43 -42.21 -18.02
C VAL B 818 14.79 -43.59 -17.98
N LYS B 819 13.96 -43.86 -16.99
CA LYS B 819 13.25 -45.12 -16.88
C LYS B 819 11.92 -44.84 -16.19
N SER B 820 10.86 -45.54 -16.60
CA SER B 820 9.58 -45.40 -15.92
C SER B 820 9.66 -45.94 -14.49
N VAL B 821 8.64 -45.63 -13.69
CA VAL B 821 8.60 -46.02 -12.29
C VAL B 821 7.56 -47.09 -12.01
N VAL B 822 6.51 -47.16 -12.81
CA VAL B 822 5.50 -48.22 -12.72
C VAL B 822 6.18 -49.55 -12.44
N GLY B 823 5.73 -50.25 -11.41
CA GLY B 823 6.36 -51.48 -11.00
C GLY B 823 7.49 -51.34 -10.01
N HIS B 824 7.85 -50.13 -9.62
CA HIS B 824 8.91 -49.96 -8.64
C HIS B 824 8.36 -49.29 -7.39
N THR B 825 8.99 -48.21 -6.92
CA THR B 825 8.63 -47.60 -5.67
C THR B 825 8.50 -46.09 -5.86
N TYR B 826 7.50 -45.49 -5.23
CA TYR B 826 7.41 -44.04 -5.19
C TYR B 826 8.71 -43.48 -4.65
N GLY B 827 9.40 -42.70 -5.47
CA GLY B 827 10.63 -42.05 -5.06
C GLY B 827 11.90 -42.80 -5.40
N ALA B 828 11.80 -43.77 -6.29
CA ALA B 828 12.97 -44.49 -6.76
C ALA B 828 13.63 -43.70 -7.89
N GLN B 829 14.95 -43.76 -7.93
CA GLN B 829 15.74 -42.91 -8.80
C GLN B 829 16.72 -43.74 -9.62
N VAL B 830 16.83 -43.42 -10.92
CA VAL B 830 17.80 -44.02 -11.82
C VAL B 830 19.01 -43.10 -11.92
N GLY B 831 20.22 -43.67 -11.83
CA GLY B 831 21.39 -42.83 -11.97
C GLY B 831 22.62 -43.60 -12.39
N TYR B 832 23.69 -42.86 -12.70
CA TYR B 832 25.01 -43.45 -12.97
C TYR B 832 25.53 -44.13 -11.71
N ILE B 833 26.51 -45.02 -11.87
CA ILE B 833 27.05 -45.74 -10.73
C ILE B 833 28.56 -45.56 -10.68
N ALA B 834 29.06 -45.06 -9.55
CA ALA B 834 30.45 -44.67 -9.39
C ALA B 834 31.23 -45.81 -8.75
N ASP B 835 32.23 -46.31 -9.48
CA ASP B 835 33.15 -47.35 -8.99
C ASP B 835 34.47 -46.70 -8.60
N GLY B 836 34.48 -46.06 -7.44
CA GLY B 836 35.70 -45.40 -7.00
C GLY B 836 36.22 -44.43 -8.03
N ILE B 837 37.54 -44.26 -8.02
CA ILE B 837 38.20 -43.27 -8.86
C ILE B 837 39.44 -43.88 -9.51
N PHE B 838 39.86 -43.25 -10.61
CA PHE B 838 41.03 -43.67 -11.40
C PHE B 838 42.32 -43.42 -10.64
N LYS B 839 43.10 -44.46 -10.38
CA LYS B 839 44.30 -44.25 -9.57
C LYS B 839 45.61 -44.14 -10.37
N SER B 840 45.59 -44.40 -11.68
CA SER B 840 46.65 -43.88 -12.55
C SER B 840 46.18 -43.89 -13.99
N GLN B 841 47.05 -43.37 -14.86
CA GLN B 841 46.74 -43.20 -16.28
C GLN B 841 46.40 -44.52 -16.95
N ASP B 842 46.81 -45.64 -16.37
CA ASP B 842 46.50 -46.93 -16.98
C ASP B 842 45.02 -47.27 -16.82
N GLU B 843 44.46 -47.07 -15.62
CA GLU B 843 43.04 -47.40 -15.41
C GLU B 843 42.13 -46.57 -16.30
N VAL B 844 42.61 -45.43 -16.79
CA VAL B 844 41.79 -44.56 -17.63
C VAL B 844 41.66 -45.13 -19.04
N ASP B 845 42.74 -45.69 -19.59
CA ASP B 845 42.66 -46.36 -20.90
C ASP B 845 42.00 -47.72 -20.78
N ASN B 846 42.27 -48.43 -19.68
CA ASN B 846 41.65 -49.71 -19.36
C ASN B 846 40.23 -49.53 -18.83
N HIS B 847 39.43 -48.73 -19.53
CA HIS B 847 38.07 -48.38 -19.11
C HIS B 847 37.44 -47.57 -20.23
N ALA B 848 36.13 -47.72 -20.37
CA ALA B 848 35.41 -47.19 -21.52
C ALA B 848 35.77 -45.72 -21.79
N THR B 849 35.70 -45.34 -23.06
CA THR B 849 35.87 -43.95 -23.45
C THR B 849 34.91 -43.12 -22.61
N GLN B 850 35.43 -42.48 -21.58
CA GLN B 850 34.63 -41.65 -20.69
C GLN B 850 35.08 -40.21 -20.85
N GLU B 851 34.27 -39.43 -21.58
CA GLU B 851 34.43 -38.00 -21.85
C GLU B 851 35.54 -37.34 -21.04
N GLY B 852 35.25 -37.03 -19.77
CA GLY B 852 36.21 -36.34 -18.91
C GLY B 852 37.02 -37.21 -17.97
N ALA B 853 37.18 -38.48 -18.32
CA ALA B 853 37.91 -39.39 -17.46
C ALA B 853 39.39 -39.01 -17.45
N ALA B 854 39.88 -38.67 -16.26
CA ALA B 854 41.30 -38.40 -16.10
C ALA B 854 41.83 -39.20 -14.93
N VAL B 855 43.04 -38.91 -14.51
CA VAL B 855 43.63 -39.58 -13.35
C VAL B 855 43.11 -38.86 -12.11
N GLY B 856 42.49 -39.61 -11.22
CA GLY B 856 41.90 -39.06 -10.02
C GLY B 856 40.43 -38.70 -10.12
N ARG B 857 39.86 -38.67 -11.33
CA ARG B 857 38.44 -38.41 -11.54
C ARG B 857 37.59 -39.62 -11.15
N ILE B 858 36.28 -39.46 -11.20
CA ILE B 858 35.38 -40.54 -10.84
C ILE B 858 35.15 -41.45 -12.04
N ARG B 859 35.31 -42.76 -11.83
CA ARG B 859 35.14 -43.76 -12.86
C ARG B 859 33.75 -44.36 -12.74
N TYR B 860 32.93 -44.14 -13.76
CA TYR B 860 31.57 -44.65 -13.84
C TYR B 860 31.55 -45.90 -14.70
N ARG B 861 31.08 -47.02 -14.14
CA ARG B 861 31.07 -48.27 -14.87
C ARG B 861 30.22 -48.16 -16.13
N ASP B 862 30.50 -49.02 -17.10
CA ASP B 862 29.67 -49.08 -18.29
C ASP B 862 28.67 -50.21 -18.13
N ILE B 863 27.40 -49.90 -18.33
CA ILE B 863 26.33 -50.88 -18.31
C ILE B 863 25.76 -51.12 -19.71
N ASP B 864 25.96 -50.18 -20.64
CA ASP B 864 25.95 -50.50 -22.06
C ASP B 864 26.58 -51.86 -22.28
N HIS B 865 27.79 -52.01 -21.72
CA HIS B 865 28.75 -53.02 -22.15
C HIS B 865 29.02 -52.87 -23.65
N ASN B 866 29.05 -51.62 -24.08
CA ASN B 866 29.41 -51.25 -25.44
C ASN B 866 30.70 -50.44 -25.48
N GLY B 867 31.42 -50.34 -24.35
CA GLY B 867 32.69 -49.65 -24.32
C GLY B 867 32.65 -48.15 -24.42
N VAL B 868 31.50 -47.50 -24.22
CA VAL B 868 31.37 -46.05 -24.07
C VAL B 868 30.34 -45.72 -22.99
N ILE B 869 30.41 -44.49 -22.49
CA ILE B 869 29.63 -44.07 -21.32
C ILE B 869 28.27 -43.49 -21.70
N ASP B 870 28.23 -42.51 -22.62
CA ASP B 870 27.03 -41.78 -23.05
C ASP B 870 26.00 -41.56 -21.94
N GLU B 871 24.73 -41.73 -22.25
CA GLU B 871 23.67 -41.43 -21.28
C GLU B 871 22.76 -42.60 -21.00
N ARG B 872 22.72 -43.60 -21.87
CA ARG B 872 21.94 -44.80 -21.59
C ARG B 872 22.53 -45.57 -20.44
N ASP B 873 23.67 -45.15 -19.92
CA ASP B 873 24.46 -46.01 -19.05
C ASP B 873 23.69 -46.49 -17.82
N GLN B 874 22.77 -45.68 -17.30
CA GLN B 874 22.40 -45.83 -15.90
C GLN B 874 21.28 -46.86 -15.65
N ASN B 875 21.15 -47.26 -14.38
CA ASN B 875 20.05 -48.08 -13.86
C ASN B 875 19.52 -47.52 -12.53
N TRP B 876 18.62 -48.27 -11.91
CA TRP B 876 18.10 -47.91 -10.60
C TRP B 876 19.20 -47.97 -9.55
N ILE B 877 19.32 -46.89 -8.76
CA ILE B 877 20.42 -46.72 -7.81
C ILE B 877 19.94 -46.32 -6.42
N TYR B 878 18.68 -45.89 -6.29
CA TYR B 878 18.12 -45.40 -5.03
C TYR B 878 16.80 -46.08 -4.71
N ASP B 879 16.63 -46.49 -3.43
CA ASP B 879 15.33 -46.99 -2.98
C ASP B 879 14.99 -46.51 -1.58
N PRO B 880 13.89 -45.78 -1.40
CA PRO B 880 13.62 -45.13 -0.12
C PRO B 880 13.10 -46.07 0.95
N THR B 881 12.40 -47.14 0.54
CA THR B 881 11.73 -48.02 1.50
C THR B 881 12.73 -48.70 2.43
N PRO B 882 12.52 -48.62 3.74
CA PRO B 882 13.42 -49.26 4.68
C PRO B 882 13.16 -50.76 4.73
N SER B 883 14.17 -51.48 5.19
CA SER B 883 13.98 -52.91 5.40
C SER B 883 12.91 -53.17 6.45
N PHE B 884 12.94 -52.41 7.55
CA PHE B 884 11.93 -52.38 8.59
C PHE B 884 12.26 -51.25 9.54
N SER B 885 11.22 -50.69 10.18
CA SER B 885 11.38 -49.67 11.20
C SER B 885 10.86 -50.21 12.54
N TYR B 886 11.46 -49.77 13.64
CA TYR B 886 11.13 -50.30 14.95
C TYR B 886 11.17 -49.22 16.02
N GLY B 887 10.54 -49.53 17.15
CA GLY B 887 10.49 -48.63 18.29
C GLY B 887 10.21 -49.39 19.56
N LEU B 888 10.76 -48.89 20.66
CA LEU B 888 10.62 -49.57 21.95
C LEU B 888 10.58 -48.57 23.09
N ASN B 889 9.47 -48.57 23.84
CA ASN B 889 9.25 -47.65 24.96
C ASN B 889 9.47 -48.33 26.30
N ILE B 890 10.31 -47.74 27.14
CA ILE B 890 10.71 -48.30 28.44
C ILE B 890 10.20 -47.39 29.56
N TYR B 891 9.34 -47.91 30.41
CA TYR B 891 8.99 -47.27 31.67
C TYR B 891 9.50 -48.09 32.85
N LEU B 892 10.03 -47.41 33.86
CA LEU B 892 10.50 -48.01 35.11
C LEU B 892 10.05 -47.16 36.30
N GLU B 893 9.75 -47.83 37.41
CA GLU B 893 9.51 -47.13 38.67
C GLU B 893 10.11 -47.95 39.82
N TYR B 894 10.90 -47.31 40.67
CA TYR B 894 11.58 -47.96 41.78
C TYR B 894 11.87 -46.95 42.88
N LYS B 895 11.24 -47.11 44.03
CA LYS B 895 11.56 -46.31 45.22
C LYS B 895 11.32 -44.82 44.95
N ASN B 896 10.19 -44.52 44.32
CA ASN B 896 9.72 -43.17 44.02
C ASN B 896 10.45 -42.56 42.82
N PHE B 897 11.61 -43.11 42.49
CA PHE B 897 12.22 -42.77 41.22
C PHE B 897 11.46 -43.37 40.04
N ASP B 898 11.55 -42.69 38.91
CA ASP B 898 10.60 -42.81 37.82
C ASP B 898 11.32 -42.55 36.51
N LEU B 899 11.69 -43.62 35.79
CA LEU B 899 12.53 -43.49 34.60
C LEU B 899 11.83 -44.00 33.36
N THR B 900 11.88 -43.22 32.30
CA THR B 900 11.23 -43.55 31.05
C THR B 900 12.14 -43.25 29.88
N MET B 901 12.10 -44.12 28.87
CA MET B 901 12.84 -43.97 27.63
C MET B 901 11.92 -44.16 26.44
N PHE B 902 12.44 -43.83 25.26
CA PHE B 902 11.74 -44.10 24.01
C PHE B 902 12.79 -44.18 22.92
N TRP B 903 12.98 -45.36 22.37
CA TRP B 903 13.91 -45.57 21.27
C TRP B 903 13.14 -45.83 19.99
N GLN B 904 13.58 -45.17 18.93
CA GLN B 904 13.03 -45.42 17.60
C GLN B 904 14.24 -45.71 16.72
N GLY B 905 14.00 -46.23 15.54
CA GLY B 905 15.12 -46.49 14.67
C GLY B 905 14.64 -47.14 13.39
N VAL B 906 15.52 -47.14 12.42
CA VAL B 906 15.25 -47.83 11.17
C VAL B 906 16.55 -48.50 10.75
N GLN B 907 16.42 -49.65 10.06
CA GLN B 907 17.59 -50.37 9.55
C GLN B 907 17.38 -50.77 8.10
N GLY B 908 18.45 -50.62 7.32
CA GLY B 908 18.52 -51.07 5.94
C GLY B 908 17.90 -50.10 4.95
N VAL B 909 18.33 -48.82 4.95
CA VAL B 909 17.62 -47.78 4.21
C VAL B 909 18.62 -47.03 3.34
N ASP B 910 18.29 -46.89 2.06
CA ASP B 910 19.04 -46.02 1.14
C ASP B 910 18.66 -44.56 1.42
N ILE B 911 19.61 -43.67 1.18
CA ILE B 911 19.52 -42.24 1.51
C ILE B 911 20.32 -41.48 0.48
N ILE B 912 19.71 -40.47 -0.13
CA ILE B 912 20.37 -39.72 -1.20
C ILE B 912 20.38 -38.24 -0.82
N SER B 913 21.51 -37.58 -1.08
CA SER B 913 21.68 -36.25 -0.54
C SER B 913 22.70 -35.45 -1.35
N ASP B 914 22.59 -34.13 -1.20
CA ASP B 914 23.42 -33.19 -1.92
C ASP B 914 24.56 -32.65 -1.08
N VAL B 915 24.59 -32.97 0.22
CA VAL B 915 25.58 -32.31 1.07
C VAL B 915 26.99 -32.66 0.63
N LYS B 916 27.19 -33.84 0.03
CA LYS B 916 28.52 -34.20 -0.44
C LYS B 916 29.03 -33.22 -1.50
N LYS B 917 28.13 -32.66 -2.32
CA LYS B 917 28.55 -31.74 -3.36
C LYS B 917 29.26 -30.52 -2.78
N LYS B 918 28.96 -30.19 -1.53
CA LYS B 918 29.65 -29.13 -0.84
C LYS B 918 30.81 -29.64 0.01
N SER B 919 30.90 -30.95 0.29
CA SER B 919 31.94 -31.46 1.15
C SER B 919 33.02 -32.26 0.43
N ASP B 920 32.77 -32.75 -0.79
CA ASP B 920 33.77 -33.51 -1.52
C ASP B 920 34.37 -32.78 -2.71
N PHE B 921 33.88 -31.58 -3.05
CA PHE B 921 34.32 -30.94 -4.30
C PHE B 921 34.47 -29.43 -4.11
N TRP B 922 35.38 -28.88 -4.89
CA TRP B 922 35.70 -27.47 -4.89
C TRP B 922 34.93 -26.72 -5.97
N SER B 923 34.08 -27.40 -6.73
CA SER B 923 33.57 -26.85 -7.97
C SER B 923 32.23 -27.49 -8.33
N ALA B 924 31.71 -28.31 -7.42
CA ALA B 924 30.38 -28.88 -7.58
C ALA B 924 29.35 -27.93 -7.00
N SER B 925 29.27 -26.75 -7.61
CA SER B 925 28.30 -25.71 -7.26
C SER B 925 28.29 -24.69 -8.38
N ASN B 926 27.37 -23.74 -8.30
CA ASN B 926 27.29 -22.76 -9.37
C ASN B 926 27.92 -21.43 -8.99
N VAL B 927 28.48 -21.28 -7.80
CA VAL B 927 29.07 -20.01 -7.42
C VAL B 927 30.45 -20.22 -6.85
N GLY B 928 31.38 -19.39 -7.31
CA GLY B 928 32.78 -19.63 -7.06
C GLY B 928 33.18 -19.22 -5.64
N PHE B 929 34.02 -20.07 -5.05
CA PHE B 929 34.81 -19.76 -3.87
C PHE B 929 33.98 -19.72 -2.61
N LEU B 930 32.83 -20.41 -2.59
CA LEU B 930 32.08 -20.60 -1.36
C LEU B 930 32.82 -21.55 -0.44
N ASN B 931 32.53 -21.49 0.85
CA ASN B 931 33.23 -22.42 1.71
C ASN B 931 32.68 -23.81 1.50
N LYS B 932 33.53 -24.80 1.78
CA LYS B 932 33.28 -26.19 1.46
C LYS B 932 33.44 -27.04 2.71
N GLY B 933 32.95 -28.29 2.64
CA GLY B 933 33.07 -29.22 3.76
C GLY B 933 34.51 -29.46 4.20
N THR B 934 34.65 -30.13 5.34
CA THR B 934 35.99 -30.33 5.88
C THR B 934 36.66 -31.53 5.26
N ARG B 935 35.88 -32.43 4.64
CA ARG B 935 36.43 -33.70 4.24
C ARG B 935 37.19 -33.66 2.92
N LEU B 936 36.96 -32.67 2.03
CA LEU B 936 37.71 -32.72 0.75
C LEU B 936 39.20 -32.44 0.95
N LEU B 937 39.61 -32.16 2.20
CA LEU B 937 41.01 -32.09 2.58
C LEU B 937 41.74 -33.41 2.39
N ASN B 938 41.00 -34.50 2.25
CA ASN B 938 41.53 -35.84 2.14
C ASN B 938 41.16 -36.45 0.79
N ALA B 939 41.05 -35.58 -0.22
CA ALA B 939 40.83 -35.99 -1.58
C ALA B 939 42.04 -36.73 -2.10
N TRP B 940 41.81 -37.45 -3.19
CA TRP B 940 42.90 -38.13 -3.86
C TRP B 940 43.83 -37.11 -4.50
N SER B 941 45.12 -37.42 -4.48
CA SER B 941 46.14 -36.63 -5.16
C SER B 941 47.27 -37.58 -5.52
N PRO B 942 48.26 -37.10 -6.29
CA PRO B 942 49.49 -37.89 -6.42
C PRO B 942 50.06 -38.28 -5.07
N THR B 943 50.30 -37.30 -4.20
CA THR B 943 50.87 -37.54 -2.87
C THR B 943 49.90 -38.23 -1.89
N ASN B 944 48.63 -38.51 -2.27
CA ASN B 944 47.75 -39.21 -1.32
C ASN B 944 46.70 -40.08 -2.01
N PRO B 945 47.01 -41.34 -2.34
CA PRO B 945 46.01 -42.17 -3.05
C PRO B 945 45.27 -43.20 -2.21
N ASN B 946 44.58 -44.09 -2.91
CA ASN B 946 43.49 -44.93 -2.37
C ASN B 946 42.58 -44.14 -1.43
N SER B 947 42.15 -42.97 -1.88
CA SER B 947 41.05 -42.24 -1.28
C SER B 947 39.80 -42.41 -2.14
N ASP B 948 38.66 -42.64 -1.49
CA ASP B 948 37.42 -42.73 -2.26
C ASP B 948 37.12 -41.42 -2.96
N ILE B 949 37.54 -40.31 -2.36
CA ILE B 949 37.12 -38.93 -2.68
C ILE B 949 37.91 -38.36 -3.84
N PRO B 950 37.25 -37.99 -4.94
CA PRO B 950 37.98 -37.55 -6.14
C PRO B 950 38.90 -36.37 -5.86
N ALA B 951 39.79 -36.09 -6.81
CA ALA B 951 40.78 -35.03 -6.65
C ALA B 951 40.09 -33.66 -6.61
N LEU B 952 40.87 -32.59 -6.58
CA LEU B 952 40.37 -31.22 -6.42
C LEU B 952 40.61 -30.42 -7.70
N THR B 953 39.54 -30.03 -8.39
CA THR B 953 39.69 -29.25 -9.61
C THR B 953 38.87 -27.97 -9.55
N ARG B 954 39.27 -27.02 -10.38
CA ARG B 954 38.61 -25.73 -10.48
C ARG B 954 37.37 -25.75 -11.37
N SER B 955 37.01 -26.92 -11.91
CA SER B 955 35.82 -27.01 -12.75
C SER B 955 35.41 -28.46 -12.88
N ASP B 956 34.10 -28.68 -13.04
CA ASP B 956 33.49 -30.01 -13.06
C ASP B 956 33.41 -30.54 -14.50
N THR B 957 34.58 -30.90 -15.01
CA THR B 957 34.65 -31.38 -16.38
C THR B 957 34.12 -32.80 -16.54
N ASN B 958 34.26 -33.64 -15.50
CA ASN B 958 33.81 -35.04 -15.53
C ASN B 958 32.32 -35.20 -15.20
N ASN B 959 31.58 -34.10 -15.06
CA ASN B 959 30.16 -34.14 -14.69
C ASN B 959 29.96 -34.92 -13.39
N GLU B 960 30.87 -34.75 -12.43
CA GLU B 960 30.76 -35.43 -11.15
C GLU B 960 29.40 -35.24 -10.50
N GLN B 961 28.76 -34.10 -10.75
CA GLN B 961 27.43 -33.82 -10.20
C GLN B 961 26.30 -34.26 -11.14
N ARG B 962 26.44 -35.45 -11.70
CA ARG B 962 25.38 -36.20 -12.34
C ARG B 962 24.77 -37.17 -11.31
N VAL B 963 23.55 -37.61 -11.58
CA VAL B 963 22.89 -38.53 -10.65
C VAL B 963 23.69 -39.82 -10.55
N SER B 964 24.42 -40.01 -9.45
CA SER B 964 25.25 -41.21 -9.29
C SER B 964 24.98 -41.89 -7.96
N THR B 965 25.63 -43.03 -7.76
CA THR B 965 25.64 -43.66 -6.45
C THR B 965 26.62 -42.98 -5.52
N TYR B 966 27.37 -41.98 -6.00
CA TYR B 966 28.27 -41.28 -5.10
C TYR B 966 27.47 -40.64 -3.99
N PHE B 967 26.24 -40.28 -4.29
CA PHE B 967 25.39 -39.50 -3.41
C PHE B 967 24.39 -40.37 -2.66
N VAL B 968 24.43 -41.69 -2.83
CA VAL B 968 23.60 -42.61 -2.05
C VAL B 968 24.50 -43.26 -1.02
N GLU B 969 24.09 -43.17 0.25
CA GLU B 969 24.84 -43.76 1.33
C GLU B 969 23.86 -44.57 2.17
N ASN B 970 24.28 -45.07 3.34
CA ASN B 970 23.41 -45.90 4.16
C ASN B 970 22.79 -45.05 5.28
N GLY B 971 21.46 -44.99 5.28
CA GLY B 971 20.73 -44.28 6.30
C GLY B 971 20.07 -45.21 7.28
N SER B 972 20.85 -46.10 7.88
CA SER B 972 20.41 -46.89 9.02
C SER B 972 20.74 -46.13 10.29
N PHE B 973 19.84 -46.18 11.26
CA PHE B 973 20.06 -45.46 12.51
C PHE B 973 19.18 -46.01 13.61
N LEU B 974 19.42 -45.48 14.80
CA LEU B 974 18.71 -45.88 16.01
C LEU B 974 18.70 -44.64 16.91
N LYS B 975 17.57 -43.98 16.97
CA LYS B 975 17.51 -42.69 17.65
C LYS B 975 16.97 -42.90 19.06
N LEU B 976 17.51 -42.15 20.02
CA LEU B 976 16.95 -42.11 21.37
C LEU B 976 16.14 -40.82 21.41
N ARG B 977 14.87 -40.92 21.01
CA ARG B 977 13.95 -39.80 21.04
C ARG B 977 13.98 -39.06 22.38
N ASN B 978 13.60 -39.72 23.47
CA ASN B 978 13.48 -39.03 24.75
C ASN B 978 13.90 -39.96 25.89
N ILE B 979 14.58 -39.38 26.89
CA ILE B 979 14.82 -40.01 28.19
C ILE B 979 14.37 -39.02 29.28
N GLN B 980 13.73 -39.51 30.34
CA GLN B 980 13.21 -38.61 31.37
C GLN B 980 13.19 -39.32 32.72
N LEU B 981 14.03 -38.86 33.66
CA LEU B 981 14.10 -39.42 35.00
C LEU B 981 13.36 -38.51 35.98
N GLY B 982 12.56 -39.11 36.86
CA GLY B 982 11.73 -38.36 37.78
C GLY B 982 11.78 -38.86 39.22
N TYR B 983 11.64 -37.93 40.15
CA TYR B 983 11.46 -38.22 41.56
C TYR B 983 10.07 -37.71 41.95
N THR B 984 9.25 -38.58 42.55
CA THR B 984 7.93 -38.23 43.06
C THR B 984 7.95 -38.24 44.58
N VAL B 985 7.55 -37.13 45.19
CA VAL B 985 7.68 -37.01 46.64
C VAL B 985 6.54 -37.77 47.31
N PRO B 986 6.83 -38.61 48.30
CA PRO B 986 5.83 -39.52 48.87
C PRO B 986 4.55 -38.82 49.32
N ALA B 987 3.40 -39.37 48.92
CA ALA B 987 2.15 -38.68 49.21
C ALA B 987 1.99 -38.40 50.70
N VAL B 988 2.57 -39.26 51.56
CA VAL B 988 2.45 -39.08 53.01
C VAL B 988 2.89 -37.69 53.44
N ILE B 989 3.79 -37.07 52.68
CA ILE B 989 4.28 -35.74 53.04
C ILE B 989 4.11 -34.70 51.93
N SER B 990 3.93 -35.10 50.67
CA SER B 990 3.41 -34.13 49.71
C SER B 990 2.02 -33.68 50.11
N LYS B 991 1.33 -34.43 50.95
CA LYS B 991 0.05 -33.96 51.42
C LYS B 991 0.22 -32.98 52.56
N LYS B 992 1.37 -32.97 53.23
CA LYS B 992 1.53 -32.08 54.37
C LYS B 992 1.45 -30.61 53.94
N MET B 993 1.69 -30.32 52.67
CA MET B 993 1.64 -28.98 52.11
C MET B 993 0.46 -28.83 51.17
N ARG B 994 -0.64 -29.52 51.49
CA ARG B 994 -1.88 -29.48 50.73
C ARG B 994 -1.65 -29.83 49.27
N MET B 995 -0.81 -30.83 49.03
CA MET B 995 -0.64 -31.31 47.67
C MET B 995 -1.06 -32.77 47.56
N ASP B 996 -0.55 -33.49 46.58
CA ASP B 996 -1.08 -34.81 46.33
C ASP B 996 -0.07 -35.51 45.44
N ARG B 997 0.21 -34.87 44.31
CA ARG B 997 1.32 -35.23 43.44
C ARG B 997 2.29 -34.07 43.45
N LEU B 998 3.58 -34.37 43.66
CA LEU B 998 4.64 -33.37 43.70
C LEU B 998 5.88 -34.06 43.15
N ARG B 999 6.18 -33.83 41.88
CA ARG B 999 7.24 -34.59 41.24
C ARG B 999 8.17 -33.67 40.46
N PHE B 1000 9.47 -33.91 40.59
CA PHE B 1000 10.50 -33.25 39.78
C PHE B 1000 11.07 -34.23 38.77
N TYR B 1001 11.60 -33.71 37.69
CA TYR B 1001 12.10 -34.56 36.61
C TYR B 1001 13.16 -33.84 35.79
N CYS B 1002 13.93 -34.64 35.08
CA CYS B 1002 15.00 -34.19 34.22
C CYS B 1002 14.81 -34.91 32.90
N SER B 1003 15.02 -34.22 31.78
CA SER B 1003 14.72 -34.93 30.55
C SER B 1003 15.54 -34.40 29.39
N ALA B 1004 15.83 -35.29 28.44
CA ALA B 1004 16.54 -34.94 27.22
C ALA B 1004 15.75 -35.42 26.01
N GLN B 1005 15.96 -34.73 24.88
CA GLN B 1005 15.32 -35.04 23.60
C GLN B 1005 16.41 -35.08 22.54
N ASN B 1006 16.43 -36.14 21.74
CA ASN B 1006 17.42 -36.29 20.68
C ASN B 1006 18.82 -36.30 21.24
N LEU B 1007 18.93 -36.85 22.45
CA LEU B 1007 20.22 -36.95 23.12
C LEU B 1007 21.26 -37.58 22.19
N LEU B 1008 21.00 -38.80 21.68
CA LEU B 1008 22.01 -39.47 20.86
C LEU B 1008 21.37 -40.29 19.75
N THR B 1009 22.12 -40.42 18.64
CA THR B 1009 21.73 -41.22 17.49
C THR B 1009 22.84 -42.22 17.22
N ILE B 1010 22.49 -43.37 16.67
CA ILE B 1010 23.46 -44.44 16.39
C ILE B 1010 23.35 -44.72 14.90
N LYS B 1011 24.46 -44.50 14.19
CA LYS B 1011 24.41 -44.26 12.76
C LYS B 1011 25.36 -45.24 12.06
N SER B 1012 25.19 -45.39 10.75
CA SER B 1012 26.06 -46.30 10.00
C SER B 1012 27.42 -45.67 9.75
N LYS B 1013 28.44 -46.53 9.63
CA LYS B 1013 29.77 -46.04 9.26
C LYS B 1013 29.76 -45.40 7.88
N ASN B 1014 28.94 -45.94 6.97
CA ASN B 1014 28.94 -45.48 5.58
C ASN B 1014 28.34 -44.10 5.39
N PHE B 1015 27.91 -43.42 6.44
CA PHE B 1015 27.20 -42.16 6.25
C PHE B 1015 28.15 -40.99 6.41
N THR B 1016 28.13 -40.09 5.42
CA THR B 1016 28.99 -38.92 5.47
C THR B 1016 28.79 -38.16 6.79
N GLY B 1017 27.57 -37.74 7.07
CA GLY B 1017 27.35 -37.17 8.39
C GLY B 1017 26.06 -36.40 8.48
N GLU B 1018 25.73 -36.12 9.75
CA GLU B 1018 24.69 -35.23 10.27
C GLU B 1018 23.43 -36.00 10.61
N ASP B 1019 22.33 -35.78 9.90
CA ASP B 1019 21.15 -36.52 10.27
C ASP B 1019 20.78 -37.51 9.20
N PRO B 1020 20.75 -38.80 9.53
CA PRO B 1020 20.31 -39.80 8.55
C PRO B 1020 18.87 -39.65 8.14
N GLU B 1021 17.97 -39.25 9.04
CA GLU B 1021 16.58 -39.11 8.63
C GLU B 1021 16.28 -37.72 8.09
N ASN B 1022 17.27 -36.84 8.07
CA ASN B 1022 17.22 -35.59 7.30
C ASN B 1022 18.51 -35.47 6.49
N PRO B 1023 18.69 -36.33 5.49
CA PRO B 1023 19.97 -36.35 4.77
C PRO B 1023 20.30 -35.05 4.10
N ASN B 1024 19.29 -34.24 3.75
CA ASN B 1024 19.50 -33.05 2.95
C ASN B 1024 20.12 -31.92 3.73
N PHE B 1025 20.25 -32.04 5.04
CA PHE B 1025 20.61 -30.91 5.89
C PHE B 1025 22.05 -31.04 6.34
N SER B 1026 22.74 -29.91 6.36
CA SER B 1026 24.14 -29.82 6.74
C SER B 1026 24.34 -29.79 8.24
N TYR B 1027 23.27 -29.89 9.02
CA TYR B 1027 23.31 -29.72 10.47
C TYR B 1027 22.26 -30.65 11.08
N PRO B 1028 22.41 -31.00 12.34
CA PRO B 1028 21.47 -31.95 12.94
C PRO B 1028 20.30 -31.23 13.58
N ILE B 1029 19.54 -31.92 14.43
CA ILE B 1029 18.45 -31.28 15.15
C ILE B 1029 19.07 -30.83 16.48
N PRO B 1030 18.49 -29.84 17.17
CA PRO B 1030 19.11 -29.40 18.42
C PRO B 1030 18.70 -30.26 19.61
N VAL B 1031 19.65 -30.40 20.52
CA VAL B 1031 19.56 -31.25 21.70
C VAL B 1031 18.93 -30.46 22.85
N ASN B 1032 17.79 -30.95 23.37
CA ASN B 1032 17.12 -30.35 24.53
C ASN B 1032 17.48 -31.08 25.81
N ILE B 1033 17.50 -30.33 26.91
CA ILE B 1033 17.72 -30.87 28.25
C ILE B 1033 16.85 -30.06 29.20
N THR B 1034 15.99 -30.72 29.97
CA THR B 1034 14.91 -30.04 30.65
C THR B 1034 14.89 -30.34 32.13
N PHE B 1035 14.56 -29.33 32.93
CA PHE B 1035 14.25 -29.53 34.34
C PHE B 1035 12.83 -29.04 34.55
N GLY B 1036 12.11 -29.69 35.45
CA GLY B 1036 10.70 -29.35 35.61
C GLY B 1036 10.04 -29.99 36.81
N LEU B 1037 8.83 -29.52 37.10
CA LEU B 1037 8.06 -30.09 38.18
C LEU B 1037 6.59 -30.16 37.80
N ASN B 1038 5.86 -31.00 38.52
CA ASN B 1038 4.40 -31.11 38.47
C ASN B 1038 3.85 -31.00 39.87
N ILE B 1039 2.70 -30.36 40.01
CA ILE B 1039 2.05 -30.24 41.31
C ILE B 1039 0.60 -30.66 41.16
N GLY B 1040 0.07 -31.28 42.21
CA GLY B 1040 -1.08 -32.15 42.18
C GLY B 1040 -2.39 -31.68 42.77
N PHE B 1041 -2.43 -31.32 44.06
CA PHE B 1041 -3.71 -30.96 44.71
C PHE B 1041 -4.92 -31.88 44.34
N CYS C 19 6.43 3.78 39.98
CA CYS C 19 6.36 3.12 38.68
C CYS C 19 6.42 4.13 37.55
N ASP C 20 7.67 4.43 37.18
CA ASP C 20 8.08 5.59 36.41
C ASP C 20 8.70 5.22 35.06
N ASP C 21 9.59 4.21 35.04
CA ASP C 21 10.02 3.54 33.80
C ASP C 21 8.85 3.18 32.89
N PHE C 22 7.67 2.99 33.47
CA PHE C 22 6.52 2.42 32.78
C PHE C 22 5.85 3.42 31.87
N LEU C 23 5.92 4.69 32.27
CA LEU C 23 5.27 5.79 31.58
C LEU C 23 6.17 6.45 30.55
N ASP C 24 7.47 6.27 30.67
CA ASP C 24 8.45 6.74 29.72
C ASP C 24 8.68 5.78 28.53
N ARG C 25 8.03 4.61 28.50
CA ARG C 25 8.42 3.57 27.53
C ARG C 25 7.80 3.76 26.16
N GLN C 26 6.56 4.23 26.07
CA GLN C 26 5.99 4.49 24.75
C GLN C 26 6.47 5.83 24.26
N VAL C 27 6.76 5.89 22.97
CA VAL C 27 7.30 7.11 22.35
C VAL C 27 6.49 7.40 21.09
N PRO C 28 6.57 8.63 20.56
CA PRO C 28 5.70 8.97 19.43
C PRO C 28 6.05 8.16 18.21
N GLN C 29 5.07 7.97 17.33
CA GLN C 29 5.21 7.03 16.21
C GLN C 29 5.15 7.76 14.86
N GLY C 30 6.24 7.67 14.10
CA GLY C 30 6.23 8.18 12.73
C GLY C 30 6.35 9.69 12.64
N ILE C 31 7.22 10.28 13.46
CA ILE C 31 7.23 11.70 13.77
C ILE C 31 8.65 12.12 14.15
N VAL C 32 9.06 13.29 13.69
CA VAL C 32 10.22 13.97 14.24
C VAL C 32 9.72 14.97 15.30
N THR C 33 10.32 14.96 16.49
CA THR C 33 9.88 15.87 17.54
C THR C 33 10.63 17.19 17.44
N GLY C 34 9.96 18.26 17.80
CA GLY C 34 10.42 19.60 17.48
C GLY C 34 11.68 20.01 18.22
N ASP C 35 12.40 19.00 18.71
CA ASP C 35 13.73 19.16 19.27
C ASP C 35 14.75 18.35 18.52
N GLN C 36 14.35 17.68 17.43
CA GLN C 36 15.28 17.15 16.45
C GLN C 36 15.18 17.85 15.11
N ILE C 37 14.12 18.64 14.87
CA ILE C 37 13.97 19.33 13.60
C ILE C 37 15.13 20.29 13.28
N ALA C 38 15.74 20.89 14.31
CA ALA C 38 16.79 21.86 13.99
C ALA C 38 18.07 21.19 13.53
N SER C 39 18.10 19.86 13.52
CA SER C 39 19.29 19.11 13.19
C SER C 39 19.69 19.32 11.76
N PRO C 40 20.98 19.11 11.46
CA PRO C 40 21.46 19.37 10.10
C PRO C 40 20.95 18.40 9.05
N GLU C 41 20.69 17.13 9.38
CA GLU C 41 20.26 16.24 8.31
C GLU C 41 18.86 16.54 7.80
N TYR C 42 18.09 17.35 8.51
CA TYR C 42 16.75 17.69 8.04
C TYR C 42 16.71 19.03 7.32
N VAL C 43 17.84 19.75 7.22
CA VAL C 43 17.81 21.16 6.85
C VAL C 43 17.28 21.36 5.44
N ASP C 44 17.81 20.58 4.50
CA ASP C 44 17.26 20.65 3.16
C ASP C 44 15.85 20.09 3.10
N ASN C 45 15.46 19.26 4.07
CA ASN C 45 14.08 18.83 4.15
C ASN C 45 13.17 20.00 4.50
N LEU C 46 13.56 20.83 5.46
CA LEU C 46 12.77 22.02 5.76
C LEU C 46 12.66 22.90 4.53
N VAL C 47 13.75 23.01 3.76
CA VAL C 47 13.78 23.85 2.56
C VAL C 47 12.75 23.39 1.53
N ILE C 48 12.89 22.18 0.99
CA ILE C 48 11.93 21.75 -0.02
C ILE C 48 10.51 21.83 0.51
N SER C 49 10.33 21.52 1.79
CA SER C 49 9.02 21.63 2.43
C SER C 49 8.44 23.02 2.23
N ALA C 50 9.30 24.04 2.29
CA ALA C 50 8.90 25.44 2.23
C ALA C 50 8.49 25.85 0.82
N TYR C 51 8.97 25.14 -0.19
CA TYR C 51 8.46 25.40 -1.53
C TYR C 51 7.09 24.78 -1.72
N ALA C 52 6.83 23.63 -1.09
CA ALA C 52 5.72 22.81 -1.56
C ALA C 52 4.38 23.47 -1.25
N ILE C 53 4.24 24.04 -0.07
CA ILE C 53 3.01 24.67 0.38
C ILE C 53 2.49 25.66 -0.67
N TRP C 54 3.37 26.15 -1.56
CA TRP C 54 2.91 26.97 -2.68
C TRP C 54 2.19 26.15 -3.72
N ALA C 55 2.54 24.86 -3.81
CA ALA C 55 1.80 23.91 -4.61
C ALA C 55 0.66 23.27 -3.83
N THR C 56 0.74 23.22 -2.49
CA THR C 56 -0.14 22.37 -1.69
C THR C 56 -1.02 23.06 -0.66
N GLY C 57 -0.73 24.30 -0.27
CA GLY C 57 -1.48 24.93 0.79
C GLY C 57 -2.64 25.81 0.39
N ASP C 58 -3.04 25.80 -0.87
CA ASP C 58 -4.15 26.60 -1.33
C ASP C 58 -5.36 25.70 -1.55
N ASP C 59 -6.41 26.27 -2.14
CA ASP C 59 -7.79 25.82 -2.01
C ASP C 59 -8.53 26.39 -3.22
N ILE C 60 -9.54 25.68 -3.70
CA ILE C 60 -10.26 26.17 -4.88
C ILE C 60 -10.77 27.59 -4.67
N ASN C 61 -11.21 27.91 -3.45
CA ASN C 61 -11.71 29.23 -3.08
C ASN C 61 -10.64 30.13 -2.50
N SER C 62 -9.39 29.73 -2.57
CA SER C 62 -8.35 30.64 -2.12
C SER C 62 -7.02 30.34 -2.79
N SER C 63 -6.97 30.41 -4.12
CA SER C 63 -5.74 30.06 -4.81
C SER C 63 -4.70 31.14 -4.63
N PHE C 64 -3.44 30.72 -4.55
CA PHE C 64 -2.29 31.62 -4.44
C PHE C 64 -1.99 32.40 -5.75
N SER C 65 -2.81 32.25 -6.79
CA SER C 65 -2.75 33.19 -7.89
C SER C 65 -3.52 34.45 -7.57
N LEU C 66 -4.27 34.43 -6.47
CA LEU C 66 -5.18 35.49 -6.07
C LEU C 66 -6.27 35.76 -7.11
N TRP C 67 -6.58 34.79 -7.98
CA TRP C 67 -7.53 35.07 -9.05
C TRP C 67 -8.92 35.32 -8.50
N ASN C 68 -9.25 34.74 -7.35
CA ASN C 68 -10.55 35.00 -6.74
C ASN C 68 -10.73 36.49 -6.46
N TYR C 69 -9.69 37.16 -5.95
CA TYR C 69 -9.75 38.56 -5.60
C TYR C 69 -9.34 39.49 -6.76
N ASP C 70 -9.34 38.96 -7.98
CA ASP C 70 -9.18 39.76 -9.17
C ASP C 70 -10.48 39.97 -9.92
N VAL C 71 -11.56 39.30 -9.51
CA VAL C 71 -12.89 39.64 -10.03
C VAL C 71 -13.30 41.07 -9.70
N ARG C 72 -12.66 41.69 -8.70
CA ARG C 72 -12.97 43.08 -8.40
C ARG C 72 -12.57 44.03 -9.52
N SER C 73 -11.65 43.62 -10.39
CA SER C 73 -11.21 44.47 -11.47
C SER C 73 -12.09 44.27 -12.69
N ASP C 74 -11.82 45.07 -13.73
CA ASP C 74 -12.59 45.10 -14.97
C ASP C 74 -12.28 43.92 -15.88
N ASP C 75 -11.39 43.02 -15.49
CA ASP C 75 -11.00 41.94 -16.39
C ASP C 75 -12.00 40.79 -16.42
N CYS C 76 -12.66 40.49 -15.30
CA CYS C 76 -13.38 39.23 -15.25
C CYS C 76 -14.67 39.33 -14.46
N TYR C 77 -15.40 38.22 -14.49
CA TYR C 77 -16.62 37.95 -13.73
C TYR C 77 -16.34 36.85 -12.70
N LYS C 78 -17.33 36.55 -11.85
CA LYS C 78 -17.21 35.40 -10.97
C LYS C 78 -17.53 34.11 -11.71
N GLY C 79 -18.59 34.12 -12.49
CA GLY C 79 -19.08 32.90 -13.09
C GLY C 79 -19.83 32.03 -12.11
N GLY C 80 -20.06 30.80 -12.52
CA GLY C 80 -20.84 29.85 -11.73
C GLY C 80 -22.28 29.74 -12.21
N SER C 81 -23.04 29.00 -11.41
CA SER C 81 -24.48 28.83 -11.67
C SER C 81 -25.19 30.17 -11.73
N GLY C 82 -24.86 31.05 -10.79
CA GLY C 82 -25.53 32.32 -10.66
C GLY C 82 -24.90 33.10 -9.54
N THR C 83 -25.60 34.13 -9.08
CA THR C 83 -25.05 34.96 -8.01
C THR C 83 -25.14 34.28 -6.65
N GLU C 84 -25.86 33.17 -6.55
CA GLU C 84 -25.89 32.47 -5.30
C GLU C 84 -24.72 31.49 -5.16
N ASP C 85 -24.10 31.10 -6.28
CA ASP C 85 -23.01 30.12 -6.29
C ASP C 85 -21.70 30.86 -6.01
N GLY C 86 -21.22 30.76 -4.78
CA GLY C 86 -20.06 31.51 -4.36
C GLY C 86 -20.43 32.90 -3.93
N GLY C 87 -21.22 33.01 -2.86
CA GLY C 87 -21.84 34.29 -2.53
C GLY C 87 -20.83 35.36 -2.15
N VAL C 88 -19.93 35.05 -1.21
CA VAL C 88 -18.98 36.04 -0.74
C VAL C 88 -18.08 36.61 -1.84
N PHE C 89 -18.00 35.96 -3.01
CA PHE C 89 -17.15 36.45 -4.10
C PHE C 89 -17.88 37.38 -5.06
N ASN C 90 -19.17 37.14 -5.29
CA ASN C 90 -19.98 38.16 -5.93
C ASN C 90 -20.10 39.43 -5.10
N ALA C 91 -19.91 39.35 -3.79
CA ALA C 91 -19.91 40.56 -3.00
C ALA C 91 -18.63 41.37 -3.20
N LEU C 92 -17.52 40.69 -3.53
CA LEU C 92 -16.27 41.39 -3.83
C LEU C 92 -16.26 41.97 -5.24
N GLU C 93 -16.93 41.29 -6.17
CA GLU C 93 -16.99 41.77 -7.55
C GLU C 93 -17.63 43.15 -7.63
N ILE C 94 -18.80 43.32 -6.97
CA ILE C 94 -19.56 44.56 -7.05
C ILE C 94 -19.21 45.56 -5.96
N SER C 95 -18.35 45.19 -5.01
CA SER C 95 -17.94 46.07 -3.91
C SER C 95 -19.10 46.41 -2.98
N LYS C 96 -20.09 45.54 -2.85
CA LYS C 96 -21.22 45.79 -1.95
C LYS C 96 -21.59 44.52 -1.20
N GLY C 97 -21.39 44.53 0.12
CA GLY C 97 -21.74 43.41 0.93
C GLY C 97 -20.58 42.73 1.60
N ILE C 98 -19.36 43.17 1.33
CA ILE C 98 -18.22 42.59 2.02
C ILE C 98 -18.40 42.82 3.51
N ASN C 99 -18.16 41.77 4.31
CA ASN C 99 -18.20 41.88 5.76
C ASN C 99 -16.84 41.52 6.33
N THR C 100 -16.42 42.22 7.38
CA THR C 100 -15.12 41.91 7.99
C THR C 100 -15.01 40.47 8.45
N THR C 101 -16.09 39.70 8.38
CA THR C 101 -16.22 38.36 8.93
C THR C 101 -16.42 37.30 7.86
N ASP C 102 -16.30 37.64 6.61
CA ASP C 102 -16.50 36.64 5.58
C ASP C 102 -15.39 35.59 5.65
N TRP C 103 -15.79 34.33 5.52
CA TRP C 103 -14.88 33.22 5.74
C TRP C 103 -13.72 33.20 4.76
N ASN C 104 -13.91 33.70 3.53
CA ASN C 104 -12.84 33.63 2.54
C ASN C 104 -11.74 34.65 2.78
N ILE C 105 -12.04 35.83 3.30
CA ILE C 105 -10.98 36.79 3.56
C ILE C 105 -10.12 36.29 4.71
N ASN C 106 -10.75 35.72 5.72
CA ASN C 106 -10.01 35.10 6.81
C ASN C 106 -9.16 33.94 6.30
N ASP C 107 -9.70 33.18 5.34
CA ASP C 107 -9.04 31.97 4.82
C ASP C 107 -7.71 32.29 4.17
N ILE C 108 -7.66 33.35 3.37
CA ILE C 108 -6.43 33.67 2.64
C ILE C 108 -5.40 34.28 3.58
N TRP C 109 -5.83 35.14 4.51
CA TRP C 109 -4.92 35.66 5.51
C TRP C 109 -4.20 34.51 6.24
N LYS C 110 -4.95 33.50 6.68
CA LYS C 110 -4.31 32.41 7.40
C LYS C 110 -3.46 31.53 6.49
N ARG C 111 -3.85 31.41 5.20
CA ARG C 111 -3.15 30.48 4.33
C ARG C 111 -1.77 30.99 3.97
N LEU C 112 -1.68 32.27 3.61
CA LEU C 112 -0.41 32.87 3.27
C LEU C 112 0.51 32.93 4.48
N TYR C 113 -0.06 33.11 5.68
CA TYR C 113 0.79 33.10 6.86
C TYR C 113 1.22 31.70 7.21
N GLN C 114 0.48 30.68 6.77
CA GLN C 114 0.98 29.32 6.85
C GLN C 114 2.24 29.15 6.01
N CYS C 115 2.24 29.70 4.78
CA CYS C 115 3.46 29.66 3.96
C CYS C 115 4.65 30.20 4.72
N ILE C 116 4.46 31.33 5.41
CA ILE C 116 5.59 31.96 6.11
C ILE C 116 6.08 31.08 7.25
N THR C 117 5.24 30.17 7.76
CA THR C 117 5.67 29.23 8.80
C THR C 117 6.84 28.38 8.32
N ARG C 118 6.69 27.76 7.14
CA ARG C 118 7.69 26.83 6.64
C ARG C 118 8.98 27.53 6.23
N ALA C 119 8.90 28.75 5.73
CA ALA C 119 10.13 29.50 5.42
C ALA C 119 10.87 29.86 6.70
N ASN C 120 10.16 30.41 7.69
CA ASN C 120 10.79 30.78 8.95
C ASN C 120 11.28 29.57 9.74
N THR C 121 10.64 28.40 9.58
CA THR C 121 11.14 27.22 10.29
C THR C 121 12.40 26.69 9.61
N ALA C 122 12.40 26.72 8.28
CA ALA C 122 13.61 26.43 7.52
C ALA C 122 14.73 27.39 7.91
N LEU C 123 14.42 28.69 7.92
CA LEU C 123 15.41 29.71 8.30
C LEU C 123 15.92 29.53 9.72
N GLN C 124 15.09 29.08 10.66
CA GLN C 124 15.55 28.90 12.02
C GLN C 124 16.72 27.91 12.05
N SER C 125 16.53 26.75 11.41
CA SER C 125 17.50 25.66 11.40
C SER C 125 18.68 26.00 10.52
N LEU C 126 18.47 26.79 9.47
CA LEU C 126 19.56 27.19 8.59
C LEU C 126 20.56 28.07 9.32
N ASP C 127 20.08 29.01 10.15
CA ASP C 127 20.99 29.90 10.88
C ASP C 127 22.03 29.15 11.72
N GLN C 128 21.66 28.03 12.33
CA GLN C 128 22.62 27.37 13.19
C GLN C 128 23.63 26.48 12.44
N MET C 129 23.55 26.41 11.10
CA MET C 129 24.49 25.60 10.32
C MET C 129 25.88 26.23 10.30
N ASP C 130 26.91 25.39 10.34
CA ASP C 130 28.29 25.84 10.23
C ASP C 130 28.63 26.07 8.78
N GLU C 131 29.04 27.29 8.42
CA GLU C 131 29.30 27.55 7.02
C GLU C 131 30.41 26.68 6.47
N LYS C 132 31.23 26.08 7.34
CA LYS C 132 32.32 25.23 6.87
C LYS C 132 31.81 23.82 6.54
N THR C 133 30.88 23.30 7.33
CA THR C 133 30.28 22.00 7.06
C THR C 133 29.21 22.06 5.98
N TYR C 134 28.70 23.25 5.64
CA TYR C 134 27.56 23.46 4.76
C TYR C 134 27.67 24.80 4.02
N PRO C 135 28.33 24.85 2.85
CA PRO C 135 28.54 26.13 2.18
C PRO C 135 27.38 26.63 1.33
N LEU C 136 26.36 25.82 1.08
CA LEU C 136 25.15 26.34 0.46
C LEU C 136 24.29 27.12 1.45
N LYS C 137 24.85 27.42 2.63
CA LYS C 137 24.08 27.98 3.73
C LYS C 137 23.43 29.31 3.35
N ASN C 138 24.21 30.23 2.79
CA ASN C 138 23.66 31.54 2.46
C ASN C 138 22.70 31.45 1.29
N GLN C 139 22.97 30.55 0.34
CA GLN C 139 22.13 30.43 -0.83
C GLN C 139 20.76 29.86 -0.48
N ARG C 140 20.66 29.08 0.59
CA ARG C 140 19.35 28.58 1.01
C ARG C 140 18.61 29.60 1.89
N ILE C 141 19.31 30.22 2.84
CA ILE C 141 18.74 31.39 3.51
C ILE C 141 18.16 32.34 2.48
N ALA C 142 18.89 32.56 1.39
CA ALA C 142 18.39 33.40 0.30
C ALA C 142 17.07 32.87 -0.25
N GLU C 143 17.03 31.59 -0.62
CA GLU C 143 15.79 31.05 -1.14
C GLU C 143 14.67 31.17 -0.12
N MET C 144 15.00 30.92 1.15
CA MET C 144 13.97 30.96 2.18
C MET C 144 13.50 32.39 2.40
N ARG C 145 14.43 33.35 2.41
CA ARG C 145 14.02 34.74 2.55
C ARG C 145 13.25 35.23 1.32
N PHE C 146 13.60 34.73 0.13
CA PHE C 146 12.87 35.06 -1.09
C PHE C 146 11.42 34.60 -1.00
N LEU C 147 11.19 33.41 -0.44
CA LEU C 147 9.82 32.90 -0.34
C LEU C 147 9.02 33.65 0.71
N ARG C 148 9.68 34.06 1.80
CA ARG C 148 9.05 34.87 2.84
C ARG C 148 8.48 36.17 2.28
N GLY C 149 9.32 36.92 1.52
CA GLY C 149 8.85 38.10 0.81
C GLY C 149 7.76 37.81 -0.22
N HIS C 150 7.79 36.63 -0.86
CA HIS C 150 6.71 36.32 -1.80
C HIS C 150 5.38 36.34 -1.10
N ALA C 151 5.32 35.71 0.08
CA ALA C 151 4.07 35.71 0.83
C ALA C 151 3.75 37.10 1.34
N HIS C 152 4.75 37.79 1.91
CA HIS C 152 4.48 39.13 2.43
C HIS C 152 3.98 40.07 1.35
N PHE C 153 4.55 40.01 0.16
CA PHE C 153 4.11 40.88 -0.93
C PHE C 153 2.63 40.67 -1.24
N MET C 154 2.22 39.42 -1.40
CA MET C 154 0.82 39.15 -1.71
C MET C 154 -0.10 39.59 -0.58
N LEU C 155 0.34 39.43 0.66
CA LEU C 155 -0.45 39.91 1.78
C LEU C 155 -0.69 41.40 1.66
N LYS C 156 0.40 42.17 1.51
CA LYS C 156 0.29 43.61 1.34
C LYS C 156 -0.69 43.96 0.22
N GLN C 157 -0.53 43.34 -0.96
CA GLN C 157 -1.48 43.62 -2.04
C GLN C 157 -2.90 43.42 -1.59
N LEU C 158 -3.14 42.40 -0.78
CA LEU C 158 -4.50 42.08 -0.36
C LEU C 158 -4.95 42.88 0.86
N PHE C 159 -4.07 43.13 1.84
CA PHE C 159 -4.52 43.75 3.09
C PHE C 159 -3.90 45.14 3.41
N LYS C 160 -2.73 45.46 2.86
CA LYS C 160 -1.96 46.68 3.12
C LYS C 160 -1.45 46.76 4.57
N LYS C 161 -2.33 46.73 5.57
CA LYS C 161 -1.87 46.82 6.96
C LYS C 161 -1.62 45.41 7.48
N ILE C 162 -0.41 44.90 7.24
CA ILE C 162 -0.11 43.49 7.51
C ILE C 162 0.91 43.40 8.64
N VAL C 163 0.94 42.24 9.28
CA VAL C 163 1.96 41.97 10.29
C VAL C 163 3.22 41.49 9.60
N ILE C 164 4.37 42.09 9.94
CA ILE C 164 5.66 41.64 9.43
C ILE C 164 6.17 40.53 10.33
N VAL C 165 6.14 39.30 9.84
CA VAL C 165 6.67 38.17 10.59
C VAL C 165 7.98 37.76 9.95
N ASN C 166 9.09 38.43 10.30
CA ASN C 166 10.37 38.05 9.74
C ASN C 166 11.44 37.86 10.80
N ASP C 167 11.05 37.69 12.06
CA ASP C 167 11.97 37.21 13.08
C ASP C 167 11.71 35.73 13.27
N GLU C 168 12.51 34.92 12.57
CA GLU C 168 12.32 33.47 12.60
C GLU C 168 12.83 32.84 13.89
N ASN C 169 13.40 33.62 14.80
CA ASN C 169 13.76 33.13 16.12
C ASN C 169 12.73 33.48 17.19
N MET C 170 11.57 33.97 16.78
CA MET C 170 10.46 34.21 17.69
C MET C 170 9.96 32.88 18.28
N GLU C 171 9.77 32.85 19.59
CA GLU C 171 9.04 31.72 20.17
C GLU C 171 7.55 31.89 19.84
N PRO C 172 6.76 30.82 20.00
CA PRO C 172 5.35 30.90 19.56
C PRO C 172 4.46 31.84 20.39
N ASP C 173 4.72 31.99 21.67
CA ASP C 173 3.87 32.89 22.43
C ASP C 173 4.22 34.35 22.19
N ALA C 174 5.41 34.61 21.64
CA ALA C 174 5.75 35.97 21.24
C ALA C 174 4.87 36.46 20.11
N TYR C 175 4.09 35.56 19.52
CA TYR C 175 3.27 35.87 18.36
C TYR C 175 1.98 36.57 18.77
N ASN C 176 1.59 36.49 20.05
CA ASN C 176 0.36 37.11 20.50
C ASN C 176 0.52 38.60 20.70
N GLU C 177 1.76 39.08 20.69
CA GLU C 177 2.07 40.48 20.87
C GLU C 177 2.42 41.20 19.57
N LEU C 178 2.37 40.51 18.43
CA LEU C 178 2.68 41.15 17.15
C LEU C 178 1.55 42.06 16.72
N SER C 179 1.90 43.11 15.96
CA SER C 179 0.97 44.15 15.55
C SER C 179 1.21 44.41 14.08
N ASN C 180 0.16 44.86 13.37
CA ASN C 180 0.26 45.25 11.96
C ASN C 180 0.44 46.76 11.78
N THR C 181 0.66 47.49 12.86
CA THR C 181 1.02 48.89 12.77
C THR C 181 2.38 49.16 13.39
N THR C 182 3.12 48.10 13.75
CA THR C 182 4.50 48.27 14.19
C THR C 182 5.30 49.09 13.18
N TYR C 183 5.03 48.92 11.90
CA TYR C 183 5.77 49.60 10.86
C TYR C 183 4.81 50.46 10.06
N THR C 184 5.32 51.57 9.55
CA THR C 184 4.57 52.43 8.66
C THR C 184 4.49 51.79 7.28
N ASN C 185 3.55 52.26 6.47
CA ASN C 185 3.36 51.63 5.17
C ASN C 185 4.68 51.58 4.41
N ASP C 186 5.39 52.71 4.34
CA ASP C 186 6.66 52.66 3.63
C ASP C 186 7.69 51.87 4.42
N GLU C 187 7.54 51.78 5.75
CA GLU C 187 8.41 50.91 6.52
C GLU C 187 8.04 49.44 6.34
N GLN C 188 6.75 49.15 6.08
CA GLN C 188 6.38 47.78 5.78
C GLN C 188 7.03 47.33 4.48
N TRP C 189 6.71 48.02 3.38
CA TRP C 189 7.24 47.69 2.07
C TRP C 189 8.75 47.52 2.06
N GLN C 190 9.46 48.30 2.89
CA GLN C 190 10.92 48.16 2.99
C GLN C 190 11.32 46.81 3.61
N LYS C 191 10.52 46.30 4.56
CA LYS C 191 10.76 44.97 5.12
C LYS C 191 10.53 43.86 4.08
N ILE C 192 9.55 44.04 3.21
CA ILE C 192 9.37 43.10 2.09
C ILE C 192 10.55 43.22 1.13
N ALA C 193 10.81 44.44 0.65
CA ALA C 193 12.04 44.72 -0.09
C ALA C 193 13.27 44.11 0.57
N ASP C 194 13.43 44.30 1.88
CA ASP C 194 14.66 43.88 2.58
C ASP C 194 15.00 42.40 2.39
N ASP C 195 13.99 41.55 2.19
CA ASP C 195 14.33 40.16 1.90
C ASP C 195 14.73 39.99 0.45
N PHE C 196 13.83 40.27 -0.48
CA PHE C 196 14.18 40.28 -1.90
C PHE C 196 15.57 40.87 -2.11
N GLN C 197 15.86 41.96 -1.40
CA GLN C 197 17.18 42.58 -1.45
C GLN C 197 18.27 41.60 -1.04
N PHE C 198 18.01 40.78 -0.01
CA PHE C 198 18.98 39.74 0.37
C PHE C 198 19.11 38.66 -0.70
N ALA C 199 17.98 38.13 -1.17
CA ALA C 199 18.03 37.05 -2.16
C ALA C 199 18.91 37.44 -3.35
N TYR C 200 18.78 38.68 -3.82
CA TYR C 200 19.59 39.16 -4.92
C TYR C 200 21.08 39.00 -4.62
N ASP C 201 21.49 39.40 -3.42
CA ASP C 201 22.91 39.41 -3.10
C ASP C 201 23.49 38.02 -2.86
N ASN C 202 22.66 36.98 -2.72
CA ASN C 202 23.20 35.67 -2.38
C ASN C 202 22.64 34.57 -3.24
N LEU C 203 21.79 34.86 -4.15
CA LEU C 203 21.38 33.72 -4.95
C LEU C 203 22.38 33.50 -6.09
N PRO C 204 22.66 32.26 -6.49
CA PRO C 204 23.47 32.05 -7.68
C PRO C 204 22.71 32.52 -8.92
N GLU C 205 23.46 32.74 -10.00
CA GLU C 205 22.87 33.32 -11.20
C GLU C 205 22.07 32.30 -12.01
N VAL C 206 22.45 31.03 -12.01
CA VAL C 206 21.67 30.01 -12.68
C VAL C 206 21.24 28.97 -11.66
N GLN C 207 19.98 28.55 -11.75
CA GLN C 207 19.44 27.46 -10.95
C GLN C 207 19.17 26.32 -11.93
N ILE C 208 19.99 25.28 -11.81
CA ILE C 208 19.85 24.11 -12.66
C ILE C 208 18.60 23.34 -12.24
N GLU C 209 18.24 23.43 -10.97
CA GLU C 209 16.94 23.00 -10.47
C GLU C 209 15.97 24.16 -10.62
N LYS C 210 15.10 24.10 -11.63
CA LYS C 210 14.35 25.29 -12.02
C LYS C 210 13.36 25.78 -10.97
N GLY C 211 13.08 24.99 -9.94
CA GLY C 211 12.18 25.44 -8.92
C GLY C 211 12.75 26.55 -8.07
N ARG C 212 14.09 26.64 -7.99
CA ARG C 212 14.62 27.69 -7.12
C ARG C 212 14.82 28.97 -7.89
N PRO C 213 14.58 30.12 -7.28
CA PRO C 213 14.81 31.38 -7.98
C PRO C 213 16.29 31.64 -8.13
N ALA C 214 16.66 32.16 -9.30
CA ALA C 214 18.01 32.66 -9.54
C ALA C 214 18.11 34.11 -9.09
N GLN C 215 19.33 34.67 -9.15
CA GLN C 215 19.51 36.08 -8.84
C GLN C 215 18.54 36.96 -9.61
N ALA C 216 18.38 36.70 -10.91
CA ALA C 216 17.51 37.55 -11.73
C ALA C 216 16.10 37.61 -11.14
N ALA C 217 15.60 36.49 -10.64
CA ALA C 217 14.24 36.46 -10.07
C ALA C 217 14.11 37.40 -8.87
N ALA C 218 15.03 37.28 -7.91
CA ALA C 218 15.05 38.19 -6.77
C ALA C 218 15.15 39.64 -7.20
N ALA C 219 15.97 39.93 -8.22
CA ALA C 219 16.05 41.30 -8.70
C ALA C 219 14.71 41.74 -9.26
N ALA C 220 14.17 40.96 -10.20
CA ALA C 220 12.81 41.21 -10.68
C ALA C 220 11.85 41.47 -9.53
N TYR C 221 11.93 40.64 -8.50
CA TYR C 221 10.98 40.80 -7.42
C TYR C 221 11.34 41.98 -6.54
N LEU C 222 12.64 42.31 -6.41
CA LEU C 222 13.01 43.49 -5.63
C LEU C 222 12.43 44.73 -6.25
N ALA C 223 12.56 44.84 -7.59
CA ALA C 223 12.04 45.95 -8.36
C ALA C 223 10.51 46.08 -8.20
N LYS C 224 9.77 45.04 -8.60
CA LYS C 224 8.32 45.05 -8.44
C LYS C 224 7.90 45.63 -7.08
N THR C 225 8.60 45.24 -6.01
CA THR C 225 8.26 45.69 -4.66
C THR C 225 8.51 47.18 -4.51
N TYR C 226 9.66 47.68 -5.00
CA TYR C 226 9.90 49.12 -4.97
C TYR C 226 8.95 49.89 -5.87
N LEU C 227 8.44 49.26 -6.93
CA LEU C 227 7.44 49.91 -7.78
C LEU C 227 6.13 50.11 -7.04
N TYR C 228 5.68 49.13 -6.26
CA TYR C 228 4.52 49.35 -5.40
C TYR C 228 4.87 50.31 -4.27
N LYS C 229 6.11 50.27 -3.81
CA LYS C 229 6.52 51.13 -2.71
C LYS C 229 6.59 52.57 -3.14
N ALA C 230 6.91 52.84 -4.42
CA ALA C 230 7.06 54.22 -4.90
C ALA C 230 5.72 54.96 -4.94
N TYR C 231 4.61 54.27 -5.20
CA TYR C 231 3.31 54.90 -5.24
C TYR C 231 2.79 55.08 -3.82
N ARG C 232 3.30 56.15 -3.17
CA ARG C 232 3.20 56.34 -1.74
C ARG C 232 1.75 56.48 -1.28
N GLN C 233 1.44 55.78 -0.18
CA GLN C 233 0.26 56.09 0.60
C GLN C 233 0.67 56.48 2.00
N ASP C 234 1.40 57.59 2.14
CA ASP C 234 1.96 57.99 3.44
C ASP C 234 0.92 58.56 4.39
N GLY C 235 -0.33 58.67 3.97
CA GLY C 235 -1.35 59.27 4.78
C GLY C 235 -2.13 58.26 5.58
N ALA C 236 -3.12 58.76 6.31
CA ALA C 236 -4.04 57.94 7.08
C ALA C 236 -4.95 57.10 6.19
N ASP C 237 -5.17 57.51 4.94
CA ASP C 237 -6.06 56.83 4.03
C ASP C 237 -5.31 56.15 2.89
N ASN C 238 -6.06 55.64 1.91
CA ASN C 238 -5.49 54.85 0.82
C ASN C 238 -5.11 55.67 -0.39
N ALA C 239 -5.31 56.99 -0.36
CA ALA C 239 -5.00 57.78 -1.54
C ALA C 239 -3.51 58.01 -1.65
N LEU C 240 -3.08 58.38 -2.85
CA LEU C 240 -1.67 58.63 -3.07
C LEU C 240 -1.22 59.89 -2.37
N THR C 241 -0.01 59.86 -1.82
CA THR C 241 0.58 61.04 -1.21
C THR C 241 1.91 61.42 -1.88
N GLY C 242 2.19 60.87 -3.04
CA GLY C 242 3.42 61.19 -3.74
C GLY C 242 3.92 59.99 -4.50
N ILE C 243 4.91 60.24 -5.37
CA ILE C 243 5.62 59.18 -6.08
C ILE C 243 7.11 59.38 -5.82
N ASN C 244 7.71 58.45 -5.09
CA ASN C 244 9.08 58.61 -4.65
C ASN C 244 10.05 58.33 -5.79
N GLU C 245 10.98 59.25 -6.02
CA GLU C 245 11.96 58.99 -7.05
C GLU C 245 13.05 58.02 -6.58
N GLU C 246 13.45 58.07 -5.30
CA GLU C 246 14.46 57.13 -4.84
C GLU C 246 13.98 55.69 -4.96
N ASP C 247 12.69 55.46 -4.72
CA ASP C 247 12.12 54.14 -4.97
C ASP C 247 12.18 53.79 -6.45
N LEU C 248 11.66 54.69 -7.31
CA LEU C 248 11.66 54.37 -8.74
C LEU C 248 13.07 54.14 -9.27
N LYS C 249 14.06 54.85 -8.72
CA LYS C 249 15.44 54.64 -9.15
C LYS C 249 15.93 53.25 -8.79
N GLN C 250 15.29 52.57 -7.83
CA GLN C 250 15.60 51.16 -7.55
C GLN C 250 14.89 50.23 -8.51
N VAL C 251 13.68 50.57 -8.93
CA VAL C 251 12.99 49.74 -9.92
C VAL C 251 13.79 49.67 -11.22
N VAL C 252 14.34 50.81 -11.65
CA VAL C 252 15.18 50.79 -12.84
C VAL C 252 16.43 49.95 -12.59
N LYS C 253 17.00 50.06 -11.39
CA LYS C 253 18.29 49.44 -11.11
C LYS C 253 18.22 47.93 -11.25
N TYR C 254 17.21 47.33 -10.63
CA TYR C 254 17.13 45.90 -10.60
C TYR C 254 16.38 45.33 -11.77
N THR C 255 15.83 46.16 -12.66
CA THR C 255 15.34 45.65 -13.94
C THR C 255 16.37 45.76 -15.05
N ASP C 256 17.60 46.15 -14.72
CA ASP C 256 18.70 46.23 -15.69
C ASP C 256 18.79 44.96 -16.53
N PRO C 257 18.83 45.07 -17.86
CA PRO C 257 19.05 43.86 -18.69
C PRO C 257 20.38 43.15 -18.45
N LEU C 258 21.39 43.83 -17.89
CA LEU C 258 22.64 43.17 -17.57
C LEU C 258 22.44 42.08 -16.54
N ILE C 259 21.72 42.39 -15.46
CA ILE C 259 21.30 41.40 -14.47
C ILE C 259 20.54 40.28 -15.15
N MET C 260 19.48 40.65 -15.89
CA MET C 260 18.61 39.66 -16.51
C MET C 260 19.41 38.73 -17.43
N ALA C 261 20.32 39.31 -18.24
CA ALA C 261 21.08 38.51 -19.19
C ALA C 261 21.96 37.49 -18.47
N LYS C 262 22.45 37.82 -17.27
CA LYS C 262 23.23 36.87 -16.49
C LYS C 262 22.43 35.60 -16.18
N GLY C 263 21.11 35.66 -16.34
CA GLY C 263 20.27 34.56 -15.96
C GLY C 263 19.73 33.81 -17.15
N GLY C 264 19.92 34.37 -18.35
CA GLY C 264 19.40 33.75 -19.54
C GLY C 264 17.93 33.96 -19.76
N TYR C 265 17.34 34.98 -19.11
CA TYR C 265 15.93 35.29 -19.17
C TYR C 265 15.61 36.24 -20.33
N GLY C 266 14.37 36.21 -20.79
CA GLY C 266 13.97 36.99 -21.94
C GLY C 266 12.55 36.65 -22.38
N LEU C 267 12.12 37.32 -23.45
CA LEU C 267 10.79 37.09 -24.01
C LEU C 267 10.78 35.83 -24.87
N GLU C 268 9.66 35.13 -24.86
CA GLU C 268 9.53 33.96 -25.69
C GLU C 268 9.25 34.41 -27.12
N THR C 269 9.47 33.49 -28.07
CA THR C 269 9.07 33.72 -29.45
C THR C 269 7.59 33.98 -29.59
N ASP C 270 6.77 33.10 -29.07
CA ASP C 270 5.33 33.26 -29.17
C ASP C 270 4.73 33.47 -27.80
N TYR C 271 3.70 34.32 -27.76
CA TYR C 271 3.05 34.64 -26.49
C TYR C 271 2.50 33.40 -25.82
N SER C 272 1.92 32.49 -26.61
CA SER C 272 1.25 31.31 -26.04
C SER C 272 2.21 30.37 -25.33
N MET C 273 3.50 30.46 -25.60
CA MET C 273 4.47 29.56 -24.97
C MET C 273 4.41 29.64 -23.43
N ASN C 274 4.03 30.79 -22.86
CA ASN C 274 4.04 30.91 -21.41
C ASN C 274 2.85 30.23 -20.75
N PHE C 275 1.90 29.71 -21.53
CA PHE C 275 0.68 29.16 -20.99
C PHE C 275 0.41 27.75 -21.50
N LEU C 276 1.45 27.05 -21.94
CA LEU C 276 1.35 25.73 -22.53
C LEU C 276 2.30 24.79 -21.83
N PRO C 277 1.83 23.57 -21.52
CA PRO C 277 2.68 22.61 -20.79
C PRO C 277 3.96 22.25 -21.52
N GLN C 278 3.89 22.19 -22.85
CA GLN C 278 5.06 21.92 -23.68
C GLN C 278 6.18 22.92 -23.52
N TYR C 279 5.95 24.08 -22.91
CA TYR C 279 7.01 25.09 -22.76
C TYR C 279 7.12 25.57 -21.31
N GLU C 280 7.17 24.66 -20.37
CA GLU C 280 7.42 25.10 -19.01
C GLU C 280 8.87 25.56 -18.90
N ASN C 281 9.09 26.52 -18.02
CA ASN C 281 10.44 26.93 -17.64
C ASN C 281 11.31 27.33 -18.82
N GLY C 282 10.69 27.89 -19.85
CA GLY C 282 11.45 28.59 -20.86
C GLY C 282 12.07 29.86 -20.30
N ALA C 283 12.55 30.69 -21.23
CA ALA C 283 13.32 31.88 -20.87
C ALA C 283 12.49 33.03 -20.34
N GLU C 284 11.17 32.93 -20.32
CA GLU C 284 10.32 33.97 -19.72
C GLU C 284 9.87 33.62 -18.29
N SER C 285 9.76 32.33 -17.97
CA SER C 285 9.49 31.83 -16.63
C SER C 285 10.62 32.25 -15.71
N VAL C 286 10.64 33.52 -15.30
CA VAL C 286 11.72 34.01 -14.45
C VAL C 286 11.68 33.33 -13.09
N TRP C 287 10.49 33.14 -12.53
CA TRP C 287 10.30 32.25 -11.39
C TRP C 287 8.88 31.69 -11.43
N ALA C 288 8.75 30.41 -11.07
CA ALA C 288 7.45 29.75 -11.25
C ALA C 288 7.23 28.65 -10.22
N ILE C 289 5.97 28.25 -10.06
CA ILE C 289 5.58 27.19 -9.16
C ILE C 289 5.43 25.89 -9.95
N GLN C 290 6.11 24.83 -9.51
CA GLN C 290 6.35 23.63 -10.33
C GLN C 290 5.32 22.55 -10.03
N TYR C 291 4.11 22.77 -10.50
CA TYR C 291 3.11 21.70 -10.48
C TYR C 291 3.60 20.50 -11.31
N SER C 292 3.19 19.30 -10.90
CA SER C 292 3.76 18.08 -11.46
C SER C 292 2.79 16.91 -11.38
N ILE C 293 2.77 16.05 -12.39
CA ILE C 293 1.99 14.85 -12.12
C ILE C 293 2.94 13.67 -12.08
N ASN C 294 2.35 12.48 -11.96
CA ASN C 294 3.08 11.23 -11.86
C ASN C 294 4.27 11.33 -10.91
N ASP C 295 3.97 11.65 -9.61
CA ASP C 295 5.04 11.99 -8.68
C ASP C 295 4.89 11.39 -7.28
N GLY C 296 4.11 10.34 -7.11
CA GLY C 296 4.01 9.71 -5.82
C GLY C 296 2.93 10.24 -4.91
N THR C 297 2.53 11.49 -5.07
CA THR C 297 1.45 12.09 -4.32
C THR C 297 0.11 11.41 -4.66
N TYR C 298 -0.92 11.71 -3.86
CA TYR C 298 -2.19 11.00 -4.03
C TYR C 298 -2.79 11.18 -5.42
N ASN C 299 -2.61 12.35 -6.04
CA ASN C 299 -3.06 12.64 -7.40
C ASN C 299 -2.28 13.80 -8.03
N GLY C 300 -1.80 14.70 -7.17
CA GLY C 300 -1.20 15.97 -7.56
C GLY C 300 0.23 15.71 -7.92
N ASN C 301 1.17 16.63 -7.70
CA ASN C 301 1.00 18.02 -7.28
C ASN C 301 0.39 18.87 -8.36
N LEU C 302 -0.92 18.86 -8.50
CA LEU C 302 -1.53 19.63 -9.57
C LEU C 302 -1.83 21.01 -9.06
N ASN C 303 -2.22 21.92 -9.98
CA ASN C 303 -2.63 23.27 -9.56
C ASN C 303 -4.11 23.19 -9.25
N TRP C 304 -4.41 22.74 -8.01
CA TRP C 304 -5.78 22.46 -7.62
C TRP C 304 -6.55 23.75 -7.47
N GLY C 305 -5.84 24.83 -7.09
CA GLY C 305 -6.48 26.10 -6.79
C GLY C 305 -7.32 26.65 -7.91
N MET C 306 -6.98 26.34 -9.16
CA MET C 306 -7.80 26.74 -10.29
C MET C 306 -8.89 25.72 -10.62
N GLY C 307 -9.40 24.97 -9.63
CA GLY C 307 -10.37 23.94 -9.95
C GLY C 307 -11.74 24.45 -10.38
N LEU C 308 -12.06 25.71 -10.04
CA LEU C 308 -13.36 26.26 -10.40
C LEU C 308 -13.40 26.81 -11.81
N THR C 309 -12.23 27.16 -12.35
CA THR C 309 -12.12 27.89 -13.60
C THR C 309 -12.19 26.99 -14.82
N THR C 310 -12.25 25.68 -14.65
CA THR C 310 -12.34 24.80 -15.82
C THR C 310 -13.74 24.91 -16.42
N PRO C 311 -13.86 24.96 -17.73
CA PRO C 311 -15.16 25.33 -18.33
C PRO C 311 -16.19 24.21 -18.26
N GLN C 312 -17.44 24.62 -18.41
CA GLN C 312 -18.58 23.73 -18.23
C GLN C 312 -18.45 22.45 -19.05
N ILE C 313 -17.69 22.49 -20.14
CA ILE C 313 -17.60 21.33 -21.02
C ILE C 313 -17.07 20.11 -20.26
N LEU C 314 -16.19 20.33 -19.26
CA LEU C 314 -15.71 19.29 -18.38
C LEU C 314 -16.66 18.97 -17.22
N GLY C 315 -17.88 19.47 -17.24
CA GLY C 315 -18.79 19.16 -16.15
C GLY C 315 -18.94 20.27 -15.13
N CYS C 316 -17.82 20.95 -14.82
CA CYS C 316 -17.77 21.99 -13.78
C CYS C 316 -16.56 22.90 -13.98
N CYS C 317 -16.58 24.18 -13.57
CA CYS C 317 -17.60 24.89 -12.82
C CYS C 317 -17.86 26.27 -13.40
N ASP C 318 -17.00 26.71 -14.32
CA ASP C 318 -17.20 27.89 -15.16
C ASP C 318 -16.93 29.22 -14.47
N PHE C 319 -16.04 29.25 -13.48
CA PHE C 319 -15.66 30.47 -12.79
C PHE C 319 -14.54 31.18 -13.55
N HIS C 320 -14.22 32.41 -13.12
CA HIS C 320 -13.15 33.23 -13.70
C HIS C 320 -13.36 33.41 -15.20
N LYS C 321 -14.46 34.12 -15.54
CA LYS C 321 -14.74 34.39 -16.95
C LYS C 321 -14.19 35.76 -17.36
N PRO C 322 -13.65 35.92 -18.56
CA PRO C 322 -13.25 37.26 -19.00
C PRO C 322 -14.46 38.13 -19.26
N SER C 323 -14.30 39.41 -18.98
CA SER C 323 -15.29 40.44 -19.24
C SER C 323 -15.16 40.96 -20.65
N GLN C 324 -16.27 41.49 -21.17
CA GLN C 324 -16.24 42.17 -22.46
C GLN C 324 -15.30 43.37 -22.42
N ASN C 325 -15.26 44.06 -21.28
CA ASN C 325 -14.38 45.22 -21.16
C ASN C 325 -12.93 44.82 -21.40
N LEU C 326 -12.59 43.56 -21.16
CA LEU C 326 -11.30 43.01 -21.53
C LEU C 326 -11.24 42.51 -22.97
N VAL C 327 -12.29 41.84 -23.45
CA VAL C 327 -12.31 41.42 -24.85
C VAL C 327 -12.15 42.63 -25.78
N ASN C 328 -12.90 43.71 -25.51
CA ASN C 328 -12.86 44.90 -26.37
C ASN C 328 -11.53 45.63 -26.28
N ALA C 329 -10.85 45.54 -25.14
CA ALA C 329 -9.55 46.19 -24.96
C ALA C 329 -8.46 45.60 -25.85
N PHE C 330 -8.73 44.51 -26.55
CA PHE C 330 -7.79 44.02 -27.54
C PHE C 330 -8.10 44.58 -28.93
N LYS C 331 -9.12 45.42 -29.07
CA LYS C 331 -9.37 46.03 -30.36
C LYS C 331 -8.22 46.95 -30.72
N THR C 332 -8.05 47.20 -32.01
CA THR C 332 -6.97 48.06 -32.52
C THR C 332 -7.48 48.88 -33.69
N ASP C 333 -6.77 49.98 -33.97
CA ASP C 333 -7.14 50.86 -35.07
C ASP C 333 -6.49 50.38 -36.37
N SER C 334 -6.48 51.23 -37.39
CA SER C 334 -5.94 50.82 -38.66
C SER C 334 -4.41 50.77 -38.65
N GLN C 335 -3.74 51.66 -37.90
CA GLN C 335 -2.30 51.56 -37.71
C GLN C 335 -1.88 50.49 -36.71
N GLY C 336 -2.81 49.65 -36.24
CA GLY C 336 -2.45 48.62 -35.28
C GLY C 336 -2.25 49.10 -33.86
N LYS C 337 -2.70 50.29 -33.53
CA LYS C 337 -2.55 50.76 -32.16
C LYS C 337 -3.84 50.52 -31.39
N PRO C 338 -3.81 50.53 -30.06
CA PRO C 338 -5.05 50.37 -29.31
C PRO C 338 -5.97 51.58 -29.51
N LEU C 339 -7.21 51.42 -29.05
CA LEU C 339 -8.21 52.49 -29.19
C LEU C 339 -8.47 53.09 -27.81
N PHE C 340 -7.59 54.00 -27.40
CA PHE C 340 -7.53 54.47 -26.02
C PHE C 340 -8.84 55.15 -25.59
N SER C 341 -9.46 55.92 -26.48
CA SER C 341 -10.62 56.74 -26.15
CA SER C 341 -10.63 56.71 -26.11
C SER C 341 -11.95 56.15 -26.62
N THR C 342 -11.92 55.10 -27.46
CA THR C 342 -13.16 54.63 -28.07
C THR C 342 -13.31 53.09 -28.07
N TYR C 343 -12.56 52.35 -27.27
CA TYR C 343 -12.57 50.90 -27.44
C TYR C 343 -13.87 50.26 -26.96
N ASP C 344 -14.37 50.65 -25.78
CA ASP C 344 -15.45 49.93 -25.12
C ASP C 344 -16.85 50.30 -25.62
N ASN C 345 -16.96 51.15 -26.65
CA ASN C 345 -18.28 51.57 -27.12
C ASN C 345 -19.04 50.42 -27.77
N GLU C 346 -18.42 49.77 -28.75
CA GLU C 346 -19.08 48.74 -29.54
C GLU C 346 -18.35 47.42 -29.34
N ASN C 347 -19.10 46.35 -29.09
CA ASN C 347 -18.46 45.06 -28.81
C ASN C 347 -17.70 44.56 -30.04
N TYR C 348 -16.59 43.86 -29.78
CA TYR C 348 -15.68 43.41 -30.83
C TYR C 348 -16.40 42.56 -31.86
N GLU C 349 -16.30 42.98 -33.11
CA GLU C 349 -16.96 42.34 -34.23
C GLU C 349 -15.87 41.70 -35.06
N VAL C 350 -15.90 40.38 -35.18
CA VAL C 350 -14.74 39.65 -35.70
C VAL C 350 -14.43 40.05 -37.14
N ALA C 351 -15.48 40.28 -37.95
CA ALA C 351 -15.31 40.52 -39.38
C ALA C 351 -14.76 41.91 -39.69
N THR C 352 -15.04 42.91 -38.85
CA THR C 352 -14.74 44.27 -39.24
C THR C 352 -13.47 44.82 -38.61
N ASP C 353 -13.37 44.79 -37.27
CA ASP C 353 -12.30 45.47 -36.54
C ASP C 353 -11.00 44.68 -36.56
N ASN C 354 -9.89 45.42 -36.45
CA ASN C 354 -8.59 44.78 -36.26
C ASN C 354 -8.43 44.38 -34.79
N VAL C 355 -7.54 43.43 -34.53
CA VAL C 355 -7.43 42.87 -33.19
C VAL C 355 -5.99 42.47 -32.88
N ASP C 356 -5.63 42.59 -31.60
CA ASP C 356 -4.37 42.15 -31.02
C ASP C 356 -4.36 40.63 -30.94
N PRO C 357 -3.32 39.95 -31.43
CA PRO C 357 -3.32 38.49 -31.34
C PRO C 357 -3.42 38.02 -29.91
N ARG C 358 -2.95 38.84 -28.96
CA ARG C 358 -2.90 38.42 -27.57
C ARG C 358 -4.27 38.06 -27.04
N LEU C 359 -5.35 38.51 -27.69
CA LEU C 359 -6.70 38.16 -27.23
C LEU C 359 -6.95 36.66 -27.36
N PHE C 360 -6.50 36.03 -28.44
CA PHE C 360 -6.82 34.63 -28.65
C PHE C 360 -5.94 33.67 -27.85
N HIS C 361 -5.04 34.18 -27.02
CA HIS C 361 -4.37 33.38 -26.01
C HIS C 361 -4.86 33.74 -24.62
N THR C 362 -5.76 34.70 -24.50
CA THR C 362 -6.30 35.14 -23.22
C THR C 362 -7.78 34.76 -23.05
N VAL C 363 -8.63 35.09 -24.01
CA VAL C 363 -10.03 34.73 -23.94
C VAL C 363 -10.33 33.65 -24.97
N GLY C 364 -11.06 32.63 -24.57
CA GLY C 364 -11.54 31.70 -25.56
C GLY C 364 -12.98 32.01 -25.85
N MET C 365 -13.31 32.45 -27.08
CA MET C 365 -14.61 33.01 -27.41
C MET C 365 -15.48 32.01 -28.14
N PRO C 366 -16.80 32.19 -28.11
CA PRO C 366 -17.66 31.26 -28.87
C PRO C 366 -17.30 31.29 -30.33
N GLY C 367 -17.44 30.14 -30.99
CA GLY C 367 -17.10 30.01 -32.37
C GLY C 367 -15.63 29.82 -32.65
N PHE C 368 -14.80 29.73 -31.61
CA PHE C 368 -13.37 29.56 -31.75
C PHE C 368 -12.87 28.32 -31.00
N PRO C 369 -11.72 27.79 -31.39
CA PRO C 369 -11.22 26.57 -30.75
C PRO C 369 -10.78 26.82 -29.31
N TYR C 370 -11.29 25.98 -28.41
CA TYR C 370 -10.97 26.07 -26.99
C TYR C 370 -9.55 25.55 -26.75
N LYS C 371 -8.69 26.44 -26.22
CA LYS C 371 -7.25 26.23 -26.02
C LYS C 371 -6.59 25.46 -27.19
N TYR C 372 -6.86 25.93 -28.40
CA TYR C 372 -6.21 25.52 -29.64
C TYR C 372 -6.63 24.14 -30.14
N ASN C 373 -7.62 23.52 -29.54
CA ASN C 373 -8.08 22.21 -30.00
C ASN C 373 -9.35 22.38 -30.82
N GLU C 374 -9.19 22.36 -32.14
CA GLU C 374 -10.31 22.60 -33.05
C GLU C 374 -11.43 21.59 -32.87
N GLY C 375 -11.16 20.46 -32.23
CA GLY C 375 -12.21 19.54 -31.88
C GLY C 375 -13.12 20.02 -30.75
N TYR C 376 -12.85 21.16 -30.15
CA TYR C 376 -13.77 21.75 -29.18
C TYR C 376 -14.02 23.20 -29.56
N ILE C 377 -15.12 23.47 -30.25
CA ILE C 377 -15.51 24.83 -30.57
C ILE C 377 -16.46 25.33 -29.49
N ILE C 378 -16.00 26.32 -28.74
CA ILE C 378 -16.87 26.98 -27.77
C ILE C 378 -18.15 27.41 -28.47
N GLN C 379 -19.28 27.27 -27.77
CA GLN C 379 -20.56 27.73 -28.28
C GLN C 379 -21.26 28.44 -27.14
N LYS C 380 -22.52 28.81 -27.37
CA LYS C 380 -23.35 29.49 -26.38
C LYS C 380 -24.45 28.56 -25.90
N ASN C 381 -24.08 27.51 -25.17
CA ASN C 381 -25.08 26.56 -24.74
C ASN C 381 -24.66 25.92 -23.41
N ASP C 382 -25.57 25.09 -22.89
CA ASP C 382 -25.42 24.45 -21.58
C ASP C 382 -24.10 23.72 -21.45
N ASP C 383 -23.42 23.47 -22.57
CA ASP C 383 -22.13 22.83 -22.52
C ASP C 383 -21.00 23.80 -22.17
N TRP C 384 -21.23 25.11 -22.29
CA TRP C 384 -20.12 26.05 -22.13
C TRP C 384 -20.37 27.13 -21.09
N SER C 385 -21.64 27.47 -20.87
CA SER C 385 -22.01 28.39 -19.81
C SER C 385 -22.90 27.69 -18.80
N ARG C 386 -22.36 27.44 -17.61
CA ARG C 386 -23.14 26.93 -16.49
C ARG C 386 -24.27 27.89 -16.11
N SER C 387 -24.15 29.19 -16.46
CA SER C 387 -25.06 30.23 -16.00
C SER C 387 -26.13 30.63 -17.03
N LYS C 388 -26.32 29.85 -18.11
CA LYS C 388 -27.19 30.27 -19.21
C LYS C 388 -27.00 31.72 -19.63
N GLY C 389 -25.76 32.18 -19.64
CA GLY C 389 -25.46 33.47 -20.18
C GLY C 389 -25.46 34.61 -19.21
N LEU C 390 -25.93 34.38 -17.98
CA LEU C 390 -25.82 35.42 -16.96
C LEU C 390 -24.44 36.05 -16.99
N TYR C 391 -23.40 35.21 -16.90
CA TYR C 391 -22.03 35.68 -16.81
C TYR C 391 -21.28 35.60 -18.14
N GLY C 392 -21.96 35.37 -19.27
CA GLY C 392 -21.29 35.45 -20.56
C GLY C 392 -20.73 34.12 -21.02
N TYR C 393 -20.15 34.12 -22.21
CA TYR C 393 -19.73 32.86 -22.81
C TYR C 393 -18.25 32.86 -23.15
N TYR C 394 -17.42 33.44 -22.29
CA TYR C 394 -15.98 33.50 -22.51
C TYR C 394 -15.28 32.56 -21.54
N VAL C 395 -14.11 32.09 -21.91
CA VAL C 395 -13.42 31.09 -21.14
C VAL C 395 -12.00 31.59 -20.95
N SER C 396 -11.58 31.76 -19.70
CA SER C 396 -10.17 32.02 -19.46
C SER C 396 -9.35 30.85 -20.00
N LEU C 397 -8.18 31.14 -20.60
CA LEU C 397 -7.39 30.10 -21.21
C LEU C 397 -5.98 30.00 -20.66
N LYS C 398 -5.56 30.93 -19.83
CA LYS C 398 -4.17 30.94 -19.41
C LYS C 398 -3.86 29.92 -18.32
N GLU C 399 -4.88 29.26 -17.77
CA GLU C 399 -4.69 28.26 -16.75
C GLU C 399 -5.42 26.97 -17.03
N ASN C 400 -6.25 26.93 -18.07
CA ASN C 400 -6.80 25.67 -18.50
C ASN C 400 -5.81 25.10 -19.50
N VAL C 401 -6.12 23.93 -20.03
CA VAL C 401 -5.25 23.28 -20.99
C VAL C 401 -6.12 22.60 -22.02
N ASP C 402 -5.50 22.06 -23.06
CA ASP C 402 -6.16 21.15 -23.98
C ASP C 402 -6.88 20.05 -23.21
N PRO C 403 -8.18 19.84 -23.45
CA PRO C 403 -8.87 18.68 -22.85
C PRO C 403 -8.16 17.36 -23.10
N ASP C 404 -7.72 17.10 -24.34
CA ASP C 404 -6.91 15.93 -24.71
C ASP C 404 -5.50 15.91 -23.99
N CYS C 405 -5.16 16.81 -23.07
CA CYS C 405 -3.83 16.77 -22.50
C CYS C 405 -3.70 15.59 -21.56
N ASP C 406 -2.57 14.89 -21.67
CA ASP C 406 -2.15 13.88 -20.72
CA ASP C 406 -2.25 13.87 -20.68
C ASP C 406 -1.83 14.47 -19.35
N CYS C 407 -1.84 15.80 -19.23
CA CYS C 407 -1.40 16.52 -18.05
C CYS C 407 -2.56 16.97 -17.17
N LEU C 408 -3.79 16.51 -17.48
CA LEU C 408 -5.03 16.96 -16.86
C LEU C 408 -5.73 15.78 -16.21
N LYS C 409 -5.77 15.77 -14.88
CA LYS C 409 -6.46 14.76 -14.11
C LYS C 409 -7.70 15.32 -13.41
N LYS C 410 -8.64 14.44 -13.06
CA LYS C 410 -9.80 14.84 -12.27
C LYS C 410 -9.60 14.42 -10.81
N GLY C 411 -9.47 15.40 -9.93
CA GLY C 411 -9.54 15.18 -8.50
C GLY C 411 -10.91 15.55 -7.96
N SER C 412 -10.92 16.21 -6.80
CA SER C 412 -12.13 16.88 -6.35
C SER C 412 -12.69 17.70 -7.50
N TYR C 413 -11.86 18.61 -8.02
CA TYR C 413 -12.07 19.40 -9.22
C TYR C 413 -10.96 19.09 -10.24
N TRP C 414 -11.06 19.65 -11.46
CA TRP C 414 -10.11 19.35 -12.53
C TRP C 414 -8.87 20.24 -12.48
N ALA C 415 -7.70 19.66 -12.70
CA ALA C 415 -6.44 20.40 -12.54
C ALA C 415 -5.40 19.91 -13.52
N SER C 416 -4.43 20.78 -13.79
CA SER C 416 -3.29 20.42 -14.61
C SER C 416 -2.00 20.63 -13.83
N SER C 417 -0.94 20.14 -14.42
CA SER C 417 0.42 20.37 -13.97
C SER C 417 1.06 21.57 -14.64
N LEU C 418 0.27 22.36 -15.38
CA LEU C 418 0.76 23.58 -16.03
C LEU C 418 1.31 24.56 -15.02
N ASN C 419 2.61 24.86 -15.12
CA ASN C 419 3.27 25.71 -14.14
C ASN C 419 2.55 27.03 -13.93
N HIS C 420 2.88 27.75 -12.87
CA HIS C 420 2.32 29.06 -12.60
C HIS C 420 3.46 30.07 -12.59
N ILE C 421 3.45 31.01 -13.54
CA ILE C 421 4.53 31.98 -13.63
C ILE C 421 4.21 33.18 -12.75
N VAL C 422 5.02 33.37 -11.69
CA VAL C 422 4.90 34.50 -10.78
C VAL C 422 5.48 35.76 -11.38
N ILE C 423 6.68 35.65 -11.93
CA ILE C 423 7.33 36.69 -12.72
C ILE C 423 7.51 36.16 -14.15
N ARG C 424 6.71 36.65 -15.09
CA ARG C 424 7.12 36.57 -16.49
C ARG C 424 8.12 37.68 -16.76
N TYR C 425 8.87 37.55 -17.85
CA TYR C 425 9.89 38.55 -18.08
C TYR C 425 9.30 39.82 -18.69
N ALA C 426 8.17 39.70 -19.40
CA ALA C 426 7.49 40.90 -19.89
C ALA C 426 7.15 41.83 -18.74
N ASP C 427 6.96 41.29 -17.53
CA ASP C 427 6.80 42.14 -16.37
C ASP C 427 8.09 42.91 -16.05
N VAL C 428 9.26 42.28 -16.24
CA VAL C 428 10.52 42.97 -15.97
C VAL C 428 10.65 44.21 -16.84
N LEU C 429 10.16 44.12 -18.09
CA LEU C 429 10.30 45.19 -19.07
C LEU C 429 9.25 46.28 -18.88
N LEU C 430 7.98 45.90 -18.72
CA LEU C 430 6.95 46.89 -18.48
C LEU C 430 7.10 47.56 -17.12
N MET C 431 7.55 46.85 -16.10
CA MET C 431 7.87 47.53 -14.84
C MET C 431 8.99 48.53 -15.03
N ARG C 432 10.01 48.16 -15.79
CA ARG C 432 11.09 49.10 -16.06
C ARG C 432 10.57 50.32 -16.81
N ALA C 433 9.67 50.11 -17.78
CA ALA C 433 9.17 51.22 -18.57
C ALA C 433 8.36 52.19 -17.71
N GLU C 434 7.44 51.65 -16.90
CA GLU C 434 6.68 52.46 -15.98
C GLU C 434 7.59 53.32 -15.09
N ALA C 435 8.63 52.72 -14.53
CA ALA C 435 9.49 53.50 -13.64
C ALA C 435 10.34 54.51 -14.40
N LEU C 436 10.59 54.29 -15.69
CA LEU C 436 11.21 55.32 -16.51
C LEU C 436 10.25 56.45 -16.82
N ILE C 437 9.01 56.11 -17.18
CA ILE C 437 8.05 57.12 -17.56
C ILE C 437 7.71 58.02 -16.38
N GLN C 438 7.52 57.42 -15.20
CA GLN C 438 7.15 58.23 -14.03
C GLN C 438 8.34 59.01 -13.49
N LEU C 439 9.57 58.59 -13.82
CA LEU C 439 10.74 59.38 -13.43
C LEU C 439 10.84 60.66 -14.23
N ASN C 440 10.26 60.69 -15.43
CA ASN C 440 10.29 61.80 -16.39
C ASN C 440 11.62 62.52 -16.42
N ASP C 441 12.73 61.82 -16.15
CA ASP C 441 14.05 62.39 -16.33
C ASP C 441 14.50 62.35 -17.79
N GLY C 442 13.57 62.44 -18.74
CA GLY C 442 13.91 62.39 -20.14
C GLY C 442 14.26 61.03 -20.68
N ARG C 443 14.01 59.96 -19.91
CA ARG C 443 14.29 58.61 -20.38
C ARG C 443 13.08 57.93 -21.01
N ILE C 444 12.03 58.68 -21.35
CA ILE C 444 10.76 58.12 -21.82
C ILE C 444 10.92 57.43 -23.16
N THR C 445 11.88 57.84 -23.97
CA THR C 445 12.03 57.14 -25.25
C THR C 445 12.66 55.76 -25.08
N ASP C 446 13.43 55.54 -24.01
CA ASP C 446 13.93 54.20 -23.70
C ASP C 446 12.82 53.30 -23.19
N ALA C 447 11.78 53.88 -22.59
CA ALA C 447 10.65 53.10 -22.13
C ALA C 447 9.70 52.76 -23.27
N ILE C 448 9.64 53.62 -24.29
CA ILE C 448 8.80 53.28 -25.44
C ILE C 448 9.45 52.16 -26.24
N SER C 449 10.79 52.07 -26.18
CA SER C 449 11.53 50.97 -26.78
C SER C 449 11.30 49.66 -26.04
N LEU C 450 11.15 49.74 -24.70
CA LEU C 450 10.72 48.58 -23.93
C LEU C 450 9.30 48.16 -24.27
N ILE C 451 8.36 49.10 -24.21
CA ILE C 451 6.97 48.79 -24.54
C ILE C 451 6.86 48.10 -25.91
N ASN C 452 7.64 48.57 -26.90
CA ASN C 452 7.64 47.96 -28.23
C ASN C 452 8.14 46.53 -28.23
N GLU C 453 9.23 46.25 -27.49
CA GLU C 453 9.68 44.87 -27.38
C GLU C 453 8.52 43.93 -27.09
N VAL C 454 7.68 44.29 -26.12
CA VAL C 454 6.54 43.47 -25.71
C VAL C 454 5.46 43.49 -26.78
N ARG C 455 5.21 44.66 -27.37
CA ARG C 455 4.17 44.78 -28.38
C ARG C 455 4.59 44.14 -29.71
N SER C 456 5.85 44.33 -30.10
CA SER C 456 6.32 43.70 -31.33
C SER C 456 6.22 42.19 -31.23
N ARG C 457 6.61 41.64 -30.07
CA ARG C 457 6.50 40.20 -29.85
C ARG C 457 5.09 39.72 -30.11
N ALA C 458 4.12 40.39 -29.50
CA ALA C 458 2.75 39.92 -29.57
C ALA C 458 2.19 40.06 -30.98
N ALA C 459 2.58 41.13 -31.67
CA ALA C 459 2.10 41.33 -33.03
C ALA C 459 2.36 40.11 -33.87
N GLY C 460 3.47 39.42 -33.60
CA GLY C 460 3.90 38.27 -34.35
C GLY C 460 3.56 36.94 -33.75
N SER C 461 2.89 36.92 -32.60
CA SER C 461 2.65 35.70 -31.83
C SER C 461 1.44 34.95 -32.41
N THR C 462 1.65 34.31 -33.55
CA THR C 462 0.55 33.64 -34.25
C THR C 462 0.86 32.20 -34.62
N MET C 463 1.89 31.60 -34.01
CA MET C 463 1.95 30.15 -33.89
C MET C 463 0.70 29.68 -33.17
N LEU C 464 -0.06 28.78 -33.80
CA LEU C 464 -1.27 28.08 -33.33
C LEU C 464 -2.57 28.79 -33.70
N ILE C 465 -2.52 30.02 -34.22
CA ILE C 465 -3.73 30.73 -34.64
C ILE C 465 -3.50 31.40 -36.00
N PHE C 466 -2.48 30.95 -36.72
CA PHE C 466 -2.20 31.52 -38.04
C PHE C 466 -3.39 31.35 -38.98
N ASN C 467 -4.01 30.18 -38.99
CA ASN C 467 -5.10 29.92 -39.90
C ASN C 467 -6.38 30.67 -39.53
N TYR C 468 -6.41 31.41 -38.41
CA TYR C 468 -7.65 32.05 -37.96
C TYR C 468 -8.11 33.15 -38.90
N LYS C 469 -7.20 33.67 -39.73
CA LYS C 469 -7.59 34.71 -40.68
C LYS C 469 -8.55 34.13 -41.73
N GLU C 470 -8.24 32.99 -42.31
CA GLU C 470 -9.12 32.47 -43.36
C GLU C 470 -10.21 31.55 -42.86
N ASP C 471 -10.07 30.97 -41.68
CA ASP C 471 -11.11 30.10 -41.17
C ASP C 471 -12.19 30.89 -40.43
N TYR C 472 -11.81 31.85 -39.59
CA TYR C 472 -12.81 32.55 -38.81
C TYR C 472 -12.94 34.03 -39.18
N GLY C 473 -11.98 34.60 -39.89
CA GLY C 473 -12.10 35.95 -40.43
C GLY C 473 -11.35 37.03 -39.68
N VAL C 474 -10.25 36.68 -39.02
CA VAL C 474 -9.63 37.51 -37.99
C VAL C 474 -8.54 38.38 -38.60
N ASN C 475 -8.60 39.67 -38.32
CA ASN C 475 -7.65 40.63 -38.83
C ASN C 475 -6.66 41.00 -37.73
N PHE C 476 -5.46 40.44 -37.82
CA PHE C 476 -4.37 40.79 -36.91
C PHE C 476 -3.72 42.10 -37.37
N LYS C 477 -3.56 43.03 -36.43
CA LYS C 477 -2.75 44.21 -36.70
C LYS C 477 -2.33 44.76 -35.36
N VAL C 478 -1.04 44.62 -35.06
CA VAL C 478 -0.41 45.25 -33.92
C VAL C 478 0.90 45.86 -34.42
N THR C 479 1.16 47.09 -34.00
CA THR C 479 2.28 47.90 -34.47
C THR C 479 2.98 48.49 -33.26
N PRO C 480 4.30 48.63 -33.30
CA PRO C 480 4.99 49.34 -32.22
C PRO C 480 4.81 50.84 -32.40
N TYR C 481 5.10 51.57 -31.33
CA TYR C 481 4.99 53.02 -31.39
C TYR C 481 6.24 53.64 -32.01
N ASP C 482 6.05 54.73 -32.76
CA ASP C 482 7.17 55.37 -33.44
C ASP C 482 8.04 56.14 -32.44
N LEU C 483 9.34 55.88 -32.45
CA LEU C 483 10.24 56.40 -31.42
C LEU C 483 10.41 57.91 -31.47
N LYS C 484 9.39 58.65 -31.04
CA LYS C 484 9.36 60.11 -31.00
C LYS C 484 9.19 60.59 -29.57
N ALA C 485 8.97 61.90 -29.42
CA ALA C 485 8.82 62.52 -28.12
C ALA C 485 7.35 62.41 -27.67
N TYR C 486 7.14 62.02 -26.42
CA TYR C 486 5.82 61.79 -25.85
C TYR C 486 5.69 62.49 -24.52
N ALA C 487 4.48 62.92 -24.22
CA ALA C 487 4.21 63.47 -22.91
C ALA C 487 4.22 62.36 -21.85
N GLN C 488 4.53 62.73 -20.61
CA GLN C 488 4.42 61.80 -19.50
C GLN C 488 3.04 61.20 -19.41
N ASP C 489 2.01 62.05 -19.36
CA ASP C 489 0.64 61.56 -19.19
C ASP C 489 0.20 60.72 -20.39
N GLU C 490 0.78 60.95 -21.57
CA GLU C 490 0.48 60.06 -22.69
C GLU C 490 1.26 58.74 -22.61
N ALA C 491 2.55 58.79 -22.28
CA ALA C 491 3.32 57.57 -22.17
C ALA C 491 2.82 56.68 -21.03
N MET C 492 2.22 57.26 -19.99
CA MET C 492 1.58 56.45 -18.95
C MET C 492 0.29 55.81 -19.43
N LYS C 493 -0.36 56.37 -20.44
CA LYS C 493 -1.48 55.67 -21.06
C LYS C 493 -0.99 54.49 -21.89
N MET C 494 0.05 54.69 -22.71
CA MET C 494 0.59 53.60 -23.52
C MET C 494 1.17 52.47 -22.67
N LEU C 495 1.69 52.80 -21.47
CA LEU C 495 2.20 51.77 -20.58
C LEU C 495 1.07 51.01 -19.93
N LYS C 496 0.00 51.69 -19.53
CA LYS C 496 -1.10 50.96 -18.92
C LYS C 496 -1.75 50.01 -19.93
N TRP C 497 -1.83 50.42 -21.18
CA TRP C 497 -2.51 49.57 -22.13
C TRP C 497 -1.70 48.33 -22.46
N GLU C 498 -0.39 48.47 -22.59
CA GLU C 498 0.45 47.30 -22.78
C GLU C 498 0.31 46.32 -21.62
N ARG C 499 0.36 46.81 -20.38
CA ARG C 499 0.06 45.97 -19.20
C ARG C 499 -1.33 45.34 -19.33
N ARG C 500 -2.32 46.11 -19.80
CA ARG C 500 -3.69 45.61 -19.88
C ARG C 500 -3.81 44.41 -20.81
N VAL C 501 -3.27 44.52 -22.01
CA VAL C 501 -3.41 43.40 -22.95
C VAL C 501 -2.43 42.28 -22.60
N GLU C 502 -1.22 42.63 -22.17
CA GLU C 502 -0.20 41.63 -21.89
C GLU C 502 -0.55 40.74 -20.69
N PHE C 503 -1.23 41.27 -19.66
CA PHE C 503 -1.47 40.50 -18.45
C PHE C 503 -2.94 40.17 -18.21
N GLY C 504 -3.74 40.06 -19.27
CA GLY C 504 -5.16 39.80 -19.09
C GLY C 504 -5.39 38.51 -18.32
N MET C 505 -6.37 38.56 -17.40
CA MET C 505 -6.74 37.45 -16.53
C MET C 505 -5.62 36.90 -15.65
N GLU C 506 -4.43 37.48 -15.67
CA GLU C 506 -3.33 36.98 -14.85
C GLU C 506 -3.33 37.57 -13.44
N SER C 507 -4.32 38.39 -13.10
CA SER C 507 -4.65 38.75 -11.72
C SER C 507 -3.64 39.69 -11.06
N SER C 508 -2.91 40.48 -11.86
CA SER C 508 -2.25 41.68 -11.33
C SER C 508 -3.07 42.93 -11.60
N ARG C 509 -4.24 42.79 -12.23
CA ARG C 509 -5.01 43.91 -12.75
C ARG C 509 -5.44 44.89 -11.67
N PHE C 510 -6.35 44.43 -10.81
CA PHE C 510 -6.86 45.28 -9.74
C PHE C 510 -5.72 45.88 -8.93
N PHE C 511 -4.65 45.11 -8.68
CA PHE C 511 -3.53 45.64 -7.89
C PHE C 511 -2.79 46.74 -8.62
N ASP C 512 -2.83 46.73 -9.94
CA ASP C 512 -2.28 47.86 -10.69
C ASP C 512 -3.11 49.11 -10.47
N LEU C 513 -4.44 48.99 -10.61
CA LEU C 513 -5.29 50.17 -10.42
C LEU C 513 -5.16 50.73 -9.00
N VAL C 514 -4.86 49.89 -8.04
CA VAL C 514 -4.67 50.44 -6.70
C VAL C 514 -3.28 51.05 -6.57
N ARG C 515 -2.29 50.52 -7.27
CA ARG C 515 -0.99 51.18 -7.25
C ARG C 515 -1.10 52.57 -7.83
N TRP C 516 -1.81 52.70 -8.96
CA TRP C 516 -1.97 53.97 -9.65
C TRP C 516 -2.96 54.91 -8.97
N GLY C 517 -3.62 54.47 -7.91
CA GLY C 517 -4.62 55.31 -7.29
C GLY C 517 -5.82 55.58 -8.16
N GLU C 518 -6.03 54.81 -9.22
CA GLU C 518 -7.21 55.01 -10.03
C GLU C 518 -8.35 54.11 -9.67
N ALA C 519 -8.17 53.23 -8.67
CA ALA C 519 -9.11 52.17 -8.35
C ALA C 519 -10.58 52.62 -8.40
N LYS C 520 -10.93 53.63 -7.62
CA LYS C 520 -12.32 54.10 -7.53
C LYS C 520 -12.84 54.50 -8.91
N ASP C 521 -12.14 55.43 -9.57
CA ASP C 521 -12.65 55.97 -10.83
C ASP C 521 -12.78 54.90 -11.91
N VAL C 522 -11.78 54.03 -12.07
CA VAL C 522 -11.84 53.06 -13.16
C VAL C 522 -12.89 52.01 -12.89
N ILE C 523 -12.97 51.49 -11.66
CA ILE C 523 -13.90 50.40 -11.37
C ILE C 523 -15.34 50.89 -11.41
N ASN C 524 -15.60 52.10 -10.90
CA ASN C 524 -16.95 52.63 -10.98
C ASN C 524 -17.36 52.88 -12.42
N ALA C 525 -16.46 53.44 -13.23
CA ALA C 525 -16.74 53.62 -14.65
C ALA C 525 -17.07 52.30 -15.31
N TYR C 526 -16.30 51.26 -14.98
CA TYR C 526 -16.52 49.92 -15.50
C TYR C 526 -17.88 49.38 -15.05
N TYR C 527 -18.22 49.58 -13.76
CA TYR C 527 -19.50 49.18 -13.22
C TYR C 527 -20.66 49.73 -14.05
N VAL C 528 -20.54 50.98 -14.50
CA VAL C 528 -21.58 51.62 -15.29
C VAL C 528 -21.60 51.06 -16.69
N THR C 529 -20.43 51.06 -17.34
CA THR C 529 -20.36 50.67 -18.74
C THR C 529 -20.78 49.22 -18.92
N GLU C 530 -20.55 48.37 -17.92
CA GLU C 530 -20.75 46.94 -18.10
C GLU C 530 -22.09 46.42 -17.58
N ALA C 531 -22.84 47.21 -16.82
CA ALA C 531 -24.11 46.71 -16.30
C ALA C 531 -25.12 46.44 -17.41
N SER C 532 -24.95 47.07 -18.57
CA SER C 532 -25.79 46.74 -19.71
C SER C 532 -25.44 45.40 -20.32
N ARG C 533 -24.40 44.74 -19.84
CA ARG C 533 -23.93 43.49 -20.41
C ARG C 533 -23.84 42.33 -19.42
N CYS C 534 -24.01 42.58 -18.12
CA CYS C 534 -23.86 41.54 -17.10
C CYS C 534 -24.56 42.04 -15.84
N SER C 535 -25.85 41.71 -15.73
CA SER C 535 -26.74 42.47 -14.86
C SER C 535 -26.40 42.33 -13.38
N ILE C 536 -25.36 41.54 -13.05
CA ILE C 536 -24.91 41.45 -11.68
C ILE C 536 -24.22 42.73 -11.23
N TYR C 537 -23.79 43.55 -12.20
CA TYR C 537 -23.03 44.77 -11.93
C TYR C 537 -23.94 46.00 -11.78
N LYS C 538 -25.26 45.79 -11.65
CA LYS C 538 -26.24 46.87 -11.75
C LYS C 538 -26.37 47.71 -10.48
N ASN C 539 -26.07 47.16 -9.31
CA ASN C 539 -26.10 47.90 -8.07
C ASN C 539 -24.72 47.91 -7.41
N ALA C 540 -23.68 47.93 -8.24
CA ALA C 540 -22.31 47.94 -7.79
C ALA C 540 -21.88 49.36 -7.42
N GLY C 541 -20.96 49.44 -6.47
CA GLY C 541 -20.42 50.72 -6.08
C GLY C 541 -19.15 50.55 -5.28
N PHE C 542 -18.05 51.01 -5.86
CA PHE C 542 -16.78 51.06 -5.17
C PHE C 542 -16.77 52.30 -4.29
N THR C 543 -16.09 52.19 -3.16
CA THR C 543 -16.02 53.27 -2.20
C THR C 543 -14.58 53.75 -2.14
N GLU C 544 -14.35 55.01 -2.48
CA GLU C 544 -13.00 55.52 -2.36
C GLU C 544 -12.56 55.47 -0.90
N ASN C 545 -11.27 55.25 -0.69
CA ASN C 545 -10.71 55.18 0.67
C ASN C 545 -11.46 54.19 1.55
N LYS C 546 -11.50 52.94 1.11
CA LYS C 546 -12.08 51.84 1.87
C LYS C 546 -11.76 50.51 1.18
N ASN C 547 -12.05 50.46 -0.14
CA ASN C 547 -12.11 49.24 -0.94
C ASN C 547 -10.87 48.97 -1.77
N GLU C 548 -9.87 49.84 -1.71
CA GLU C 548 -8.63 49.52 -2.41
C GLU C 548 -7.98 48.28 -1.81
N TYR C 549 -8.24 48.03 -0.54
CA TYR C 549 -7.75 46.83 0.12
C TYR C 549 -8.90 46.05 0.74
N LEU C 550 -8.58 44.86 1.21
CA LEU C 550 -9.54 44.07 1.95
C LEU C 550 -9.48 44.43 3.43
N PRO C 551 -10.54 44.13 4.18
CA PRO C 551 -10.48 44.32 5.62
C PRO C 551 -9.52 43.33 6.26
N VAL C 552 -8.74 43.80 7.22
CA VAL C 552 -8.08 42.85 8.12
C VAL C 552 -9.14 41.91 8.68
N PRO C 553 -9.00 40.59 8.58
CA PRO C 553 -10.12 39.72 8.97
C PRO C 553 -10.53 39.87 10.43
N PHE C 554 -11.85 39.84 10.65
CA PHE C 554 -12.41 40.05 11.98
C PHE C 554 -11.90 39.02 12.96
N GLU C 555 -11.87 37.76 12.56
CA GLU C 555 -11.36 36.73 13.44
C GLU C 555 -9.96 37.09 13.91
N GLN C 556 -9.16 37.66 13.01
CA GLN C 556 -7.76 37.96 13.30
C GLN C 556 -7.61 39.19 14.18
N ILE C 557 -8.30 40.30 13.86
CA ILE C 557 -8.41 41.41 14.79
C ILE C 557 -8.85 40.92 16.17
N SER C 558 -9.91 40.12 16.20
CA SER C 558 -10.57 39.82 17.45
C SER C 558 -9.70 38.94 18.34
N ALA C 559 -8.86 38.10 17.72
CA ALA C 559 -7.96 37.23 18.45
C ALA C 559 -6.71 37.96 18.92
N SER C 560 -6.42 39.13 18.37
CA SER C 560 -5.24 39.88 18.78
C SER C 560 -5.46 40.63 20.08
N ASN C 561 -6.70 40.80 20.50
CA ASN C 561 -7.01 41.41 21.80
C ASN C 561 -6.42 42.81 21.88
N GLY C 562 -6.49 43.54 20.76
CA GLY C 562 -6.18 44.95 20.71
C GLY C 562 -5.00 45.33 19.86
N ASN C 563 -4.19 44.38 19.41
CA ASN C 563 -2.95 44.73 18.71
C ASN C 563 -3.17 45.07 17.25
N TYR C 564 -4.19 44.50 16.60
CA TYR C 564 -4.37 44.74 15.17
C TYR C 564 -5.27 45.94 14.93
N THR C 565 -4.78 46.90 14.16
CA THR C 565 -5.64 47.95 13.62
C THR C 565 -6.33 47.45 12.37
N GLN C 566 -7.59 47.84 12.22
CA GLN C 566 -8.36 47.62 11.00
C GLN C 566 -7.85 48.55 9.89
N ASN C 567 -8.37 48.37 8.68
CA ASN C 567 -8.04 49.29 7.59
C ASN C 567 -8.98 50.49 7.57
N PHE C 568 -8.50 51.58 6.98
CA PHE C 568 -9.30 52.78 6.80
C PHE C 568 -10.57 52.49 6.02
N GLY C 569 -11.66 53.10 6.45
CA GLY C 569 -12.94 52.90 5.83
C GLY C 569 -13.68 51.67 6.27
N TRP C 570 -13.22 50.97 7.32
CA TRP C 570 -13.92 49.79 7.84
C TRP C 570 -14.28 49.96 9.32
N HIS C 571 -14.48 51.20 9.78
CA HIS C 571 -14.99 51.50 11.12
C HIS C 571 -15.26 52.99 11.31
N GLY D 235 -26.08 -27.66 43.27
CA GLY D 235 -26.07 -26.74 42.14
C GLY D 235 -27.44 -26.22 41.74
N GLN D 236 -27.52 -24.91 41.47
CA GLN D 236 -28.76 -24.24 41.06
C GLN D 236 -28.54 -23.67 39.66
N ILE D 237 -29.26 -24.19 38.69
CA ILE D 237 -29.11 -23.80 37.30
C ILE D 237 -30.25 -22.90 36.88
N LYS D 238 -29.90 -21.73 36.34
CA LYS D 238 -30.87 -20.75 35.90
C LYS D 238 -30.67 -20.51 34.42
N ILE D 239 -31.76 -20.55 33.66
CA ILE D 239 -31.73 -20.31 32.22
C ILE D 239 -32.49 -19.03 31.98
N ASN D 240 -32.04 -18.24 31.00
CA ASN D 240 -32.69 -16.99 30.63
C ASN D 240 -32.68 -16.86 29.12
N PHE D 241 -33.85 -16.67 28.54
CA PHE D 241 -34.01 -16.35 27.13
C PHE D 241 -34.75 -15.04 26.95
N ASP D 242 -34.17 -14.13 26.17
CA ASP D 242 -34.84 -12.89 25.80
C ASP D 242 -34.82 -12.73 24.30
N ALA D 243 -35.95 -12.36 23.71
CA ALA D 243 -36.02 -11.99 22.30
C ALA D 243 -36.83 -10.72 22.12
N SER D 244 -36.60 -10.06 20.98
CA SER D 244 -37.16 -8.77 20.62
C SER D 244 -37.11 -8.66 19.12
N VAL D 245 -38.19 -8.18 18.51
CA VAL D 245 -38.10 -7.57 17.20
C VAL D 245 -38.60 -6.15 17.33
N SER D 246 -38.32 -5.36 16.32
CA SER D 246 -38.30 -3.92 16.54
C SER D 246 -38.24 -3.20 15.20
N ALA D 247 -39.37 -2.67 14.72
CA ALA D 247 -39.39 -1.87 13.50
C ALA D 247 -39.04 -0.41 13.79
N SER D 248 -38.12 0.14 13.02
CA SER D 248 -37.70 1.53 13.15
C SER D 248 -38.18 2.32 11.95
N MET D 249 -38.72 3.51 12.22
CA MET D 249 -39.39 4.32 11.19
C MET D 249 -39.05 5.79 11.47
N TYR D 250 -38.57 6.50 10.44
CA TYR D 250 -38.67 7.95 10.47
C TYR D 250 -40.15 8.32 10.44
N GLN D 251 -40.50 9.42 11.10
CA GLN D 251 -41.88 9.86 11.13
C GLN D 251 -41.99 11.36 10.89
N SER D 252 -40.88 12.02 10.55
CA SER D 252 -40.84 13.45 10.28
C SER D 252 -39.45 13.82 9.79
N LYS D 253 -39.37 14.83 8.94
CA LYS D 253 -38.12 15.46 8.49
C LYS D 253 -38.45 16.87 7.99
N MET D 254 -37.44 17.73 7.95
CA MET D 254 -37.62 19.05 7.33
C MET D 254 -38.20 18.89 5.95
N ASN D 255 -39.29 19.58 5.68
CA ASN D 255 -39.82 19.49 4.33
C ASN D 255 -39.06 20.42 3.42
N VAL D 256 -38.73 19.92 2.22
CA VAL D 256 -37.98 20.69 1.26
C VAL D 256 -38.91 20.97 0.10
N LEU D 257 -38.40 21.65 -0.93
CA LEU D 257 -39.27 22.07 -2.02
C LEU D 257 -39.65 20.90 -2.95
N ASN D 258 -40.94 20.85 -3.26
CA ASN D 258 -41.41 20.29 -4.52
C ASN D 258 -40.66 20.90 -5.68
N THR D 259 -40.40 20.09 -6.71
CA THR D 259 -39.88 20.63 -7.96
C THR D 259 -40.84 21.68 -8.53
N GLU D 260 -42.13 21.57 -8.21
CA GLU D 260 -43.10 22.64 -8.47
C GLU D 260 -42.75 23.90 -7.69
N GLN D 261 -42.45 23.76 -6.41
CA GLN D 261 -42.23 24.95 -5.59
C GLN D 261 -40.89 25.60 -5.88
N TYR D 262 -39.84 24.80 -6.00
CA TYR D 262 -38.49 25.27 -6.30
C TYR D 262 -38.51 26.37 -7.34
N GLY D 263 -39.36 26.22 -8.36
CA GLY D 263 -39.49 27.27 -9.35
C GLY D 263 -40.19 28.50 -8.80
N ARG D 264 -41.26 28.29 -8.02
CA ARG D 264 -41.93 29.43 -7.41
C ARG D 264 -40.95 30.20 -6.54
N ALA D 265 -40.08 29.48 -5.80
CA ALA D 265 -39.11 30.12 -4.91
C ALA D 265 -38.02 30.84 -5.68
N MET D 266 -37.51 30.24 -6.76
CA MET D 266 -36.56 30.96 -7.61
C MET D 266 -37.20 32.18 -8.25
N TRP D 267 -38.41 32.00 -8.79
CA TRP D 267 -39.13 33.11 -9.39
C TRP D 267 -39.24 34.27 -8.41
N GLN D 268 -39.74 34.00 -7.21
CA GLN D 268 -39.94 35.06 -6.23
C GLN D 268 -38.63 35.80 -5.95
N ALA D 269 -37.52 35.08 -5.81
CA ALA D 269 -36.25 35.75 -5.59
C ALA D 269 -35.80 36.56 -6.81
N TYR D 270 -36.18 36.12 -8.00
CA TYR D 270 -35.79 36.82 -9.20
C TYR D 270 -36.57 38.12 -9.38
N VAL D 271 -37.91 38.07 -9.31
CA VAL D 271 -38.68 39.31 -9.39
C VAL D 271 -38.33 40.22 -8.23
N ASN D 272 -38.05 39.64 -7.05
CA ASN D 272 -37.79 40.45 -5.86
C ASN D 272 -36.58 41.35 -6.05
N ASP D 273 -35.50 40.82 -6.62
CA ASP D 273 -34.33 41.63 -6.85
C ASP D 273 -34.45 42.44 -8.14
N GLY D 274 -35.56 42.29 -8.85
CA GLY D 274 -35.83 43.09 -10.02
C GLY D 274 -35.10 42.67 -11.27
N GLU D 275 -34.98 41.36 -11.51
CA GLU D 275 -34.46 40.90 -12.78
C GLU D 275 -35.40 39.85 -13.37
N ASN D 276 -35.28 39.68 -14.72
CA ASN D 276 -36.16 38.87 -15.55
C ASN D 276 -36.12 37.41 -15.13
N PRO D 277 -37.13 36.91 -14.41
CA PRO D 277 -37.04 35.55 -13.86
C PRO D 277 -36.94 34.47 -14.93
N ASN D 278 -37.06 34.84 -16.21
CA ASN D 278 -36.96 33.86 -17.28
C ASN D 278 -35.52 33.59 -17.71
N GLY D 279 -34.55 34.34 -17.20
CA GLY D 279 -33.14 34.06 -17.41
C GLY D 279 -32.54 33.11 -16.38
N ASN D 280 -33.36 32.25 -15.80
CA ASN D 280 -32.79 31.28 -14.88
C ASN D 280 -31.99 30.27 -15.68
N ALA D 281 -30.94 29.75 -15.07
CA ALA D 281 -30.07 28.75 -15.67
C ALA D 281 -30.69 27.36 -15.70
N LEU D 282 -31.88 27.17 -15.14
CA LEU D 282 -32.47 25.85 -14.94
C LEU D 282 -33.76 25.62 -15.69
N GLY D 283 -34.46 26.68 -16.12
CA GLY D 283 -35.53 26.66 -17.11
C GLY D 283 -36.59 25.57 -17.12
N TYR D 284 -37.81 25.76 -16.60
CA TYR D 284 -38.34 26.92 -15.84
C TYR D 284 -38.53 28.12 -16.75
N ALA D 285 -39.74 28.17 -17.32
CA ALA D 285 -40.28 29.36 -17.96
C ALA D 285 -41.60 29.68 -17.29
N TYR D 286 -41.74 30.93 -16.81
CA TYR D 286 -42.93 31.41 -16.15
C TYR D 286 -43.64 32.44 -17.03
N ASN D 287 -44.96 32.57 -16.87
CA ASN D 287 -45.71 33.67 -17.50
C ASN D 287 -46.38 34.47 -16.39
N TRP D 288 -45.66 35.43 -15.84
CA TRP D 288 -46.11 36.21 -14.72
C TRP D 288 -46.69 37.54 -15.19
N GLY D 289 -46.85 38.49 -14.28
CA GLY D 289 -47.41 39.78 -14.62
C GLY D 289 -47.58 40.63 -13.38
N TYR D 290 -48.47 41.61 -13.48
CA TYR D 290 -48.72 42.53 -12.37
C TYR D 290 -50.21 42.56 -12.03
N ASN D 291 -50.50 42.82 -10.76
CA ASN D 291 -51.76 42.43 -10.12
C ASN D 291 -52.75 43.58 -9.98
N ALA D 292 -52.64 44.61 -10.80
CA ALA D 292 -53.40 45.84 -10.65
C ALA D 292 -53.00 46.60 -9.39
N ASP D 293 -51.83 46.32 -8.83
CA ASP D 293 -51.24 47.17 -7.80
C ASP D 293 -49.78 47.47 -8.06
N GLY D 294 -49.20 46.92 -9.14
CA GLY D 294 -47.78 47.03 -9.38
C GLY D 294 -46.93 45.97 -8.73
N ASN D 295 -47.54 44.97 -8.07
CA ASN D 295 -46.86 43.85 -7.44
C ASN D 295 -46.83 42.64 -8.36
N PRO D 296 -45.72 41.94 -8.45
CA PRO D 296 -45.62 40.82 -9.38
C PRO D 296 -46.52 39.66 -8.93
N VAL D 297 -47.02 38.92 -9.90
CA VAL D 297 -47.86 37.75 -9.68
C VAL D 297 -47.36 36.61 -10.54
N LEU D 298 -47.18 35.44 -9.95
CA LEU D 298 -46.92 34.26 -10.77
C LEU D 298 -48.23 33.70 -11.27
N TYR D 299 -48.31 33.44 -12.57
CA TYR D 299 -49.50 32.83 -13.13
C TYR D 299 -49.32 31.36 -13.50
N GLY D 300 -48.09 30.90 -13.72
CA GLY D 300 -47.90 29.53 -14.17
C GLY D 300 -46.44 29.22 -14.42
N MET D 301 -46.14 27.92 -14.43
CA MET D 301 -44.82 27.38 -14.67
C MET D 301 -44.93 26.29 -15.74
N THR D 302 -43.81 25.99 -16.39
CA THR D 302 -43.66 24.71 -17.09
C THR D 302 -42.19 24.38 -17.21
N LEU D 303 -41.84 23.11 -17.03
CA LEU D 303 -40.55 22.56 -17.45
C LEU D 303 -40.76 21.63 -18.64
N SER D 304 -39.66 21.17 -19.22
CA SER D 304 -39.73 20.25 -20.35
C SER D 304 -39.76 18.82 -19.82
N LYS D 305 -39.87 17.85 -20.73
CA LYS D 305 -39.72 16.45 -20.34
C LYS D 305 -38.34 16.20 -19.73
N TYR D 306 -37.31 16.86 -20.28
CA TYR D 306 -35.94 16.64 -19.88
C TYR D 306 -35.29 17.96 -19.52
N LEU D 307 -34.29 17.91 -18.65
CA LEU D 307 -33.59 19.09 -18.18
C LEU D 307 -32.42 19.47 -19.06
N ASP D 308 -32.37 18.97 -20.28
CA ASP D 308 -31.21 19.17 -21.13
C ASP D 308 -31.60 19.03 -22.58
N SER D 309 -30.82 19.69 -23.44
CA SER D 309 -30.96 19.62 -24.89
C SER D 309 -30.40 18.32 -25.46
N LYS D 310 -30.45 17.24 -24.68
CA LYS D 310 -30.00 15.92 -25.12
C LYS D 310 -30.96 14.81 -24.70
N ASN D 311 -31.89 15.05 -23.76
CA ASN D 311 -32.96 14.14 -23.39
C ASN D 311 -32.46 12.90 -22.66
N THR D 312 -31.39 13.06 -21.88
CA THR D 312 -30.81 12.01 -21.06
C THR D 312 -31.34 12.01 -19.64
N MET D 313 -31.53 13.20 -19.05
CA MET D 313 -32.04 13.39 -17.69
C MET D 313 -33.46 13.90 -17.73
N PRO D 314 -34.47 13.06 -17.50
CA PRO D 314 -35.84 13.56 -17.49
C PRO D 314 -36.18 14.18 -16.14
N VAL D 315 -37.13 15.09 -16.18
CA VAL D 315 -37.43 15.89 -14.99
C VAL D 315 -38.26 15.05 -14.04
N ALA D 316 -38.02 15.23 -12.74
CA ALA D 316 -38.73 14.41 -11.79
C ALA D 316 -39.19 15.27 -10.64
N ASP D 317 -39.89 14.63 -9.71
CA ASP D 317 -40.32 15.24 -8.46
C ASP D 317 -39.90 14.27 -7.37
N THR D 318 -38.59 14.17 -7.18
CA THR D 318 -38.00 13.10 -6.38
C THR D 318 -38.03 13.46 -4.90
N ASP D 319 -38.94 12.83 -4.16
CA ASP D 319 -38.90 12.89 -2.71
C ASP D 319 -37.58 12.28 -2.24
N TRP D 320 -36.50 13.07 -2.19
CA TRP D 320 -35.18 12.48 -2.04
C TRP D 320 -34.98 11.80 -0.67
N PHE D 321 -35.58 12.34 0.39
CA PHE D 321 -35.52 11.67 1.69
C PHE D 321 -36.22 10.32 1.63
N ASP D 322 -37.44 10.29 1.08
CA ASP D 322 -38.13 9.01 0.93
C ASP D 322 -37.33 7.98 0.12
N GLU D 323 -36.44 8.44 -0.75
CA GLU D 323 -35.78 7.50 -1.64
C GLU D 323 -34.65 6.77 -0.93
N ILE D 324 -33.90 7.43 -0.04
CA ILE D 324 -32.80 6.74 0.64
C ILE D 324 -33.23 6.23 2.02
N THR D 325 -34.52 6.17 2.26
CA THR D 325 -35.08 5.86 3.57
C THR D 325 -35.92 4.61 3.56
N ARG D 326 -35.82 3.89 4.67
CA ARG D 326 -36.30 2.55 4.89
C ARG D 326 -37.08 2.49 6.19
N THR D 327 -37.94 1.47 6.31
CA THR D 327 -38.40 1.04 7.62
C THR D 327 -37.36 0.10 8.22
N GLY D 328 -36.51 0.62 9.10
CA GLY D 328 -35.50 -0.23 9.71
C GLY D 328 -36.10 -1.41 10.45
N VAL D 329 -35.27 -2.39 10.77
CA VAL D 329 -35.77 -3.54 11.49
C VAL D 329 -34.66 -4.14 12.34
N ILE D 330 -35.00 -4.53 13.57
CA ILE D 330 -34.03 -5.06 14.52
C ILE D 330 -34.51 -6.42 14.99
N GLN D 331 -33.59 -7.37 15.14
CA GLN D 331 -33.92 -8.58 15.86
C GLN D 331 -32.75 -8.92 16.78
N GLN D 332 -33.08 -9.35 17.99
CA GLN D 332 -32.07 -9.79 18.92
C GLN D 332 -32.64 -10.90 19.76
N TYR D 333 -31.82 -11.89 20.04
CA TYR D 333 -32.13 -12.87 21.04
C TYR D 333 -30.95 -12.93 21.98
N ASN D 334 -31.17 -13.48 23.16
CA ASN D 334 -30.11 -13.60 24.12
C ASN D 334 -30.42 -14.75 25.05
N LEU D 335 -29.56 -15.76 25.06
CA LEU D 335 -29.66 -16.94 25.91
C LEU D 335 -28.53 -16.87 26.93
N SER D 336 -28.85 -17.11 28.19
CA SER D 336 -27.79 -17.12 29.19
C SER D 336 -28.10 -18.22 30.20
N VAL D 337 -27.03 -18.80 30.76
CA VAL D 337 -27.10 -19.99 31.60
C VAL D 337 -26.01 -19.91 32.67
N SER D 338 -26.38 -20.22 33.92
CA SER D 338 -25.50 -20.04 35.07
C SER D 338 -25.71 -21.15 36.07
N ASN D 339 -24.68 -21.94 36.31
CA ASN D 339 -24.64 -22.96 37.36
C ASN D 339 -23.90 -22.38 38.55
N GLY D 340 -24.48 -22.53 39.74
CA GLY D 340 -23.82 -22.07 40.95
C GLY D 340 -23.68 -23.17 41.98
N SER D 341 -22.52 -23.85 41.99
CA SER D 341 -22.09 -24.76 43.03
C SER D 341 -21.37 -24.00 44.16
N GLU D 342 -21.17 -24.68 45.29
CA GLU D 342 -20.47 -24.06 46.41
C GLU D 342 -18.96 -24.21 46.28
N LYS D 343 -18.49 -25.12 45.45
CA LYS D 343 -17.08 -25.13 45.05
C LYS D 343 -16.76 -24.07 44.00
N GLY D 344 -17.71 -23.72 43.15
CA GLY D 344 -17.51 -22.60 42.25
C GLY D 344 -18.70 -22.49 41.35
N SER D 345 -18.81 -21.35 40.70
CA SER D 345 -19.93 -21.10 39.79
C SER D 345 -19.41 -20.70 38.41
N SER D 346 -20.23 -20.97 37.38
CA SER D 346 -19.90 -20.62 36.00
C SER D 346 -21.12 -20.03 35.31
N PHE D 347 -20.87 -19.49 34.12
CA PHE D 347 -21.81 -18.67 33.38
C PHE D 347 -21.48 -18.74 31.89
N PHE D 348 -22.51 -18.67 31.07
CA PHE D 348 -22.39 -18.85 29.62
C PHE D 348 -23.54 -18.09 29.00
N SER D 349 -23.27 -17.37 27.91
CA SER D 349 -24.26 -16.50 27.32
C SER D 349 -24.01 -16.47 25.82
N LEU D 350 -25.07 -16.52 25.02
CA LEU D 350 -24.99 -16.41 23.57
C LEU D 350 -26.04 -15.43 23.11
N GLY D 351 -25.63 -14.28 22.61
CA GLY D 351 -26.55 -13.30 22.08
C GLY D 351 -26.27 -13.01 20.63
N TYR D 352 -27.31 -12.59 19.90
CA TYR D 352 -27.20 -12.14 18.53
C TYR D 352 -28.11 -10.94 18.30
N TYR D 353 -27.64 -9.99 17.51
CA TYR D 353 -28.36 -8.75 17.25
C TYR D 353 -28.14 -8.37 15.80
N LYS D 354 -29.19 -7.98 15.10
CA LYS D 354 -29.08 -7.62 13.69
C LYS D 354 -29.94 -6.40 13.44
N ASN D 355 -29.38 -5.41 12.76
CA ASN D 355 -30.05 -4.12 12.54
C ASN D 355 -30.06 -3.80 11.04
N LEU D 356 -31.23 -3.85 10.40
CA LEU D 356 -31.44 -3.15 9.14
C LEU D 356 -31.58 -1.67 9.40
N GLY D 357 -30.57 -0.91 9.02
CA GLY D 357 -30.62 0.51 9.23
C GLY D 357 -31.79 1.17 8.52
N VAL D 358 -32.11 2.37 8.98
CA VAL D 358 -33.20 3.12 8.38
C VAL D 358 -32.73 3.85 7.13
N ILE D 359 -31.43 3.79 6.85
CA ILE D 359 -30.84 4.22 5.58
C ILE D 359 -30.67 2.99 4.67
N LYS D 360 -31.05 3.13 3.40
CA LYS D 360 -31.00 1.98 2.50
C LYS D 360 -29.56 1.51 2.30
N ASP D 361 -29.42 0.21 2.02
CA ASP D 361 -28.11 -0.41 1.80
C ASP D 361 -27.17 -0.24 2.99
N THR D 362 -27.70 -0.39 4.22
CA THR D 362 -26.90 -0.37 5.44
C THR D 362 -27.43 -1.42 6.39
N ASP D 363 -26.53 -2.16 7.05
CA ASP D 363 -26.94 -3.15 8.02
C ASP D 363 -25.95 -3.11 9.18
N PHE D 364 -26.08 -4.08 10.09
CA PHE D 364 -25.24 -4.21 11.27
C PHE D 364 -25.59 -5.51 11.97
N ASP D 365 -24.61 -6.30 12.38
CA ASP D 365 -24.93 -7.45 13.20
C ASP D 365 -23.78 -7.76 14.17
N ARG D 366 -24.16 -8.30 15.33
CA ARG D 366 -23.25 -8.60 16.43
C ARG D 366 -23.62 -9.96 17.01
N PHE D 367 -22.60 -10.81 17.18
CA PHE D 367 -22.68 -12.06 17.92
C PHE D 367 -21.85 -11.87 19.19
N SER D 368 -22.35 -12.35 20.33
CA SER D 368 -21.54 -12.29 21.54
C SER D 368 -21.60 -13.62 22.28
N ALA D 369 -20.44 -14.05 22.80
CA ALA D 369 -20.34 -15.17 23.74
C ALA D 369 -19.64 -14.68 25.00
N ARG D 370 -20.31 -14.75 26.13
CA ARG D 370 -19.67 -14.51 27.39
C ARG D 370 -19.50 -15.88 28.05
N MET D 371 -18.48 -16.03 28.90
CA MET D 371 -18.15 -17.32 29.51
C MET D 371 -17.30 -17.02 30.77
N ASN D 372 -17.97 -16.57 31.85
CA ASN D 372 -17.34 -16.30 33.14
C ASN D 372 -17.29 -17.57 34.02
N SER D 373 -16.47 -17.54 35.09
CA SER D 373 -16.50 -18.59 36.12
C SER D 373 -15.55 -18.28 37.27
N ASP D 374 -15.68 -19.07 38.35
CA ASP D 374 -14.76 -19.03 39.48
C ASP D 374 -14.72 -20.38 40.18
N TYR D 375 -13.73 -20.53 41.08
CA TYR D 375 -13.26 -21.81 41.63
C TYR D 375 -12.72 -21.60 43.05
N LYS D 376 -13.29 -22.32 44.02
CA LYS D 376 -12.90 -22.25 45.43
C LYS D 376 -11.81 -23.30 45.65
N LEU D 377 -10.55 -22.89 45.58
CA LEU D 377 -9.48 -23.87 45.73
C LEU D 377 -9.29 -24.27 47.18
N ILE D 378 -9.59 -23.38 48.12
CA ILE D 378 -9.48 -23.65 49.55
C ILE D 378 -10.68 -22.95 50.19
N ASP D 379 -11.66 -23.74 50.62
CA ASP D 379 -12.94 -23.25 51.14
C ASP D 379 -12.84 -21.89 51.84
N ASP D 380 -13.36 -20.88 51.14
CA ASP D 380 -13.43 -19.47 51.57
C ASP D 380 -12.08 -18.93 52.07
N ILE D 381 -10.99 -19.31 51.40
CA ILE D 381 -9.68 -18.72 51.68
C ILE D 381 -8.95 -18.34 50.38
N LEU D 382 -9.08 -19.17 49.34
CA LEU D 382 -8.35 -18.96 48.09
C LEU D 382 -9.22 -19.31 46.88
N THR D 383 -10.07 -18.37 46.45
CA THR D 383 -10.84 -18.49 45.22
C THR D 383 -10.06 -17.91 44.04
N ILE D 384 -10.24 -18.52 42.85
CA ILE D 384 -9.59 -18.11 41.60
C ILE D 384 -10.64 -18.01 40.49
N GLY D 385 -10.47 -17.06 39.59
CA GLY D 385 -11.58 -16.77 38.68
C GLY D 385 -11.16 -16.07 37.40
N GLN D 386 -12.13 -15.97 36.49
CA GLN D 386 -11.98 -15.40 35.18
C GLN D 386 -13.27 -14.72 34.73
N HIS D 387 -13.15 -13.89 33.69
CA HIS D 387 -14.28 -13.28 32.98
C HIS D 387 -13.89 -13.22 31.52
N PHE D 388 -14.75 -13.67 30.62
CA PHE D 388 -14.38 -13.60 29.21
C PHE D 388 -15.57 -13.19 28.37
N THR D 389 -15.32 -12.37 27.36
CA THR D 389 -16.39 -11.90 26.48
C THR D 389 -15.82 -11.75 25.09
N LEU D 390 -16.61 -12.07 24.08
CA LEU D 390 -16.11 -12.15 22.71
C LEU D 390 -17.17 -11.64 21.75
N ASN D 391 -16.83 -10.63 20.93
CA ASN D 391 -17.77 -10.02 19.99
C ASN D 391 -17.35 -10.22 18.54
N ARG D 392 -18.33 -10.22 17.64
CA ARG D 392 -18.02 -10.09 16.21
C ARG D 392 -19.09 -9.24 15.55
N THR D 393 -18.77 -7.97 15.35
CA THR D 393 -19.62 -7.04 14.62
C THR D 393 -19.28 -7.04 13.13
N SER D 394 -20.30 -6.90 12.29
CA SER D 394 -20.13 -6.59 10.87
C SER D 394 -21.13 -5.50 10.48
N GLU D 395 -20.62 -4.37 9.96
CA GLU D 395 -21.49 -3.28 9.52
C GLU D 395 -21.13 -2.80 8.12
N VAL D 396 -22.13 -2.20 7.47
CA VAL D 396 -21.93 -1.23 6.41
C VAL D 396 -22.50 0.08 6.91
N GLN D 397 -21.64 1.08 7.07
CA GLN D 397 -21.97 2.39 7.63
C GLN D 397 -22.42 3.35 6.53
N ALA D 398 -23.57 4.00 6.73
CA ALA D 398 -24.01 5.01 5.77
C ALA D 398 -22.94 6.11 5.66
N PRO D 399 -22.67 6.62 4.47
CA PRO D 399 -21.61 7.63 4.35
C PRO D 399 -22.00 8.92 5.06
N GLY D 400 -21.00 9.58 5.62
CA GLY D 400 -21.21 10.86 6.26
C GLY D 400 -22.15 11.83 5.55
N GLY D 401 -23.18 12.25 6.26
CA GLY D 401 -24.07 13.27 5.75
C GLY D 401 -24.90 12.87 4.54
N ILE D 402 -25.23 11.59 4.39
CA ILE D 402 -26.11 11.22 3.30
C ILE D 402 -27.43 11.97 3.39
N ILE D 403 -28.07 11.95 4.57
CA ILE D 403 -29.37 12.61 4.75
C ILE D 403 -29.25 14.11 4.45
N GLU D 404 -28.23 14.73 5.05
CA GLU D 404 -27.93 16.12 4.78
C GLU D 404 -27.56 16.39 3.34
N THR D 405 -27.24 15.35 2.54
CA THR D 405 -27.09 15.51 1.09
C THR D 405 -28.41 15.26 0.36
N ALA D 406 -29.22 14.33 0.85
CA ALA D 406 -30.54 14.11 0.29
C ALA D 406 -31.44 15.33 0.42
N LEU D 407 -31.16 16.21 1.38
CA LEU D 407 -32.09 17.29 1.58
C LEU D 407 -31.73 18.56 0.82
N ASP D 408 -30.47 18.75 0.40
CA ASP D 408 -30.16 19.87 -0.48
C ASP D 408 -29.88 19.44 -1.92
N ILE D 409 -30.57 18.42 -2.42
CA ILE D 409 -30.52 18.01 -3.82
C ILE D 409 -31.88 18.31 -4.42
N PRO D 410 -31.96 19.11 -5.47
CA PRO D 410 -33.26 19.60 -5.94
C PRO D 410 -34.12 18.48 -6.47
N SER D 411 -35.41 18.55 -6.16
CA SER D 411 -36.36 17.50 -6.53
C SER D 411 -36.50 17.31 -8.03
N ALA D 412 -35.96 18.21 -8.85
CA ALA D 412 -36.06 18.03 -10.29
C ALA D 412 -35.16 16.91 -10.79
N ILE D 413 -34.01 16.73 -10.14
CA ILE D 413 -33.05 15.69 -10.50
C ILE D 413 -33.67 14.33 -10.26
N PRO D 414 -33.71 13.45 -11.26
CA PRO D 414 -34.40 12.18 -11.11
C PRO D 414 -33.49 11.14 -10.47
N VAL D 415 -34.11 10.10 -9.92
CA VAL D 415 -33.28 9.06 -9.34
C VAL D 415 -32.57 8.30 -10.43
N TYR D 416 -33.29 7.98 -11.51
CA TYR D 416 -32.70 7.32 -12.69
C TYR D 416 -32.74 8.23 -13.92
N ALA D 417 -31.66 8.20 -14.68
CA ALA D 417 -31.67 8.82 -16.00
C ALA D 417 -32.58 8.01 -16.96
N SER D 418 -32.78 8.52 -18.16
CA SER D 418 -33.77 7.90 -19.03
C SER D 418 -33.28 6.68 -19.78
N ASP D 419 -31.99 6.32 -19.69
CA ASP D 419 -31.56 5.01 -20.17
C ASP D 419 -31.57 3.96 -19.06
N GLY D 420 -31.86 4.36 -17.83
CA GLY D 420 -31.86 3.45 -16.71
C GLY D 420 -30.59 3.45 -15.90
N SER D 421 -29.59 4.24 -16.28
CA SER D 421 -28.42 4.39 -15.42
C SER D 421 -28.79 5.20 -14.18
N TRP D 422 -27.90 6.04 -13.69
CA TRP D 422 -28.15 6.82 -12.49
C TRP D 422 -28.38 8.28 -12.84
N GLY D 423 -29.44 8.87 -12.27
CA GLY D 423 -29.68 10.29 -12.43
C GLY D 423 -28.61 11.15 -11.77
N GLY D 424 -28.52 12.38 -12.25
CA GLY D 424 -27.62 13.37 -11.67
C GLY D 424 -27.94 14.77 -12.15
N PRO D 425 -27.20 15.76 -11.64
CA PRO D 425 -27.40 17.13 -12.12
C PRO D 425 -26.96 17.29 -13.55
N VAL D 426 -27.15 18.48 -14.12
CA VAL D 426 -26.63 18.77 -15.45
C VAL D 426 -26.70 20.29 -15.62
N GLY D 427 -25.78 20.83 -16.39
CA GLY D 427 -25.79 22.28 -16.58
C GLY D 427 -25.62 23.01 -15.26
N GLY D 428 -26.44 24.06 -15.06
CA GLY D 428 -26.28 24.94 -13.90
C GLY D 428 -26.71 24.36 -12.57
N TRP D 429 -27.49 23.30 -12.57
CA TRP D 429 -27.98 22.65 -11.36
C TRP D 429 -26.81 22.33 -10.43
N PRO D 430 -27.05 22.22 -9.13
CA PRO D 430 -25.93 22.26 -8.19
C PRO D 430 -25.04 21.04 -8.29
N ASP D 431 -23.72 21.27 -8.10
CA ASP D 431 -22.67 20.26 -8.11
C ASP D 431 -22.87 19.23 -7.01
N ARG D 432 -23.83 18.32 -7.17
CA ARG D 432 -24.07 17.39 -6.06
C ARG D 432 -24.67 16.07 -6.54
N ARG D 433 -24.13 14.98 -6.02
CA ARG D 433 -24.37 13.67 -6.60
C ARG D 433 -25.66 13.05 -6.06
N ASN D 434 -26.21 12.14 -6.85
CA ASN D 434 -27.37 11.35 -6.48
C ASN D 434 -27.10 10.58 -5.18
N PRO D 435 -27.83 10.86 -4.11
CA PRO D 435 -27.59 10.11 -2.86
C PRO D 435 -27.87 8.64 -3.02
N ARG D 436 -29.02 8.30 -3.63
CA ARG D 436 -29.35 6.90 -3.86
C ARG D 436 -28.22 6.18 -4.58
N ALA D 437 -27.54 6.85 -5.53
CA ALA D 437 -26.40 6.20 -6.18
C ALA D 437 -25.19 6.12 -5.26
N VAL D 438 -24.99 7.11 -4.39
CA VAL D 438 -23.89 7.03 -3.42
C VAL D 438 -24.09 5.87 -2.46
N LEU D 439 -25.35 5.62 -2.07
CA LEU D 439 -25.65 4.47 -1.22
C LEU D 439 -25.38 3.15 -1.93
N GLU D 440 -25.73 3.05 -3.22
CA GLU D 440 -25.35 1.86 -3.99
C GLU D 440 -23.84 1.70 -4.02
N TYR D 441 -23.11 2.72 -4.47
CA TYR D 441 -21.67 2.57 -4.59
C TYR D 441 -20.99 2.30 -3.25
N ASN D 442 -21.71 2.40 -2.14
CA ASN D 442 -21.13 2.19 -0.82
C ASN D 442 -21.39 0.80 -0.30
N LYS D 443 -22.29 0.04 -0.95
CA LYS D 443 -23.00 -1.03 -0.28
C LYS D 443 -22.13 -2.23 0.06
N ASP D 444 -20.89 -2.29 -0.41
CA ASP D 444 -19.99 -3.39 -0.05
C ASP D 444 -18.85 -2.94 0.84
N ASN D 445 -18.87 -1.71 1.34
CA ASN D 445 -17.80 -1.24 2.22
C ASN D 445 -18.12 -1.73 3.61
N ARG D 446 -17.66 -2.93 3.92
CA ARG D 446 -18.14 -3.68 5.07
C ARG D 446 -16.97 -3.98 5.99
N TYR D 447 -17.05 -3.50 7.22
CA TYR D 447 -16.02 -3.87 8.18
C TYR D 447 -16.42 -5.12 8.95
N THR D 448 -15.41 -5.91 9.30
CA THR D 448 -15.53 -7.10 10.13
C THR D 448 -14.67 -6.87 11.37
N TYR D 449 -15.34 -6.57 12.47
CA TYR D 449 -14.71 -6.26 13.75
C TYR D 449 -14.80 -7.45 14.70
N TRP D 450 -13.69 -7.76 15.38
CA TRP D 450 -13.65 -8.79 16.43
C TRP D 450 -13.01 -8.18 17.67
N ARG D 451 -13.69 -8.30 18.81
CA ARG D 451 -13.13 -7.84 20.08
C ARG D 451 -13.27 -8.94 21.12
N MET D 452 -12.25 -9.10 21.96
CA MET D 452 -12.33 -10.02 23.08
C MET D 452 -11.69 -9.47 24.33
N PHE D 453 -12.44 -9.46 25.42
CA PHE D 453 -11.93 -8.85 26.63
C PHE D 453 -12.38 -9.62 27.85
N GLY D 454 -11.57 -9.52 28.89
CA GLY D 454 -11.90 -10.17 30.14
C GLY D 454 -10.73 -10.04 31.08
N ASP D 455 -10.84 -10.73 32.21
CA ASP D 455 -9.78 -10.75 33.19
C ASP D 455 -9.62 -12.14 33.80
N ALA D 456 -8.53 -12.31 34.49
CA ALA D 456 -8.36 -13.39 35.41
C ALA D 456 -7.95 -12.74 36.72
N TYR D 457 -8.22 -13.42 37.82
CA TYR D 457 -7.92 -12.87 39.13
C TYR D 457 -7.68 -14.00 40.09
N VAL D 458 -6.99 -13.67 41.16
CA VAL D 458 -6.97 -14.51 42.34
C VAL D 458 -7.37 -13.66 43.54
N ASN D 459 -8.07 -14.27 44.48
CA ASN D 459 -8.52 -13.66 45.73
C ASN D 459 -7.99 -14.54 46.86
N LEU D 460 -7.07 -14.01 47.65
CA LEU D 460 -6.53 -14.75 48.78
C LEU D 460 -7.04 -14.11 50.06
N THR D 461 -7.82 -14.86 50.84
CA THR D 461 -8.35 -14.39 52.13
C THR D 461 -7.73 -15.24 53.22
N PRO D 462 -6.55 -14.86 53.77
CA PRO D 462 -5.90 -15.66 54.82
C PRO D 462 -6.78 -16.00 56.01
N PHE D 463 -7.05 -15.05 56.88
CA PHE D 463 -8.00 -15.33 57.94
C PHE D 463 -9.33 -14.69 57.59
N LYS D 464 -9.77 -13.74 58.42
CA LYS D 464 -11.14 -13.23 58.35
C LYS D 464 -11.09 -11.72 58.30
N GLY D 465 -11.59 -11.15 57.21
CA GLY D 465 -11.67 -9.71 57.06
C GLY D 465 -10.55 -9.10 56.24
N PHE D 466 -9.50 -9.85 55.99
CA PHE D 466 -8.34 -9.38 55.24
C PHE D 466 -8.19 -10.26 54.00
N ASN D 467 -8.33 -9.66 52.82
CA ASN D 467 -8.00 -10.38 51.60
C ASN D 467 -7.27 -9.52 50.59
N LEU D 468 -6.22 -10.13 50.01
CA LEU D 468 -5.43 -9.61 48.92
C LEU D 468 -6.05 -10.09 47.63
N ARG D 469 -6.09 -9.22 46.64
CA ARG D 469 -6.59 -9.58 45.32
C ARG D 469 -5.70 -8.90 44.29
N SER D 470 -5.11 -9.67 43.38
CA SER D 470 -4.62 -9.07 42.16
C SER D 470 -5.36 -9.69 40.98
N THR D 471 -5.54 -8.88 39.94
CA THR D 471 -6.32 -9.25 38.77
C THR D 471 -5.69 -8.68 37.50
N PHE D 472 -5.65 -9.50 36.44
CA PHE D 472 -5.08 -9.11 35.16
C PHE D 472 -6.13 -9.22 34.07
N GLY D 473 -6.30 -8.16 33.28
CA GLY D 473 -7.29 -8.18 32.22
C GLY D 473 -6.79 -7.58 30.93
N LEU D 474 -7.39 -8.00 29.81
CA LEU D 474 -7.03 -7.45 28.52
C LEU D 474 -8.27 -7.28 27.67
N ASP D 475 -8.10 -6.50 26.60
CA ASP D 475 -9.20 -6.01 25.76
C ASP D 475 -8.58 -5.74 24.39
N TYR D 476 -8.61 -6.75 23.54
CA TYR D 476 -8.00 -6.70 22.22
C TYR D 476 -9.07 -6.68 21.15
N ALA D 477 -8.92 -5.80 20.16
CA ALA D 477 -9.85 -5.74 19.05
C ALA D 477 -9.13 -5.48 17.75
N ASN D 478 -9.91 -5.66 16.69
CA ASN D 478 -9.41 -5.81 15.33
C ASN D 478 -10.51 -5.36 14.39
N LYS D 479 -10.27 -4.34 13.60
CA LYS D 479 -11.18 -4.04 12.50
C LYS D 479 -10.47 -4.23 11.18
N GLN D 480 -11.18 -4.81 10.23
CA GLN D 480 -10.70 -4.82 8.87
C GLN D 480 -11.86 -4.58 7.94
N ALA D 481 -11.64 -3.75 6.94
CA ALA D 481 -12.60 -3.62 5.86
C ALA D 481 -11.83 -3.38 4.56
N ARG D 482 -12.53 -3.56 3.44
CA ARG D 482 -12.10 -3.04 2.15
C ARG D 482 -13.10 -1.99 1.74
N TYR D 483 -12.60 -0.87 1.21
CA TYR D 483 -13.45 0.20 0.67
C TYR D 483 -13.28 0.26 -0.85
N PHE D 484 -14.40 0.21 -1.57
CA PHE D 484 -14.38 0.10 -3.03
C PHE D 484 -14.75 1.43 -3.67
N THR D 485 -13.85 1.94 -4.52
CA THR D 485 -14.12 3.13 -5.33
C THR D 485 -14.34 2.69 -6.76
N TYR D 486 -15.58 2.88 -7.26
CA TYR D 486 -15.92 2.48 -8.62
C TYR D 486 -16.19 3.69 -9.51
N PRO D 487 -15.99 3.58 -10.82
CA PRO D 487 -16.25 4.71 -11.71
C PRO D 487 -17.72 5.05 -11.79
N TYR D 488 -18.00 6.34 -11.99
CA TYR D 488 -19.35 6.81 -12.24
C TYR D 488 -19.31 8.04 -13.13
N GLN D 489 -20.33 8.18 -13.98
CA GLN D 489 -20.58 9.40 -14.74
C GLN D 489 -22.08 9.63 -14.78
N GLU D 490 -22.54 10.67 -14.07
CA GLU D 490 -23.95 10.87 -13.78
C GLU D 490 -24.27 12.35 -13.99
N GLY D 491 -24.74 12.69 -15.17
CA GLY D 491 -24.94 14.10 -15.47
C GLY D 491 -23.62 14.84 -15.43
N THR D 492 -23.56 15.96 -14.70
CA THR D 492 -22.32 16.74 -14.56
C THR D 492 -21.47 16.28 -13.38
N GLN D 493 -21.32 14.96 -13.22
CA GLN D 493 -20.75 14.35 -12.02
C GLN D 493 -19.88 13.16 -12.46
N THR D 494 -18.59 13.39 -12.60
CA THR D 494 -17.71 12.38 -13.16
C THR D 494 -16.65 12.03 -12.15
N ASN D 495 -16.37 10.76 -12.11
CA ASN D 495 -15.24 10.17 -11.44
C ASN D 495 -14.00 10.20 -12.32
N ASN D 496 -14.14 10.54 -13.61
CA ASN D 496 -13.13 10.26 -14.63
C ASN D 496 -12.75 8.80 -14.63
N GLY D 497 -13.75 7.94 -14.48
CA GLY D 497 -13.54 6.50 -14.55
C GLY D 497 -12.50 5.94 -13.59
N LYS D 498 -12.56 6.35 -12.32
CA LYS D 498 -11.63 5.87 -11.33
C LYS D 498 -12.13 4.56 -10.76
N SER D 499 -11.23 3.60 -10.62
CA SER D 499 -11.46 2.42 -9.81
C SER D 499 -10.38 2.35 -8.74
N ALA D 500 -10.75 2.06 -7.51
CA ALA D 500 -9.73 1.75 -6.51
C ALA D 500 -10.26 0.85 -5.41
N VAL D 501 -9.34 0.41 -4.56
CA VAL D 501 -9.64 -0.41 -3.39
C VAL D 501 -8.68 -0.02 -2.27
N GLU D 502 -9.21 0.27 -1.09
CA GLU D 502 -8.38 0.44 0.09
C GLU D 502 -8.59 -0.76 0.98
N ALA D 503 -7.50 -1.36 1.46
CA ALA D 503 -7.57 -2.46 2.40
C ALA D 503 -7.08 -1.90 3.73
N LYS D 504 -8.03 -1.45 4.56
CA LYS D 504 -7.75 -0.92 5.89
C LYS D 504 -7.64 -2.06 6.89
N GLN D 505 -7.09 -1.72 8.04
CA GLN D 505 -6.87 -2.64 9.16
C GLN D 505 -6.56 -1.82 10.39
N GLU D 506 -7.27 -2.08 11.48
CA GLU D 506 -6.94 -1.41 12.74
C GLU D 506 -6.75 -2.45 13.83
N HIS D 507 -5.89 -2.12 14.79
CA HIS D 507 -5.74 -2.91 16.01
C HIS D 507 -5.77 -1.98 17.21
N TRP D 508 -6.39 -2.45 18.28
CA TRP D 508 -6.47 -1.73 19.54
C TRP D 508 -6.24 -2.72 20.66
N THR D 509 -5.17 -2.54 21.43
CA THR D 509 -4.84 -3.50 22.49
C THR D 509 -4.65 -2.77 23.80
N LYS D 510 -5.52 -3.04 24.77
CA LYS D 510 -5.37 -2.51 26.13
C LYS D 510 -5.13 -3.68 27.05
N TRP D 511 -4.25 -3.49 28.05
CA TRP D 511 -4.13 -4.45 29.14
C TRP D 511 -3.98 -3.73 30.47
N MET D 512 -4.44 -4.39 31.54
CA MET D 512 -4.65 -3.78 32.85
C MET D 512 -4.27 -4.77 33.93
N TRP D 513 -3.44 -4.35 34.88
CA TRP D 513 -3.08 -5.15 36.03
C TRP D 513 -3.22 -4.37 37.33
N ASN D 514 -3.75 -5.01 38.37
CA ASN D 514 -3.83 -4.33 39.65
C ASN D 514 -3.59 -5.27 40.82
N ALA D 515 -3.35 -4.68 41.99
CA ALA D 515 -3.35 -5.42 43.25
C ALA D 515 -4.08 -4.62 44.31
N ILE D 516 -4.95 -5.27 45.06
CA ILE D 516 -5.86 -4.62 46.00
C ILE D 516 -5.85 -5.38 47.32
N ALA D 517 -5.40 -4.75 48.39
CA ALA D 517 -5.59 -5.32 49.71
C ALA D 517 -6.77 -4.65 50.38
N THR D 518 -7.63 -5.44 51.04
CA THR D 518 -8.75 -4.89 51.81
C THR D 518 -8.88 -5.55 53.18
N TYR D 519 -8.73 -4.75 54.24
CA TYR D 519 -9.10 -5.11 55.60
C TYR D 519 -10.36 -4.38 56.05
N GLN D 520 -11.22 -5.09 56.79
CA GLN D 520 -12.45 -4.53 57.31
C GLN D 520 -12.67 -5.02 58.74
N LEU D 521 -13.16 -4.12 59.61
CA LEU D 521 -13.35 -4.36 61.04
C LEU D 521 -14.79 -4.10 61.48
N GLU D 522 -15.16 -4.74 62.59
CA GLU D 522 -16.54 -4.77 63.09
C GLU D 522 -16.49 -5.08 64.60
N VAL D 523 -16.30 -4.04 65.41
CA VAL D 523 -16.24 -4.21 66.87
C VAL D 523 -17.56 -3.67 67.45
N GLY D 524 -18.59 -4.53 67.44
CA GLY D 524 -19.91 -4.20 67.93
C GLY D 524 -20.55 -2.99 67.27
N LYS D 525 -20.53 -1.84 67.96
CA LYS D 525 -21.12 -0.63 67.40
C LYS D 525 -20.34 -0.15 66.18
N HIS D 526 -19.02 -0.28 66.21
CA HIS D 526 -18.15 0.28 65.19
C HIS D 526 -18.03 -0.66 64.00
N ARG D 527 -17.76 -0.10 62.82
CA ARG D 527 -17.54 -0.93 61.64
C ARG D 527 -16.54 -0.22 60.73
N GLY D 528 -15.60 -0.99 60.18
CA GLY D 528 -14.53 -0.43 59.39
C GLY D 528 -14.34 -1.13 58.05
N ASP D 529 -13.73 -0.39 57.12
CA ASP D 529 -13.26 -0.89 55.82
C ASP D 529 -12.08 -0.01 55.44
N VAL D 530 -10.88 -0.57 55.41
CA VAL D 530 -9.77 0.10 54.78
C VAL D 530 -9.29 -0.72 53.58
N MET D 531 -9.15 -0.07 52.43
CA MET D 531 -8.55 -0.70 51.26
C MET D 531 -7.34 0.09 50.76
N ILE D 532 -6.39 -0.61 50.14
CA ILE D 532 -5.19 -0.01 49.54
C ILE D 532 -4.82 -0.83 48.31
N GLY D 533 -4.17 -0.18 47.35
CA GLY D 533 -3.74 -0.91 46.17
C GLY D 533 -3.36 -0.02 44.99
N MET D 534 -2.91 -0.68 43.93
CA MET D 534 -2.40 0.00 42.75
C MET D 534 -2.87 -0.68 41.46
N GLU D 535 -2.79 0.05 40.35
CA GLU D 535 -3.25 -0.49 39.06
C GLU D 535 -2.53 0.17 37.88
N LEU D 536 -1.89 -0.65 37.02
CA LEU D 536 -1.30 -0.20 35.76
C LEU D 536 -2.16 -0.52 34.54
N ASN D 537 -2.33 0.46 33.66
CA ASN D 537 -2.94 0.28 32.35
C ASN D 537 -2.03 0.75 31.24
N ARG D 538 -2.13 0.08 30.12
CA ARG D 538 -1.36 0.39 28.94
C ARG D 538 -2.26 0.15 27.74
N GLU D 539 -2.34 1.12 26.83
CA GLU D 539 -2.95 0.89 25.52
C GLU D 539 -1.94 1.21 24.44
N ASP D 540 -1.84 0.31 23.50
CA ASP D 540 -1.10 0.46 22.25
C ASP D 540 -2.10 0.17 21.14
N ASP D 541 -2.32 1.11 20.25
CA ASP D 541 -3.08 0.80 19.06
C ASP D 541 -2.32 1.22 17.80
N SER D 542 -2.87 0.84 16.64
CA SER D 542 -2.15 0.87 15.36
C SER D 542 -3.12 0.55 14.23
N HIS D 543 -2.71 0.82 13.00
CA HIS D 543 -3.54 0.63 11.81
C HIS D 543 -2.70 0.82 10.57
N PHE D 544 -3.07 0.13 9.49
CA PHE D 544 -2.38 0.35 8.23
C PHE D 544 -3.27 -0.08 7.09
N SER D 545 -2.84 0.27 5.90
CA SER D 545 -3.78 0.48 4.81
C SER D 545 -3.05 0.30 3.49
N GLY D 546 -3.66 -0.42 2.58
CA GLY D 546 -3.08 -0.60 1.27
C GLY D 546 -4.07 -0.13 0.23
N TYR D 547 -3.68 0.87 -0.56
CA TYR D 547 -4.55 1.43 -1.57
C TYR D 547 -4.01 1.12 -2.96
N LYS D 548 -4.91 0.82 -3.90
CA LYS D 548 -4.50 0.48 -5.24
C LYS D 548 -5.57 0.94 -6.20
N GLU D 549 -5.15 1.28 -7.42
CA GLU D 549 -6.01 1.83 -8.46
C GLU D 549 -6.03 0.97 -9.71
N ASP D 550 -7.15 1.06 -10.42
CA ASP D 550 -7.40 0.52 -11.77
C ASP D 550 -7.52 -1.01 -11.79
N PHE D 551 -8.72 -1.47 -12.13
CA PHE D 551 -9.16 -2.85 -12.01
C PHE D 551 -9.97 -3.24 -13.24
N SER D 552 -9.56 -4.32 -13.88
CA SER D 552 -10.26 -4.68 -15.11
C SER D 552 -11.62 -5.31 -14.84
N ILE D 553 -11.91 -5.74 -13.61
CA ILE D 553 -13.25 -6.22 -13.26
C ILE D 553 -13.75 -5.49 -12.02
N LEU D 554 -14.89 -4.82 -12.14
CA LEU D 554 -15.38 -3.94 -11.09
C LEU D 554 -16.29 -4.68 -10.11
N THR D 555 -15.78 -5.77 -9.57
CA THR D 555 -16.56 -6.52 -8.61
C THR D 555 -15.69 -6.76 -7.38
N PRO D 556 -16.29 -6.71 -6.18
CA PRO D 556 -15.50 -6.92 -4.96
C PRO D 556 -14.68 -8.19 -4.99
N ASP D 557 -15.09 -9.17 -5.79
CA ASP D 557 -14.35 -10.42 -5.88
C ASP D 557 -13.08 -10.25 -6.69
N TYR D 558 -13.09 -9.34 -7.66
CA TYR D 558 -11.86 -9.07 -8.39
C TYR D 558 -10.98 -8.07 -7.66
N MET D 559 -11.56 -7.05 -7.01
CA MET D 559 -10.81 -5.86 -6.58
C MET D 559 -10.03 -6.08 -5.27
N TRP D 560 -8.95 -6.83 -5.37
CA TRP D 560 -7.90 -6.91 -4.35
C TRP D 560 -6.66 -6.14 -4.79
N PRO D 561 -5.84 -5.63 -3.85
CA PRO D 561 -4.60 -4.92 -4.26
C PRO D 561 -3.79 -5.68 -5.28
N ASP D 562 -3.70 -7.01 -5.15
CA ASP D 562 -2.95 -7.82 -6.10
C ASP D 562 -3.43 -7.60 -7.52
N ALA D 563 -4.74 -7.54 -7.74
CA ALA D 563 -5.24 -7.42 -9.10
C ALA D 563 -5.18 -6.00 -9.65
N GLY D 564 -4.62 -5.06 -8.95
CA GLY D 564 -4.63 -3.71 -9.44
C GLY D 564 -3.57 -3.45 -10.49
N SER D 565 -3.75 -2.36 -11.26
CA SER D 565 -2.80 -2.05 -12.33
C SER D 565 -2.24 -0.64 -12.28
N GLY D 566 -3.05 0.34 -11.87
CA GLY D 566 -2.59 1.70 -11.65
C GLY D 566 -1.73 1.85 -10.41
N THR D 567 -1.75 3.01 -9.77
CA THR D 567 -0.72 3.26 -8.77
C THR D 567 -1.23 2.99 -7.35
N ALA D 568 -0.26 2.89 -6.43
CA ALA D 568 -0.49 2.40 -5.07
C ALA D 568 -0.01 3.39 -4.03
N GLN D 569 -0.79 3.49 -2.94
CA GLN D 569 -0.38 4.18 -1.72
C GLN D 569 -0.41 3.22 -0.54
N ALA D 570 0.43 3.48 0.45
CA ALA D 570 0.44 2.73 1.69
C ALA D 570 0.44 3.69 2.86
N TYR D 571 -0.35 3.33 3.86
CA TYR D 571 -0.71 4.19 4.97
C TYR D 571 -0.55 3.45 6.28
N GLY D 572 -0.15 4.17 7.33
CA GLY D 572 -0.35 3.63 8.66
C GLY D 572 0.52 4.22 9.74
N ALA D 573 0.03 4.26 10.98
CA ALA D 573 0.90 4.59 12.10
C ALA D 573 0.30 4.01 13.38
N GLY D 574 0.81 4.45 14.53
CA GLY D 574 0.34 3.95 15.80
C GLY D 574 0.48 4.95 16.93
N GLU D 575 -0.22 4.68 18.04
CA GLU D 575 -0.13 5.53 19.22
C GLU D 575 -0.32 4.67 20.46
N GLY D 576 -0.06 5.26 21.62
CA GLY D 576 -0.22 4.52 22.87
C GLY D 576 0.09 5.37 24.08
N TYR D 577 -0.41 4.91 25.23
CA TYR D 577 -0.23 5.61 26.49
C TYR D 577 -0.27 4.62 27.64
N SER D 578 0.14 5.08 28.81
CA SER D 578 0.01 4.26 30.00
C SER D 578 -0.43 5.12 31.16
N LEU D 579 -1.13 4.48 32.11
CA LEU D 579 -1.56 5.11 33.36
C LEU D 579 -1.13 4.25 34.51
N VAL D 580 -0.61 4.87 35.57
CA VAL D 580 -0.38 4.18 36.84
C VAL D 580 -1.24 4.87 37.87
N SER D 581 -1.75 4.10 38.84
CA SER D 581 -2.67 4.67 39.81
C SER D 581 -2.48 4.00 41.17
N PHE D 582 -2.24 4.78 42.21
CA PHE D 582 -2.21 4.28 43.58
C PHE D 582 -3.36 4.88 44.38
N PHE D 583 -3.86 4.14 45.37
CA PHE D 583 -5.12 4.57 45.94
C PHE D 583 -5.44 3.89 47.27
N GLY D 584 -6.08 4.65 48.16
CA GLY D 584 -6.54 4.12 49.42
C GLY D 584 -7.93 4.63 49.75
N LYS D 585 -8.58 3.94 50.70
CA LYS D 585 -9.98 4.22 51.02
C LYS D 585 -10.22 3.96 52.50
N MET D 586 -11.04 4.82 53.13
CA MET D 586 -11.50 4.68 54.52
C MET D 586 -13.01 4.60 54.58
N ASN D 587 -13.53 3.77 55.47
CA ASN D 587 -14.98 3.66 55.64
C ASN D 587 -15.20 3.42 57.13
N TYR D 588 -16.23 4.06 57.70
CA TYR D 588 -16.39 3.91 59.15
C TYR D 588 -17.77 4.38 59.60
N SER D 589 -18.24 3.82 60.73
CA SER D 589 -19.54 4.22 61.29
C SER D 589 -19.74 3.58 62.67
N TYR D 590 -20.68 4.17 63.45
CA TYR D 590 -21.29 3.46 64.59
C TYR D 590 -22.62 2.91 64.09
N ALA D 591 -22.64 1.62 63.77
CA ALA D 591 -23.86 0.86 63.51
C ALA D 591 -24.91 1.65 62.75
N ASP D 592 -24.63 1.95 61.49
CA ASP D 592 -25.61 2.53 60.56
C ASP D 592 -26.20 3.83 61.11
N ARG D 593 -25.42 4.61 61.84
CA ARG D 593 -25.95 5.86 62.37
C ARG D 593 -25.19 7.08 61.86
N TYR D 594 -23.90 7.20 62.17
CA TYR D 594 -23.06 8.27 61.67
C TYR D 594 -21.98 7.59 60.84
N LEU D 595 -21.68 8.12 59.65
CA LEU D 595 -20.83 7.44 58.68
C LEU D 595 -19.73 8.35 58.16
N LEU D 596 -18.52 7.81 57.99
CA LEU D 596 -17.39 8.56 57.45
C LEU D 596 -16.64 7.75 56.39
N SER D 597 -16.22 8.40 55.30
CA SER D 597 -15.35 7.77 54.30
C SER D 597 -14.33 8.78 53.79
N LEU D 598 -13.05 8.46 53.95
CA LEU D 598 -12.02 9.19 53.23
C LEU D 598 -11.41 8.31 52.14
N THR D 599 -10.93 8.98 51.08
CA THR D 599 -10.25 8.33 49.97
C THR D 599 -9.10 9.19 49.49
N LEU D 600 -8.05 8.52 49.03
CA LEU D 600 -6.92 9.23 48.47
C LEU D 600 -6.36 8.42 47.31
N ARG D 601 -6.00 9.10 46.24
CA ARG D 601 -5.37 8.42 45.11
C ARG D 601 -4.40 9.38 44.46
N ARG D 602 -3.38 8.80 43.81
CA ARG D 602 -2.35 9.55 43.11
C ARG D 602 -2.16 8.88 41.77
N ASP D 603 -2.57 9.55 40.70
CA ASP D 603 -2.60 8.99 39.36
C ASP D 603 -1.43 9.52 38.55
N GLY D 604 -0.97 8.72 37.60
CA GLY D 604 0.05 9.15 36.66
C GLY D 604 -0.32 8.79 35.23
N SER D 605 0.15 9.61 34.29
CA SER D 605 -0.20 9.47 32.87
C SER D 605 1.03 9.69 32.00
N SER D 606 1.30 8.77 31.08
CA SER D 606 2.35 8.98 30.08
C SER D 606 2.09 10.23 29.24
N ARG D 607 0.81 10.56 29.07
CA ARG D 607 0.35 11.75 28.39
C ARG D 607 1.04 13.06 28.83
N PHE D 608 1.64 13.12 30.00
CA PHE D 608 2.15 14.40 30.47
C PHE D 608 3.66 14.39 30.47
N GLY D 609 4.24 15.56 30.61
CA GLY D 609 5.65 15.63 30.84
C GLY D 609 5.98 15.18 32.24
N LYS D 610 7.26 14.93 32.47
CA LYS D 610 7.66 14.32 33.74
C LYS D 610 7.34 15.26 34.90
N ASN D 611 7.37 16.58 34.65
CA ASN D 611 7.16 17.58 35.68
C ASN D 611 5.74 17.57 36.23
N HIS D 612 4.75 17.03 35.51
CA HIS D 612 3.39 16.99 36.02
C HIS D 612 2.73 15.63 35.81
N ARG D 613 3.53 14.56 35.75
CA ARG D 613 2.98 13.23 35.50
C ARG D 613 1.88 12.87 36.49
N TYR D 614 2.21 12.94 37.79
CA TYR D 614 1.36 12.46 38.88
C TYR D 614 0.59 13.58 39.54
N ALA D 615 -0.68 13.30 39.86
CA ALA D 615 -1.49 14.19 40.66
C ALA D 615 -2.13 13.41 41.81
N THR D 616 -2.33 14.08 42.95
CA THR D 616 -3.03 13.50 44.10
C THR D 616 -4.44 14.05 44.23
N PHE D 617 -5.38 13.19 44.60
CA PHE D 617 -6.78 13.57 44.70
C PHE D 617 -7.43 13.06 45.99
N PRO D 618 -7.66 13.96 46.95
CA PRO D 618 -8.37 13.59 48.16
C PRO D 618 -9.87 13.57 47.96
N SER D 619 -10.56 12.98 48.91
CA SER D 619 -12.01 13.03 48.99
C SER D 619 -12.46 12.67 50.40
N VAL D 620 -13.43 13.41 50.94
CA VAL D 620 -13.98 13.06 52.24
C VAL D 620 -15.49 13.24 52.20
N SER D 621 -16.21 12.26 52.72
CA SER D 621 -17.65 12.38 52.82
C SER D 621 -18.07 11.78 54.16
N LEU D 622 -19.24 12.23 54.62
CA LEU D 622 -19.72 11.89 55.94
C LEU D 622 -21.24 11.97 55.91
N GLY D 623 -21.89 11.09 56.65
CA GLY D 623 -23.33 10.99 56.62
C GLY D 623 -23.91 10.73 57.99
N TRP D 624 -25.18 11.11 58.18
CA TRP D 624 -25.82 11.01 59.49
C TRP D 624 -27.28 10.57 59.33
N ARG D 625 -27.51 9.28 59.51
CA ARG D 625 -28.86 8.74 59.46
C ARG D 625 -29.56 9.21 60.73
N ILE D 626 -30.39 10.23 60.59
CA ILE D 626 -30.89 11.00 61.72
C ILE D 626 -32.19 10.42 62.29
N THR D 627 -32.81 9.45 61.61
CA THR D 627 -33.96 8.73 62.14
C THR D 627 -33.56 7.59 63.06
N GLN D 628 -32.30 7.17 63.01
CA GLN D 628 -31.76 6.31 64.04
C GLN D 628 -31.61 7.02 65.37
N GLU D 629 -31.63 8.35 65.38
CA GLU D 629 -31.52 9.09 66.63
C GLU D 629 -32.67 8.77 67.59
N ASN D 630 -32.32 8.69 68.89
CA ASN D 630 -33.27 8.37 69.95
C ASN D 630 -34.15 9.54 70.33
N PHE D 631 -34.06 10.67 69.65
CA PHE D 631 -34.96 11.79 69.90
C PHE D 631 -35.99 11.97 68.78
N MET D 632 -36.03 11.06 67.81
CA MET D 632 -36.87 11.21 66.64
C MET D 632 -37.90 10.11 66.51
N LYS D 633 -37.98 9.20 67.48
CA LYS D 633 -38.96 8.13 67.41
C LYS D 633 -40.39 8.69 67.40
N GLU D 634 -40.59 9.91 67.91
CA GLU D 634 -41.88 10.59 67.94
C GLU D 634 -42.54 10.61 66.56
N LEU D 635 -41.93 11.32 65.61
CA LEU D 635 -42.43 11.31 64.24
C LEU D 635 -42.30 9.90 63.68
N THR D 636 -43.42 9.18 63.57
CA THR D 636 -43.40 7.78 63.17
C THR D 636 -43.72 7.59 61.69
N TRP D 637 -44.37 8.57 61.05
CA TRP D 637 -44.54 8.55 59.60
C TRP D 637 -43.18 8.46 58.90
N LEU D 638 -42.33 9.45 59.14
CA LEU D 638 -40.90 9.43 58.87
C LEU D 638 -40.23 8.08 59.14
N ASP D 639 -39.87 7.32 58.08
CA ASP D 639 -39.13 6.08 58.27
C ASP D 639 -37.63 6.29 58.26
N ASP D 640 -37.13 7.08 57.31
CA ASP D 640 -35.69 7.20 57.15
C ASP D 640 -35.37 8.62 56.74
N LEU D 641 -34.19 9.09 57.17
CA LEU D 641 -33.66 10.40 56.84
C LEU D 641 -32.15 10.38 57.06
N LYS D 642 -31.38 10.61 56.00
CA LYS D 642 -29.94 10.71 56.11
C LYS D 642 -29.48 12.07 55.65
N LEU D 643 -28.36 12.53 56.19
CA LEU D 643 -27.74 13.78 55.77
C LEU D 643 -26.32 13.47 55.31
N ARG D 644 -26.10 13.52 54.00
CA ARG D 644 -24.83 13.23 53.37
C ARG D 644 -24.15 14.53 52.98
N ALA D 645 -22.81 14.50 52.92
CA ALA D 645 -22.04 15.67 52.58
C ALA D 645 -20.67 15.22 52.10
N SER D 646 -20.28 15.67 50.90
CA SER D 646 -19.10 15.20 50.20
C SER D 646 -18.24 16.38 49.81
N TRP D 647 -16.92 16.18 49.83
CA TRP D 647 -15.98 17.08 49.16
C TRP D 647 -14.87 16.25 48.56
N GLY D 648 -14.62 16.44 47.28
CA GLY D 648 -13.73 15.54 46.56
C GLY D 648 -12.99 16.27 45.46
N GLN D 649 -11.95 15.61 44.98
CA GLN D 649 -11.22 16.05 43.81
C GLN D 649 -11.09 14.88 42.87
N THR D 650 -11.06 15.19 41.59
CA THR D 650 -11.11 14.15 40.60
C THR D 650 -10.32 14.66 39.41
N GLY D 651 -9.41 13.83 38.90
CA GLY D 651 -8.57 14.22 37.77
C GLY D 651 -9.24 13.99 36.41
N ASN D 652 -8.97 14.91 35.48
CA ASN D 652 -9.25 14.71 34.07
C ASN D 652 -7.95 14.77 33.29
N GLN D 653 -7.78 13.78 32.41
CA GLN D 653 -6.55 13.52 31.69
C GLN D 653 -6.80 13.18 30.23
N GLU D 654 -8.05 12.96 29.80
CA GLU D 654 -8.32 12.54 28.42
C GLU D 654 -7.96 13.60 27.37
N ILE D 655 -6.71 13.60 26.94
CA ILE D 655 -6.28 14.47 25.87
C ILE D 655 -5.55 13.60 24.83
N SER D 656 -5.01 14.26 23.80
CA SER D 656 -4.28 13.53 22.78
C SER D 656 -3.08 12.82 23.40
N ASN D 657 -2.78 11.62 22.89
CA ASN D 657 -1.58 10.94 23.35
C ASN D 657 -0.38 11.88 23.21
N LEU D 658 -0.24 12.52 22.07
CA LEU D 658 0.96 13.31 21.84
C LEU D 658 0.76 14.78 22.19
N ALA D 659 0.02 15.08 23.25
CA ALA D 659 -0.35 16.47 23.49
C ALA D 659 0.80 17.33 23.96
N ARG D 660 1.85 16.74 24.50
CA ARG D 660 2.94 17.51 25.09
C ARG D 660 3.97 17.93 24.06
N TYR D 661 3.94 17.34 22.86
CA TYR D 661 5.03 17.42 21.90
C TYR D 661 4.77 18.44 20.82
N THR D 662 5.85 19.07 20.34
CA THR D 662 5.85 19.66 19.00
C THR D 662 6.07 18.51 18.01
N ILE D 663 5.11 18.31 17.12
CA ILE D 663 5.10 17.18 16.22
C ILE D 663 5.39 17.70 14.83
N TYR D 664 6.33 17.05 14.12
CA TYR D 664 6.60 17.30 12.70
C TYR D 664 6.34 16.03 11.91
N ALA D 665 5.39 16.07 11.10
CA ALA D 665 5.04 14.96 10.27
C ALA D 665 5.81 15.03 8.96
N PRO D 666 6.11 13.92 8.32
CA PRO D 666 6.79 13.99 7.04
C PRO D 666 5.77 13.86 5.95
N ASN D 667 4.71 14.63 6.05
CA ASN D 667 3.62 14.46 5.11
C ASN D 667 4.17 14.69 3.73
N TYR D 668 4.02 13.71 2.86
CA TYR D 668 4.42 13.87 1.46
C TYR D 668 3.26 14.28 0.58
N GLY D 669 2.06 13.79 0.86
CA GLY D 669 0.90 14.16 0.08
C GLY D 669 0.23 12.95 -0.50
N THR D 670 0.31 11.83 0.22
CA THR D 670 -0.12 10.55 -0.31
C THR D 670 -1.57 10.28 -0.01
N THR D 671 -2.30 11.32 0.39
CA THR D 671 -3.63 11.19 0.95
C THR D 671 -4.61 12.15 0.27
N ASP D 672 -5.88 11.73 0.24
CA ASP D 672 -6.94 12.49 -0.43
C ASP D 672 -7.25 13.82 0.28
N SER D 673 -7.80 14.76 -0.50
CA SER D 673 -8.13 16.11 -0.03
C SER D 673 -9.37 16.60 -0.77
N PHE D 674 -9.88 17.75 -0.36
CA PHE D 674 -10.94 18.40 -1.13
C PHE D 674 -10.51 19.78 -1.59
N GLY D 675 -10.43 19.96 -2.91
CA GLY D 675 -10.00 21.20 -3.52
C GLY D 675 -8.57 21.53 -3.18
N GLY D 676 -7.71 20.52 -3.08
CA GLY D 676 -6.31 20.72 -2.76
C GLY D 676 -6.11 20.71 -1.26
N GLN D 677 -5.39 21.71 -0.75
CA GLN D 677 -5.03 21.78 0.66
C GLN D 677 -4.53 20.44 1.18
N SER D 678 -3.82 19.68 0.33
CA SER D 678 -2.92 18.61 0.77
C SER D 678 -2.03 19.04 1.94
N TYR D 679 -1.33 20.17 1.76
CA TYR D 679 -0.19 20.57 2.58
C TYR D 679 0.86 19.47 2.60
N GLY D 680 1.42 19.22 1.42
CA GLY D 680 2.15 18.00 1.19
C GLY D 680 3.65 17.99 1.39
N THR D 681 4.31 19.14 1.54
CA THR D 681 5.76 19.17 1.80
C THR D 681 6.59 18.39 0.76
N ALA D 682 6.07 18.21 -0.44
CA ALA D 682 6.75 17.51 -1.51
C ALA D 682 6.67 18.35 -2.78
N TYR D 683 7.81 18.80 -3.29
CA TYR D 683 7.83 19.73 -4.41
C TYR D 683 8.72 19.22 -5.53
N ASP D 684 8.41 19.64 -6.75
CA ASP D 684 9.20 19.29 -7.92
C ASP D 684 10.27 20.36 -8.10
N ILE D 685 11.31 20.29 -7.28
CA ILE D 685 12.33 21.34 -7.30
C ILE D 685 13.07 21.41 -8.63
N THR D 686 12.97 20.41 -9.47
CA THR D 686 13.78 20.46 -10.67
C THR D 686 13.03 21.01 -11.89
N GLY D 687 11.71 21.17 -11.79
CA GLY D 687 10.94 21.69 -12.88
C GLY D 687 10.63 20.70 -13.97
N SER D 688 10.86 19.42 -13.71
CA SER D 688 10.70 18.34 -14.67
C SER D 688 9.26 17.93 -14.91
N ASN D 689 8.32 18.52 -14.19
CA ASN D 689 6.92 18.12 -14.14
C ASN D 689 6.76 16.72 -13.54
N GLY D 690 7.77 16.25 -12.83
CA GLY D 690 7.63 15.00 -12.11
C GLY D 690 8.15 13.76 -12.82
N GLY D 691 7.25 12.79 -13.04
CA GLY D 691 7.59 11.47 -13.54
C GLY D 691 8.46 10.61 -12.65
N GLY D 692 8.61 10.96 -11.38
CA GLY D 692 9.35 10.15 -10.44
C GLY D 692 9.15 10.63 -9.02
N VAL D 693 10.05 10.26 -8.14
CA VAL D 693 9.84 10.49 -6.71
C VAL D 693 10.44 11.84 -6.30
N LEU D 694 9.59 12.80 -5.89
CA LEU D 694 10.03 14.17 -5.61
C LEU D 694 10.70 14.28 -4.24
N PRO D 695 11.51 15.31 -4.03
CA PRO D 695 12.00 15.61 -2.68
C PRO D 695 10.84 15.84 -1.75
N SER D 696 11.12 15.66 -0.47
CA SER D 696 10.09 15.71 0.55
C SER D 696 10.64 16.49 1.73
N GLY D 697 9.79 16.75 2.71
CA GLY D 697 10.25 17.35 3.95
C GLY D 697 9.37 17.07 5.17
N PHE D 698 9.28 18.07 6.02
CA PHE D 698 8.54 17.96 7.27
C PHE D 698 7.66 19.20 7.48
N LYS D 699 6.49 18.94 8.06
CA LYS D 699 5.45 19.93 8.27
C LYS D 699 5.06 19.94 9.75
N ARG D 700 5.13 21.10 10.41
CA ARG D 700 4.71 21.20 11.80
C ARG D 700 3.21 20.95 11.96
N ASN D 701 2.87 20.06 12.91
CA ASN D 701 1.50 19.63 13.13
C ASN D 701 0.86 20.22 14.36
N GLN D 702 1.66 20.56 15.36
CA GLN D 702 1.18 21.06 16.63
C GLN D 702 2.39 21.49 17.44
N ILE D 703 2.26 22.55 18.19
CA ILE D 703 3.30 22.95 19.12
C ILE D 703 3.03 22.33 20.48
N GLY D 704 4.09 22.08 21.24
CA GLY D 704 4.04 21.33 22.46
C GLY D 704 4.26 22.20 23.68
N ASN D 705 3.96 21.63 24.84
CA ASN D 705 3.82 22.45 26.04
C ASN D 705 5.04 22.41 26.95
N ASP D 706 5.47 21.22 27.35
CA ASP D 706 6.57 21.06 28.29
C ASP D 706 6.24 21.73 29.61
N ASN D 707 4.94 22.03 29.81
CA ASN D 707 4.41 22.39 31.13
C ASN D 707 2.91 22.11 31.21
N ILE D 708 2.37 21.23 30.38
CA ILE D 708 0.96 20.86 30.46
C ILE D 708 0.72 19.99 31.70
N LYS D 709 -0.49 20.08 32.27
CA LYS D 709 -0.76 19.41 33.53
C LYS D 709 -2.21 18.93 33.61
N TRP D 710 -2.57 18.36 34.76
CA TRP D 710 -3.88 17.77 34.95
C TRP D 710 -4.98 18.84 35.09
N GLU D 711 -6.19 18.47 34.65
CA GLU D 711 -7.41 19.24 34.94
C GLU D 711 -8.06 18.69 36.21
N THR D 712 -7.90 19.43 37.32
CA THR D 712 -8.53 19.09 38.59
C THR D 712 -9.98 19.56 38.62
N THR D 713 -10.82 18.83 39.34
CA THR D 713 -12.21 19.21 39.53
C THR D 713 -12.63 19.02 40.99
N THR D 714 -13.03 20.10 41.63
CA THR D 714 -13.27 20.08 43.06
C THR D 714 -14.78 20.09 43.27
N GLN D 715 -15.36 18.94 43.52
CA GLN D 715 -16.80 18.78 43.63
C GLN D 715 -17.17 18.66 45.10
N THR D 716 -18.28 19.30 45.46
CA THR D 716 -18.78 19.27 46.83
C THR D 716 -20.31 19.21 46.82
N ASN D 717 -20.85 18.21 47.52
CA ASN D 717 -22.28 17.96 47.53
C ASN D 717 -22.78 17.95 48.96
N VAL D 718 -24.08 18.20 49.09
CA VAL D 718 -24.83 18.01 50.31
C VAL D 718 -26.24 17.58 49.91
N GLY D 719 -26.81 16.65 50.67
CA GLY D 719 -28.08 16.06 50.27
C GLY D 719 -28.89 15.54 51.44
N ILE D 720 -30.16 15.28 51.16
CA ILE D 720 -31.09 14.68 52.11
C ILE D 720 -31.79 13.51 51.42
N ASP D 721 -31.63 12.32 52.00
CA ASP D 721 -32.37 11.14 51.59
C ASP D 721 -33.47 10.88 52.63
N PHE D 722 -34.72 10.76 52.17
CA PHE D 722 -35.84 10.62 53.09
C PHE D 722 -36.79 9.52 52.63
N SER D 723 -37.56 9.00 53.57
CA SER D 723 -38.61 8.04 53.25
C SER D 723 -39.71 8.18 54.28
N LEU D 724 -40.95 8.38 53.83
CA LEU D 724 -42.11 8.67 54.66
C LEU D 724 -43.20 7.63 54.47
N PHE D 725 -44.15 7.65 55.40
CA PHE D 725 -45.42 6.90 55.35
C PHE D 725 -45.23 5.44 54.94
N LYS D 726 -44.37 4.76 55.70
CA LYS D 726 -44.11 3.33 55.57
C LYS D 726 -43.62 3.03 54.15
N GLN D 727 -42.48 3.65 53.80
CA GLN D 727 -41.75 3.42 52.56
C GLN D 727 -42.61 3.73 51.32
N SER D 728 -43.44 4.77 51.42
CA SER D 728 -44.37 5.09 50.35
C SER D 728 -44.23 6.51 49.83
N LEU D 729 -43.30 7.30 50.34
CA LEU D 729 -43.15 8.68 49.86
C LEU D 729 -41.66 9.01 49.97
N TYR D 730 -40.89 8.59 48.96
CA TYR D 730 -39.43 8.50 49.06
C TYR D 730 -38.77 9.50 48.12
N GLY D 731 -37.54 9.85 48.41
CA GLY D 731 -36.84 10.76 47.53
C GLY D 731 -35.72 11.50 48.24
N SER D 732 -35.00 12.27 47.44
CA SER D 732 -33.82 12.98 47.84
C SER D 732 -33.93 14.44 47.43
N LEU D 733 -33.06 15.26 48.00
CA LEU D 733 -32.84 16.61 47.48
C LEU D 733 -31.35 16.90 47.67
N GLU D 734 -30.59 17.05 46.57
CA GLU D 734 -29.20 17.45 46.78
C GLU D 734 -28.82 18.68 45.99
N TYR D 735 -27.70 19.25 46.42
CA TYR D 735 -27.10 20.47 45.90
C TYR D 735 -25.64 20.18 45.69
N TYR D 736 -25.07 20.62 44.54
CA TYR D 736 -23.67 20.33 44.19
C TYR D 736 -22.95 21.60 43.77
N TYR D 737 -21.63 21.61 43.94
CA TYR D 737 -20.76 22.70 43.47
C TYR D 737 -19.51 22.09 42.84
N LYS D 738 -19.38 22.24 41.51
CA LYS D 738 -18.27 21.69 40.72
C LYS D 738 -17.36 22.82 40.26
N LYS D 739 -16.07 22.71 40.54
CA LYS D 739 -15.09 23.71 40.13
C LYS D 739 -13.96 22.99 39.38
N ALA D 740 -13.88 23.23 38.08
CA ALA D 740 -12.77 22.74 37.28
C ALA D 740 -11.70 23.81 37.17
N THR D 741 -10.45 23.39 37.20
CA THR D 741 -9.29 24.27 37.20
C THR D 741 -8.26 23.75 36.21
N ASP D 742 -7.67 24.67 35.45
CA ASP D 742 -6.70 24.30 34.42
C ASP D 742 -7.34 23.34 33.40
N ILE D 743 -8.60 23.64 33.05
CA ILE D 743 -9.34 23.01 31.96
C ILE D 743 -8.37 22.64 30.85
N LEU D 744 -8.39 21.36 30.45
CA LEU D 744 -7.57 20.85 29.36
C LEU D 744 -8.37 20.97 28.08
N THR D 745 -7.91 21.84 27.17
CA THR D 745 -8.45 21.91 25.81
C THR D 745 -7.32 22.03 24.83
N GLU D 746 -7.65 21.79 23.57
CA GLU D 746 -6.78 22.00 22.42
C GLU D 746 -7.06 23.39 21.88
N MET D 747 -6.09 24.29 22.00
CA MET D 747 -6.23 25.68 21.60
C MET D 747 -5.53 25.92 20.27
N ALA D 748 -6.29 26.31 19.25
CA ALA D 748 -5.72 26.67 17.96
C ALA D 748 -4.88 27.94 18.06
N GLY D 749 -3.81 28.00 17.27
CA GLY D 749 -2.92 29.14 17.30
C GLY D 749 -3.50 30.31 16.54
N VAL D 750 -2.87 31.46 16.71
CA VAL D 750 -3.34 32.62 15.98
C VAL D 750 -2.80 32.53 14.57
N GLY D 751 -3.57 33.03 13.61
CA GLY D 751 -3.21 33.01 12.20
C GLY D 751 -1.75 33.27 11.82
N VAL D 752 -1.20 34.39 12.28
CA VAL D 752 0.15 34.76 11.88
C VAL D 752 1.18 33.76 12.35
N LEU D 753 0.86 32.89 13.31
CA LEU D 753 1.77 31.80 13.65
C LEU D 753 1.69 30.75 12.56
N GLY D 754 0.56 30.68 11.87
CA GLY D 754 0.45 29.86 10.68
C GLY D 754 0.36 28.39 11.02
N GLU D 755 1.15 27.60 10.29
CA GLU D 755 1.05 26.15 10.33
C GLU D 755 1.56 25.57 11.65
N GLY D 756 0.78 24.62 12.19
CA GLY D 756 1.19 23.99 13.43
C GLY D 756 0.46 24.57 14.60
N GLY D 757 0.86 25.77 15.01
CA GLY D 757 0.06 26.69 15.78
C GLY D 757 -0.74 26.13 16.94
N SER D 758 -1.77 25.34 16.63
CA SER D 758 -2.50 24.54 17.60
C SER D 758 -1.59 23.91 18.66
N ARG D 759 -2.07 23.89 19.91
CA ARG D 759 -1.41 23.21 21.02
C ARG D 759 -2.44 22.93 22.09
N TRP D 760 -2.15 21.94 22.95
CA TRP D 760 -2.98 21.69 24.14
C TRP D 760 -2.46 22.52 25.31
N ILE D 761 -3.36 23.29 25.91
CA ILE D 761 -2.99 24.14 27.03
C ILE D 761 -4.02 23.95 28.15
N ASN D 762 -3.71 24.56 29.30
CA ASN D 762 -4.68 24.68 30.39
C ASN D 762 -5.19 26.12 30.38
N SER D 763 -6.51 26.29 30.34
CA SER D 763 -7.09 27.63 30.21
C SER D 763 -8.10 27.85 31.33
N GLY D 764 -7.58 28.07 32.54
CA GLY D 764 -8.40 28.64 33.58
C GLY D 764 -9.49 27.71 34.13
N ALA D 765 -10.58 28.32 34.59
CA ALA D 765 -11.51 27.62 35.47
C ALA D 765 -12.94 27.92 35.10
N MET D 766 -13.80 26.98 35.47
CA MET D 766 -15.22 27.04 35.23
C MET D 766 -15.92 26.46 36.46
N LYS D 767 -17.17 26.86 36.66
CA LYS D 767 -17.94 26.61 37.88
C LYS D 767 -19.31 26.06 37.51
N ASN D 768 -19.80 25.12 38.32
CA ASN D 768 -21.10 24.51 38.03
C ASN D 768 -21.80 24.17 39.34
N GLN D 769 -22.98 24.72 39.55
CA GLN D 769 -23.73 24.42 40.77
C GLN D 769 -25.21 24.21 40.45
N GLY D 770 -25.85 23.39 41.26
CA GLY D 770 -27.22 23.03 40.95
C GLY D 770 -27.89 22.37 42.13
N PHE D 771 -29.21 22.16 41.95
CA PHE D 771 -30.03 21.31 42.81
C PHE D 771 -30.69 20.22 41.98
N GLU D 772 -30.86 19.07 42.62
CA GLU D 772 -31.53 17.91 42.05
C GLU D 772 -32.62 17.52 43.03
N PHE D 773 -33.67 16.87 42.54
CA PHE D 773 -34.77 16.50 43.43
C PHE D 773 -35.54 15.29 42.90
N ASN D 774 -35.81 14.33 43.79
CA ASN D 774 -36.53 13.12 43.43
C ASN D 774 -37.67 12.92 44.42
N LEU D 775 -38.83 12.51 43.92
CA LEU D 775 -39.95 12.27 44.82
C LEU D 775 -40.79 11.14 44.22
N GLY D 776 -40.87 10.00 44.91
CA GLY D 776 -41.65 8.87 44.46
C GLY D 776 -42.91 8.69 45.27
N TYR D 777 -43.81 7.87 44.75
CA TYR D 777 -44.99 7.54 45.56
C TYR D 777 -45.47 6.16 45.13
N ARG D 778 -45.02 5.14 45.85
CA ARG D 778 -45.43 3.78 45.54
C ARG D 778 -46.61 3.41 46.45
N ASN D 779 -47.55 2.65 45.90
CA ASN D 779 -48.73 2.25 46.66
C ASN D 779 -49.46 1.19 45.84
N LYS D 780 -50.47 0.58 46.47
CA LYS D 780 -51.31 -0.43 45.81
C LYS D 780 -52.73 -0.19 46.25
N THR D 781 -53.61 0.21 45.32
CA THR D 781 -54.97 0.53 45.71
C THR D 781 -55.72 -0.71 46.19
N ALA D 782 -56.98 -0.49 46.59
CA ALA D 782 -57.84 -1.56 47.09
C ALA D 782 -58.10 -2.60 46.01
N PHE D 783 -58.17 -2.18 44.76
CA PHE D 783 -58.51 -3.05 43.63
C PHE D 783 -57.27 -3.52 42.86
N GLY D 784 -56.23 -3.98 43.55
CA GLY D 784 -55.16 -4.74 42.92
C GLY D 784 -54.32 -3.99 41.90
N LEU D 785 -54.13 -2.69 42.08
CA LEU D 785 -53.35 -1.86 41.18
C LEU D 785 -52.16 -1.29 41.94
N THR D 786 -51.00 -1.92 41.81
CA THR D 786 -49.77 -1.29 42.25
C THR D 786 -49.50 -0.09 41.35
N TYR D 787 -48.78 0.90 41.87
CA TYR D 787 -48.38 2.05 41.06
C TYR D 787 -47.20 2.73 41.74
N ASP D 788 -46.22 3.14 40.92
CA ASP D 788 -44.96 3.68 41.38
C ASP D 788 -44.61 4.87 40.47
N LEU D 789 -44.56 6.07 41.04
CA LEU D 789 -44.34 7.29 40.27
C LEU D 789 -43.03 7.96 40.68
N ASN D 790 -41.97 7.75 39.92
CA ASN D 790 -40.70 8.44 40.16
C ASN D 790 -40.71 9.82 39.53
N GLY D 791 -40.56 10.85 40.35
CA GLY D 791 -40.42 12.22 39.88
C GLY D 791 -38.99 12.71 40.00
N ASN D 792 -38.59 13.57 39.07
CA ASN D 792 -37.21 14.04 39.00
C ASN D 792 -37.20 15.43 38.39
N ILE D 793 -36.42 16.32 38.98
CA ILE D 793 -36.36 17.70 38.51
C ILE D 793 -34.99 18.32 38.80
N SER D 794 -34.11 18.31 37.80
CA SER D 794 -32.79 18.91 37.86
C SER D 794 -32.88 20.44 37.74
N THR D 795 -31.85 21.14 38.23
CA THR D 795 -31.66 22.56 37.91
C THR D 795 -30.21 22.94 38.22
N TYR D 796 -29.70 23.93 37.48
CA TYR D 796 -28.28 24.21 37.60
C TYR D 796 -27.93 25.51 36.89
N ARG D 797 -26.78 26.07 37.28
CA ARG D 797 -26.20 27.25 36.67
C ARG D 797 -24.71 26.98 36.46
N ASN D 798 -24.18 27.59 35.41
CA ASN D 798 -22.83 27.40 34.93
C ASN D 798 -22.21 28.76 34.68
N GLU D 799 -20.94 28.91 35.04
CA GLU D 799 -20.26 30.18 34.80
C GLU D 799 -18.77 29.95 34.70
N ILE D 800 -18.13 30.62 33.75
CA ILE D 800 -16.68 30.60 33.65
C ILE D 800 -16.09 31.64 34.60
N LEU D 801 -14.95 31.33 35.21
CA LEU D 801 -14.36 32.18 36.24
C LEU D 801 -13.07 32.85 35.82
N GLU D 802 -12.25 32.19 35.02
CA GLU D 802 -10.92 32.72 34.75
C GLU D 802 -10.39 32.07 33.49
N LEU D 803 -10.06 32.87 32.48
CA LEU D 803 -9.43 32.50 31.24
C LEU D 803 -8.16 33.29 30.99
N PRO D 804 -7.22 32.72 30.22
CA PRO D 804 -6.07 33.49 29.76
C PRO D 804 -6.54 34.55 28.80
N GLU D 805 -5.78 35.64 28.74
CA GLU D 805 -6.25 36.81 27.99
C GLU D 805 -6.53 36.45 26.53
N THR D 806 -5.55 35.83 25.86
CA THR D 806 -5.69 35.43 24.47
C THR D 806 -6.88 34.52 24.20
N VAL D 807 -7.34 33.76 25.20
CA VAL D 807 -8.43 32.81 25.02
C VAL D 807 -9.79 33.49 25.14
N ALA D 808 -9.95 34.39 26.11
CA ALA D 808 -11.23 35.09 26.21
C ALA D 808 -11.48 35.88 24.95
N ALA D 809 -10.39 36.38 24.35
CA ALA D 809 -10.49 37.19 23.15
C ALA D 809 -10.89 36.35 21.94
N ASN D 810 -10.31 35.16 21.81
CA ASN D 810 -10.48 34.41 20.57
C ASN D 810 -11.82 33.69 20.51
N GLY D 811 -12.66 33.87 21.49
CA GLY D 811 -13.93 33.14 21.50
C GLY D 811 -13.78 31.78 22.16
N LYS D 812 -13.94 30.73 21.37
CA LYS D 812 -13.81 29.35 21.80
C LYS D 812 -14.86 29.00 22.85
N PHE D 813 -14.72 29.50 24.08
CA PHE D 813 -15.64 29.20 25.18
C PHE D 813 -16.86 30.15 25.23
N GLY D 814 -17.18 30.81 24.13
CA GLY D 814 -18.24 31.80 24.09
C GLY D 814 -17.71 33.18 23.79
N GLY D 815 -18.63 34.09 23.50
CA GLY D 815 -18.29 35.48 23.31
C GLY D 815 -17.94 35.89 21.89
N ASN D 816 -17.75 34.94 20.98
CA ASN D 816 -17.71 35.17 19.54
C ASN D 816 -16.60 36.11 19.12
N GLY D 817 -15.64 36.34 19.99
CA GLY D 817 -14.62 37.32 19.77
C GLY D 817 -15.03 38.75 20.08
N VAL D 818 -16.31 39.00 20.35
CA VAL D 818 -16.77 40.37 20.63
C VAL D 818 -16.83 40.73 22.12
N LYS D 819 -17.08 39.77 23.01
CA LYS D 819 -17.12 40.01 24.45
C LYS D 819 -16.46 38.84 25.18
N SER D 820 -15.79 39.14 26.29
CA SER D 820 -15.17 38.09 27.09
C SER D 820 -16.24 37.28 27.83
N VAL D 821 -16.00 35.98 27.97
CA VAL D 821 -17.02 35.17 28.60
C VAL D 821 -16.87 35.18 30.10
N VAL D 822 -15.69 35.54 30.60
CA VAL D 822 -15.39 35.50 32.02
C VAL D 822 -16.54 36.18 32.74
N GLY D 823 -17.38 35.36 33.36
CA GLY D 823 -18.59 35.81 34.01
C GLY D 823 -19.86 35.44 33.30
N HIS D 824 -19.83 34.51 32.35
CA HIS D 824 -21.03 34.08 31.68
C HIS D 824 -20.94 32.58 31.46
N THR D 825 -22.07 32.00 31.05
CA THR D 825 -22.18 30.56 30.91
C THR D 825 -21.37 30.05 29.72
N TYR D 826 -20.66 28.95 29.94
CA TYR D 826 -19.98 28.25 28.86
C TYR D 826 -20.90 28.13 27.66
N GLY D 827 -20.53 28.73 26.55
CA GLY D 827 -21.31 28.62 25.35
C GLY D 827 -22.14 29.84 25.03
N ALA D 828 -22.32 30.73 26.00
CA ALA D 828 -22.93 32.03 25.76
C ALA D 828 -22.38 32.68 24.50
N GLN D 829 -23.28 33.20 23.68
CA GLN D 829 -22.93 33.74 22.37
C GLN D 829 -23.41 35.19 22.23
N VAL D 830 -22.80 35.91 21.30
CA VAL D 830 -23.01 37.35 21.16
C VAL D 830 -23.28 37.70 19.70
N GLY D 831 -24.44 38.27 19.43
CA GLY D 831 -24.77 38.67 18.08
C GLY D 831 -25.67 39.89 18.01
N TYR D 832 -25.66 40.48 16.81
CA TYR D 832 -26.66 41.41 16.31
C TYR D 832 -28.05 40.88 16.71
N ILE D 833 -29.07 41.73 16.75
CA ILE D 833 -30.38 41.34 17.30
C ILE D 833 -31.48 41.88 16.38
N ALA D 834 -32.35 40.98 15.92
CA ALA D 834 -33.07 41.18 14.66
C ALA D 834 -34.54 41.44 14.92
N ASP D 835 -34.91 42.73 14.94
CA ASP D 835 -36.28 43.18 15.15
C ASP D 835 -37.11 43.11 13.88
N GLY D 836 -37.28 41.90 13.37
CA GLY D 836 -38.19 41.69 12.26
C GLY D 836 -37.68 42.28 10.95
N ILE D 837 -38.63 42.59 10.08
CA ILE D 837 -38.29 42.96 8.72
C ILE D 837 -38.96 44.28 8.35
N PHE D 838 -38.36 44.95 7.37
CA PHE D 838 -38.83 46.24 6.88
C PHE D 838 -40.05 46.04 5.97
N LYS D 839 -41.15 46.74 6.28
CA LYS D 839 -42.35 46.67 5.46
C LYS D 839 -42.54 47.85 4.52
N SER D 840 -41.80 48.94 4.72
CA SER D 840 -41.82 50.02 3.74
C SER D 840 -40.56 50.86 3.89
N GLN D 841 -40.28 51.62 2.82
CA GLN D 841 -39.12 52.49 2.76
C GLN D 841 -39.17 53.57 3.82
N ASP D 842 -40.36 53.85 4.38
CA ASP D 842 -40.42 54.69 5.57
C ASP D 842 -39.67 54.01 6.72
N GLU D 843 -39.85 52.69 6.87
CA GLU D 843 -39.14 51.99 7.92
C GLU D 843 -37.64 52.04 7.70
N VAL D 844 -37.20 51.77 6.46
CA VAL D 844 -35.79 51.86 6.14
C VAL D 844 -35.23 53.22 6.53
N ASP D 845 -35.99 54.29 6.25
CA ASP D 845 -35.46 55.64 6.28
C ASP D 845 -35.58 56.26 7.68
N ASN D 846 -36.70 56.04 8.38
CA ASN D 846 -36.78 56.50 9.76
C ASN D 846 -36.01 55.59 10.73
N HIS D 847 -35.43 54.50 10.23
CA HIS D 847 -34.59 53.62 11.03
C HIS D 847 -33.22 54.20 11.24
N ALA D 848 -32.22 53.33 11.34
CA ALA D 848 -30.82 53.72 11.44
C ALA D 848 -30.14 53.34 10.15
N THR D 849 -28.97 53.93 9.94
CA THR D 849 -28.19 53.60 8.75
C THR D 849 -27.67 52.17 8.87
N GLN D 850 -28.05 51.33 7.90
CA GLN D 850 -27.73 49.90 7.91
C GLN D 850 -27.30 49.56 6.50
N GLU D 851 -25.97 49.44 6.30
CA GLU D 851 -25.27 49.28 5.02
C GLU D 851 -26.16 48.79 3.89
N GLY D 852 -26.86 47.69 4.11
CA GLY D 852 -27.66 47.10 3.05
C GLY D 852 -29.13 46.97 3.36
N ALA D 853 -29.67 47.91 4.13
CA ALA D 853 -31.08 47.83 4.47
C ALA D 853 -31.93 48.07 3.23
N ALA D 854 -33.06 47.39 3.15
CA ALA D 854 -33.98 47.57 2.05
C ALA D 854 -35.38 47.19 2.52
N VAL D 855 -36.33 47.21 1.62
CA VAL D 855 -37.68 46.78 1.95
C VAL D 855 -37.77 45.26 1.76
N GLY D 856 -38.09 44.54 2.84
CA GLY D 856 -38.14 43.09 2.87
C GLY D 856 -37.01 42.46 3.66
N ARG D 857 -35.96 43.22 3.93
CA ARG D 857 -34.79 42.70 4.61
C ARG D 857 -35.03 42.62 6.11
N ILE D 858 -34.16 41.86 6.79
CA ILE D 858 -34.10 41.87 8.24
C ILE D 858 -33.61 43.23 8.72
N ARG D 859 -34.14 43.66 9.85
CA ARG D 859 -33.80 44.94 10.43
C ARG D 859 -33.18 44.66 11.78
N TYR D 860 -31.92 45.07 11.96
CA TYR D 860 -31.18 44.82 13.19
C TYR D 860 -31.20 46.09 14.03
N ARG D 861 -31.35 45.94 15.36
CA ARG D 861 -31.61 47.15 16.14
C ARG D 861 -30.33 47.92 16.43
N ASP D 862 -30.50 49.15 16.90
CA ASP D 862 -29.36 50.02 17.19
C ASP D 862 -29.09 50.03 18.69
N ILE D 863 -28.58 48.88 19.17
CA ILE D 863 -28.17 48.73 20.56
C ILE D 863 -27.27 49.87 20.97
N ASP D 864 -26.45 50.33 20.00
CA ASP D 864 -25.45 51.36 20.19
C ASP D 864 -26.06 52.68 20.68
N HIS D 865 -27.26 52.98 20.18
CA HIS D 865 -27.91 54.27 20.36
C HIS D 865 -27.03 55.41 19.85
N ASN D 866 -26.43 55.18 18.67
CA ASN D 866 -25.64 56.20 17.96
C ASN D 866 -26.17 56.54 16.57
N GLY D 867 -27.28 55.94 16.13
CA GLY D 867 -27.82 56.17 14.81
C GLY D 867 -27.31 55.25 13.71
N VAL D 868 -26.18 54.58 13.90
CA VAL D 868 -25.62 53.68 12.91
C VAL D 868 -25.66 52.25 13.45
N ILE D 869 -25.54 51.30 12.54
CA ILE D 869 -25.56 49.88 12.86
C ILE D 869 -24.26 49.29 12.35
N ASP D 870 -23.26 49.16 13.22
CA ASP D 870 -21.99 48.57 12.82
C ASP D 870 -21.55 47.37 13.67
N GLU D 871 -20.25 47.15 13.80
CA GLU D 871 -19.78 45.98 14.53
C GLU D 871 -19.84 46.15 16.04
N ARG D 872 -20.09 47.37 16.55
CA ARG D 872 -20.26 47.61 17.99
C ARG D 872 -21.69 47.33 18.46
N ASP D 873 -22.54 46.81 17.59
CA ASP D 873 -23.97 46.86 17.78
C ASP D 873 -24.54 45.63 18.50
N GLN D 874 -23.76 44.61 18.80
CA GLN D 874 -24.32 43.39 19.35
C GLN D 874 -24.14 43.31 20.86
N ASN D 875 -24.87 42.35 21.47
CA ASN D 875 -24.86 42.05 22.91
C ASN D 875 -25.12 40.56 23.12
N TRP D 876 -25.07 40.11 24.37
CA TRP D 876 -25.31 38.70 24.63
C TRP D 876 -26.70 38.29 24.19
N ILE D 877 -26.79 37.28 23.32
CA ILE D 877 -28.10 36.91 22.79
C ILE D 877 -28.36 35.41 22.90
N TYR D 878 -27.44 34.68 23.52
CA TYR D 878 -27.57 33.23 23.65
C TYR D 878 -27.03 32.77 25.00
N ASP D 879 -27.83 31.94 25.70
CA ASP D 879 -27.42 31.30 26.95
C ASP D 879 -28.06 29.93 27.04
N PRO D 880 -27.28 28.86 27.21
CA PRO D 880 -27.80 27.50 27.03
C PRO D 880 -28.26 26.78 28.29
N THR D 881 -27.94 27.29 29.48
CA THR D 881 -28.51 26.72 30.70
C THR D 881 -30.02 26.78 30.64
N PRO D 882 -30.71 25.70 30.88
CA PRO D 882 -32.17 25.78 30.95
C PRO D 882 -32.57 26.51 32.21
N SER D 883 -33.87 26.72 32.38
CA SER D 883 -34.36 27.21 33.66
C SER D 883 -34.53 26.06 34.65
N PHE D 884 -34.97 24.90 34.18
CA PHE D 884 -35.00 23.67 34.96
C PHE D 884 -35.34 22.52 34.04
N SER D 885 -34.71 21.37 34.28
CA SER D 885 -35.02 20.15 33.55
C SER D 885 -35.84 19.23 34.47
N TYR D 886 -36.52 18.24 33.88
CA TYR D 886 -37.36 17.35 34.67
C TYR D 886 -37.63 16.05 33.93
N GLY D 887 -38.20 15.10 34.68
CA GLY D 887 -38.42 13.74 34.24
C GLY D 887 -39.39 13.00 35.16
N LEU D 888 -40.06 11.98 34.63
CA LEU D 888 -41.18 11.39 35.34
C LEU D 888 -41.38 9.95 34.84
N ASN D 889 -41.47 9.01 35.77
CA ASN D 889 -41.66 7.60 35.44
C ASN D 889 -42.97 7.10 36.03
N ILE D 890 -43.65 6.21 35.31
CA ILE D 890 -44.94 5.72 35.76
C ILE D 890 -44.99 4.20 35.59
N TYR D 891 -45.07 3.46 36.70
CA TYR D 891 -45.23 2.01 36.68
C TYR D 891 -46.61 1.64 37.22
N LEU D 892 -47.32 0.79 36.49
CA LEU D 892 -48.68 0.34 36.82
C LEU D 892 -48.78 -1.16 36.63
N GLU D 893 -48.91 -1.92 37.70
CA GLU D 893 -49.30 -3.31 37.60
C GLU D 893 -50.82 -3.45 37.80
N TYR D 894 -51.43 -4.38 37.07
CA TYR D 894 -52.83 -4.69 37.28
C TYR D 894 -53.18 -6.02 36.63
N LYS D 895 -53.50 -7.02 37.44
CA LYS D 895 -54.04 -8.27 36.92
C LYS D 895 -53.13 -8.88 35.87
N ASN D 896 -51.86 -9.02 36.24
CA ASN D 896 -50.80 -9.55 35.39
C ASN D 896 -50.42 -8.64 34.22
N PHE D 897 -51.07 -7.49 34.06
CA PHE D 897 -50.53 -6.56 33.08
C PHE D 897 -49.55 -5.62 33.75
N ASP D 898 -48.71 -5.02 32.94
CA ASP D 898 -47.51 -4.32 33.39
C ASP D 898 -47.27 -3.18 32.40
N LEU D 899 -47.81 -2.00 32.71
CA LEU D 899 -47.70 -0.84 31.83
C LEU D 899 -46.79 0.22 32.42
N THR D 900 -45.80 0.66 31.63
CA THR D 900 -44.80 1.61 32.10
C THR D 900 -44.54 2.72 31.08
N MET D 901 -44.21 3.91 31.60
CA MET D 901 -43.95 5.08 30.78
C MET D 901 -42.81 5.89 31.37
N PHE D 902 -42.13 6.66 30.51
CA PHE D 902 -41.00 7.48 30.91
C PHE D 902 -41.05 8.77 30.11
N TRP D 903 -41.09 9.91 30.81
CA TRP D 903 -41.17 11.23 30.20
C TRP D 903 -39.95 12.05 30.62
N GLN D 904 -39.38 12.78 29.67
CA GLN D 904 -38.28 13.69 29.96
C GLN D 904 -38.57 15.03 29.32
N GLY D 905 -37.99 16.08 29.88
CA GLY D 905 -38.35 17.41 29.45
C GLY D 905 -37.42 18.49 29.95
N VAL D 906 -37.18 19.50 29.12
CA VAL D 906 -36.43 20.69 29.49
C VAL D 906 -37.36 21.89 29.38
N GLN D 907 -37.16 22.85 30.28
CA GLN D 907 -38.09 23.96 30.37
C GLN D 907 -37.34 25.28 30.35
N GLY D 908 -37.64 26.11 29.36
CA GLY D 908 -37.15 27.46 29.34
C GLY D 908 -35.70 27.59 28.89
N VAL D 909 -35.41 27.12 27.66
CA VAL D 909 -34.07 27.14 27.07
C VAL D 909 -34.07 27.97 25.79
N ASP D 910 -32.92 28.58 25.54
CA ASP D 910 -32.54 29.08 24.23
C ASP D 910 -31.79 27.97 23.51
N ILE D 911 -32.16 27.69 22.27
CA ILE D 911 -31.33 26.91 21.36
C ILE D 911 -30.98 27.75 20.14
N ILE D 912 -29.76 27.61 19.65
CA ILE D 912 -29.29 28.31 18.44
C ILE D 912 -29.00 27.29 17.35
N SER D 913 -29.45 27.58 16.14
CA SER D 913 -29.33 26.63 15.04
C SER D 913 -28.74 27.29 13.79
N ASP D 914 -28.87 26.56 12.69
CA ASP D 914 -28.40 26.97 11.38
C ASP D 914 -29.33 26.47 10.29
N VAL D 915 -30.43 25.81 10.62
CA VAL D 915 -31.26 25.20 9.60
C VAL D 915 -32.08 26.27 8.92
N LYS D 916 -32.25 27.40 9.60
CA LYS D 916 -33.04 28.50 9.05
C LYS D 916 -32.38 29.08 7.82
N LYS D 917 -31.06 29.01 7.76
CA LYS D 917 -30.33 29.42 6.56
C LYS D 917 -30.75 28.59 5.36
N LYS D 918 -31.17 27.37 5.58
CA LYS D 918 -31.63 26.50 4.52
C LYS D 918 -33.14 26.57 4.31
N SER D 919 -33.90 27.06 5.28
CA SER D 919 -35.36 27.05 5.18
C SER D 919 -35.97 28.40 4.90
N ASP D 920 -35.28 29.49 5.25
CA ASP D 920 -35.84 30.82 5.17
C ASP D 920 -35.21 31.70 4.11
N PHE D 921 -34.11 31.29 3.49
CA PHE D 921 -33.41 32.16 2.56
C PHE D 921 -33.05 31.44 1.27
N TRP D 922 -33.22 32.14 0.15
CA TRP D 922 -32.86 31.54 -1.12
C TRP D 922 -31.36 31.58 -1.35
N SER D 923 -30.63 32.45 -0.64
CA SER D 923 -29.26 32.78 -1.00
C SER D 923 -28.25 32.69 0.13
N ALA D 924 -28.63 32.22 1.31
CA ALA D 924 -27.73 32.23 2.46
C ALA D 924 -27.05 30.86 2.60
N SER D 925 -26.21 30.58 1.61
CA SER D 925 -25.33 29.42 1.63
C SER D 925 -24.16 29.77 0.73
N ASN D 926 -23.18 28.88 0.61
CA ASN D 926 -22.16 29.18 -0.38
C ASN D 926 -22.26 28.33 -1.62
N VAL D 927 -23.31 27.51 -1.75
CA VAL D 927 -23.50 26.72 -2.96
C VAL D 927 -24.79 27.14 -3.64
N GLY D 928 -24.77 27.05 -4.96
CA GLY D 928 -25.80 27.65 -5.77
C GLY D 928 -27.06 26.83 -5.81
N PHE D 929 -28.19 27.53 -5.65
CA PHE D 929 -29.51 26.96 -5.89
C PHE D 929 -29.82 25.94 -4.82
N LEU D 930 -29.18 24.77 -4.87
CA LEU D 930 -29.41 23.70 -3.89
C LEU D 930 -30.91 23.44 -3.76
N ASN D 931 -31.38 22.84 -2.67
CA ASN D 931 -32.81 22.80 -2.44
C ASN D 931 -33.03 23.35 -1.05
N LYS D 932 -34.13 24.05 -0.84
CA LYS D 932 -34.27 24.78 0.43
C LYS D 932 -35.51 24.34 1.23
N GLY D 933 -35.64 24.87 2.43
CA GLY D 933 -36.78 24.57 3.27
C GLY D 933 -38.10 24.92 2.60
N THR D 934 -39.19 24.43 3.18
CA THR D 934 -40.47 24.75 2.59
C THR D 934 -41.01 26.06 3.13
N ARG D 935 -40.52 26.51 4.28
CA ARG D 935 -41.01 27.77 4.80
C ARG D 935 -40.27 28.96 4.24
N LEU D 936 -39.75 28.87 3.03
CA LEU D 936 -39.40 30.07 2.27
C LEU D 936 -40.39 30.08 1.12
N LEU D 937 -41.62 30.35 1.47
CA LEU D 937 -42.70 30.10 0.54
C LEU D 937 -43.82 30.93 1.11
N ASN D 938 -43.53 31.44 2.32
CA ASN D 938 -44.30 32.44 3.01
C ASN D 938 -43.31 33.47 3.58
N ALA D 939 -42.25 33.72 2.82
CA ALA D 939 -41.34 34.81 3.09
C ALA D 939 -41.99 36.12 2.66
N TRP D 940 -41.39 37.23 3.07
CA TRP D 940 -42.05 38.51 2.86
C TRP D 940 -42.13 38.83 1.38
N SER D 941 -43.23 39.48 1.02
CA SER D 941 -43.38 40.15 -0.27
C SER D 941 -44.45 41.21 -0.11
N PRO D 942 -44.50 42.19 -1.02
CA PRO D 942 -45.66 43.09 -1.04
C PRO D 942 -46.98 42.35 -1.19
N THR D 943 -47.03 41.25 -1.93
CA THR D 943 -48.26 40.48 -2.03
C THR D 943 -48.56 39.63 -0.79
N ASN D 944 -47.66 39.62 0.20
CA ASN D 944 -47.82 38.84 1.43
C ASN D 944 -46.99 39.50 2.52
N PRO D 945 -47.55 40.49 3.21
CA PRO D 945 -46.81 41.12 4.30
C PRO D 945 -47.14 40.48 5.63
N ASN D 946 -46.64 41.05 6.72
CA ASN D 946 -46.80 40.46 8.06
C ASN D 946 -46.38 38.99 8.04
N SER D 947 -45.09 38.81 7.83
CA SER D 947 -44.43 37.52 7.86
C SER D 947 -43.05 37.73 8.46
N ASP D 948 -42.65 36.84 9.37
CA ASP D 948 -41.38 37.03 10.05
C ASP D 948 -40.20 36.85 9.11
N ILE D 949 -40.39 36.20 7.97
CA ILE D 949 -39.29 35.67 7.16
C ILE D 949 -38.93 36.69 6.09
N PRO D 950 -37.67 37.16 6.04
CA PRO D 950 -37.24 38.14 5.02
C PRO D 950 -37.67 37.79 3.61
N ALA D 951 -37.66 38.79 2.73
CA ALA D 951 -37.94 38.56 1.32
C ALA D 951 -36.82 37.72 0.70
N LEU D 952 -37.14 37.07 -0.42
CA LEU D 952 -36.13 36.29 -1.14
C LEU D 952 -35.29 37.20 -2.04
N THR D 953 -33.96 37.12 -1.91
CA THR D 953 -33.07 37.75 -2.89
C THR D 953 -32.03 36.75 -3.36
N ARG D 954 -31.40 37.10 -4.48
CA ARG D 954 -30.40 36.27 -5.11
C ARG D 954 -29.02 36.48 -4.50
N SER D 955 -28.87 37.39 -3.54
CA SER D 955 -27.58 37.59 -2.90
C SER D 955 -27.80 38.20 -1.52
N ASP D 956 -27.05 37.70 -0.53
CA ASP D 956 -27.25 38.06 0.88
C ASP D 956 -26.55 39.41 1.20
N THR D 957 -27.05 40.44 0.53
CA THR D 957 -26.47 41.75 0.60
C THR D 957 -26.67 42.40 1.96
N ASN D 958 -27.64 41.92 2.72
CA ASN D 958 -27.93 42.47 4.03
C ASN D 958 -27.19 41.75 5.13
N ASN D 959 -26.51 40.64 4.80
CA ASN D 959 -25.79 39.85 5.80
C ASN D 959 -26.75 39.19 6.79
N GLU D 960 -27.85 38.62 6.29
CA GLU D 960 -28.83 37.97 7.17
C GLU D 960 -28.18 36.91 8.04
N GLN D 961 -27.28 36.13 7.45
CA GLN D 961 -26.50 35.15 8.19
C GLN D 961 -25.34 35.78 8.98
N ARG D 962 -25.58 36.92 9.59
CA ARG D 962 -24.73 37.38 10.69
C ARG D 962 -25.27 36.72 11.95
N VAL D 963 -24.41 36.61 12.96
CA VAL D 963 -24.84 36.07 14.24
C VAL D 963 -25.96 36.94 14.80
N SER D 964 -27.21 36.53 14.62
CA SER D 964 -28.37 37.29 15.04
C SER D 964 -29.29 36.42 15.87
N THR D 965 -30.24 37.06 16.52
CA THR D 965 -31.29 36.34 17.21
C THR D 965 -32.37 35.84 16.27
N TYR D 966 -32.17 36.00 14.95
CA TYR D 966 -33.06 35.35 14.02
C TYR D 966 -32.95 33.83 14.13
N PHE D 967 -31.80 33.34 14.59
CA PHE D 967 -31.49 31.91 14.64
C PHE D 967 -31.67 31.30 16.03
N VAL D 968 -31.87 32.13 17.06
CA VAL D 968 -32.20 31.63 18.38
C VAL D 968 -33.70 31.42 18.47
N GLU D 969 -34.10 30.25 18.97
CA GLU D 969 -35.52 29.96 19.17
C GLU D 969 -35.72 29.47 20.60
N ASN D 970 -36.86 28.87 20.86
CA ASN D 970 -37.13 28.24 22.14
C ASN D 970 -37.18 26.73 21.94
N GLY D 971 -36.33 26.01 22.67
CA GLY D 971 -36.32 24.58 22.55
C GLY D 971 -36.97 23.87 23.71
N SER D 972 -37.78 24.60 24.47
CA SER D 972 -38.47 23.99 25.60
C SER D 972 -39.38 22.89 25.11
N PHE D 973 -39.10 21.66 25.53
CA PHE D 973 -39.81 20.50 25.00
C PHE D 973 -40.30 19.64 26.15
N LEU D 974 -40.92 18.53 25.77
CA LEU D 974 -41.29 17.42 26.65
C LEU D 974 -41.39 16.20 25.78
N LYS D 975 -40.82 15.07 26.22
CA LYS D 975 -40.71 13.92 25.33
C LYS D 975 -41.04 12.63 26.08
N LEU D 976 -41.83 11.78 25.43
CA LEU D 976 -42.17 10.44 25.91
C LEU D 976 -41.09 9.47 25.45
N ARG D 977 -40.07 9.26 26.29
CA ARG D 977 -38.96 8.41 25.89
C ARG D 977 -39.43 7.00 25.53
N ASN D 978 -40.17 6.39 26.44
CA ASN D 978 -40.43 4.96 26.40
C ASN D 978 -41.83 4.70 26.92
N ILE D 979 -42.46 3.68 26.37
CA ILE D 979 -43.75 3.22 26.86
C ILE D 979 -43.88 1.76 26.49
N GLN D 980 -44.43 0.97 27.40
CA GLN D 980 -44.26 -0.48 27.34
C GLN D 980 -45.40 -1.14 28.07
N LEU D 981 -46.16 -1.98 27.37
CA LEU D 981 -47.19 -2.79 28.01
C LEU D 981 -46.77 -4.24 28.01
N GLY D 982 -46.92 -4.89 29.16
CA GLY D 982 -46.50 -6.28 29.30
C GLY D 982 -47.54 -7.13 29.99
N TYR D 983 -47.49 -8.41 29.70
CA TYR D 983 -48.34 -9.42 30.32
C TYR D 983 -47.44 -10.53 30.83
N THR D 984 -47.42 -10.75 32.14
CA THR D 984 -46.64 -11.84 32.73
C THR D 984 -47.57 -13.01 33.02
N VAL D 985 -47.38 -14.11 32.30
CA VAL D 985 -48.21 -15.30 32.50
C VAL D 985 -48.09 -15.77 33.95
N PRO D 986 -49.20 -15.91 34.69
CA PRO D 986 -49.13 -16.18 36.13
C PRO D 986 -48.22 -17.33 36.50
N ALA D 987 -47.34 -17.07 37.47
CA ALA D 987 -46.29 -18.00 37.88
C ALA D 987 -46.79 -19.44 37.97
N VAL D 988 -47.99 -19.60 38.51
CA VAL D 988 -48.54 -20.92 38.77
C VAL D 988 -48.92 -21.69 37.53
N ILE D 989 -48.95 -21.05 36.37
CA ILE D 989 -49.12 -21.81 35.16
C ILE D 989 -47.85 -21.81 34.33
N SER D 990 -47.04 -20.77 34.43
CA SER D 990 -45.72 -20.88 33.84
C SER D 990 -44.83 -21.84 34.61
N LYS D 991 -45.28 -22.41 35.72
CA LYS D 991 -44.45 -23.39 36.39
C LYS D 991 -44.82 -24.81 36.03
N LYS D 992 -46.11 -25.05 35.74
CA LYS D 992 -46.57 -26.37 35.31
C LYS D 992 -45.82 -26.84 34.06
N MET D 993 -45.26 -25.91 33.28
CA MET D 993 -44.40 -26.19 32.15
C MET D 993 -43.05 -25.52 32.33
N ARG D 994 -42.46 -25.70 33.51
CA ARG D 994 -41.03 -25.55 33.68
C ARG D 994 -40.53 -24.11 33.66
N MET D 995 -41.38 -23.14 33.35
CA MET D 995 -40.88 -21.77 33.32
C MET D 995 -40.72 -21.31 34.77
N ASP D 996 -41.25 -20.12 35.06
CA ASP D 996 -41.00 -19.38 36.30
C ASP D 996 -41.37 -17.93 36.04
N ARG D 997 -40.67 -17.30 35.12
CA ARG D 997 -41.08 -16.02 34.55
C ARG D 997 -41.41 -16.26 33.08
N LEU D 998 -42.61 -15.86 32.64
CA LEU D 998 -42.98 -15.89 31.23
C LEU D 998 -43.78 -14.64 30.89
N ARG D 999 -43.18 -13.75 30.10
CA ARG D 999 -43.73 -12.43 29.93
C ARG D 999 -43.59 -11.99 28.48
N PHE D 1000 -44.61 -11.33 27.97
CA PHE D 1000 -44.55 -10.75 26.65
C PHE D 1000 -44.73 -9.25 26.79
N TYR D 1001 -44.22 -8.50 25.82
CA TYR D 1001 -44.31 -7.06 25.96
C TYR D 1001 -44.22 -6.40 24.61
N CYS D 1002 -44.86 -5.25 24.52
CA CYS D 1002 -44.74 -4.37 23.38
C CYS D 1002 -44.39 -2.97 23.88
N SER D 1003 -43.47 -2.30 23.18
CA SER D 1003 -42.87 -1.07 23.68
C SER D 1003 -42.70 -0.10 22.52
N ALA D 1004 -42.33 1.15 22.86
CA ALA D 1004 -42.15 2.22 21.89
C ALA D 1004 -41.16 3.22 22.43
N GLN D 1005 -40.20 3.57 21.59
CA GLN D 1005 -39.19 4.58 21.88
C GLN D 1005 -39.48 5.83 21.06
N ASN D 1006 -39.34 6.98 21.70
CA ASN D 1006 -39.50 8.31 21.10
C ASN D 1006 -40.77 8.42 20.29
N LEU D 1007 -41.89 7.96 20.87
CA LEU D 1007 -43.16 7.94 20.17
C LEU D 1007 -43.80 9.32 19.97
N LEU D 1008 -43.44 10.33 20.75
CA LEU D 1008 -44.07 11.63 20.56
C LEU D 1008 -43.31 12.68 21.35
N THR D 1009 -43.56 13.93 21.01
CA THR D 1009 -42.74 15.03 21.50
C THR D 1009 -43.55 16.32 21.42
N ILE D 1010 -43.46 17.11 22.49
CA ILE D 1010 -44.19 18.37 22.61
C ILE D 1010 -43.24 19.50 22.28
N LYS D 1011 -43.66 20.35 21.35
CA LYS D 1011 -42.79 21.17 20.53
C LYS D 1011 -42.55 22.56 21.10
N SER D 1012 -43.59 23.20 21.64
CA SER D 1012 -43.62 24.64 21.95
C SER D 1012 -43.51 25.49 20.69
N LYS D 1013 -44.58 25.42 19.87
CA LYS D 1013 -44.90 26.13 18.62
C LYS D 1013 -44.05 27.34 18.21
N ASN D 1014 -43.30 27.93 19.12
CA ASN D 1014 -42.37 28.97 18.74
C ASN D 1014 -41.09 28.39 18.09
N PHE D 1015 -41.06 27.07 17.86
CA PHE D 1015 -39.91 26.35 17.32
C PHE D 1015 -40.19 25.85 15.92
N THR D 1016 -39.29 26.18 14.99
CA THR D 1016 -39.55 25.97 13.56
C THR D 1016 -39.56 24.50 13.16
N GLY D 1017 -38.74 23.65 13.78
CA GLY D 1017 -38.95 22.23 13.57
C GLY D 1017 -37.85 21.23 13.84
N GLU D 1018 -38.30 20.02 14.21
CA GLU D 1018 -37.66 18.68 14.21
C GLU D 1018 -37.29 18.15 15.58
N ASP D 1019 -36.05 18.27 16.01
CA ASP D 1019 -35.67 17.77 17.32
C ASP D 1019 -35.18 18.91 18.19
N PRO D 1020 -36.02 19.39 19.11
CA PRO D 1020 -35.58 20.52 19.95
C PRO D 1020 -34.36 20.25 20.80
N GLU D 1021 -34.04 19.00 21.14
CA GLU D 1021 -32.81 18.77 21.89
C GLU D 1021 -31.67 18.37 20.98
N ASN D 1022 -31.89 18.35 19.66
CA ASN D 1022 -30.85 18.34 18.63
C ASN D 1022 -31.15 19.46 17.64
N PRO D 1023 -30.85 20.71 18.00
CA PRO D 1023 -31.29 21.82 17.16
C PRO D 1023 -30.60 21.87 15.82
N ASN D 1024 -29.38 21.34 15.72
CA ASN D 1024 -28.57 21.50 14.52
C ASN D 1024 -28.92 20.55 13.40
N PHE D 1025 -29.79 19.59 13.63
CA PHE D 1025 -30.14 18.57 12.65
C PHE D 1025 -31.39 18.96 11.85
N SER D 1026 -31.54 18.33 10.68
CA SER D 1026 -32.67 18.58 9.79
C SER D 1026 -33.70 17.45 9.86
N TYR D 1027 -33.56 16.55 10.82
CA TYR D 1027 -34.34 15.33 10.93
C TYR D 1027 -34.27 14.87 12.39
N PRO D 1028 -35.19 14.05 12.84
CA PRO D 1028 -35.13 13.61 14.24
C PRO D 1028 -34.56 12.23 14.43
N ILE D 1029 -34.69 11.72 15.66
CA ILE D 1029 -34.46 10.32 15.93
C ILE D 1029 -35.65 9.53 15.41
N PRO D 1030 -35.46 8.27 15.03
CA PRO D 1030 -36.58 7.49 14.52
C PRO D 1030 -37.37 6.87 15.66
N VAL D 1031 -38.62 6.57 15.35
CA VAL D 1031 -39.56 6.05 16.34
C VAL D 1031 -39.52 4.54 16.28
N ASN D 1032 -39.12 3.92 17.38
CA ASN D 1032 -38.97 2.47 17.48
C ASN D 1032 -40.21 1.84 18.09
N ILE D 1033 -40.57 0.68 17.56
CA ILE D 1033 -41.70 -0.08 18.07
C ILE D 1033 -41.25 -1.53 18.11
N THR D 1034 -41.58 -2.22 19.20
CA THR D 1034 -40.84 -3.42 19.57
C THR D 1034 -41.74 -4.44 20.24
N PHE D 1035 -41.63 -5.68 19.80
CA PHE D 1035 -42.32 -6.80 20.41
C PHE D 1035 -41.26 -7.70 21.03
N GLY D 1036 -41.61 -8.33 22.15
CA GLY D 1036 -40.57 -9.05 22.87
C GLY D 1036 -41.04 -10.01 23.94
N LEU D 1037 -40.26 -11.05 24.22
CA LEU D 1037 -40.64 -11.97 25.29
C LEU D 1037 -39.47 -12.16 26.22
N ASN D 1038 -39.78 -12.60 27.44
CA ASN D 1038 -38.78 -12.93 28.46
C ASN D 1038 -39.14 -14.28 29.05
N ILE D 1039 -38.15 -15.16 29.17
CA ILE D 1039 -38.34 -16.49 29.73
C ILE D 1039 -37.21 -16.73 30.71
N GLY D 1040 -37.58 -17.13 31.93
CA GLY D 1040 -36.66 -17.51 32.97
C GLY D 1040 -37.08 -18.84 33.55
N PHE D 1041 -36.16 -19.79 33.65
CA PHE D 1041 -36.49 -21.07 34.26
C PHE D 1041 -35.78 -21.20 35.61
MG MG E . 14.01 2.53 -22.17
MG MG F . 35.17 -17.45 -26.24
MG MG G . 5.09 21.71 -14.19
MG MG H . -15.02 42.99 -11.83
MG MG I . -24.72 50.97 16.15
#